data_7V1V
#
_entry.id   7V1V
#
_cell.length_a   98.552
_cell.length_b   156.970
_cell.length_c   100.909
_cell.angle_alpha   90.000
_cell.angle_beta   109.930
_cell.angle_gamma   90.000
#
_symmetry.space_group_name_H-M   'P 1 21 1'
#
loop_
_entity.id
_entity.type
_entity.pdbx_description
1 polymer 'Difructose dianhydride I synthase/hydrolase (alphaFFase1)'
2 non-polymer 'CALCIUM ION'
3 non-polymer (4S)-2-METHYL-2,4-PENTANEDIOL
4 non-polymer 'D(-)-TARTARIC ACID'
5 water water
#
_entity_poly.entity_id   1
_entity_poly.type   'polypeptide(L)'
_entity_poly.pdbx_seq_one_letter_code
;MSEITGLFKDLTKVKHARNGRLASWDQRGKNQDYWEIPAGESITLGEIEGPGCITHMWMTSSCRKVVAPSILDPELNASA
APVMEIHPALGVIWDAYDPFYYRKALIKITWDDQDTPSVLVPFGDFFCIGNSYPGNFSSLPFNVSLKPEEAGKFGAPCSV
SCYFPMPFNKKAKIEIVNDNELPFILYFNIDYEMYGEPLPEDTAYFHAAWHRENPCNGWGPELQVNSPEVNNVTNFKGEN
NYTVLDVEGTGHYVGCNLTVKHFQGSWWGEGNDMFFIDGEEYPSLNGTGTEDYFNHAWGMQRNAYPFFGTIVHEGDTDGF
QVSYRWHITDPVRFEKHLKVTIEHGHANQLSDDWSSTAYWYQILPTASRITIAPVEDRLPVVPQLPERKLVLPQLTEEQQ
AARDTYQKRWKDYEPRRDTQFRIKEDKARRESKLNTEFAKKLRDAFDAEREQLEHHHHHH
;
_entity_poly.pdbx_strand_id   A,B,C,D,E,F
#
loop_
_chem_comp.id
_chem_comp.type
_chem_comp.name
_chem_comp.formula
CA non-polymer 'CALCIUM ION' 'Ca 2'
MPD non-polymer (4S)-2-METHYL-2,4-PENTANEDIOL 'C6 H14 O2'
TAR non-polymer 'D(-)-TARTARIC ACID' 'C4 H6 O6'
#
# COMPACT_ATOMS: atom_id res chain seq x y z
N GLU A 3 27.09 -12.91 -37.90
CA GLU A 3 26.80 -11.45 -37.78
C GLU A 3 25.74 -11.21 -36.68
N ILE A 4 25.85 -10.07 -36.01
CA ILE A 4 25.12 -9.78 -34.74
C ILE A 4 23.73 -9.29 -35.13
N THR A 5 22.69 -9.76 -34.42
CA THR A 5 21.28 -9.38 -34.65
C THR A 5 20.59 -8.91 -33.36
N GLY A 6 19.39 -8.38 -33.55
CA GLY A 6 18.48 -7.91 -32.48
C GLY A 6 18.69 -6.45 -32.17
N LEU A 7 17.88 -5.94 -31.25
CA LEU A 7 17.72 -4.48 -31.03
C LEU A 7 19.02 -3.86 -30.46
N PHE A 8 19.94 -4.64 -29.89
CA PHE A 8 21.22 -4.08 -29.36
C PHE A 8 22.32 -4.13 -30.42
N LYS A 9 22.05 -4.61 -31.63
CA LYS A 9 23.17 -4.96 -32.53
C LYS A 9 24.00 -3.71 -32.85
N ASP A 10 23.42 -2.52 -32.93
CA ASP A 10 24.19 -1.33 -33.39
C ASP A 10 25.24 -0.92 -32.35
N LEU A 11 25.20 -1.45 -31.11
CA LEU A 11 26.27 -1.22 -30.11
C LEU A 11 27.57 -1.92 -30.51
N THR A 12 27.52 -2.90 -31.40
CA THR A 12 28.71 -3.73 -31.72
C THR A 12 29.41 -3.25 -33.00
N LYS A 13 29.11 -2.06 -33.48
CA LYS A 13 29.87 -1.45 -34.61
C LYS A 13 30.08 0.06 -34.36
N VAL A 14 31.25 0.56 -34.72
CA VAL A 14 31.59 1.99 -34.48
C VAL A 14 30.96 2.81 -35.60
N LYS A 15 30.61 4.05 -35.31
CA LYS A 15 30.13 5.03 -36.30
C LYS A 15 31.03 6.26 -36.19
N HIS A 16 31.41 6.84 -37.32
CA HIS A 16 32.27 8.04 -37.37
C HIS A 16 31.35 9.25 -37.34
N ALA A 17 30.68 9.45 -36.20
CA ALA A 17 29.74 10.57 -35.92
C ALA A 17 30.13 11.24 -34.61
N ARG A 18 29.94 12.56 -34.53
CA ARG A 18 30.48 13.41 -33.44
C ARG A 18 29.29 13.87 -32.59
N ASN A 19 29.35 13.55 -31.30
CA ASN A 19 28.33 14.00 -30.33
C ASN A 19 28.38 15.51 -30.19
N GLY A 20 27.19 16.08 -30.00
CA GLY A 20 26.99 17.45 -29.51
C GLY A 20 25.84 17.47 -28.53
N ARG A 21 25.71 18.56 -27.80
CA ARG A 21 24.60 18.73 -26.84
C ARG A 21 24.29 20.20 -26.64
N LEU A 22 23.02 20.57 -26.84
CA LEU A 22 22.45 21.88 -26.40
C LEU A 22 22.01 21.72 -24.95
N ALA A 23 22.51 22.53 -24.05
CA ALA A 23 22.09 22.44 -22.64
C ALA A 23 21.98 23.83 -22.02
N SER A 24 21.24 23.93 -20.91
CA SER A 24 21.03 25.15 -20.09
C SER A 24 22.18 25.27 -19.09
N TRP A 25 23.33 24.68 -19.39
CA TRP A 25 24.51 24.72 -18.49
C TRP A 25 24.90 26.17 -18.23
N ASP A 26 25.35 26.43 -17.00
CA ASP A 26 25.74 27.79 -16.55
C ASP A 26 27.05 28.14 -17.25
N GLN A 27 27.03 29.04 -18.23
CA GLN A 27 28.23 29.37 -19.04
C GLN A 27 29.11 30.38 -18.30
N ARG A 28 28.73 30.77 -17.08
CA ARG A 28 29.62 31.44 -16.09
C ARG A 28 30.40 30.41 -15.28
N GLY A 29 30.14 29.13 -15.52
CA GLY A 29 30.77 28.00 -14.80
C GLY A 29 30.24 27.79 -13.38
N LYS A 30 29.14 28.45 -13.04
CA LYS A 30 28.55 28.45 -11.66
C LYS A 30 27.41 27.43 -11.65
N ASN A 31 26.51 27.49 -10.66
CA ASN A 31 25.46 26.43 -10.47
C ASN A 31 24.05 26.91 -10.86
N GLN A 32 23.91 27.91 -11.74
CA GLN A 32 22.59 28.20 -12.38
C GLN A 32 22.52 27.50 -13.74
N ASP A 33 22.30 26.19 -13.75
CA ASP A 33 22.37 25.35 -14.98
C ASP A 33 20.97 25.25 -15.62
N TYR A 34 20.22 26.34 -15.54
CA TYR A 34 18.84 26.46 -16.06
C TYR A 34 18.73 27.82 -16.73
N TRP A 35 17.74 28.01 -17.62
CA TRP A 35 17.35 29.32 -18.19
C TRP A 35 16.02 29.79 -17.60
N GLU A 36 15.97 31.04 -17.15
CA GLU A 36 14.71 31.79 -16.86
C GLU A 36 14.17 32.26 -18.22
N ILE A 37 13.25 31.49 -18.80
CA ILE A 37 12.58 31.84 -20.10
C ILE A 37 11.70 33.07 -19.87
N PRO A 38 11.90 34.20 -20.58
CA PRO A 38 11.14 35.42 -20.29
C PRO A 38 9.64 35.27 -20.58
N ALA A 39 8.80 36.08 -19.94
CA ALA A 39 7.35 36.18 -20.22
C ALA A 39 7.15 36.76 -21.62
N GLY A 40 6.26 36.16 -22.43
CA GLY A 40 5.79 36.73 -23.70
C GLY A 40 6.91 36.75 -24.73
N GLU A 41 7.80 35.78 -24.71
CA GLU A 41 8.98 35.83 -25.60
C GLU A 41 9.24 34.43 -26.13
N SER A 42 9.89 34.35 -27.28
CA SER A 42 10.45 33.09 -27.80
C SER A 42 11.94 33.10 -27.53
N ILE A 43 12.54 31.93 -27.29
CA ILE A 43 13.98 31.83 -27.02
C ILE A 43 14.48 30.57 -27.72
N THR A 44 15.62 30.69 -28.37
CA THR A 44 16.21 29.57 -29.13
C THR A 44 17.09 28.77 -28.19
N LEU A 45 16.74 27.49 -27.96
CA LEU A 45 17.57 26.59 -27.14
C LEU A 45 18.87 26.31 -27.91
N GLY A 46 18.77 26.26 -29.23
CA GLY A 46 19.97 26.25 -30.08
C GLY A 46 19.61 25.96 -31.51
N GLU A 47 20.49 26.35 -32.42
CA GLU A 47 20.44 25.89 -33.82
C GLU A 47 21.65 25.04 -34.09
N ILE A 48 21.45 23.99 -34.85
CA ILE A 48 22.50 23.02 -35.22
C ILE A 48 22.50 22.91 -36.73
N GLU A 49 23.69 22.96 -37.35
CA GLU A 49 23.82 22.69 -38.80
C GLU A 49 23.93 21.19 -39.02
N GLY A 50 23.11 20.68 -39.91
CA GLY A 50 23.18 19.28 -40.32
C GLY A 50 24.41 19.01 -41.19
N PRO A 51 24.58 17.75 -41.66
CA PRO A 51 23.64 16.67 -41.31
C PRO A 51 23.84 16.12 -39.87
N GLY A 52 22.74 15.70 -39.25
CA GLY A 52 22.77 15.18 -37.87
C GLY A 52 21.45 14.56 -37.48
N CYS A 53 21.34 14.20 -36.20
CA CYS A 53 20.14 13.55 -35.65
C CYS A 53 20.05 13.83 -34.16
N ILE A 54 18.90 14.31 -33.68
CA ILE A 54 18.63 14.44 -32.23
C ILE A 54 18.44 13.03 -31.69
N THR A 55 19.11 12.66 -30.61
CA THR A 55 19.01 11.27 -30.09
C THR A 55 18.31 11.21 -28.75
N HIS A 56 18.27 12.32 -28.03
CA HIS A 56 17.76 12.32 -26.64
C HIS A 56 17.43 13.75 -26.23
N MET A 57 16.29 13.92 -25.55
CA MET A 57 15.98 15.19 -24.84
C MET A 57 15.58 14.87 -23.40
N TRP A 58 16.18 15.61 -22.47
CA TRP A 58 15.77 15.65 -21.06
C TRP A 58 15.46 17.11 -20.71
N MET A 59 14.38 17.34 -19.98
CA MET A 59 14.10 18.70 -19.46
C MET A 59 13.46 18.60 -18.07
N THR A 60 13.49 19.68 -17.32
CA THR A 60 12.55 19.88 -16.19
C THR A 60 12.30 21.37 -16.11
N SER A 61 11.37 21.79 -15.29
CA SER A 61 10.90 23.18 -15.33
C SER A 61 10.32 23.57 -13.97
N SER A 62 10.17 24.87 -13.76
CA SER A 62 9.43 25.41 -12.61
C SER A 62 8.89 26.77 -13.00
N CYS A 63 7.67 27.06 -12.57
CA CYS A 63 7.03 28.38 -12.80
C CYS A 63 6.25 28.76 -11.54
N ARG A 64 6.83 29.66 -10.76
CA ARG A 64 6.22 30.20 -9.54
C ARG A 64 5.94 31.69 -9.69
N LYS A 65 4.88 32.09 -9.01
CA LYS A 65 4.39 33.48 -8.89
C LYS A 65 4.69 33.93 -7.47
N VAL A 66 5.44 35.02 -7.33
CA VAL A 66 5.74 35.61 -6.01
C VAL A 66 4.43 36.25 -5.57
N VAL A 67 3.84 35.79 -4.47
CA VAL A 67 2.51 36.28 -4.02
C VAL A 67 2.56 36.90 -2.62
N ALA A 68 3.69 36.87 -1.93
CA ALA A 68 3.78 37.44 -0.55
C ALA A 68 5.21 37.91 -0.32
N PRO A 69 5.44 38.85 0.62
CA PRO A 69 6.79 39.27 0.94
C PRO A 69 7.53 38.11 1.62
N SER A 70 8.85 38.06 1.48
CA SER A 70 9.71 37.04 2.12
C SER A 70 10.67 37.72 3.07
N ILE A 71 11.03 37.04 4.17
CA ILE A 71 12.14 37.47 5.06
C ILE A 71 13.46 36.86 4.56
N LEU A 72 13.43 36.11 3.46
CA LEU A 72 14.69 35.66 2.78
C LEU A 72 15.23 36.84 1.98
N ASP A 73 16.49 37.21 2.19
CA ASP A 73 17.19 38.25 1.40
C ASP A 73 17.05 37.89 -0.09
N PRO A 74 16.32 38.70 -0.90
CA PRO A 74 16.03 38.31 -2.29
C PRO A 74 17.25 38.30 -3.23
N GLU A 75 18.28 39.08 -2.93
CA GLU A 75 19.49 39.16 -3.76
C GLU A 75 20.28 37.87 -3.49
N LEU A 76 20.53 37.55 -2.23
CA LEU A 76 21.26 36.29 -1.91
C LEU A 76 20.41 35.07 -2.33
N ASN A 77 19.08 35.16 -2.21
CA ASN A 77 18.14 34.04 -2.50
C ASN A 77 18.30 33.60 -3.95
N ALA A 78 18.62 34.54 -4.85
CA ALA A 78 18.76 34.31 -6.32
C ALA A 78 19.82 33.24 -6.60
N SER A 79 20.87 33.20 -5.77
CA SER A 79 22.05 32.31 -5.91
C SER A 79 21.91 31.03 -5.08
N ALA A 80 20.85 30.84 -4.31
CA ALA A 80 20.62 29.58 -3.55
C ALA A 80 19.96 28.59 -4.51
N ALA A 81 19.24 27.57 -4.01
CA ALA A 81 18.48 26.66 -4.88
C ALA A 81 17.53 27.50 -5.72
N PRO A 82 17.24 27.10 -6.98
CA PRO A 82 16.44 27.90 -7.92
C PRO A 82 14.95 28.06 -7.52
N VAL A 83 14.44 27.12 -6.73
CA VAL A 83 12.98 27.06 -6.38
C VAL A 83 12.83 26.90 -4.88
N MET A 84 12.14 27.83 -4.25
CA MET A 84 11.92 27.85 -2.79
C MET A 84 10.75 26.91 -2.46
N GLU A 85 11.09 25.61 -2.32
CA GLU A 85 10.16 24.52 -1.95
C GLU A 85 9.89 24.59 -0.44
N ILE A 86 9.17 25.63 -0.06
CA ILE A 86 9.00 26.04 1.36
C ILE A 86 7.51 26.22 1.57
N HIS A 87 6.95 25.53 2.55
CA HIS A 87 5.49 25.50 2.75
C HIS A 87 5.03 26.91 3.19
N PRO A 88 3.96 27.46 2.57
CA PRO A 88 3.45 28.76 2.96
C PRO A 88 3.06 28.86 4.45
N ALA A 89 2.80 27.74 5.13
CA ALA A 89 2.37 27.83 6.55
C ALA A 89 3.57 28.30 7.41
N LEU A 90 4.80 28.27 6.92
CA LEU A 90 5.94 28.73 7.77
C LEU A 90 5.98 30.26 7.89
N GLY A 91 5.27 31.00 7.01
CA GLY A 91 5.17 32.47 7.12
C GLY A 91 6.40 33.24 6.66
N VAL A 92 7.33 32.62 5.92
CA VAL A 92 8.67 33.24 5.61
C VAL A 92 8.84 33.55 4.13
N ILE A 93 8.03 32.94 3.27
CA ILE A 93 8.09 33.10 1.78
C ILE A 93 6.80 32.55 1.19
N TRP A 94 6.46 32.98 -0.01
CA TRP A 94 5.34 32.39 -0.77
C TRP A 94 5.55 32.58 -2.27
N ASP A 95 6.15 31.57 -2.88
CA ASP A 95 6.26 31.42 -4.34
C ASP A 95 5.23 30.36 -4.74
N ALA A 96 4.07 30.81 -5.18
CA ALA A 96 2.92 29.94 -5.52
C ALA A 96 3.17 29.24 -6.86
N TYR A 97 2.59 28.06 -7.01
CA TYR A 97 2.64 27.30 -8.28
C TYR A 97 1.80 28.00 -9.34
N ASP A 98 2.37 28.19 -10.52
CA ASP A 98 1.58 28.61 -11.71
C ASP A 98 0.98 27.34 -12.30
N PRO A 99 -0.37 27.19 -12.33
CA PRO A 99 -0.99 25.91 -12.71
C PRO A 99 -0.92 25.49 -14.19
N PHE A 100 -0.95 26.43 -15.15
CA PHE A 100 -1.16 26.11 -16.58
C PHE A 100 0.09 26.41 -17.44
N TYR A 101 1.27 26.62 -16.84
CA TYR A 101 2.47 27.04 -17.63
C TYR A 101 2.87 26.02 -18.71
N TYR A 102 2.55 24.74 -18.53
CA TYR A 102 2.84 23.66 -19.52
C TYR A 102 2.02 23.84 -20.80
N ARG A 103 0.91 24.56 -20.67
CA ARG A 103 0.01 24.89 -21.81
C ARG A 103 0.31 26.29 -22.30
N LYS A 104 0.82 27.19 -21.46
CA LYS A 104 1.09 28.59 -21.92
C LYS A 104 2.40 28.63 -22.70
N ALA A 105 3.30 27.67 -22.53
CA ALA A 105 4.55 27.58 -23.34
C ALA A 105 4.45 26.49 -24.39
N LEU A 106 5.12 26.72 -25.52
CA LEU A 106 5.21 25.77 -26.65
C LEU A 106 6.65 25.35 -26.83
N ILE A 107 6.86 24.13 -27.30
CA ILE A 107 8.14 23.73 -27.94
C ILE A 107 7.96 23.79 -29.47
N LYS A 108 8.93 24.37 -30.15
CA LYS A 108 8.84 24.71 -31.59
C LYS A 108 10.14 24.29 -32.25
N ILE A 109 10.07 23.37 -33.22
CA ILE A 109 11.27 22.83 -33.89
C ILE A 109 11.06 23.00 -35.40
N THR A 110 12.05 23.62 -36.03
CA THR A 110 12.12 23.89 -37.49
C THR A 110 13.32 23.13 -38.02
N TRP A 111 13.13 22.35 -39.09
CA TRP A 111 14.16 21.60 -39.83
C TRP A 111 14.48 22.34 -41.12
N ASP A 112 15.78 22.35 -41.47
CA ASP A 112 16.31 22.70 -42.82
C ASP A 112 15.77 24.07 -43.26
N ASP A 113 15.54 24.96 -42.30
CA ASP A 113 15.15 26.38 -42.58
C ASP A 113 13.84 26.41 -43.38
N GLN A 114 12.93 25.47 -43.13
CA GLN A 114 11.58 25.48 -43.76
C GLN A 114 10.81 26.69 -43.25
N ASP A 115 9.83 27.11 -44.02
CA ASP A 115 8.97 28.29 -43.70
C ASP A 115 7.86 27.88 -42.73
N THR A 116 7.93 26.67 -42.16
CA THR A 116 7.03 26.28 -41.05
C THR A 116 7.83 25.45 -40.06
N PRO A 117 7.51 25.51 -38.75
CA PRO A 117 7.97 24.46 -37.84
C PRO A 117 7.41 23.10 -38.30
N SER A 118 8.10 22.02 -37.91
CA SER A 118 7.64 20.61 -38.04
C SER A 118 7.09 20.11 -36.70
N VAL A 119 7.48 20.75 -35.59
CA VAL A 119 6.94 20.49 -34.22
C VAL A 119 6.46 21.83 -33.69
N LEU A 120 5.19 21.95 -33.36
CA LEU A 120 4.66 23.12 -32.62
C LEU A 120 3.58 22.58 -31.67
N VAL A 121 3.97 22.32 -30.42
CA VAL A 121 3.11 21.63 -29.43
C VAL A 121 3.34 22.35 -28.10
N PRO A 122 2.32 22.48 -27.24
CA PRO A 122 2.52 22.98 -25.88
C PRO A 122 3.62 22.14 -25.21
N PHE A 123 4.43 22.80 -24.39
CA PHE A 123 5.65 22.21 -23.78
C PHE A 123 5.27 20.92 -23.04
N GLY A 124 4.22 20.98 -22.24
CA GLY A 124 3.74 19.82 -21.46
C GLY A 124 3.32 18.68 -22.37
N ASP A 125 2.41 18.96 -23.31
CA ASP A 125 1.80 17.89 -24.13
C ASP A 125 2.85 17.20 -24.96
N PHE A 126 3.81 17.95 -25.52
CA PHE A 126 4.89 17.33 -26.29
C PHE A 126 5.52 16.20 -25.47
N PHE A 127 5.79 16.47 -24.19
CA PHE A 127 6.45 15.53 -23.23
C PHE A 127 5.42 14.74 -22.44
N CYS A 128 4.22 14.55 -22.98
CA CYS A 128 3.18 13.62 -22.44
C CYS A 128 2.77 14.06 -21.04
N ILE A 129 2.72 15.37 -20.85
CA ILE A 129 1.95 16.02 -19.76
C ILE A 129 0.71 16.62 -20.41
N GLY A 130 -0.42 15.94 -20.23
CA GLY A 130 -1.73 16.41 -20.70
C GLY A 130 -2.37 17.34 -19.68
N ASN A 131 -3.12 18.33 -20.13
CA ASN A 131 -3.97 19.15 -19.23
C ASN A 131 -3.12 19.94 -18.23
N SER A 132 -1.84 20.20 -18.51
CA SER A 132 -0.89 20.87 -17.58
C SER A 132 -0.85 20.16 -16.21
N TYR A 133 -0.99 18.83 -16.21
CA TYR A 133 -1.18 18.00 -14.98
C TYR A 133 -0.37 16.73 -15.14
N PRO A 134 0.91 16.73 -14.69
CA PRO A 134 1.78 15.56 -14.86
C PRO A 134 1.22 14.30 -14.24
N GLY A 135 1.55 13.18 -14.88
CA GLY A 135 1.47 11.83 -14.33
C GLY A 135 2.79 11.11 -14.48
N ASN A 136 3.13 10.29 -13.48
CA ASN A 136 4.38 9.50 -13.47
C ASN A 136 4.22 8.30 -14.39
N PHE A 137 5.10 8.10 -15.38
CA PHE A 137 5.00 6.90 -16.27
C PHE A 137 6.22 6.71 -17.13
N SER A 138 6.37 5.50 -17.61
CA SER A 138 7.43 5.17 -18.58
C SER A 138 6.77 4.59 -19.83
N SER A 139 7.40 4.82 -20.98
CA SER A 139 7.15 4.11 -22.24
C SER A 139 8.48 4.06 -22.98
N LEU A 140 8.54 3.38 -24.12
CA LEU A 140 9.81 3.28 -24.86
C LEU A 140 10.31 4.67 -25.30
N PRO A 141 9.52 5.55 -25.95
CA PRO A 141 10.05 6.84 -26.38
C PRO A 141 9.97 8.04 -25.42
N PHE A 142 9.06 8.02 -24.46
CA PHE A 142 8.74 9.17 -23.56
C PHE A 142 8.62 8.66 -22.13
N ASN A 143 9.14 9.44 -21.20
CA ASN A 143 9.07 9.16 -19.73
C ASN A 143 8.78 10.45 -18.97
N VAL A 144 8.03 10.32 -17.87
CA VAL A 144 7.88 11.40 -16.87
C VAL A 144 8.21 10.80 -15.50
N SER A 145 9.13 11.41 -14.77
CA SER A 145 9.51 10.99 -13.41
C SER A 145 9.00 12.11 -12.50
N LEU A 146 7.92 11.81 -11.78
CA LEU A 146 7.15 12.78 -10.99
C LEU A 146 7.13 12.27 -9.55
N LYS A 147 7.58 13.10 -8.62
CA LYS A 147 7.60 12.76 -7.17
C LYS A 147 6.18 12.65 -6.66
N PRO A 148 5.87 11.63 -5.82
CA PRO A 148 4.54 11.50 -5.21
C PRO A 148 4.10 12.76 -4.44
N GLU A 149 5.06 13.45 -3.83
CA GLU A 149 4.81 14.67 -3.01
C GLU A 149 4.29 15.79 -3.91
N GLU A 150 4.59 15.72 -5.22
CA GLU A 150 4.24 16.78 -6.21
C GLU A 150 3.02 16.37 -7.05
N ALA A 151 2.74 15.07 -7.17
CA ALA A 151 1.72 14.49 -8.08
C ALA A 151 0.31 14.94 -7.68
N GLY A 152 -0.60 14.97 -8.62
CA GLY A 152 -2.00 15.28 -8.35
C GLY A 152 -2.23 16.77 -8.24
N LYS A 153 -1.38 17.60 -8.85
CA LYS A 153 -1.73 19.03 -9.05
C LYS A 153 -1.25 19.56 -10.40
N PHE A 154 -1.95 20.60 -10.84
CA PHE A 154 -1.65 21.38 -12.05
C PHE A 154 -0.28 22.03 -11.85
N GLY A 155 0.59 21.90 -12.85
CA GLY A 155 1.89 22.56 -12.91
C GLY A 155 2.96 21.89 -12.07
N ALA A 156 2.72 20.66 -11.60
CA ALA A 156 3.70 19.97 -10.74
C ALA A 156 5.01 19.88 -11.49
N PRO A 157 6.17 20.08 -10.80
CA PRO A 157 7.46 19.85 -11.43
C PRO A 157 7.72 18.35 -11.65
N CYS A 158 8.43 18.04 -12.73
CA CYS A 158 8.74 16.63 -13.08
C CYS A 158 9.78 16.63 -14.19
N SER A 159 10.41 15.47 -14.37
CA SER A 159 11.49 15.31 -15.37
C SER A 159 10.86 14.68 -16.59
N VAL A 160 11.16 15.17 -17.77
CA VAL A 160 10.58 14.61 -19.02
C VAL A 160 11.76 14.20 -19.88
N SER A 161 11.57 13.18 -20.67
CA SER A 161 12.63 12.67 -21.58
C SER A 161 11.97 12.13 -22.82
N CYS A 162 12.67 12.25 -23.95
CA CYS A 162 12.20 11.90 -25.29
C CYS A 162 13.32 11.19 -26.04
N TYR A 163 13.08 9.95 -26.48
CA TYR A 163 14.08 9.15 -27.22
C TYR A 163 13.72 8.96 -28.71
N PHE A 164 12.66 9.60 -29.21
CA PHE A 164 12.35 9.58 -30.66
C PHE A 164 13.50 10.24 -31.40
N PRO A 165 14.13 9.59 -32.41
CA PRO A 165 15.19 10.24 -33.18
C PRO A 165 14.65 11.32 -34.13
N MET A 166 15.40 12.40 -34.28
CA MET A 166 14.98 13.53 -35.16
C MET A 166 16.13 13.81 -36.13
N PRO A 167 16.13 13.18 -37.33
CA PRO A 167 17.18 13.42 -38.31
C PRO A 167 16.96 14.77 -39.01
N PHE A 168 18.05 15.37 -39.47
CA PHE A 168 18.02 16.63 -40.26
C PHE A 168 19.29 16.72 -41.11
N ASN A 169 19.11 16.89 -42.42
CA ASN A 169 20.24 17.05 -43.38
C ASN A 169 20.87 18.44 -43.28
N LYS A 170 20.10 19.53 -43.05
CA LYS A 170 20.67 20.89 -43.19
C LYS A 170 20.59 21.68 -41.89
N LYS A 171 19.49 21.62 -41.14
CA LYS A 171 19.35 22.54 -39.98
C LYS A 171 18.30 22.03 -38.98
N ALA A 172 18.58 22.24 -37.69
CA ALA A 172 17.64 22.03 -36.56
C ALA A 172 17.58 23.34 -35.79
N LYS A 173 16.38 23.87 -35.59
CA LYS A 173 16.24 25.06 -34.73
C LYS A 173 15.19 24.76 -33.68
N ILE A 174 15.58 24.76 -32.41
CA ILE A 174 14.70 24.35 -31.29
C ILE A 174 14.42 25.60 -30.47
N GLU A 175 13.15 25.94 -30.32
CA GLU A 175 12.73 27.12 -29.54
C GLU A 175 11.71 26.72 -28.49
N ILE A 176 11.60 27.58 -27.49
CA ILE A 176 10.45 27.68 -26.57
C ILE A 176 9.72 28.99 -26.86
N VAL A 177 8.40 28.90 -27.12
CA VAL A 177 7.51 30.09 -27.22
C VAL A 177 6.76 30.22 -25.90
N ASN A 178 7.11 31.21 -25.09
CA ASN A 178 6.47 31.42 -23.77
C ASN A 178 5.35 32.48 -23.86
N ASP A 179 4.10 32.03 -24.01
CA ASP A 179 2.89 32.89 -24.08
C ASP A 179 2.42 33.23 -22.66
N ASN A 180 3.14 32.80 -21.62
CA ASN A 180 2.79 33.10 -20.22
C ASN A 180 3.09 34.57 -19.91
N GLU A 181 2.30 35.20 -19.03
CA GLU A 181 2.56 36.51 -18.39
C GLU A 181 3.77 36.36 -17.45
N LEU A 182 4.11 35.12 -17.05
CA LEU A 182 5.24 34.87 -16.13
C LEU A 182 6.36 34.18 -16.89
N PRO A 183 7.61 34.45 -16.43
CA PRO A 183 8.77 33.71 -16.88
C PRO A 183 8.71 32.31 -16.24
N PHE A 184 9.46 31.36 -16.78
CA PHE A 184 9.61 30.04 -16.11
C PHE A 184 11.05 29.55 -16.28
N ILE A 185 11.43 28.71 -15.35
CA ILE A 185 12.76 28.03 -15.30
C ILE A 185 12.67 26.80 -16.17
N LEU A 186 13.65 26.64 -17.06
CA LEU A 186 13.83 25.45 -17.91
C LEU A 186 15.28 24.96 -17.82
N TYR A 187 15.41 23.72 -17.39
CA TYR A 187 16.62 22.87 -17.48
C TYR A 187 16.46 22.03 -18.73
N PHE A 188 17.51 21.89 -19.55
CA PHE A 188 17.47 20.98 -20.71
C PHE A 188 18.86 20.45 -21.06
N ASN A 189 18.86 19.21 -21.53
CA ASN A 189 20.00 18.48 -22.15
C ASN A 189 19.45 17.93 -23.48
N ILE A 190 19.83 18.50 -24.61
CA ILE A 190 19.41 17.99 -25.96
C ILE A 190 20.61 17.40 -26.68
N ASP A 191 20.67 16.08 -26.75
CA ASP A 191 21.82 15.35 -27.33
C ASP A 191 21.55 15.06 -28.81
N TYR A 192 22.61 15.06 -29.60
CA TYR A 192 22.53 14.82 -31.05
C TYR A 192 23.86 14.22 -31.50
N GLU A 193 23.88 13.75 -32.74
CA GLU A 193 25.15 13.40 -33.40
C GLU A 193 25.18 14.10 -34.74
N MET A 194 26.38 14.44 -35.18
CA MET A 194 26.66 15.03 -36.50
C MET A 194 27.32 13.97 -37.37
N TYR A 195 26.99 13.98 -38.65
CA TYR A 195 27.48 13.01 -39.66
C TYR A 195 28.39 13.72 -40.67
N GLY A 196 29.26 12.95 -41.32
CA GLY A 196 30.30 13.44 -42.23
C GLY A 196 29.89 13.35 -43.68
N GLU A 197 28.70 12.80 -43.94
CA GLU A 197 28.05 12.80 -45.28
C GLU A 197 26.56 13.05 -45.08
N PRO A 198 25.82 13.49 -46.13
CA PRO A 198 24.37 13.68 -46.03
C PRO A 198 23.65 12.39 -45.66
N LEU A 199 22.48 12.51 -45.03
CA LEU A 199 21.51 11.40 -44.84
C LEU A 199 20.84 11.16 -46.19
N PRO A 200 20.34 9.94 -46.49
CA PRO A 200 19.57 9.72 -47.72
C PRO A 200 18.51 10.80 -47.98
N GLU A 201 18.24 11.12 -49.25
CA GLU A 201 17.39 12.29 -49.68
C GLU A 201 16.04 12.20 -48.95
N ASP A 202 15.46 11.00 -48.99
CA ASP A 202 14.11 10.61 -48.49
C ASP A 202 14.13 10.19 -47.01
N THR A 203 15.09 10.64 -46.21
CA THR A 203 15.08 10.46 -44.74
C THR A 203 13.72 11.02 -44.27
N ALA A 204 13.01 10.33 -43.36
CA ALA A 204 11.77 10.85 -42.74
C ALA A 204 12.13 11.69 -41.50
N TYR A 205 11.60 12.90 -41.43
CA TYR A 205 11.85 13.89 -40.37
C TYR A 205 10.68 13.82 -39.37
N PHE A 206 11.01 14.01 -38.08
CA PHE A 206 10.06 13.95 -36.95
C PHE A 206 9.14 15.18 -36.97
N HIS A 207 7.85 14.95 -36.79
CA HIS A 207 6.80 15.99 -36.76
C HIS A 207 5.89 15.77 -35.56
N ALA A 208 5.29 16.84 -35.06
CA ALA A 208 4.31 16.80 -33.95
C ALA A 208 3.43 18.03 -34.03
N ALA A 209 2.13 17.80 -33.89
CA ALA A 209 1.08 18.86 -33.93
C ALA A 209 0.07 18.59 -32.82
N TRP A 210 -0.58 19.64 -32.39
CA TRP A 210 -1.49 19.65 -31.24
C TRP A 210 -2.83 20.20 -31.70
N HIS A 211 -3.90 19.64 -31.15
CA HIS A 211 -5.29 19.96 -31.53
C HIS A 211 -6.15 19.91 -30.28
N ARG A 212 -7.22 20.68 -30.29
CA ARG A 212 -8.25 20.61 -29.24
C ARG A 212 -9.62 20.93 -29.84
N GLU A 213 -10.63 20.17 -29.42
CA GLU A 213 -12.06 20.42 -29.74
C GLU A 213 -12.73 20.51 -28.36
N ASN A 214 -13.07 21.72 -27.93
CA ASN A 214 -13.65 21.99 -26.61
C ASN A 214 -14.71 23.08 -26.73
N PRO A 215 -16.01 22.75 -26.82
CA PRO A 215 -16.47 21.36 -26.77
C PRO A 215 -16.45 20.66 -28.14
N CYS A 216 -16.25 19.35 -28.14
CA CYS A 216 -16.59 18.50 -29.30
C CYS A 216 -18.06 18.84 -29.66
N ASN A 217 -18.42 18.75 -30.94
CA ASN A 217 -19.75 19.15 -31.46
C ASN A 217 -20.69 17.96 -31.41
N GLY A 218 -21.05 17.47 -30.21
CA GLY A 218 -21.82 16.23 -30.06
C GLY A 218 -23.31 16.40 -30.33
N TRP A 219 -23.97 15.33 -30.79
CA TRP A 219 -25.41 15.39 -31.21
C TRP A 219 -26.32 15.02 -30.04
N GLY A 220 -25.78 14.38 -29.00
CA GLY A 220 -26.56 13.97 -27.80
C GLY A 220 -25.69 13.91 -26.54
N PRO A 221 -25.11 15.06 -26.13
CA PRO A 221 -24.34 15.13 -24.88
C PRO A 221 -25.21 14.83 -23.65
N GLU A 222 -26.52 15.02 -23.79
CA GLU A 222 -27.46 14.92 -22.65
C GLU A 222 -28.08 13.53 -22.62
N LEU A 223 -27.85 12.69 -23.63
CA LEU A 223 -28.37 11.30 -23.61
C LEU A 223 -27.33 10.46 -22.88
N GLN A 224 -27.79 9.48 -22.12
CA GLN A 224 -26.91 8.54 -21.41
C GLN A 224 -26.09 7.75 -22.44
N VAL A 225 -24.77 7.74 -22.24
CA VAL A 225 -23.83 6.87 -22.99
C VAL A 225 -24.30 5.41 -22.86
N ASN A 226 -24.25 4.72 -23.98
CA ASN A 226 -24.55 3.27 -24.11
C ASN A 226 -26.04 2.99 -23.92
N SER A 227 -26.88 4.01 -23.90
CA SER A 227 -28.35 3.82 -24.05
C SER A 227 -28.61 3.19 -25.41
N PRO A 228 -29.67 2.35 -25.55
CA PRO A 228 -30.01 1.77 -26.85
C PRO A 228 -30.15 2.83 -27.96
N GLU A 229 -30.67 4.00 -27.65
CA GLU A 229 -30.88 5.08 -28.66
C GLU A 229 -29.52 5.56 -29.20
N VAL A 230 -28.57 5.82 -28.31
CA VAL A 230 -27.21 6.24 -28.71
C VAL A 230 -26.59 5.11 -29.54
N ASN A 231 -26.65 3.87 -29.06
CA ASN A 231 -25.86 2.75 -29.67
C ASN A 231 -26.36 2.40 -31.07
N ASN A 232 -27.60 2.76 -31.45
CA ASN A 232 -28.20 2.35 -32.74
C ASN A 232 -28.06 3.49 -33.77
N VAL A 233 -27.34 4.56 -33.45
CA VAL A 233 -26.93 5.62 -34.43
C VAL A 233 -25.74 5.07 -35.23
N THR A 234 -25.77 5.31 -36.54
CA THR A 234 -24.74 4.82 -37.49
C THR A 234 -23.75 5.93 -37.75
N ASN A 235 -22.49 5.56 -37.99
CA ASN A 235 -21.44 6.47 -38.44
C ASN A 235 -20.39 5.64 -39.19
N PHE A 236 -20.39 5.74 -40.53
CA PHE A 236 -19.47 4.99 -41.42
C PHE A 236 -18.30 5.92 -41.80
N LYS A 237 -18.66 7.10 -42.28
CA LYS A 237 -17.74 7.99 -43.02
C LYS A 237 -16.93 8.84 -42.04
N GLY A 238 -17.44 9.10 -40.84
CA GLY A 238 -16.71 9.80 -39.76
C GLY A 238 -16.31 11.24 -40.10
N GLU A 239 -17.13 11.91 -40.92
CA GLU A 239 -16.96 13.35 -41.29
C GLU A 239 -16.78 14.22 -40.03
N ASN A 240 -17.51 13.92 -38.94
CA ASN A 240 -17.61 14.74 -37.70
C ASN A 240 -16.71 14.18 -36.57
N ASN A 241 -15.85 13.23 -36.90
CA ASN A 241 -14.96 12.53 -35.95
C ASN A 241 -13.93 13.54 -35.39
N TYR A 242 -13.46 13.32 -34.16
CA TYR A 242 -12.34 14.10 -33.63
C TYR A 242 -11.14 13.84 -34.54
N THR A 243 -10.41 14.88 -34.94
CA THR A 243 -9.25 14.75 -35.88
C THR A 243 -7.94 14.82 -35.09
N VAL A 244 -7.18 13.74 -35.00
CA VAL A 244 -5.86 13.74 -34.29
C VAL A 244 -4.78 14.31 -35.24
N LEU A 245 -4.87 13.96 -36.53
CA LEU A 245 -3.88 14.34 -37.57
C LEU A 245 -4.58 14.37 -38.94
N ASP A 246 -4.23 15.37 -39.74
CA ASP A 246 -4.74 15.50 -41.12
C ASP A 246 -3.60 16.09 -41.95
N VAL A 247 -2.84 15.26 -42.65
CA VAL A 247 -1.59 15.75 -43.26
C VAL A 247 -1.39 15.12 -44.63
N GLU A 248 -0.90 15.94 -45.54
CA GLU A 248 -0.47 15.58 -46.90
C GLU A 248 1.05 15.34 -46.90
N GLY A 249 1.51 14.21 -47.45
CA GLY A 249 2.94 13.86 -47.50
C GLY A 249 3.18 12.36 -47.66
N THR A 250 4.44 11.96 -47.56
CA THR A 250 4.85 10.53 -47.57
C THR A 250 5.53 10.27 -46.24
N GLY A 251 4.96 9.35 -45.45
CA GLY A 251 5.48 9.09 -44.10
C GLY A 251 4.70 8.03 -43.34
N HIS A 252 4.73 8.13 -42.02
CA HIS A 252 4.02 7.19 -41.13
C HIS A 252 3.75 7.87 -39.78
N TYR A 253 2.51 7.68 -39.32
CA TYR A 253 2.06 8.12 -37.99
C TYR A 253 2.68 7.17 -36.95
N VAL A 254 3.18 7.71 -35.86
CA VAL A 254 3.82 6.86 -34.81
C VAL A 254 3.10 7.02 -33.47
N GLY A 255 1.95 7.71 -33.41
CA GLY A 255 1.13 7.66 -32.20
C GLY A 255 0.68 9.00 -31.70
N CYS A 256 0.13 9.01 -30.49
CA CYS A 256 -0.47 10.22 -29.92
C CYS A 256 -0.51 10.16 -28.39
N ASN A 257 -0.78 11.32 -27.85
CA ASN A 257 -1.38 11.43 -26.50
C ASN A 257 -2.73 12.10 -26.67
N LEU A 258 -3.63 11.79 -25.75
CA LEU A 258 -5.02 12.27 -25.80
C LEU A 258 -5.44 12.62 -24.38
N THR A 259 -5.78 13.88 -24.16
CA THR A 259 -6.35 14.40 -22.91
C THR A 259 -7.86 14.59 -23.10
N VAL A 260 -8.66 13.90 -22.29
CA VAL A 260 -10.14 14.02 -22.34
C VAL A 260 -10.63 14.47 -20.97
N LYS A 261 -11.39 15.56 -20.96
CA LYS A 261 -12.22 15.94 -19.78
C LYS A 261 -13.66 15.56 -20.11
N HIS A 262 -14.20 14.62 -19.36
CA HIS A 262 -15.55 14.03 -19.58
C HIS A 262 -16.54 14.71 -18.65
N PHE A 263 -17.70 15.13 -19.17
CA PHE A 263 -18.65 15.98 -18.42
C PHE A 263 -19.79 15.18 -17.82
N GLN A 264 -20.25 14.08 -18.43
CA GLN A 264 -21.55 13.53 -17.94
C GLN A 264 -21.32 12.46 -16.85
N GLY A 265 -20.11 11.94 -16.65
CA GLY A 265 -19.83 10.99 -15.55
C GLY A 265 -20.31 9.57 -15.88
N SER A 266 -20.18 9.15 -17.13
CA SER A 266 -20.46 7.78 -17.59
C SER A 266 -19.16 7.22 -18.18
N TRP A 267 -19.02 7.25 -19.49
CA TRP A 267 -17.81 6.81 -20.21
C TRP A 267 -17.67 7.60 -21.51
N TRP A 268 -16.48 8.17 -21.73
CA TRP A 268 -16.16 9.07 -22.86
C TRP A 268 -15.63 8.28 -24.06
N GLY A 269 -15.34 6.98 -23.91
CA GLY A 269 -14.46 6.23 -24.84
C GLY A 269 -15.14 5.19 -25.71
N GLU A 270 -16.42 5.34 -26.08
CA GLU A 270 -17.05 4.31 -26.95
C GLU A 270 -16.62 4.53 -28.42
N GLY A 271 -16.09 5.72 -28.70
CA GLY A 271 -15.73 6.11 -30.07
C GLY A 271 -14.58 5.30 -30.65
N ASN A 272 -14.73 4.90 -31.92
CA ASN A 272 -13.77 4.11 -32.70
C ASN A 272 -12.73 5.01 -33.33
N ASP A 273 -11.49 4.54 -33.34
CA ASP A 273 -10.47 5.08 -34.25
C ASP A 273 -10.90 4.77 -35.68
N MET A 274 -10.70 5.72 -36.58
CA MET A 274 -10.92 5.53 -38.03
C MET A 274 -9.79 6.26 -38.76
N PHE A 275 -8.99 5.48 -39.49
CA PHE A 275 -7.84 5.99 -40.28
C PHE A 275 -8.21 6.01 -41.76
N PHE A 276 -7.98 7.17 -42.37
CA PHE A 276 -8.20 7.42 -43.81
C PHE A 276 -6.86 7.58 -44.48
N ILE A 277 -6.48 6.58 -45.28
CA ILE A 277 -5.17 6.55 -45.96
C ILE A 277 -5.34 6.97 -47.42
N ASP A 278 -4.50 7.93 -47.84
CA ASP A 278 -4.23 8.29 -49.25
C ASP A 278 -5.53 8.75 -49.89
N GLY A 279 -6.33 9.52 -49.15
CA GLY A 279 -7.51 10.23 -49.68
C GLY A 279 -8.75 9.35 -49.80
N GLU A 280 -8.73 8.10 -49.36
CA GLU A 280 -9.94 7.22 -49.42
C GLU A 280 -11.10 7.93 -48.70
N GLU A 281 -12.32 7.70 -49.19
CA GLU A 281 -13.53 8.42 -48.73
C GLU A 281 -14.01 7.77 -47.42
N TYR A 282 -13.96 6.45 -47.37
CA TYR A 282 -14.29 5.58 -46.20
C TYR A 282 -13.01 5.06 -45.53
N PRO A 283 -12.95 5.00 -44.19
CA PRO A 283 -11.73 4.58 -43.52
C PRO A 283 -11.41 3.12 -43.86
N SER A 284 -10.19 2.82 -44.25
CA SER A 284 -9.68 1.45 -44.43
C SER A 284 -9.35 0.78 -43.08
N LEU A 285 -8.94 1.55 -42.07
CA LEU A 285 -8.60 1.04 -40.71
C LEU A 285 -9.73 1.44 -39.78
N ASN A 286 -10.51 0.45 -39.35
CA ASN A 286 -11.66 0.65 -38.45
C ASN A 286 -11.35 0.03 -37.09
N GLY A 287 -11.42 0.86 -36.05
CA GLY A 287 -11.27 0.40 -34.67
C GLY A 287 -12.62 0.04 -34.08
N THR A 288 -12.63 -0.16 -32.76
CA THR A 288 -13.79 -0.70 -32.01
C THR A 288 -14.18 0.20 -30.83
N GLY A 289 -13.25 1.05 -30.36
CA GLY A 289 -13.46 1.89 -29.17
C GLY A 289 -12.20 2.66 -28.81
N THR A 290 -12.31 3.62 -27.91
CA THR A 290 -11.18 4.53 -27.61
C THR A 290 -10.18 3.84 -26.67
N GLU A 291 -10.65 3.18 -25.60
CA GLU A 291 -9.71 2.42 -24.73
C GLU A 291 -9.15 1.29 -25.58
N ASP A 292 -9.96 0.70 -26.49
CA ASP A 292 -9.51 -0.38 -27.42
C ASP A 292 -8.32 0.14 -28.24
N TYR A 293 -8.42 1.36 -28.80
CA TYR A 293 -7.30 2.00 -29.54
C TYR A 293 -6.04 2.07 -28.64
N PHE A 294 -6.22 2.49 -27.40
CA PHE A 294 -5.14 2.60 -26.38
C PHE A 294 -4.78 1.22 -25.79
N ASN A 295 -5.38 0.14 -26.31
CA ASN A 295 -5.05 -1.27 -25.99
C ASN A 295 -5.35 -1.57 -24.52
N HIS A 296 -6.25 -0.83 -23.89
CA HIS A 296 -6.92 -1.23 -22.61
C HIS A 296 -8.26 -1.86 -23.00
N ALA A 297 -9.06 -2.23 -22.02
CA ALA A 297 -10.42 -2.76 -22.26
C ALA A 297 -11.28 -2.51 -21.04
N TRP A 298 -12.59 -2.27 -21.23
CA TRP A 298 -13.58 -2.13 -20.13
C TRP A 298 -13.20 -0.87 -19.34
N GLY A 299 -12.98 0.22 -20.07
CA GLY A 299 -12.39 1.47 -19.55
C GLY A 299 -10.87 1.46 -19.65
N MET A 300 -10.22 2.50 -19.11
CA MET A 300 -8.76 2.60 -19.08
C MET A 300 -8.31 2.04 -17.73
N GLN A 301 -7.15 1.40 -17.72
CA GLN A 301 -6.48 0.93 -16.48
C GLN A 301 -5.37 1.87 -16.05
N ARG A 302 -4.94 1.76 -14.79
CA ARG A 302 -3.72 2.44 -14.27
C ARG A 302 -2.50 1.59 -14.64
N ASN A 303 -2.26 1.47 -15.94
CA ASN A 303 -1.08 0.78 -16.54
C ASN A 303 -0.45 1.75 -17.53
N ALA A 304 0.88 1.77 -17.60
CA ALA A 304 1.64 2.49 -18.65
C ALA A 304 2.68 1.51 -19.14
N TYR A 305 2.48 0.97 -20.35
CA TYR A 305 3.32 -0.07 -20.95
C TYR A 305 4.16 0.56 -22.06
N PRO A 306 5.15 -0.18 -22.64
CA PRO A 306 6.10 0.44 -23.57
C PRO A 306 5.42 1.16 -24.75
N PHE A 307 4.31 0.63 -25.28
CA PHE A 307 3.66 1.19 -26.51
C PHE A 307 2.30 1.83 -26.21
N PHE A 308 1.78 1.76 -25.00
CA PHE A 308 0.47 2.38 -24.75
C PHE A 308 0.16 2.47 -23.27
N GLY A 309 -0.73 3.38 -22.91
CA GLY A 309 -1.49 3.23 -21.67
C GLY A 309 -1.97 4.54 -21.11
N THR A 310 -2.03 4.60 -19.78
CA THR A 310 -2.61 5.71 -19.00
C THR A 310 -1.46 6.53 -18.43
N ILE A 311 -1.52 7.85 -18.58
CA ILE A 311 -0.54 8.77 -17.95
C ILE A 311 -1.20 9.36 -16.72
N VAL A 312 -2.45 9.81 -16.87
CA VAL A 312 -3.29 10.28 -15.73
C VAL A 312 -4.65 9.61 -15.87
N HIS A 313 -5.09 8.95 -14.81
CA HIS A 313 -6.33 8.15 -14.75
C HIS A 313 -7.47 9.02 -14.19
N GLU A 314 -8.61 8.97 -14.87
CA GLU A 314 -9.85 9.68 -14.52
C GLU A 314 -10.30 9.36 -13.08
N GLY A 315 -10.06 8.14 -12.58
CA GLY A 315 -10.39 7.79 -11.19
C GLY A 315 -9.55 8.56 -10.17
N ASP A 316 -8.44 9.19 -10.59
CA ASP A 316 -7.56 9.97 -9.69
C ASP A 316 -7.78 11.48 -9.84
N THR A 317 -8.71 11.90 -10.69
CA THR A 317 -8.87 13.33 -11.03
C THR A 317 -10.33 13.75 -10.97
N ASP A 318 -10.55 15.03 -11.20
CA ASP A 318 -11.88 15.67 -11.35
C ASP A 318 -12.31 15.51 -12.83
N GLY A 319 -12.47 14.27 -13.30
CA GLY A 319 -13.10 13.92 -14.59
C GLY A 319 -12.19 13.97 -15.81
N PHE A 320 -10.86 13.91 -15.68
CA PHE A 320 -9.98 13.92 -16.89
C PHE A 320 -8.93 12.82 -16.87
N GLN A 321 -8.58 12.42 -18.09
CA GLN A 321 -7.77 11.22 -18.44
C GLN A 321 -6.73 11.67 -19.48
N VAL A 322 -5.50 11.19 -19.35
CA VAL A 322 -4.43 11.43 -20.33
C VAL A 322 -3.88 10.05 -20.68
N SER A 323 -3.90 9.73 -21.98
CA SER A 323 -3.56 8.39 -22.52
C SER A 323 -2.57 8.56 -23.65
N TYR A 324 -1.89 7.48 -24.00
CA TYR A 324 -0.92 7.49 -25.11
C TYR A 324 -0.94 6.16 -25.82
N ARG A 325 -0.59 6.20 -27.09
CA ARG A 325 -0.22 4.97 -27.82
C ARG A 325 0.90 5.32 -28.80
N TRP A 326 1.89 4.43 -28.87
CA TRP A 326 3.05 4.51 -29.80
C TRP A 326 2.92 3.39 -30.84
N HIS A 327 3.01 3.75 -32.10
CA HIS A 327 3.08 2.83 -33.26
C HIS A 327 4.49 2.83 -33.79
N ILE A 328 5.42 2.29 -33.00
CA ILE A 328 6.87 2.18 -33.33
C ILE A 328 7.12 0.95 -34.22
N THR A 329 6.64 -0.24 -33.85
CA THR A 329 6.84 -1.45 -34.69
C THR A 329 5.64 -1.59 -35.64
N ASP A 330 4.56 -0.82 -35.40
CA ASP A 330 3.29 -0.93 -36.14
C ASP A 330 2.84 0.44 -36.62
N PRO A 331 3.73 1.20 -37.28
CA PRO A 331 3.37 2.53 -37.75
C PRO A 331 2.23 2.51 -38.77
N VAL A 332 1.47 3.60 -38.87
CA VAL A 332 0.43 3.75 -39.93
C VAL A 332 1.04 4.61 -41.04
N ARG A 333 1.39 3.96 -42.16
CA ARG A 333 2.14 4.58 -43.28
C ARG A 333 1.14 5.21 -44.25
N PHE A 334 1.60 6.19 -45.03
CA PHE A 334 0.83 6.88 -46.08
C PHE A 334 1.82 7.30 -47.17
N GLU A 335 1.37 7.26 -48.42
CA GLU A 335 2.14 7.68 -49.61
C GLU A 335 1.79 9.13 -49.96
N LYS A 336 0.54 9.55 -49.74
CA LYS A 336 0.04 10.89 -50.17
C LYS A 336 -0.59 11.67 -49.01
N HIS A 337 -1.34 10.99 -48.16
CA HIS A 337 -2.19 11.67 -47.14
C HIS A 337 -2.55 10.72 -46.01
N LEU A 338 -2.70 11.27 -44.82
CA LEU A 338 -3.22 10.48 -43.68
C LEU A 338 -4.15 11.37 -42.89
N LYS A 339 -5.31 10.84 -42.58
CA LYS A 339 -6.20 11.47 -41.60
C LYS A 339 -6.41 10.47 -40.46
N VAL A 340 -6.07 10.87 -39.24
CA VAL A 340 -6.23 10.03 -38.02
C VAL A 340 -7.39 10.61 -37.22
N THR A 341 -8.46 9.84 -37.04
CA THR A 341 -9.68 10.32 -36.35
C THR A 341 -10.13 9.30 -35.30
N ILE A 342 -10.94 9.80 -34.37
CA ILE A 342 -11.59 8.99 -33.30
C ILE A 342 -12.99 9.59 -33.15
N GLU A 343 -14.03 8.76 -33.18
CA GLU A 343 -15.38 9.26 -32.86
C GLU A 343 -15.31 9.79 -31.43
N HIS A 344 -15.90 10.96 -31.18
CA HIS A 344 -15.96 11.60 -29.84
C HIS A 344 -17.24 11.12 -29.15
N GLY A 345 -17.11 9.95 -28.52
CA GLY A 345 -18.22 9.06 -28.13
C GLY A 345 -18.70 8.30 -29.35
N HIS A 346 -19.50 7.24 -29.17
CA HIS A 346 -20.05 6.54 -30.36
C HIS A 346 -20.72 7.57 -31.29
N ALA A 347 -20.45 7.49 -32.59
CA ALA A 347 -21.12 8.31 -33.63
C ALA A 347 -21.07 9.77 -33.22
N ASN A 348 -20.00 10.17 -32.51
CA ASN A 348 -19.78 11.60 -32.18
C ASN A 348 -20.92 12.15 -31.31
N GLN A 349 -21.45 11.32 -30.42
CA GLN A 349 -22.52 11.64 -29.44
C GLN A 349 -22.08 12.77 -28.51
N LEU A 350 -20.82 12.73 -28.06
CA LEU A 350 -20.44 13.50 -26.86
C LEU A 350 -19.84 14.85 -27.25
N SER A 351 -19.83 15.76 -26.28
CA SER A 351 -19.40 17.17 -26.38
C SER A 351 -18.35 17.46 -25.27
N ASP A 352 -17.43 16.52 -25.06
CA ASP A 352 -16.39 16.62 -24.02
C ASP A 352 -15.26 17.50 -24.55
N ASP A 353 -14.25 17.72 -23.72
CA ASP A 353 -13.05 18.52 -24.04
C ASP A 353 -11.91 17.56 -24.43
N TRP A 354 -11.56 17.50 -25.71
CA TRP A 354 -10.53 16.57 -26.26
C TRP A 354 -9.38 17.41 -26.78
N SER A 355 -8.16 17.07 -26.40
CA SER A 355 -6.94 17.68 -26.98
C SER A 355 -5.96 16.55 -27.20
N SER A 356 -5.05 16.72 -28.15
CA SER A 356 -4.20 15.61 -28.62
C SER A 356 -2.90 16.17 -29.16
N THR A 357 -1.83 15.43 -28.95
CA THR A 357 -0.56 15.56 -29.68
C THR A 357 -0.45 14.39 -30.66
N ALA A 358 -0.24 14.66 -31.96
CA ALA A 358 0.03 13.66 -33.00
C ALA A 358 1.51 13.70 -33.30
N TYR A 359 2.12 12.54 -33.45
CA TYR A 359 3.55 12.40 -33.81
C TYR A 359 3.60 11.63 -35.12
N TRP A 360 4.36 12.12 -36.08
CA TRP A 360 4.54 11.38 -37.35
C TRP A 360 5.93 11.66 -37.90
N TYR A 361 6.41 10.81 -38.80
CA TYR A 361 7.65 11.11 -39.58
C TYR A 361 7.23 11.30 -41.04
N GLN A 362 7.88 12.21 -41.78
CA GLN A 362 7.60 12.32 -43.24
C GLN A 362 8.84 12.85 -43.93
N ILE A 363 8.99 12.53 -45.22
CA ILE A 363 10.02 13.19 -46.07
C ILE A 363 9.61 14.65 -46.21
N LEU A 364 10.59 15.52 -46.39
CA LEU A 364 10.33 16.94 -46.65
C LEU A 364 9.93 17.09 -48.12
N PRO A 365 9.18 18.14 -48.48
CA PRO A 365 8.74 19.19 -47.54
C PRO A 365 7.53 18.95 -46.64
N THR A 366 7.52 19.57 -45.46
CA THR A 366 6.30 19.90 -44.68
C THR A 366 5.42 20.78 -45.58
N ALA A 367 4.34 20.25 -46.13
CA ALA A 367 3.56 20.87 -47.23
C ALA A 367 2.67 21.98 -46.67
N SER A 368 2.15 21.76 -45.47
CA SER A 368 1.19 22.66 -44.77
C SER A 368 1.81 23.22 -43.49
N ARG A 369 1.47 24.47 -43.17
CA ARG A 369 1.91 25.13 -41.93
C ARG A 369 1.33 24.32 -40.77
N ILE A 370 2.14 24.02 -39.78
CA ILE A 370 1.59 23.55 -38.50
C ILE A 370 1.22 24.76 -37.68
N THR A 371 -0.05 24.88 -37.29
CA THR A 371 -0.57 26.00 -36.51
C THR A 371 -0.96 25.52 -35.13
N ILE A 372 -1.23 26.47 -34.23
CA ILE A 372 -1.68 26.10 -32.87
C ILE A 372 -2.74 27.08 -32.45
N ALA A 373 -3.71 26.59 -31.69
CA ALA A 373 -4.77 27.42 -31.10
C ALA A 373 -4.06 28.43 -30.20
N PRO A 374 -4.55 29.67 -30.12
CA PRO A 374 -3.92 30.68 -29.27
C PRO A 374 -4.08 30.28 -27.78
N VAL A 375 -3.30 30.94 -26.94
CA VAL A 375 -3.07 30.54 -25.53
C VAL A 375 -4.41 30.47 -24.78
N GLU A 376 -5.35 31.38 -25.07
CA GLU A 376 -6.66 31.41 -24.37
C GLU A 376 -7.48 30.14 -24.68
N ASP A 377 -7.15 29.39 -25.73
CA ASP A 377 -7.89 28.18 -26.16
C ASP A 377 -7.17 26.91 -25.73
N ARG A 378 -6.07 27.03 -24.99
CA ARG A 378 -5.19 25.90 -24.58
C ARG A 378 -5.33 25.63 -23.08
N LEU A 379 -6.14 26.38 -22.32
CA LEU A 379 -6.17 26.26 -20.83
C LEU A 379 -7.09 25.12 -20.42
N PRO A 380 -6.69 24.29 -19.41
CA PRO A 380 -7.57 23.27 -18.88
C PRO A 380 -8.90 23.92 -18.44
N VAL A 381 -9.97 23.15 -18.49
CA VAL A 381 -11.31 23.54 -17.97
C VAL A 381 -11.38 23.10 -16.52
N VAL A 382 -11.50 24.06 -15.60
CA VAL A 382 -11.45 23.75 -14.14
C VAL A 382 -12.69 24.39 -13.54
N PRO A 383 -13.33 23.79 -12.51
CA PRO A 383 -14.42 24.46 -11.82
C PRO A 383 -13.83 25.65 -11.06
N GLN A 384 -14.62 26.69 -10.82
CA GLN A 384 -14.17 27.92 -10.13
C GLN A 384 -15.02 28.16 -8.89
N LEU A 385 -14.40 28.55 -7.78
CA LEU A 385 -15.10 28.92 -6.53
C LEU A 385 -15.99 30.14 -6.80
N PRO A 386 -17.18 30.26 -6.18
CA PRO A 386 -17.95 31.50 -6.22
C PRO A 386 -17.04 32.66 -5.76
N GLU A 387 -17.23 33.86 -6.33
CA GLU A 387 -16.41 35.03 -5.90
C GLU A 387 -16.76 35.29 -4.43
N ARG A 388 -15.74 35.47 -3.59
CA ARG A 388 -16.00 35.71 -2.14
C ARG A 388 -15.61 37.16 -1.92
N LYS A 389 -16.61 38.02 -1.90
CA LYS A 389 -16.41 39.48 -1.69
C LYS A 389 -16.34 39.67 -0.17
N LEU A 390 -15.13 39.50 0.38
CA LEU A 390 -14.90 39.61 1.84
C LEU A 390 -14.99 41.08 2.23
N VAL A 391 -15.68 41.35 3.34
CA VAL A 391 -15.60 42.66 4.04
C VAL A 391 -14.77 42.46 5.30
N LEU A 392 -13.83 43.35 5.53
CA LEU A 392 -13.03 43.38 6.78
C LEU A 392 -13.96 43.79 7.91
N PRO A 393 -13.76 43.23 9.12
CA PRO A 393 -14.45 43.72 10.30
C PRO A 393 -13.88 45.11 10.64
N GLN A 394 -14.49 45.77 11.62
CA GLN A 394 -13.89 46.99 12.22
C GLN A 394 -12.51 46.61 12.75
N LEU A 395 -11.42 47.23 12.30
CA LEU A 395 -10.04 46.85 12.69
C LEU A 395 -9.65 47.55 14.00
N THR A 396 -8.93 46.85 14.90
CA THR A 396 -8.13 47.49 15.98
C THR A 396 -6.96 48.26 15.33
N GLU A 397 -6.38 49.20 16.05
CA GLU A 397 -5.21 49.99 15.58
C GLU A 397 -4.07 49.02 15.26
N GLU A 398 -3.93 48.00 16.09
CA GLU A 398 -2.90 46.95 16.00
C GLU A 398 -3.08 46.15 14.71
N GLN A 399 -4.32 45.78 14.36
CA GLN A 399 -4.60 44.98 13.14
C GLN A 399 -4.29 45.86 11.93
N GLN A 400 -4.65 47.15 11.98
CA GLN A 400 -4.38 48.09 10.87
C GLN A 400 -2.85 48.20 10.72
N ALA A 401 -2.13 48.33 11.81
CA ALA A 401 -0.65 48.49 11.79
C ALA A 401 -0.04 47.24 11.15
N ALA A 402 -0.53 46.05 11.52
CA ALA A 402 -0.03 44.77 10.94
C ALA A 402 -0.31 44.78 9.43
N ARG A 403 -1.51 45.20 9.02
CA ARG A 403 -1.88 45.24 7.57
C ARG A 403 -0.92 46.21 6.87
N ASP A 404 -0.73 47.39 7.47
CA ASP A 404 0.14 48.48 6.91
C ASP A 404 1.58 48.00 6.78
N THR A 405 2.12 47.38 7.83
CA THR A 405 3.54 46.89 7.91
C THR A 405 3.75 45.84 6.82
N TYR A 406 2.79 44.92 6.65
CA TYR A 406 2.84 43.83 5.65
C TYR A 406 2.84 44.44 4.23
N GLN A 407 1.88 45.32 3.92
CA GLN A 407 1.77 45.96 2.58
C GLN A 407 3.08 46.69 2.27
N LYS A 408 3.67 47.39 3.23
CA LYS A 408 4.96 48.09 3.05
C LYS A 408 6.08 47.08 2.78
N ARG A 409 6.12 45.94 3.50
CA ARG A 409 7.13 44.90 3.21
C ARG A 409 6.97 44.45 1.77
N TRP A 410 5.74 44.19 1.36
CA TRP A 410 5.41 43.69 0.00
C TRP A 410 5.84 44.73 -1.07
N LYS A 411 5.54 46.00 -0.86
CA LYS A 411 5.97 47.10 -1.76
C LYS A 411 7.49 47.07 -1.96
N ASP A 412 8.28 46.82 -0.91
CA ASP A 412 9.75 46.80 -1.00
C ASP A 412 10.22 45.50 -1.67
N TYR A 413 9.58 44.39 -1.35
CA TYR A 413 10.08 43.03 -1.69
C TYR A 413 9.85 42.71 -3.16
N GLU A 414 8.64 42.91 -3.68
CA GLU A 414 8.28 42.44 -5.05
C GLU A 414 9.24 42.99 -6.10
N PRO A 415 9.55 44.32 -6.13
CA PRO A 415 10.47 44.87 -7.14
C PRO A 415 11.87 44.25 -7.07
N ARG A 416 12.34 43.91 -5.87
CA ARG A 416 13.62 43.21 -5.67
C ARG A 416 13.58 41.82 -6.31
N ARG A 417 12.46 41.08 -6.22
CA ARG A 417 12.37 39.77 -6.91
C ARG A 417 12.36 40.01 -8.42
N ASP A 418 11.62 41.05 -8.87
CA ASP A 418 11.47 41.36 -10.31
C ASP A 418 12.88 41.55 -10.88
N THR A 419 13.73 42.35 -10.22
CA THR A 419 15.13 42.63 -10.67
C THR A 419 15.87 41.29 -10.83
N GLN A 420 15.67 40.37 -9.90
CA GLN A 420 16.39 39.07 -9.90
C GLN A 420 15.93 38.21 -11.09
N PHE A 421 14.64 38.22 -11.43
CA PHE A 421 14.11 37.53 -12.64
C PHE A 421 14.73 38.17 -13.89
N ARG A 422 14.78 39.50 -13.96
CA ARG A 422 15.28 40.19 -15.18
C ARG A 422 16.74 39.77 -15.41
N ILE A 423 17.57 39.70 -14.37
CA ILE A 423 19.00 39.30 -14.53
C ILE A 423 19.05 37.88 -15.14
N LYS A 424 18.24 36.94 -14.63
CA LYS A 424 18.29 35.53 -15.09
C LYS A 424 17.77 35.46 -16.52
N GLU A 425 16.76 36.26 -16.86
CA GLU A 425 16.26 36.32 -18.25
C GLU A 425 17.41 36.76 -19.18
N ASP A 426 18.17 37.79 -18.79
CA ASP A 426 19.34 38.26 -19.59
C ASP A 426 20.32 37.10 -19.76
N LYS A 427 20.49 36.27 -18.73
CA LYS A 427 21.43 35.11 -18.85
C LYS A 427 20.91 34.16 -19.92
N ALA A 428 19.60 33.88 -19.96
CA ALA A 428 18.99 32.95 -20.93
C ALA A 428 19.24 33.47 -22.34
N ARG A 429 18.97 34.76 -22.57
CA ARG A 429 19.15 35.36 -23.92
C ARG A 429 20.64 35.30 -24.29
N ARG A 430 21.57 35.54 -23.36
CA ARG A 430 23.03 35.46 -23.66
C ARG A 430 23.41 34.03 -24.02
N GLU A 431 22.97 33.06 -23.20
CA GLU A 431 23.33 31.64 -23.39
C GLU A 431 22.65 31.10 -24.65
N SER A 432 21.46 31.58 -25.03
CA SER A 432 20.85 31.19 -26.33
C SER A 432 21.86 31.37 -27.46
N LYS A 433 22.44 32.56 -27.57
CA LYS A 433 23.43 32.89 -28.65
C LYS A 433 24.70 32.04 -28.46
N LEU A 434 25.16 31.86 -27.21
CA LEU A 434 26.43 31.11 -26.98
C LEU A 434 26.22 29.66 -27.47
N ASN A 435 25.03 29.12 -27.23
CA ASN A 435 24.75 27.68 -27.53
C ASN A 435 24.93 27.45 -29.03
N THR A 436 24.40 28.40 -29.82
CA THR A 436 24.39 28.31 -31.30
C THR A 436 25.84 28.49 -31.77
N GLU A 437 26.56 29.44 -31.22
CA GLU A 437 27.96 29.72 -31.64
C GLU A 437 28.79 28.46 -31.39
N PHE A 438 28.63 27.82 -30.24
CA PHE A 438 29.44 26.63 -29.87
C PHE A 438 29.12 25.45 -30.80
N ALA A 439 27.83 25.21 -31.07
CA ALA A 439 27.35 24.14 -32.00
C ALA A 439 27.96 24.39 -33.39
N LYS A 440 28.11 25.65 -33.79
CA LYS A 440 28.72 26.01 -35.10
C LYS A 440 30.22 25.73 -35.08
N LYS A 441 30.93 26.08 -34.01
CA LYS A 441 32.37 25.74 -33.83
C LYS A 441 32.60 24.23 -33.90
N LEU A 442 31.75 23.47 -33.23
CA LEU A 442 31.83 21.98 -33.16
C LEU A 442 31.58 21.39 -34.56
N ARG A 443 30.53 21.86 -35.24
CA ARG A 443 30.23 21.42 -36.65
C ARG A 443 31.48 21.65 -37.51
N ASP A 444 32.07 22.85 -37.43
CA ASP A 444 33.21 23.23 -38.31
C ASP A 444 34.46 22.42 -37.96
N ALA A 445 34.78 22.22 -36.68
CA ALA A 445 35.97 21.44 -36.26
C ALA A 445 35.76 19.99 -36.69
N PHE A 446 34.57 19.42 -36.45
CA PHE A 446 34.25 18.05 -36.93
C PHE A 446 34.51 17.94 -38.45
N ASP A 447 33.92 18.86 -39.23
CA ASP A 447 34.00 18.81 -40.71
C ASP A 447 35.44 19.01 -41.17
N ALA A 448 36.20 19.87 -40.49
CA ALA A 448 37.63 20.17 -40.81
C ALA A 448 38.39 18.86 -40.98
N GLU A 449 38.29 17.91 -40.02
CA GLU A 449 38.74 16.51 -40.21
C GLU A 449 37.58 15.64 -40.73
N ILE B 4 -13.88 11.39 41.70
CA ILE B 4 -13.25 11.05 40.41
C ILE B 4 -14.28 10.28 39.58
N THR B 5 -14.53 10.75 38.36
CA THR B 5 -15.50 10.17 37.39
C THR B 5 -14.81 9.60 36.16
N GLY B 6 -15.58 8.91 35.33
CA GLY B 6 -15.13 8.33 34.05
C GLY B 6 -14.55 6.94 34.18
N LEU B 7 -14.20 6.36 33.04
CA LEU B 7 -13.89 4.92 32.91
C LEU B 7 -12.56 4.56 33.61
N PHE B 8 -11.69 5.53 33.93
CA PHE B 8 -10.41 5.25 34.64
C PHE B 8 -10.53 5.40 36.17
N LYS B 9 -11.73 5.72 36.68
CA LYS B 9 -11.86 6.25 38.07
C LYS B 9 -11.43 5.19 39.08
N ASP B 10 -11.60 3.90 38.77
CA ASP B 10 -11.24 2.82 39.74
C ASP B 10 -9.72 2.69 39.88
N LEU B 11 -8.91 3.32 39.02
CA LEU B 11 -7.44 3.29 39.19
C LEU B 11 -7.04 4.16 40.39
N THR B 12 -7.93 5.05 40.84
CA THR B 12 -7.66 5.99 41.96
C THR B 12 -8.13 5.44 43.33
N LYS B 13 -8.58 4.19 43.43
CA LYS B 13 -8.98 3.64 44.74
C LYS B 13 -8.30 2.28 44.91
N VAL B 14 -7.64 2.05 46.03
CA VAL B 14 -7.03 0.71 46.31
C VAL B 14 -8.15 -0.28 46.64
N LYS B 15 -7.89 -1.54 46.35
CA LYS B 15 -8.79 -2.67 46.67
C LYS B 15 -7.92 -3.74 47.32
N HIS B 16 -8.36 -4.25 48.46
CA HIS B 16 -7.67 -5.32 49.22
C HIS B 16 -8.02 -6.66 48.58
N ALA B 17 -7.48 -6.89 47.38
CA ALA B 17 -7.64 -8.12 46.57
C ALA B 17 -6.26 -8.60 46.12
N ARG B 18 -6.08 -9.92 46.06
CA ARG B 18 -4.79 -10.59 45.82
C ARG B 18 -4.79 -11.16 44.40
N ASN B 19 -3.82 -10.73 43.60
CA ASN B 19 -3.59 -11.28 42.23
C ASN B 19 -3.23 -12.76 42.26
N GLY B 20 -3.75 -13.47 41.26
CA GLY B 20 -3.25 -14.81 40.94
C GLY B 20 -3.17 -14.99 39.44
N ARG B 21 -2.47 -16.01 38.99
CA ARG B 21 -2.38 -16.30 37.54
C ARG B 21 -2.23 -17.80 37.35
N LEU B 22 -3.10 -18.39 36.53
CA LEU B 22 -2.83 -19.71 35.93
C LEU B 22 -2.03 -19.50 34.66
N ALA B 23 -0.90 -20.18 34.52
CA ALA B 23 -0.09 -20.06 33.30
C ALA B 23 0.54 -21.40 32.93
N SER B 24 0.96 -21.48 31.66
CA SER B 24 1.68 -22.66 31.12
C SER B 24 3.17 -22.50 31.42
N TRP B 25 3.54 -21.69 32.41
CA TRP B 25 4.98 -21.48 32.75
C TRP B 25 5.69 -22.81 33.03
N ASP B 26 6.96 -22.87 32.66
CA ASP B 26 7.76 -24.11 32.72
C ASP B 26 8.15 -24.33 34.20
N GLN B 27 7.55 -25.33 34.86
CA GLN B 27 7.73 -25.53 36.32
C GLN B 27 9.00 -26.38 36.52
N ARG B 28 9.75 -26.62 35.45
CA ARG B 28 11.15 -27.08 35.55
C ARG B 28 12.07 -25.85 35.68
N GLY B 29 11.55 -24.64 35.48
CA GLY B 29 12.31 -23.38 35.49
C GLY B 29 13.01 -23.10 34.17
N LYS B 30 12.70 -23.91 33.16
CA LYS B 30 13.39 -23.86 31.84
C LYS B 30 12.54 -23.04 30.86
N ASN B 31 12.74 -23.19 29.54
CA ASN B 31 12.09 -22.33 28.52
C ASN B 31 11.06 -23.10 27.70
N GLN B 32 10.40 -24.15 28.22
CA GLN B 32 9.13 -24.67 27.61
C GLN B 32 7.94 -24.18 28.43
N ASP B 33 7.59 -22.90 28.27
CA ASP B 33 6.51 -22.19 29.01
C ASP B 33 5.17 -22.39 28.26
N TYR B 34 5.01 -23.60 27.73
CA TYR B 34 3.76 -24.02 27.04
C TYR B 34 3.45 -25.44 27.50
N TRP B 35 2.22 -25.90 27.23
CA TRP B 35 1.78 -27.30 27.44
C TRP B 35 1.54 -27.95 26.06
N GLU B 36 2.00 -29.19 25.90
CA GLU B 36 1.55 -30.04 24.78
C GLU B 36 0.25 -30.69 25.26
N ILE B 37 -0.86 -30.15 24.81
CA ILE B 37 -2.20 -30.69 25.14
C ILE B 37 -2.36 -32.04 24.44
N PRO B 38 -2.54 -33.18 25.16
CA PRO B 38 -2.63 -34.48 24.50
C PRO B 38 -3.83 -34.60 23.55
N ALA B 39 -3.70 -35.44 22.51
CA ALA B 39 -4.81 -35.81 21.60
C ALA B 39 -5.92 -36.50 22.37
N GLY B 40 -7.17 -36.17 22.07
CA GLY B 40 -8.32 -36.97 22.53
C GLY B 40 -8.44 -36.98 24.04
N GLU B 41 -8.06 -35.88 24.69
CA GLU B 41 -8.04 -35.73 26.17
C GLU B 41 -8.53 -34.34 26.54
N SER B 42 -9.07 -34.23 27.75
CA SER B 42 -9.32 -32.97 28.47
C SER B 42 -8.17 -32.73 29.44
N ILE B 43 -7.79 -31.48 29.65
CA ILE B 43 -6.74 -31.08 30.62
C ILE B 43 -7.21 -29.81 31.33
N THR B 44 -6.93 -29.72 32.63
CA THR B 44 -7.39 -28.60 33.47
C THR B 44 -6.29 -27.53 33.46
N LEU B 45 -6.56 -26.36 32.86
CA LEU B 45 -5.60 -25.24 32.91
C LEU B 45 -5.44 -24.87 34.38
N GLY B 46 -6.51 -24.93 35.15
CA GLY B 46 -6.45 -24.65 36.59
C GLY B 46 -7.83 -24.63 37.19
N GLU B 47 -7.89 -24.92 38.50
CA GLU B 47 -9.08 -24.67 39.33
C GLU B 47 -8.74 -23.63 40.39
N ILE B 48 -9.62 -22.67 40.57
CA ILE B 48 -9.39 -21.56 41.53
C ILE B 48 -10.57 -21.58 42.50
N GLU B 49 -10.30 -21.52 43.79
CA GLU B 49 -11.35 -21.31 44.81
C GLU B 49 -11.74 -19.84 44.89
N GLY B 50 -13.03 -19.59 44.79
CA GLY B 50 -13.65 -18.27 44.97
C GLY B 50 -13.61 -17.84 46.43
N PRO B 51 -14.05 -16.61 46.76
CA PRO B 51 -14.51 -15.65 45.76
C PRO B 51 -13.37 -15.00 44.95
N GLY B 52 -13.61 -14.77 43.65
CA GLY B 52 -12.67 -13.98 42.84
C GLY B 52 -13.28 -13.62 41.51
N CYS B 53 -12.42 -13.17 40.59
CA CYS B 53 -12.82 -12.70 39.26
C CYS B 53 -11.67 -12.88 38.27
N ILE B 54 -11.90 -13.57 37.16
CA ILE B 54 -10.93 -13.60 36.01
C ILE B 54 -10.94 -12.20 35.44
N THR B 55 -9.76 -11.60 35.21
CA THR B 55 -9.61 -10.22 34.70
C THR B 55 -9.01 -10.23 33.29
N HIS B 56 -8.31 -11.29 32.92
CA HIS B 56 -7.56 -11.29 31.65
C HIS B 56 -7.13 -12.69 31.29
N MET B 57 -7.26 -13.02 30.02
CA MET B 57 -6.73 -14.24 29.42
C MET B 57 -5.92 -13.84 28.20
N TRP B 58 -4.76 -14.46 28.06
CA TRP B 58 -3.88 -14.38 26.87
C TRP B 58 -3.54 -15.80 26.50
N MET B 59 -3.68 -16.17 25.23
CA MET B 59 -3.19 -17.49 24.78
C MET B 59 -2.57 -17.35 23.40
N THR B 60 -1.73 -18.33 23.06
CA THR B 60 -1.42 -18.67 21.67
C THR B 60 -1.25 -20.19 21.59
N SER B 61 -1.08 -20.69 20.39
CA SER B 61 -1.14 -22.14 20.14
C SER B 61 -0.47 -22.46 18.81
N SER B 62 -0.16 -23.74 18.64
CA SER B 62 0.43 -24.30 17.42
C SER B 62 -0.01 -25.76 17.35
N CYS B 63 -0.32 -26.25 16.15
CA CYS B 63 -0.63 -27.68 15.92
C CYS B 63 -0.03 -28.09 14.59
N ARG B 64 1.14 -28.73 14.66
CA ARG B 64 1.84 -29.25 13.46
C ARG B 64 1.67 -30.78 13.44
N LYS B 65 1.65 -31.29 12.22
CA LYS B 65 1.66 -32.73 11.87
C LYS B 65 3.03 -33.00 11.25
N VAL B 66 3.73 -33.97 11.80
CA VAL B 66 5.00 -34.42 11.20
C VAL B 66 4.63 -35.25 9.98
N VAL B 67 5.07 -34.84 8.80
CA VAL B 67 4.67 -35.51 7.52
C VAL B 67 5.89 -35.99 6.73
N ALA B 68 7.10 -35.68 7.17
CA ALA B 68 8.33 -36.08 6.45
C ALA B 68 9.45 -36.26 7.47
N PRO B 69 10.48 -37.07 7.13
CA PRO B 69 11.66 -37.23 8.00
C PRO B 69 12.50 -35.94 8.01
N SER B 70 13.27 -35.69 9.07
CA SER B 70 14.04 -34.44 9.21
C SER B 70 15.51 -34.79 9.44
N ILE B 71 16.43 -33.94 8.94
CA ILE B 71 17.88 -34.07 9.24
C ILE B 71 18.18 -33.30 10.53
N LEU B 72 17.18 -32.65 11.15
CA LEU B 72 17.33 -32.08 12.52
C LEU B 72 17.22 -33.25 13.50
N ASP B 73 18.24 -33.43 14.33
CA ASP B 73 18.21 -34.37 15.46
C ASP B 73 16.93 -34.13 16.26
N PRO B 74 15.98 -35.09 16.31
CA PRO B 74 14.68 -34.84 16.95
C PRO B 74 14.69 -34.67 18.48
N GLU B 75 15.64 -35.32 19.17
CA GLU B 75 15.81 -35.16 20.65
C GLU B 75 16.32 -33.73 20.97
N LEU B 76 17.38 -33.28 20.33
CA LEU B 76 17.89 -31.89 20.51
C LEU B 76 16.81 -30.90 20.06
N ASN B 77 16.10 -31.20 18.97
CA ASN B 77 15.05 -30.31 18.43
C ASN B 77 13.98 -30.03 19.49
N ALA B 78 13.63 -31.04 20.30
CA ALA B 78 12.60 -30.93 21.37
C ALA B 78 12.91 -29.77 22.34
N SER B 79 14.18 -29.43 22.55
CA SER B 79 14.64 -28.37 23.48
C SER B 79 14.95 -27.06 22.75
N ALA B 80 14.90 -27.00 21.40
CA ALA B 80 15.03 -25.74 20.63
C ALA B 80 13.73 -24.93 20.72
N ALA B 81 13.48 -24.05 19.77
CA ALA B 81 12.20 -23.33 19.69
C ALA B 81 11.08 -24.37 19.54
N PRO B 82 9.86 -24.10 20.05
CA PRO B 82 8.80 -25.11 20.11
C PRO B 82 8.18 -25.43 18.75
N VAL B 83 8.32 -24.50 17.80
CA VAL B 83 7.71 -24.62 16.44
C VAL B 83 8.77 -24.37 15.37
N MET B 84 8.96 -25.36 14.50
CA MET B 84 9.93 -25.29 13.37
C MET B 84 9.28 -24.56 12.20
N GLU B 85 9.43 -23.24 12.20
CA GLU B 85 8.93 -22.29 11.15
C GLU B 85 9.96 -22.31 10.01
N ILE B 86 10.02 -23.44 9.32
CA ILE B 86 11.03 -23.76 8.29
C ILE B 86 10.26 -24.18 7.04
N HIS B 87 10.54 -23.56 5.92
CA HIS B 87 9.80 -23.83 4.66
C HIS B 87 10.14 -25.23 4.15
N PRO B 88 9.12 -26.03 3.78
CA PRO B 88 9.34 -27.39 3.25
C PRO B 88 10.27 -27.44 2.02
N ALA B 89 10.38 -26.35 1.26
CA ALA B 89 11.27 -26.25 0.07
C ALA B 89 12.75 -26.45 0.47
N LEU B 90 13.13 -26.25 1.73
CA LEU B 90 14.55 -26.43 2.14
C LEU B 90 14.94 -27.91 2.20
N GLY B 91 13.97 -28.83 2.27
CA GLY B 91 14.24 -30.28 2.25
C GLY B 91 14.73 -30.86 3.56
N VAL B 92 14.65 -30.14 4.70
CA VAL B 92 15.33 -30.56 5.96
C VAL B 92 14.32 -30.96 7.04
N ILE B 93 13.05 -30.62 6.88
CA ILE B 93 12.01 -30.85 7.92
C ILE B 93 10.66 -30.58 7.28
N TRP B 94 9.60 -31.23 7.77
CA TRP B 94 8.22 -30.88 7.34
C TRP B 94 7.22 -31.15 8.46
N ASP B 95 6.96 -30.09 9.22
CA ASP B 95 5.93 -30.04 10.25
C ASP B 95 4.78 -29.26 9.63
N ALA B 96 3.76 -29.93 9.07
CA ALA B 96 2.66 -29.27 8.33
C ALA B 96 1.69 -28.62 9.34
N TYR B 97 0.99 -27.60 8.87
CA TYR B 97 -0.08 -26.93 9.66
C TYR B 97 -1.31 -27.83 9.69
N ASP B 98 -1.81 -28.06 10.90
CA ASP B 98 -3.12 -28.74 11.10
C ASP B 98 -4.18 -27.66 10.93
N PRO B 99 -5.04 -27.75 9.88
CA PRO B 99 -5.91 -26.62 9.53
C PRO B 99 -7.07 -26.35 10.50
N PHE B 100 -7.63 -27.37 11.15
CA PHE B 100 -8.92 -27.22 11.87
C PHE B 100 -8.77 -27.36 13.39
N TYR B 101 -7.56 -27.28 13.94
CA TYR B 101 -7.36 -27.59 15.38
C TYR B 101 -8.16 -26.62 16.26
N TYR B 102 -8.41 -25.41 15.75
CA TYR B 102 -9.19 -24.37 16.49
C TYR B 102 -10.63 -24.83 16.75
N ARG B 103 -11.16 -25.70 15.87
CA ARG B 103 -12.54 -26.23 15.97
C ARG B 103 -12.54 -27.61 16.65
N LYS B 104 -11.41 -28.32 16.62
CA LYS B 104 -11.28 -29.66 17.20
C LYS B 104 -11.06 -29.56 18.70
N ALA B 105 -10.55 -28.43 19.23
CA ALA B 105 -10.39 -28.22 20.68
C ALA B 105 -11.44 -27.25 21.19
N LEU B 106 -11.93 -27.50 22.39
CA LEU B 106 -12.93 -26.64 23.07
C LEU B 106 -12.26 -25.99 24.26
N ILE B 107 -12.74 -24.80 24.63
CA ILE B 107 -12.50 -24.22 25.98
C ILE B 107 -13.75 -24.46 26.81
N LYS B 108 -13.58 -24.93 28.04
CA LYS B 108 -14.71 -25.37 28.90
C LYS B 108 -14.52 -24.72 30.27
N ILE B 109 -15.46 -23.88 30.71
CA ILE B 109 -15.35 -23.23 32.05
C ILE B 109 -16.60 -23.58 32.89
N THR B 110 -16.39 -24.02 34.13
CA THR B 110 -17.44 -24.44 35.11
C THR B 110 -17.26 -23.54 36.34
N TRP B 111 -18.33 -22.89 36.77
CA TRP B 111 -18.36 -22.02 37.95
C TRP B 111 -19.00 -22.79 39.11
N ASP B 112 -18.54 -22.53 40.34
CA ASP B 112 -19.20 -22.94 41.60
C ASP B 112 -19.59 -24.43 41.55
N ASP B 113 -18.81 -25.27 40.87
CA ASP B 113 -19.02 -26.74 40.83
C ASP B 113 -20.45 -27.06 40.34
N GLN B 114 -20.99 -26.26 39.42
CA GLN B 114 -22.30 -26.60 38.81
C GLN B 114 -22.17 -27.90 38.01
N ASP B 115 -23.31 -28.55 37.75
CA ASP B 115 -23.40 -29.81 36.99
C ASP B 115 -23.49 -29.51 35.49
N THR B 116 -23.04 -28.32 35.07
CA THR B 116 -22.85 -27.94 33.63
C THR B 116 -21.71 -26.93 33.54
N PRO B 117 -20.90 -26.94 32.48
CA PRO B 117 -20.02 -25.79 32.21
C PRO B 117 -20.92 -24.57 31.93
N SER B 118 -20.42 -23.34 32.16
CA SER B 118 -21.12 -22.10 31.72
C SER B 118 -20.49 -21.56 30.43
N VAL B 119 -19.31 -22.07 30.07
CA VAL B 119 -18.65 -21.80 28.76
C VAL B 119 -18.28 -23.15 28.17
N LEU B 120 -18.72 -23.42 26.94
CA LEU B 120 -18.36 -24.65 26.19
C LEU B 120 -18.34 -24.21 24.74
N VAL B 121 -17.17 -23.84 24.25
CA VAL B 121 -17.03 -23.18 22.91
C VAL B 121 -15.78 -23.71 22.25
N PRO B 122 -15.73 -23.93 20.90
CA PRO B 122 -14.46 -24.28 20.28
C PRO B 122 -13.42 -23.21 20.66
N PHE B 123 -12.19 -23.66 20.88
CA PHE B 123 -11.05 -22.83 21.33
C PHE B 123 -10.92 -21.56 20.45
N GLY B 124 -10.92 -21.74 19.13
CA GLY B 124 -10.83 -20.61 18.18
C GLY B 124 -11.99 -19.65 18.36
N ASP B 125 -13.23 -20.16 18.30
CA ASP B 125 -14.44 -19.29 18.19
C ASP B 125 -14.55 -18.46 19.47
N PHE B 126 -14.19 -19.06 20.60
CA PHE B 126 -14.29 -18.36 21.90
C PHE B 126 -13.46 -17.07 21.81
N PHE B 127 -12.26 -17.17 21.25
CA PHE B 127 -11.29 -16.06 21.07
C PHE B 127 -11.49 -15.37 19.71
N CYS B 128 -12.69 -15.46 19.13
CA CYS B 128 -13.08 -14.68 17.91
C CYS B 128 -12.19 -15.08 16.73
N ILE B 129 -11.80 -16.35 16.69
CA ILE B 129 -11.32 -17.03 15.46
C ILE B 129 -12.46 -17.90 14.93
N GLY B 130 -13.08 -17.46 13.83
CA GLY B 130 -14.16 -18.16 13.15
C GLY B 130 -13.60 -19.13 12.13
N ASN B 131 -14.23 -20.30 11.97
CA ASN B 131 -13.95 -21.16 10.79
C ASN B 131 -12.51 -21.69 10.87
N SER B 132 -11.91 -21.76 12.06
CA SER B 132 -10.50 -22.14 12.27
C SER B 132 -9.59 -21.30 11.38
N TYR B 133 -9.92 -20.02 11.16
CA TYR B 133 -9.23 -19.17 10.15
C TYR B 133 -9.05 -17.79 10.76
N PRO B 134 -7.92 -17.55 11.48
CA PRO B 134 -7.70 -16.25 12.11
C PRO B 134 -7.74 -15.07 11.13
N GLY B 135 -8.16 -13.96 11.70
CA GLY B 135 -8.04 -12.60 11.17
C GLY B 135 -7.57 -11.63 12.25
N ASN B 136 -6.74 -10.69 11.83
CA ASN B 136 -6.10 -9.69 12.72
C ASN B 136 -7.15 -8.64 13.09
N PHE B 137 -7.41 -8.40 14.37
CA PHE B 137 -8.37 -7.32 14.73
C PHE B 137 -8.24 -6.96 16.19
N SER B 138 -8.76 -5.79 16.50
CA SER B 138 -8.90 -5.35 17.90
C SER B 138 -10.34 -4.95 18.17
N SER B 139 -10.79 -5.22 19.38
CA SER B 139 -12.03 -4.67 19.94
C SER B 139 -11.82 -4.44 21.43
N LEU B 140 -12.82 -3.89 22.12
CA LEU B 140 -12.58 -3.56 23.54
C LEU B 140 -12.38 -4.85 24.36
N PRO B 141 -13.22 -5.90 24.26
CA PRO B 141 -13.00 -7.10 25.07
C PRO B 141 -12.18 -8.24 24.46
N PHE B 142 -12.04 -8.31 23.12
CA PHE B 142 -11.29 -9.41 22.44
C PHE B 142 -10.34 -8.82 21.40
N ASN B 143 -9.14 -9.41 21.31
CA ASN B 143 -8.14 -9.04 20.27
C ASN B 143 -7.49 -10.30 19.69
N VAL B 144 -7.16 -10.21 18.39
CA VAL B 144 -6.26 -11.18 17.75
C VAL B 144 -5.11 -10.40 17.12
N SER B 145 -3.87 -10.76 17.46
CA SER B 145 -2.64 -10.25 16.84
C SER B 145 -2.06 -11.36 15.97
N LEU B 146 -2.24 -11.21 14.66
CA LEU B 146 -1.90 -12.22 13.65
C LEU B 146 -0.86 -11.63 12.71
N LYS B 147 0.25 -12.33 12.50
CA LYS B 147 1.31 -11.84 11.59
C LYS B 147 0.81 -11.93 10.17
N PRO B 148 1.05 -10.90 9.31
CA PRO B 148 0.64 -10.97 7.91
C PRO B 148 1.21 -12.18 7.16
N GLU B 149 2.40 -12.64 7.53
CA GLU B 149 3.07 -13.81 6.89
C GLU B 149 2.30 -15.10 7.21
N GLU B 150 1.58 -15.15 8.34
CA GLU B 150 0.76 -16.32 8.75
C GLU B 150 -0.70 -16.18 8.28
N ALA B 151 -1.13 -14.97 7.93
CA ALA B 151 -2.57 -14.66 7.70
C ALA B 151 -3.03 -15.32 6.40
N GLY B 152 -4.33 -15.46 6.25
CA GLY B 152 -4.93 -16.03 5.03
C GLY B 152 -4.82 -17.54 4.99
N LYS B 153 -4.69 -18.23 6.12
CA LYS B 153 -4.74 -19.72 6.06
C LYS B 153 -5.37 -20.32 7.31
N PHE B 154 -5.99 -21.48 7.12
CA PHE B 154 -6.63 -22.26 8.21
C PHE B 154 -5.56 -22.64 9.21
N GLY B 155 -5.86 -22.51 10.49
CA GLY B 155 -4.96 -22.94 11.57
C GLY B 155 -3.76 -22.02 11.79
N ALA B 156 -3.78 -20.78 11.29
CA ALA B 156 -2.62 -19.84 11.43
C ALA B 156 -2.39 -19.59 12.90
N PRO B 157 -1.12 -19.51 13.36
CA PRO B 157 -0.86 -19.11 14.74
C PRO B 157 -1.09 -17.61 14.93
N CYS B 158 -1.58 -17.24 16.10
CA CYS B 158 -1.87 -15.83 16.46
C CYS B 158 -2.05 -15.71 17.97
N SER B 159 -2.00 -14.48 18.52
CA SER B 159 -2.19 -14.27 19.98
C SER B 159 -3.63 -13.83 20.22
N VAL B 160 -4.26 -14.42 21.21
CA VAL B 160 -5.68 -14.11 21.57
C VAL B 160 -5.67 -13.55 22.98
N SER B 161 -6.55 -12.60 23.24
CA SER B 161 -6.72 -11.94 24.54
C SER B 161 -8.20 -11.66 24.78
N CYS B 162 -8.63 -11.91 26.02
CA CYS B 162 -10.00 -11.70 26.50
C CYS B 162 -9.98 -10.84 27.76
N TYR B 163 -10.77 -9.79 27.79
CA TYR B 163 -10.86 -8.80 28.90
C TYR B 163 -12.29 -8.78 29.53
N PHE B 164 -13.23 -9.61 29.05
CA PHE B 164 -14.53 -9.81 29.73
C PHE B 164 -14.27 -10.34 31.15
N PRO B 165 -14.78 -9.68 32.21
CA PRO B 165 -14.58 -10.15 33.57
C PRO B 165 -15.42 -11.41 33.83
N MET B 166 -14.90 -12.33 34.63
CA MET B 166 -15.63 -13.60 34.91
C MET B 166 -15.66 -13.81 36.41
N PRO B 167 -16.66 -13.28 37.13
CA PRO B 167 -16.68 -13.40 38.58
C PRO B 167 -17.09 -14.82 38.99
N PHE B 168 -16.65 -15.24 40.18
CA PHE B 168 -17.07 -16.54 40.77
C PHE B 168 -17.00 -16.48 42.29
N ASN B 169 -18.08 -16.84 42.94
CA ASN B 169 -18.13 -16.81 44.42
C ASN B 169 -17.45 -18.03 45.03
N LYS B 170 -17.54 -19.20 44.38
CA LYS B 170 -17.08 -20.45 45.01
C LYS B 170 -15.95 -21.08 44.22
N LYS B 171 -16.05 -21.21 42.90
CA LYS B 171 -15.08 -22.05 42.17
C LYS B 171 -15.01 -21.64 40.70
N ALA B 172 -13.82 -21.71 40.12
CA ALA B 172 -13.59 -21.60 38.66
C ALA B 172 -12.81 -22.84 38.26
N LYS B 173 -13.27 -23.52 37.22
CA LYS B 173 -12.53 -24.63 36.60
C LYS B 173 -12.42 -24.37 35.11
N ILE B 174 -11.21 -24.26 34.60
CA ILE B 174 -10.95 -23.92 33.19
C ILE B 174 -10.26 -25.10 32.52
N GLU B 175 -10.86 -25.65 31.47
CA GLU B 175 -10.34 -26.85 30.80
C GLU B 175 -10.19 -26.56 29.31
N ILE B 176 -9.25 -27.27 28.68
CA ILE B 176 -9.27 -27.55 27.23
C ILE B 176 -9.74 -29.00 27.01
N VAL B 177 -10.74 -29.19 26.14
CA VAL B 177 -11.19 -30.50 25.60
C VAL B 177 -10.60 -30.64 24.19
N ASN B 178 -9.59 -31.50 24.04
CA ASN B 178 -8.90 -31.66 22.73
C ASN B 178 -9.47 -32.89 22.02
N ASP B 179 -10.41 -32.67 21.09
CA ASP B 179 -11.04 -33.78 20.32
C ASP B 179 -10.18 -34.09 19.10
N ASN B 180 -9.07 -33.40 18.91
CA ASN B 180 -8.17 -33.64 17.77
C ASN B 180 -7.47 -35.01 17.93
N GLU B 181 -7.20 -35.72 16.85
CA GLU B 181 -6.31 -36.93 16.84
C GLU B 181 -4.84 -36.49 17.06
N LEU B 182 -4.55 -35.19 16.98
CA LEU B 182 -3.18 -34.67 17.22
C LEU B 182 -3.18 -33.88 18.52
N PRO B 183 -2.05 -33.88 19.25
CA PRO B 183 -1.87 -32.91 20.33
C PRO B 183 -1.58 -31.52 19.76
N PHE B 184 -1.62 -30.49 20.59
CA PHE B 184 -1.28 -29.12 20.14
C PHE B 184 -0.65 -28.38 21.32
N ILE B 185 0.20 -27.43 20.95
CA ILE B 185 0.92 -26.53 21.87
C ILE B 185 -0.04 -25.42 22.31
N LEU B 186 -0.15 -25.22 23.63
CA LEU B 186 -0.91 -24.10 24.21
C LEU B 186 -0.03 -23.34 25.19
N TYR B 187 0.11 -22.05 24.95
CA TYR B 187 0.67 -21.03 25.89
C TYR B 187 -0.52 -20.33 26.49
N PHE B 188 -0.54 -20.06 27.79
CA PHE B 188 -1.63 -19.26 28.37
C PHE B 188 -1.14 -18.52 29.60
N ASN B 189 -1.77 -17.37 29.80
CA ASN B 189 -1.67 -16.54 31.03
C ASN B 189 -3.09 -16.16 31.38
N ILE B 190 -3.66 -16.71 32.46
CA ILE B 190 -5.05 -16.40 32.92
C ILE B 190 -4.98 -15.69 34.27
N ASP B 191 -5.24 -14.40 34.27
CA ASP B 191 -5.09 -13.54 35.46
C ASP B 191 -6.41 -13.42 36.18
N TYR B 192 -6.34 -13.29 37.49
CA TYR B 192 -7.54 -13.16 38.32
C TYR B 192 -7.17 -12.43 39.59
N GLU B 193 -8.20 -12.03 40.34
CA GLU B 193 -8.03 -11.52 41.72
C GLU B 193 -8.93 -12.34 42.64
N MET B 194 -8.49 -12.52 43.87
CA MET B 194 -9.28 -13.17 44.94
C MET B 194 -9.73 -12.09 45.92
N TYR B 195 -10.92 -12.30 46.49
CA TYR B 195 -11.58 -11.30 47.37
C TYR B 195 -11.66 -11.83 48.81
N GLY B 196 -11.72 -10.90 49.76
CA GLY B 196 -11.70 -11.19 51.21
C GLY B 196 -13.11 -11.44 51.74
N GLU B 197 -14.13 -11.30 50.90
CA GLU B 197 -15.57 -11.49 51.27
C GLU B 197 -16.35 -11.95 50.04
N PRO B 198 -17.51 -12.62 50.20
CA PRO B 198 -18.32 -13.02 49.04
C PRO B 198 -18.73 -11.81 48.17
N LEU B 199 -18.87 -12.03 46.87
CA LEU B 199 -19.55 -11.09 45.95
C LEU B 199 -21.03 -11.09 46.29
N PRO B 200 -21.83 -10.07 45.93
CA PRO B 200 -23.28 -10.16 46.12
C PRO B 200 -23.85 -11.39 45.39
N GLU B 201 -24.88 -12.04 45.94
CA GLU B 201 -25.39 -13.36 45.44
C GLU B 201 -26.02 -13.16 44.03
N ASP B 202 -26.51 -11.95 43.74
CA ASP B 202 -27.05 -11.50 42.42
C ASP B 202 -25.97 -11.09 41.40
N THR B 203 -24.69 -11.39 41.66
CA THR B 203 -23.56 -11.22 40.72
C THR B 203 -23.84 -12.06 39.48
N ALA B 204 -23.68 -11.48 38.29
CA ALA B 204 -23.92 -12.14 37.00
C ALA B 204 -22.62 -12.78 36.56
N TYR B 205 -22.68 -14.09 36.27
CA TYR B 205 -21.54 -14.94 35.82
C TYR B 205 -21.51 -15.01 34.28
N PHE B 206 -20.30 -14.96 33.76
CA PHE B 206 -19.94 -15.06 32.32
C PHE B 206 -20.27 -16.45 31.76
N HIS B 207 -21.04 -16.44 30.66
CA HIS B 207 -21.45 -17.60 29.86
C HIS B 207 -21.12 -17.41 28.38
N ALA B 208 -20.89 -18.51 27.68
CA ALA B 208 -20.65 -18.52 26.22
C ALA B 208 -21.00 -19.89 25.66
N ALA B 209 -21.68 -19.91 24.53
CA ALA B 209 -22.18 -21.15 23.92
C ALA B 209 -22.11 -21.03 22.41
N TRP B 210 -21.88 -22.16 21.76
CA TRP B 210 -21.61 -22.21 20.30
C TRP B 210 -22.72 -23.01 19.62
N HIS B 211 -23.06 -22.59 18.41
CA HIS B 211 -24.12 -23.20 17.60
C HIS B 211 -23.70 -23.17 16.13
N ARG B 212 -24.20 -24.10 15.35
CA ARG B 212 -24.01 -24.13 13.88
C ARG B 212 -25.26 -24.72 13.24
N GLU B 213 -25.68 -24.11 12.14
CA GLU B 213 -26.72 -24.65 11.23
C GLU B 213 -26.03 -24.73 9.87
N ASN B 214 -25.69 -25.95 9.47
CA ASN B 214 -24.99 -26.24 8.20
C ASN B 214 -25.59 -27.49 7.55
N PRO B 215 -26.50 -27.39 6.54
CA PRO B 215 -26.98 -26.11 6.03
C PRO B 215 -28.11 -25.51 6.88
N CYS B 216 -28.25 -24.20 6.84
CA CYS B 216 -29.52 -23.53 7.24
C CYS B 216 -30.63 -24.12 6.38
N ASN B 217 -31.85 -24.20 6.92
CA ASN B 217 -32.97 -24.88 6.21
C ASN B 217 -33.77 -23.82 5.43
N GLY B 218 -33.17 -23.30 4.35
CA GLY B 218 -33.74 -22.24 3.52
C GLY B 218 -34.82 -22.78 2.60
N TRP B 219 -35.83 -21.94 2.33
CA TRP B 219 -36.97 -22.22 1.43
C TRP B 219 -36.60 -21.88 -0.02
N GLY B 220 -35.56 -21.05 -0.25
CA GLY B 220 -35.23 -20.56 -1.62
C GLY B 220 -33.73 -20.35 -1.88
N PRO B 221 -32.88 -21.35 -1.57
CA PRO B 221 -31.44 -21.23 -1.80
C PRO B 221 -31.05 -21.06 -3.28
N GLU B 222 -31.88 -21.55 -4.20
CA GLU B 222 -31.63 -21.42 -5.67
C GLU B 222 -32.24 -20.13 -6.24
N LEU B 223 -33.11 -19.44 -5.51
CA LEU B 223 -33.64 -18.12 -5.95
C LEU B 223 -32.55 -17.09 -5.72
N GLN B 224 -32.40 -16.16 -6.67
CA GLN B 224 -31.48 -15.01 -6.51
C GLN B 224 -31.92 -14.16 -5.32
N VAL B 225 -30.98 -13.87 -4.42
CA VAL B 225 -31.14 -12.90 -3.30
C VAL B 225 -31.55 -11.55 -3.86
N ASN B 226 -32.53 -10.95 -3.19
CA ASN B 226 -33.05 -9.59 -3.44
C ASN B 226 -33.84 -9.59 -4.75
N SER B 227 -34.17 -10.76 -5.29
CA SER B 227 -35.20 -10.87 -6.34
C SER B 227 -36.54 -10.39 -5.74
N PRO B 228 -37.43 -9.79 -6.53
CA PRO B 228 -38.71 -9.31 -6.00
C PRO B 228 -39.52 -10.42 -5.31
N GLU B 229 -39.40 -11.64 -5.85
CA GLU B 229 -40.11 -12.83 -5.31
C GLU B 229 -39.62 -13.08 -3.87
N VAL B 230 -38.30 -13.08 -3.67
CA VAL B 230 -37.70 -13.30 -2.33
C VAL B 230 -38.16 -12.18 -1.41
N ASN B 231 -38.09 -10.94 -1.87
CA ASN B 231 -38.18 -9.78 -0.95
C ASN B 231 -39.63 -9.61 -0.49
N ASN B 232 -40.61 -10.13 -1.23
CA ASN B 232 -42.04 -9.97 -0.85
C ASN B 232 -42.57 -11.18 -0.05
N VAL B 233 -41.73 -12.14 0.32
CA VAL B 233 -42.12 -13.20 1.30
C VAL B 233 -42.11 -12.58 2.70
N THR B 234 -43.03 -12.97 3.58
CA THR B 234 -43.20 -12.31 4.91
C THR B 234 -42.64 -13.23 6.00
N ASN B 235 -42.11 -12.64 7.07
CA ASN B 235 -41.67 -13.38 8.28
C ASN B 235 -41.78 -12.46 9.48
N PHE B 236 -42.85 -12.60 10.26
CA PHE B 236 -43.04 -11.82 11.51
C PHE B 236 -42.50 -12.61 12.71
N LYS B 237 -42.91 -13.86 12.85
CA LYS B 237 -42.73 -14.62 14.11
C LYS B 237 -41.31 -15.23 14.20
N GLY B 238 -40.66 -15.49 13.06
CA GLY B 238 -39.24 -15.92 13.06
C GLY B 238 -39.03 -17.31 13.63
N GLU B 239 -40.04 -18.18 13.53
CA GLU B 239 -39.92 -19.59 14.03
C GLU B 239 -38.69 -20.28 13.46
N ASN B 240 -38.32 -20.02 12.19
CA ASN B 240 -37.25 -20.74 11.45
C ASN B 240 -35.93 -19.94 11.42
N ASN B 241 -35.87 -18.85 12.18
CA ASN B 241 -34.68 -17.97 12.28
C ASN B 241 -33.49 -18.78 12.76
N TYR B 242 -32.28 -18.39 12.34
CA TYR B 242 -31.04 -18.91 12.96
C TYR B 242 -31.09 -18.48 14.45
N THR B 243 -30.78 -19.41 15.35
CA THR B 243 -30.80 -19.20 16.82
C THR B 243 -29.37 -18.99 17.29
N VAL B 244 -29.03 -17.79 17.74
CA VAL B 244 -27.73 -17.44 18.39
C VAL B 244 -27.70 -17.90 19.86
N LEU B 245 -28.83 -17.71 20.57
CA LEU B 245 -28.91 -18.00 22.02
C LEU B 245 -30.38 -18.24 22.37
N ASP B 246 -30.64 -19.19 23.24
CA ASP B 246 -32.02 -19.52 23.64
C ASP B 246 -31.90 -19.97 25.08
N VAL B 247 -32.09 -19.07 26.05
CA VAL B 247 -31.77 -19.40 27.45
C VAL B 247 -32.79 -18.84 28.42
N GLU B 248 -33.02 -19.68 29.42
CA GLU B 248 -33.82 -19.41 30.62
C GLU B 248 -32.93 -18.81 31.71
N GLY B 249 -33.33 -17.69 32.30
CA GLY B 249 -32.77 -17.14 33.54
C GLY B 249 -32.90 -15.63 33.61
N THR B 250 -32.04 -14.97 34.38
CA THR B 250 -32.02 -13.50 34.60
C THR B 250 -30.61 -12.98 34.30
N GLY B 251 -30.47 -12.12 33.30
CA GLY B 251 -29.13 -11.67 32.89
C GLY B 251 -29.19 -10.71 31.73
N HIS B 252 -28.12 -10.69 30.95
CA HIS B 252 -28.02 -9.86 29.74
C HIS B 252 -27.03 -10.49 28.75
N TYR B 253 -27.44 -10.51 27.49
CA TYR B 253 -26.63 -10.85 26.30
C TYR B 253 -25.67 -9.71 26.02
N VAL B 254 -24.41 -10.02 25.80
CA VAL B 254 -23.38 -8.98 25.54
C VAL B 254 -22.75 -9.21 24.16
N GLY B 255 -23.25 -10.15 23.36
CA GLY B 255 -22.92 -10.12 21.91
C GLY B 255 -22.50 -11.45 21.36
N CYS B 256 -21.91 -11.45 20.15
CA CYS B 256 -21.62 -12.67 19.40
C CYS B 256 -20.52 -12.45 18.40
N ASN B 257 -19.98 -13.56 17.97
CA ASN B 257 -19.26 -13.66 16.69
C ASN B 257 -20.15 -14.53 15.80
N LEU B 258 -20.03 -14.37 14.50
CA LEU B 258 -20.84 -15.12 13.51
C LEU B 258 -19.97 -15.41 12.30
N THR B 259 -19.79 -16.70 11.99
CA THR B 259 -19.06 -17.19 10.82
C THR B 259 -20.08 -17.64 9.79
N VAL B 260 -20.03 -17.06 8.59
CA VAL B 260 -20.97 -17.44 7.51
C VAL B 260 -20.16 -17.86 6.28
N LYS B 261 -20.39 -19.10 5.81
CA LYS B 261 -19.94 -19.51 4.46
C LYS B 261 -21.13 -19.40 3.51
N HIS B 262 -21.02 -18.49 2.55
CA HIS B 262 -22.08 -18.13 1.58
C HIS B 262 -21.89 -18.91 0.27
N PHE B 263 -22.93 -19.61 -0.20
CA PHE B 263 -22.83 -20.53 -1.35
C PHE B 263 -23.20 -19.86 -2.69
N GLN B 264 -24.20 -18.98 -2.75
CA GLN B 264 -24.67 -18.60 -4.11
C GLN B 264 -23.88 -17.42 -4.72
N GLY B 265 -23.01 -16.73 -3.98
CA GLY B 265 -22.17 -15.64 -4.56
C GLY B 265 -22.95 -14.36 -4.84
N SER B 266 -23.91 -14.02 -3.98
CA SER B 266 -24.64 -12.74 -4.04
C SER B 266 -24.46 -12.01 -2.70
N TRP B 267 -25.38 -12.18 -1.77
CA TRP B 267 -25.29 -11.53 -0.44
C TRP B 267 -26.03 -12.39 0.60
N TRP B 268 -25.32 -12.74 1.68
CA TRP B 268 -25.78 -13.70 2.70
C TRP B 268 -26.59 -12.99 3.78
N GLY B 269 -26.68 -11.64 3.75
CA GLY B 269 -26.91 -10.84 4.98
C GLY B 269 -28.19 -10.01 4.99
N GLU B 270 -29.27 -10.38 4.30
CA GLU B 270 -30.51 -9.54 4.30
C GLU B 270 -31.37 -9.83 5.55
N GLY B 271 -30.99 -10.88 6.27
CA GLY B 271 -31.79 -11.36 7.40
C GLY B 271 -31.70 -10.40 8.56
N ASN B 272 -32.83 -10.15 9.20
CA ASN B 272 -32.96 -9.26 10.38
C ASN B 272 -32.67 -9.99 11.67
N ASP B 273 -31.92 -9.37 12.58
CA ASP B 273 -31.89 -9.77 14.00
C ASP B 273 -33.29 -9.58 14.58
N MET B 274 -33.72 -10.55 15.39
CA MET B 274 -35.04 -10.55 16.07
C MET B 274 -34.85 -11.14 17.46
N PHE B 275 -35.02 -10.30 18.48
CA PHE B 275 -34.86 -10.67 19.90
C PHE B 275 -36.23 -10.87 20.52
N PHE B 276 -36.37 -11.99 21.24
CA PHE B 276 -37.59 -12.38 21.98
C PHE B 276 -37.24 -12.34 23.45
N ILE B 277 -37.79 -11.37 24.15
CA ILE B 277 -37.50 -11.13 25.59
C ILE B 277 -38.64 -11.70 26.43
N ASP B 278 -38.29 -12.48 27.46
CA ASP B 278 -39.18 -13.01 28.53
C ASP B 278 -40.35 -13.79 27.93
N GLY B 279 -40.13 -14.61 26.90
CA GLY B 279 -41.13 -15.56 26.36
C GLY B 279 -42.14 -14.94 25.40
N GLU B 280 -42.00 -13.67 25.00
CA GLU B 280 -42.95 -13.02 24.07
C GLU B 280 -43.01 -13.83 22.77
N GLU B 281 -44.19 -13.88 22.15
CA GLU B 281 -44.47 -14.70 20.94
C GLU B 281 -43.84 -14.03 19.71
N TYR B 282 -44.03 -12.72 19.59
CA TYR B 282 -43.47 -11.87 18.52
C TYR B 282 -42.29 -11.08 19.07
N PRO B 283 -41.19 -10.90 18.29
CA PRO B 283 -39.97 -10.25 18.80
C PRO B 283 -40.24 -8.78 19.13
N SER B 284 -39.87 -8.32 20.32
CA SER B 284 -40.00 -6.89 20.69
C SER B 284 -38.87 -6.03 20.07
N LEU B 285 -37.71 -6.61 19.78
CA LEU B 285 -36.59 -5.88 19.12
C LEU B 285 -36.48 -6.39 17.68
N ASN B 286 -36.92 -5.59 16.72
CA ASN B 286 -36.82 -5.93 15.29
C ASN B 286 -35.62 -5.18 14.68
N GLY B 287 -34.70 -5.93 14.07
CA GLY B 287 -33.59 -5.37 13.28
C GLY B 287 -33.98 -5.18 11.82
N THR B 288 -33.01 -4.84 10.98
CA THR B 288 -33.23 -4.46 9.56
C THR B 288 -32.41 -5.33 8.59
N GLY B 289 -31.32 -5.92 9.07
CA GLY B 289 -30.42 -6.72 8.22
C GLY B 289 -29.24 -7.23 9.03
N THR B 290 -28.46 -8.16 8.47
CA THR B 290 -27.38 -8.80 9.26
C THR B 290 -26.18 -7.84 9.40
N GLU B 291 -25.76 -7.16 8.33
CA GLU B 291 -24.64 -6.18 8.39
C GLU B 291 -25.11 -5.00 9.25
N ASP B 292 -26.41 -4.69 9.19
CA ASP B 292 -27.03 -3.63 10.01
C ASP B 292 -26.85 -4.01 11.48
N TYR B 293 -27.11 -5.26 11.83
CA TYR B 293 -26.89 -5.74 13.23
C TYR B 293 -25.40 -5.54 13.61
N PHE B 294 -24.48 -5.87 12.71
CA PHE B 294 -23.01 -5.70 12.89
C PHE B 294 -22.61 -4.22 12.73
N ASN B 295 -23.58 -3.31 12.56
CA ASN B 295 -23.34 -1.84 12.50
C ASN B 295 -22.43 -1.48 11.33
N HIS B 296 -22.39 -2.31 10.28
CA HIS B 296 -21.92 -1.94 8.92
C HIS B 296 -23.14 -1.61 8.04
N ALA B 297 -22.93 -1.36 6.74
CA ALA B 297 -24.04 -1.06 5.80
C ALA B 297 -23.58 -1.30 4.37
N TRP B 298 -24.48 -1.76 3.49
CA TRP B 298 -24.19 -2.00 2.06
C TRP B 298 -23.11 -3.09 2.00
N GLY B 299 -23.38 -4.18 2.71
CA GLY B 299 -22.39 -5.25 2.93
C GLY B 299 -21.58 -5.02 4.20
N MET B 300 -20.60 -5.89 4.44
CA MET B 300 -19.65 -5.70 5.57
C MET B 300 -18.44 -4.94 5.03
N GLN B 301 -17.79 -4.16 5.89
CA GLN B 301 -16.53 -3.43 5.59
C GLN B 301 -15.33 -4.08 6.29
N ARG B 302 -14.11 -3.85 5.77
CA ARG B 302 -12.82 -4.22 6.41
C ARG B 302 -12.56 -3.23 7.55
N ASN B 303 -13.48 -3.16 8.50
CA ASN B 303 -13.36 -2.33 9.73
C ASN B 303 -13.56 -3.24 10.93
N ALA B 304 -12.77 -3.05 11.99
CA ALA B 304 -12.99 -3.70 13.31
C ALA B 304 -12.87 -2.61 14.39
N TYR B 305 -14.03 -2.25 14.95
CA TYR B 305 -14.21 -1.10 15.88
C TYR B 305 -14.45 -1.67 17.27
N PRO B 306 -14.38 -0.84 18.32
CA PRO B 306 -14.46 -1.34 19.69
C PRO B 306 -15.69 -2.22 19.99
N PHE B 307 -16.83 -1.97 19.35
CA PHE B 307 -18.08 -2.71 19.66
C PHE B 307 -18.59 -3.57 18.49
N PHE B 308 -17.94 -3.62 17.34
CA PHE B 308 -18.49 -4.39 16.21
C PHE B 308 -17.50 -4.39 15.04
N GLY B 309 -17.62 -5.40 14.18
CA GLY B 309 -17.12 -5.32 12.80
C GLY B 309 -16.71 -6.67 12.25
N THR B 310 -15.72 -6.62 11.40
CA THR B 310 -15.29 -7.73 10.56
C THR B 310 -13.97 -8.26 11.13
N ILE B 311 -13.90 -9.57 11.35
CA ILE B 311 -12.63 -10.25 11.72
C ILE B 311 -12.01 -10.82 10.45
N VAL B 312 -12.83 -11.48 9.63
CA VAL B 312 -12.39 -12.01 8.33
C VAL B 312 -13.42 -11.56 7.30
N HIS B 313 -12.94 -10.89 6.25
CA HIS B 313 -13.79 -10.31 5.19
C HIS B 313 -13.96 -11.31 4.05
N GLU B 314 -15.21 -11.52 3.65
CA GLU B 314 -15.59 -12.38 2.51
C GLU B 314 -14.74 -12.06 1.28
N GLY B 315 -14.46 -10.78 1.02
CA GLY B 315 -13.60 -10.32 -0.09
C GLY B 315 -12.19 -10.91 -0.10
N ASP B 316 -11.76 -11.53 1.02
CA ASP B 316 -10.36 -12.00 1.21
C ASP B 316 -10.30 -13.54 1.22
N THR B 317 -11.44 -14.22 1.10
CA THR B 317 -11.55 -15.69 1.33
C THR B 317 -12.34 -16.35 0.20
N ASP B 318 -12.46 -17.67 0.30
CA ASP B 318 -13.34 -18.53 -0.54
C ASP B 318 -14.77 -18.54 0.03
N GLY B 319 -15.44 -17.38 0.06
CA GLY B 319 -16.88 -17.21 0.35
C GLY B 319 -17.27 -17.15 1.84
N PHE B 320 -16.35 -16.89 2.76
CA PHE B 320 -16.77 -16.86 4.18
C PHE B 320 -16.33 -15.58 4.88
N GLN B 321 -17.18 -15.18 5.83
CA GLN B 321 -17.07 -13.94 6.62
C GLN B 321 -17.09 -14.30 8.11
N VAL B 322 -16.28 -13.63 8.92
CA VAL B 322 -16.41 -13.67 10.40
C VAL B 322 -16.64 -12.25 10.90
N SER B 323 -17.67 -12.07 11.71
CA SER B 323 -18.12 -10.74 12.18
C SER B 323 -18.34 -10.80 13.69
N TYR B 324 -18.43 -9.67 14.36
CA TYR B 324 -18.73 -9.61 15.81
C TYR B 324 -19.48 -8.34 16.16
N ARG B 325 -20.21 -8.42 17.25
CA ARG B 325 -20.80 -7.23 17.91
C ARG B 325 -20.78 -7.46 19.40
N TRP B 326 -20.37 -6.45 20.13
CA TRP B 326 -20.40 -6.43 21.62
C TRP B 326 -21.49 -5.46 22.04
N HIS B 327 -22.35 -5.89 22.95
CA HIS B 327 -23.37 -5.04 23.61
C HIS B 327 -22.90 -4.84 25.05
N ILE B 328 -21.89 -3.98 25.21
CA ILE B 328 -21.24 -3.70 26.52
C ILE B 328 -21.96 -2.55 27.23
N THR B 329 -22.26 -1.45 26.54
CA THR B 329 -22.97 -0.29 27.13
C THR B 329 -24.44 -0.40 26.78
N ASP B 330 -24.79 -1.30 25.86
CA ASP B 330 -26.15 -1.47 25.31
C ASP B 330 -26.54 -2.94 25.38
N PRO B 331 -26.36 -3.62 26.54
CA PRO B 331 -26.66 -5.04 26.62
C PRO B 331 -28.15 -5.33 26.39
N VAL B 332 -28.49 -6.56 25.97
CA VAL B 332 -29.91 -6.97 25.84
C VAL B 332 -30.24 -7.79 27.08
N ARG B 333 -31.03 -7.17 27.95
CA ARG B 333 -31.41 -7.69 29.27
C ARG B 333 -32.62 -8.62 29.13
N PHE B 334 -32.70 -9.57 30.07
CA PHE B 334 -33.88 -10.43 30.26
C PHE B 334 -34.03 -10.76 31.77
N GLU B 335 -35.30 -10.87 32.21
CA GLU B 335 -35.71 -11.26 33.59
C GLU B 335 -35.96 -12.77 33.66
N LYS B 336 -36.49 -13.39 32.60
CA LYS B 336 -36.89 -14.81 32.63
C LYS B 336 -36.29 -15.60 31.47
N HIS B 337 -36.15 -14.99 30.30
CA HIS B 337 -35.75 -15.73 29.08
C HIS B 337 -35.27 -14.76 28.00
N LEU B 338 -34.30 -15.20 27.19
CA LEU B 338 -33.88 -14.48 25.96
C LEU B 338 -33.71 -15.47 24.83
N LYS B 339 -34.31 -15.16 23.70
CA LYS B 339 -33.98 -15.83 22.43
C LYS B 339 -33.37 -14.79 21.50
N VAL B 340 -32.14 -15.05 21.03
CA VAL B 340 -31.42 -14.14 20.09
C VAL B 340 -31.45 -14.85 18.75
N THR B 341 -32.12 -14.27 17.75
CA THR B 341 -32.25 -14.89 16.41
C THR B 341 -31.88 -13.89 15.33
N ILE B 342 -31.56 -14.42 14.16
CA ILE B 342 -31.24 -13.67 12.91
C ILE B 342 -31.87 -14.49 11.80
N GLU B 343 -32.68 -13.85 10.95
CA GLU B 343 -33.16 -14.55 9.73
C GLU B 343 -31.92 -14.97 8.90
N HIS B 344 -31.86 -16.22 8.45
CA HIS B 344 -30.74 -16.70 7.59
C HIS B 344 -31.06 -16.35 6.14
N GLY B 345 -30.71 -15.14 5.70
CA GLY B 345 -31.28 -14.51 4.51
C GLY B 345 -32.65 -13.95 4.85
N HIS B 346 -33.15 -13.06 4.03
CA HIS B 346 -34.51 -12.50 4.20
C HIS B 346 -35.47 -13.69 4.37
N ALA B 347 -36.27 -13.65 5.41
CA ALA B 347 -37.36 -14.63 5.68
C ALA B 347 -36.78 -16.05 5.62
N ASN B 348 -35.52 -16.21 5.99
CA ASN B 348 -34.87 -17.55 6.05
C ASN B 348 -34.87 -18.19 4.65
N GLN B 349 -34.65 -17.40 3.59
CA GLN B 349 -34.48 -17.88 2.21
C GLN B 349 -33.32 -18.89 2.11
N LEU B 350 -32.20 -18.61 2.77
CA LEU B 350 -30.90 -19.15 2.33
C LEU B 350 -30.51 -20.41 3.11
N SER B 351 -29.57 -21.17 2.56
CA SER B 351 -29.18 -22.49 3.08
C SER B 351 -27.68 -22.49 3.35
N ASP B 352 -27.15 -21.38 3.86
CA ASP B 352 -25.68 -21.18 3.98
C ASP B 352 -25.21 -21.93 5.23
N ASP B 353 -23.90 -21.87 5.47
CA ASP B 353 -23.25 -22.45 6.68
C ASP B 353 -23.03 -21.33 7.70
N TRP B 354 -23.80 -21.33 8.79
CA TRP B 354 -23.78 -20.31 9.86
C TRP B 354 -23.34 -20.99 11.16
N SER B 355 -22.35 -20.42 11.84
CA SER B 355 -21.99 -20.81 13.24
C SER B 355 -21.75 -19.54 14.03
N SER B 356 -21.95 -19.61 15.33
CA SER B 356 -22.00 -18.43 16.21
C SER B 356 -21.49 -18.80 17.61
N THR B 357 -20.78 -17.87 18.24
CA THR B 357 -20.52 -17.88 19.70
C THR B 357 -21.40 -16.80 20.33
N ALA B 358 -22.25 -17.16 21.30
CA ALA B 358 -23.12 -16.24 22.06
C ALA B 358 -22.44 -16.01 23.40
N TYR B 359 -22.41 -14.75 23.84
CA TYR B 359 -21.78 -14.37 25.12
C TYR B 359 -22.84 -13.68 25.96
N TRP B 360 -22.96 -14.07 27.22
CA TRP B 360 -23.99 -13.43 28.07
C TRP B 360 -23.55 -13.55 29.53
N TYR B 361 -24.13 -12.75 30.41
CA TYR B 361 -23.95 -12.89 31.87
C TYR B 361 -25.31 -13.23 32.45
N GLN B 362 -25.37 -14.02 33.52
CA GLN B 362 -26.64 -14.38 34.22
C GLN B 362 -26.34 -14.75 35.66
N ILE B 363 -27.31 -14.51 36.54
CA ILE B 363 -27.28 -15.04 37.92
C ILE B 363 -27.38 -16.57 37.80
N LEU B 364 -26.72 -17.28 38.69
CA LEU B 364 -26.81 -18.76 38.73
C LEU B 364 -28.19 -19.13 39.27
N PRO B 365 -28.76 -20.31 38.96
CA PRO B 365 -28.08 -21.34 38.16
C PRO B 365 -28.11 -21.19 36.64
N THR B 366 -27.13 -21.78 35.95
CA THR B 366 -27.25 -22.19 34.54
C THR B 366 -28.40 -23.22 34.50
N ALA B 367 -29.53 -22.91 33.85
CA ALA B 367 -30.79 -23.67 33.98
C ALA B 367 -30.67 -25.03 33.31
N SER B 368 -30.23 -25.03 32.04
CA SER B 368 -30.08 -26.19 31.13
C SER B 368 -28.59 -26.38 30.82
N ARG B 369 -28.17 -27.64 30.69
CA ARG B 369 -26.81 -28.04 30.29
C ARG B 369 -26.45 -27.34 28.97
N ILE B 370 -25.31 -26.64 28.95
CA ILE B 370 -24.77 -26.14 27.66
C ILE B 370 -24.17 -27.33 26.90
N THR B 371 -24.61 -27.56 25.67
CA THR B 371 -24.17 -28.71 24.85
C THR B 371 -23.37 -28.20 23.66
N ILE B 372 -22.60 -29.08 23.03
CA ILE B 372 -21.88 -28.69 21.80
C ILE B 372 -22.01 -29.80 20.79
N ALA B 373 -22.05 -29.41 19.54
CA ALA B 373 -22.11 -30.35 18.41
C ALA B 373 -20.81 -31.12 18.47
N PRO B 374 -20.82 -32.42 18.09
CA PRO B 374 -19.61 -33.21 18.10
C PRO B 374 -18.67 -32.72 16.99
N VAL B 375 -17.43 -33.18 17.11
CA VAL B 375 -16.28 -32.62 16.36
C VAL B 375 -16.57 -32.73 14.86
N GLU B 376 -17.19 -33.84 14.41
CA GLU B 376 -17.47 -34.05 12.97
C GLU B 376 -18.39 -32.93 12.45
N ASP B 377 -19.13 -32.23 13.31
CA ASP B 377 -20.11 -31.19 12.88
C ASP B 377 -19.50 -29.79 13.06
N ARG B 378 -18.25 -29.69 13.48
CA ARG B 378 -17.59 -28.40 13.80
C ARG B 378 -16.55 -28.00 12.74
N LEU B 379 -16.34 -28.82 11.70
CA LEU B 379 -15.25 -28.56 10.73
C LEU B 379 -15.71 -27.59 9.64
N PRO B 380 -14.85 -26.62 9.26
CA PRO B 380 -15.12 -25.77 8.11
C PRO B 380 -15.47 -26.62 6.86
N VAL B 381 -16.36 -26.09 6.04
CA VAL B 381 -16.71 -26.66 4.71
C VAL B 381 -15.69 -26.10 3.73
N VAL B 382 -14.90 -26.97 3.11
CA VAL B 382 -13.81 -26.56 2.19
C VAL B 382 -13.95 -27.37 0.92
N PRO B 383 -13.69 -26.78 -0.26
CA PRO B 383 -13.68 -27.57 -1.48
C PRO B 383 -12.51 -28.55 -1.42
N GLN B 384 -12.60 -29.67 -2.12
CA GLN B 384 -11.55 -30.71 -2.09
C GLN B 384 -11.14 -31.02 -3.54
N LEU B 385 -9.84 -31.14 -3.77
CA LEU B 385 -9.29 -31.53 -5.09
C LEU B 385 -9.80 -32.91 -5.46
N PRO B 386 -9.93 -33.23 -6.76
CA PRO B 386 -10.30 -34.60 -7.14
C PRO B 386 -9.18 -35.57 -6.74
N GLU B 387 -9.54 -36.81 -6.36
CA GLU B 387 -8.58 -37.92 -6.11
C GLU B 387 -7.57 -37.94 -7.27
N ARG B 388 -6.29 -37.97 -6.96
CA ARG B 388 -5.23 -37.84 -8.01
C ARG B 388 -4.93 -39.20 -8.62
N LYS B 389 -4.99 -40.26 -7.81
CA LYS B 389 -4.61 -41.66 -8.15
C LYS B 389 -3.38 -41.63 -9.08
N LEU B 390 -2.24 -41.23 -8.51
CA LEU B 390 -0.93 -41.21 -9.21
C LEU B 390 -0.47 -42.66 -9.39
N VAL B 391 0.18 -42.92 -10.52
CA VAL B 391 0.88 -44.19 -10.80
C VAL B 391 2.34 -43.80 -11.00
N LEU B 392 3.24 -44.46 -10.27
CA LEU B 392 4.70 -44.31 -10.45
C LEU B 392 5.08 -44.78 -11.85
N PRO B 393 6.01 -44.08 -12.55
CA PRO B 393 6.55 -44.62 -13.79
C PRO B 393 7.47 -45.81 -13.46
N GLN B 394 7.97 -46.48 -14.49
CA GLN B 394 9.07 -47.45 -14.34
C GLN B 394 10.25 -46.72 -13.67
N LEU B 395 10.76 -47.25 -12.57
CA LEU B 395 11.81 -46.55 -11.78
C LEU B 395 13.16 -47.12 -12.18
N THR B 396 14.17 -46.28 -12.31
CA THR B 396 15.60 -46.68 -12.30
C THR B 396 15.89 -47.29 -10.92
N GLU B 397 16.98 -48.04 -10.82
CA GLU B 397 17.50 -48.63 -9.56
C GLU B 397 17.81 -47.50 -8.59
N GLU B 398 18.41 -46.42 -9.12
CA GLU B 398 18.78 -45.21 -8.36
C GLU B 398 17.51 -44.55 -7.77
N GLN B 399 16.46 -44.35 -8.56
CA GLN B 399 15.17 -43.79 -8.04
C GLN B 399 14.57 -44.71 -6.98
N GLN B 400 14.59 -46.03 -7.18
CA GLN B 400 14.01 -46.98 -6.17
C GLN B 400 14.82 -46.89 -4.87
N ALA B 401 16.14 -46.82 -4.94
CA ALA B 401 17.05 -46.75 -3.78
C ALA B 401 16.79 -45.43 -3.04
N ALA B 402 16.57 -44.34 -3.79
CA ALA B 402 16.18 -43.03 -3.23
C ALA B 402 14.91 -43.23 -2.41
N ARG B 403 13.88 -43.86 -2.97
CA ARG B 403 12.56 -44.03 -2.31
C ARG B 403 12.78 -44.90 -1.05
N ASP B 404 13.58 -45.94 -1.17
CA ASP B 404 13.82 -46.90 -0.04
C ASP B 404 14.57 -46.18 1.09
N THR B 405 15.63 -45.45 0.77
CA THR B 405 16.45 -44.69 1.75
C THR B 405 15.54 -43.70 2.51
N TYR B 406 14.66 -43.00 1.79
CA TYR B 406 13.75 -41.98 2.37
C TYR B 406 12.77 -42.71 3.30
N GLN B 407 12.14 -43.81 2.82
CA GLN B 407 11.17 -44.57 3.64
C GLN B 407 11.87 -45.02 4.94
N LYS B 408 13.12 -45.43 4.82
CA LYS B 408 13.92 -45.94 5.96
C LYS B 408 14.10 -44.79 6.95
N ARG B 409 14.43 -43.59 6.45
CA ARG B 409 14.61 -42.39 7.32
C ARG B 409 13.30 -42.14 8.05
N TRP B 410 12.19 -42.23 7.33
CA TRP B 410 10.84 -41.91 7.88
C TRP B 410 10.49 -42.92 8.99
N LYS B 411 10.77 -44.19 8.74
CA LYS B 411 10.38 -45.28 9.69
C LYS B 411 11.14 -45.03 11.00
N ASP B 412 12.39 -44.59 10.89
CA ASP B 412 13.27 -44.28 12.04
C ASP B 412 12.78 -42.98 12.73
N TYR B 413 12.46 -41.97 11.93
CA TYR B 413 12.26 -40.59 12.43
C TYR B 413 10.92 -40.42 13.14
N GLU B 414 9.81 -40.88 12.57
CA GLU B 414 8.47 -40.54 13.13
C GLU B 414 8.32 -40.99 14.59
N PRO B 415 8.70 -42.23 14.97
CA PRO B 415 8.57 -42.67 16.36
C PRO B 415 9.41 -41.83 17.32
N ARG B 416 10.57 -41.34 16.86
CA ARG B 416 11.42 -40.46 17.70
C ARG B 416 10.66 -39.16 17.99
N ARG B 417 9.93 -38.62 17.00
CA ARG B 417 9.13 -37.39 17.23
C ARG B 417 7.97 -37.75 18.14
N ASP B 418 7.33 -38.90 17.92
CA ASP B 418 6.19 -39.33 18.79
C ASP B 418 6.66 -39.32 20.26
N THR B 419 7.83 -39.91 20.54
CA THR B 419 8.40 -40.00 21.90
C THR B 419 8.47 -38.60 22.54
N GLN B 420 8.98 -37.63 21.81
CA GLN B 420 9.16 -36.25 22.31
C GLN B 420 7.79 -35.61 22.58
N PHE B 421 6.76 -35.88 21.75
CA PHE B 421 5.38 -35.38 22.05
C PHE B 421 4.93 -35.97 23.39
N ARG B 422 5.14 -37.27 23.58
CA ARG B 422 4.66 -37.99 24.78
C ARG B 422 5.31 -37.38 26.04
N ILE B 423 6.59 -37.05 26.01
CA ILE B 423 7.28 -36.47 27.20
C ILE B 423 6.62 -35.13 27.51
N LYS B 424 6.40 -34.29 26.49
CA LYS B 424 5.81 -32.94 26.71
C LYS B 424 4.37 -33.06 27.22
N GLU B 425 3.64 -34.05 26.76
CA GLU B 425 2.29 -34.35 27.29
C GLU B 425 2.39 -34.70 28.79
N ASP B 426 3.39 -35.48 29.20
CA ASP B 426 3.54 -35.81 30.65
C ASP B 426 3.73 -34.52 31.44
N LYS B 427 4.50 -33.57 30.88
CA LYS B 427 4.76 -32.27 31.54
C LYS B 427 3.43 -31.55 31.73
N ALA B 428 2.61 -31.47 30.69
CA ALA B 428 1.31 -30.73 30.76
C ALA B 428 0.46 -31.33 31.87
N ARG B 429 0.36 -32.65 31.94
CA ARG B 429 -0.53 -33.32 32.92
C ARG B 429 -0.04 -32.98 34.33
N ARG B 430 1.29 -33.00 34.50
CA ARG B 430 1.98 -32.71 35.80
C ARG B 430 1.72 -31.26 36.18
N GLU B 431 1.87 -30.33 35.23
CA GLU B 431 1.77 -28.88 35.56
C GLU B 431 0.28 -28.56 35.74
N SER B 432 -0.62 -29.31 35.10
CA SER B 432 -2.07 -29.16 35.37
C SER B 432 -2.34 -29.28 36.87
N LYS B 433 -1.84 -30.34 37.49
CA LYS B 433 -2.00 -30.59 38.94
C LYS B 433 -1.30 -29.49 39.75
N LEU B 434 -0.09 -29.09 39.36
CA LEU B 434 0.71 -28.11 40.12
C LEU B 434 -0.02 -26.75 40.06
N ASN B 435 -0.62 -26.39 38.91
CA ASN B 435 -1.35 -25.08 38.81
C ASN B 435 -2.44 -25.00 39.89
N THR B 436 -3.22 -26.07 40.04
CA THR B 436 -4.37 -26.08 40.99
C THR B 436 -3.80 -26.11 42.41
N GLU B 437 -2.71 -26.85 42.67
CA GLU B 437 -2.16 -26.90 44.06
C GLU B 437 -1.66 -25.50 44.44
N PHE B 438 -0.94 -24.83 43.54
CA PHE B 438 -0.37 -23.50 43.85
C PHE B 438 -1.51 -22.50 44.02
N ALA B 439 -2.57 -22.57 43.21
CA ALA B 439 -3.76 -21.69 43.34
C ALA B 439 -4.41 -21.86 44.72
N LYS B 440 -4.45 -23.09 45.24
CA LYS B 440 -5.04 -23.42 46.56
C LYS B 440 -4.12 -22.83 47.66
N LYS B 441 -2.82 -22.97 47.52
CA LYS B 441 -1.85 -22.45 48.54
C LYS B 441 -1.97 -20.93 48.57
N LEU B 442 -2.12 -20.31 47.41
CA LEU B 442 -2.27 -18.84 47.31
C LEU B 442 -3.60 -18.45 47.98
N ARG B 443 -4.70 -19.12 47.65
CA ARG B 443 -6.01 -18.82 48.28
C ARG B 443 -5.90 -18.83 49.83
N ASP B 444 -5.33 -19.91 50.37
CA ASP B 444 -5.28 -20.21 51.82
C ASP B 444 -4.34 -19.20 52.52
N ALA B 445 -3.22 -18.86 51.91
CA ALA B 445 -2.27 -17.84 52.43
C ALA B 445 -2.96 -16.46 52.49
N PHE B 446 -3.64 -16.07 51.41
CA PHE B 446 -4.40 -14.80 51.34
C PHE B 446 -5.45 -14.81 52.46
N ASP B 447 -6.16 -15.93 52.61
CA ASP B 447 -7.32 -16.02 53.54
C ASP B 447 -6.80 -15.95 55.00
N ALA B 448 -5.68 -16.61 55.30
CA ALA B 448 -4.98 -16.56 56.61
C ALA B 448 -4.57 -15.11 56.96
N GLU B 449 -4.20 -14.29 55.98
CA GLU B 449 -3.66 -12.91 56.19
C GLU B 449 -4.57 -12.11 57.13
N ILE C 4 10.62 -6.14 -43.87
CA ILE C 4 10.14 -6.17 -42.44
C ILE C 4 11.00 -5.21 -41.63
N THR C 5 10.41 -4.28 -40.90
CA THR C 5 11.16 -3.23 -40.15
C THR C 5 10.83 -3.25 -38.65
N GLY C 6 11.64 -2.51 -37.87
CA GLY C 6 11.45 -2.31 -36.41
C GLY C 6 12.26 -3.27 -35.57
N LEU C 7 12.16 -3.12 -34.25
CA LEU C 7 13.10 -3.77 -33.29
C LEU C 7 12.90 -5.29 -33.26
N PHE C 8 11.78 -5.82 -33.78
CA PHE C 8 11.60 -7.30 -33.82
C PHE C 8 12.04 -7.89 -35.17
N LYS C 9 12.51 -7.11 -36.14
CA LYS C 9 12.60 -7.59 -37.55
C LYS C 9 13.53 -8.81 -37.65
N ASP C 10 14.61 -8.87 -36.88
CA ASP C 10 15.63 -9.95 -37.02
C ASP C 10 15.03 -11.30 -36.61
N LEU C 11 13.92 -11.34 -35.90
CA LEU C 11 13.20 -12.60 -35.61
C LEU C 11 12.62 -13.20 -36.92
N THR C 12 12.47 -12.43 -37.99
CA THR C 12 11.80 -12.93 -39.23
C THR C 12 12.83 -13.48 -40.24
N LYS C 13 14.09 -13.66 -39.81
CA LYS C 13 15.22 -14.12 -40.66
C LYS C 13 16.03 -15.17 -39.89
N VAL C 14 16.34 -16.30 -40.52
CA VAL C 14 17.13 -17.36 -39.85
C VAL C 14 18.62 -16.99 -39.98
N LYS C 15 19.43 -17.43 -39.02
CA LYS C 15 20.88 -17.16 -38.93
C LYS C 15 21.54 -18.51 -38.70
N HIS C 16 22.62 -18.81 -39.44
CA HIS C 16 23.33 -20.11 -39.37
C HIS C 16 24.39 -19.99 -38.28
N ALA C 17 23.91 -19.89 -37.05
CA ALA C 17 24.72 -19.71 -35.83
C ALA C 17 24.34 -20.80 -34.85
N ARG C 18 25.30 -21.27 -34.06
CA ARG C 18 25.11 -22.40 -33.10
C ARG C 18 25.12 -21.83 -31.66
N ASN C 19 24.02 -22.07 -30.95
CA ASN C 19 23.89 -21.75 -29.50
C ASN C 19 24.86 -22.57 -28.70
N GLY C 20 25.41 -21.94 -27.66
CA GLY C 20 26.19 -22.58 -26.59
C GLY C 20 25.85 -21.93 -25.27
N ARG C 21 26.15 -22.58 -24.16
CA ARG C 21 25.87 -22.00 -22.84
C ARG C 21 26.92 -22.47 -21.85
N LEU C 22 27.58 -21.52 -21.19
CA LEU C 22 28.33 -21.83 -19.95
C LEU C 22 27.34 -21.77 -18.78
N ALA C 23 27.23 -22.86 -18.01
CA ALA C 23 26.33 -22.92 -16.83
C ALA C 23 26.99 -23.65 -15.66
N SER C 24 26.48 -23.37 -14.46
CA SER C 24 26.89 -24.00 -13.18
C SER C 24 26.19 -25.35 -13.00
N TRP C 25 25.66 -25.91 -14.06
CA TRP C 25 24.86 -27.17 -14.03
C TRP C 25 25.65 -28.29 -13.38
N ASP C 26 24.97 -29.09 -12.55
CA ASP C 26 25.57 -30.24 -11.84
C ASP C 26 25.98 -31.30 -12.89
N GLN C 27 27.27 -31.46 -13.10
CA GLN C 27 27.78 -32.40 -14.12
C GLN C 27 27.89 -33.80 -13.49
N ARG C 28 27.39 -33.99 -12.25
CA ARG C 28 27.04 -35.33 -11.71
C ARG C 28 25.61 -35.74 -12.11
N GLY C 29 24.85 -34.86 -12.78
CA GLY C 29 23.43 -35.06 -13.10
C GLY C 29 22.50 -34.81 -11.92
N LYS C 30 23.02 -34.33 -10.79
CA LYS C 30 22.26 -34.20 -9.52
C LYS C 30 21.72 -32.77 -9.41
N ASN C 31 21.31 -32.33 -8.22
CA ASN C 31 20.63 -31.02 -8.06
C ASN C 31 21.52 -29.99 -7.37
N GLN C 32 22.84 -30.09 -7.50
CA GLN C 32 23.76 -29.00 -7.08
C GLN C 32 24.15 -28.21 -8.33
N ASP C 33 23.21 -27.45 -8.89
CA ASP C 33 23.41 -26.74 -10.19
C ASP C 33 24.04 -25.38 -9.94
N TYR C 34 25.02 -25.36 -9.04
CA TYR C 34 25.75 -24.15 -8.59
C TYR C 34 27.21 -24.54 -8.33
N TRP C 35 28.09 -23.53 -8.33
CA TRP C 35 29.50 -23.67 -7.93
C TRP C 35 29.75 -23.02 -6.57
N GLU C 36 30.44 -23.74 -5.69
CA GLU C 36 31.04 -23.15 -4.46
C GLU C 36 32.37 -22.53 -4.87
N ILE C 37 32.36 -21.20 -5.07
CA ILE C 37 33.55 -20.42 -5.47
C ILE C 37 34.47 -20.38 -4.25
N PRO C 38 35.69 -20.95 -4.34
CA PRO C 38 36.62 -20.97 -3.21
C PRO C 38 37.07 -19.58 -2.74
N ALA C 39 37.40 -19.46 -1.45
CA ALA C 39 38.01 -18.24 -0.85
C ALA C 39 39.35 -17.96 -1.50
N GLY C 40 39.65 -16.69 -1.82
CA GLY C 40 41.00 -16.23 -2.20
C GLY C 40 41.49 -16.89 -3.47
N GLU C 41 40.59 -17.19 -4.41
CA GLU C 41 40.90 -17.89 -5.68
C GLU C 41 40.13 -17.26 -6.82
N SER C 42 40.68 -17.37 -8.03
CA SER C 42 39.98 -17.06 -9.29
C SER C 42 39.43 -18.35 -9.87
N ILE C 43 38.26 -18.34 -10.48
CA ILE C 43 37.76 -19.57 -11.16
C ILE C 43 37.20 -19.16 -12.51
N THR C 44 37.47 -19.97 -13.54
CA THR C 44 37.04 -19.70 -14.92
C THR C 44 35.66 -20.31 -15.11
N LEU C 45 34.65 -19.47 -15.37
CA LEU C 45 33.26 -19.93 -15.64
C LEU C 45 33.23 -20.63 -17.00
N GLY C 46 34.07 -20.15 -17.93
CA GLY C 46 34.48 -20.91 -19.12
C GLY C 46 35.30 -20.07 -20.08
N GLU C 47 36.00 -20.74 -21.01
CA GLU C 47 36.63 -20.09 -22.18
C GLU C 47 35.89 -20.58 -23.42
N ILE C 48 35.59 -19.64 -24.31
CA ILE C 48 34.84 -19.89 -25.59
C ILE C 48 35.73 -19.43 -26.72
N GLU C 49 35.93 -20.32 -27.69
CA GLU C 49 36.63 -19.96 -28.97
C GLU C 49 35.65 -19.23 -29.88
N GLY C 50 36.02 -18.04 -30.35
CA GLY C 50 35.23 -17.24 -31.31
C GLY C 50 35.40 -17.79 -32.72
N PRO C 51 34.75 -17.21 -33.75
CA PRO C 51 33.90 -16.03 -33.58
C PRO C 51 32.57 -16.39 -32.92
N GLY C 52 32.08 -15.47 -32.10
CA GLY C 52 30.81 -15.64 -31.40
C GLY C 52 30.40 -14.37 -30.67
N CYS C 53 29.34 -14.47 -29.88
CA CYS C 53 28.74 -13.31 -29.16
C CYS C 53 28.01 -13.80 -27.91
N ILE C 54 28.36 -13.28 -26.74
CA ILE C 54 27.53 -13.43 -25.52
C ILE C 54 26.22 -12.67 -25.78
N THR C 55 25.08 -13.33 -25.59
CA THR C 55 23.72 -12.77 -25.83
C THR C 55 22.96 -12.55 -24.51
N HIS C 56 23.33 -13.26 -23.45
CA HIS C 56 22.55 -13.30 -22.20
C HIS C 56 23.38 -13.86 -21.04
N MET C 57 23.28 -13.23 -19.89
CA MET C 57 23.89 -13.74 -18.64
C MET C 57 22.80 -13.67 -17.57
N TRP C 58 22.65 -14.75 -16.83
CA TRP C 58 21.81 -14.80 -15.62
C TRP C 58 22.68 -15.38 -14.53
N MET C 59 22.63 -14.79 -13.34
CA MET C 59 23.31 -15.38 -12.16
C MET C 59 22.47 -15.15 -10.90
N THR C 60 22.76 -15.95 -9.89
CA THR C 60 22.38 -15.66 -8.47
C THR C 60 23.49 -16.21 -7.59
N SER C 61 23.45 -15.82 -6.32
CA SER C 61 24.60 -16.08 -5.43
C SER C 61 24.12 -16.06 -3.98
N SER C 62 24.89 -16.66 -3.09
CA SER C 62 24.70 -16.66 -1.61
C SER C 62 26.09 -16.78 -0.99
N CYS C 63 26.31 -16.05 0.10
CA CYS C 63 27.55 -16.16 0.90
C CYS C 63 27.12 -16.11 2.37
N ARG C 64 27.09 -17.29 3.00
CA ARG C 64 26.74 -17.52 4.42
C ARG C 64 28.05 -17.85 5.14
N LYS C 65 28.23 -17.28 6.31
CA LYS C 65 29.28 -17.67 7.31
C LYS C 65 28.63 -18.53 8.41
N VAL C 66 29.21 -19.70 8.70
CA VAL C 66 28.74 -20.58 9.81
C VAL C 66 29.19 -19.92 11.12
N VAL C 67 28.24 -19.51 11.99
CA VAL C 67 28.57 -18.75 13.23
C VAL C 67 28.03 -19.47 14.47
N ALA C 68 27.33 -20.60 14.32
CA ALA C 68 26.84 -21.38 15.48
C ALA C 68 26.76 -22.86 15.11
N PRO C 69 26.80 -23.77 16.10
CA PRO C 69 26.59 -25.19 15.83
C PRO C 69 25.12 -25.43 15.44
N SER C 70 24.85 -26.44 14.62
CA SER C 70 23.50 -26.79 14.15
C SER C 70 23.12 -28.20 14.62
N ILE C 71 21.84 -28.42 14.90
CA ILE C 71 21.28 -29.78 15.11
C ILE C 71 20.84 -30.40 13.77
N LEU C 72 21.09 -29.72 12.63
CA LEU C 72 21.00 -30.33 11.28
C LEU C 72 22.28 -31.14 11.02
N ASP C 73 22.14 -32.43 10.73
CA ASP C 73 23.26 -33.30 10.26
C ASP C 73 23.98 -32.62 9.09
N PRO C 74 25.26 -32.23 9.24
CA PRO C 74 25.91 -31.43 8.20
C PRO C 74 26.26 -32.18 6.90
N GLU C 75 26.48 -33.51 6.98
CA GLU C 75 26.73 -34.33 5.77
C GLU C 75 25.44 -34.37 4.93
N LEU C 76 24.33 -34.77 5.54
CA LEU C 76 23.02 -34.81 4.83
C LEU C 76 22.65 -33.39 4.42
N ASN C 77 22.84 -32.42 5.31
CA ASN C 77 22.45 -31.00 5.03
C ASN C 77 23.10 -30.54 3.72
N ALA C 78 24.31 -31.01 3.38
CA ALA C 78 25.07 -30.56 2.18
C ALA C 78 24.28 -30.92 0.91
N SER C 79 23.46 -31.97 0.96
CA SER C 79 22.69 -32.45 -0.23
C SER C 79 21.25 -31.96 -0.21
N ALA C 80 20.80 -31.27 0.84
CA ALA C 80 19.47 -30.61 0.87
C ALA C 80 19.53 -29.33 0.03
N ALA C 81 18.63 -28.37 0.25
CA ALA C 81 18.69 -27.04 -0.41
C ALA C 81 20.05 -26.40 -0.09
N PRO C 82 20.58 -25.57 -1.02
CA PRO C 82 21.93 -25.00 -0.91
C PRO C 82 22.11 -23.95 0.20
N VAL C 83 21.02 -23.28 0.57
CA VAL C 83 21.07 -22.15 1.53
C VAL C 83 20.01 -22.38 2.61
N MET C 84 20.44 -22.34 3.87
CA MET C 84 19.55 -22.62 5.01
C MET C 84 18.89 -21.32 5.47
N GLU C 85 17.79 -21.01 4.80
CA GLU C 85 16.95 -19.81 5.06
C GLU C 85 16.11 -20.10 6.30
N ILE C 86 16.77 -20.16 7.44
CA ILE C 86 16.12 -20.53 8.74
C ILE C 86 16.48 -19.43 9.73
N HIS C 87 15.48 -18.87 10.40
CA HIS C 87 15.66 -17.75 11.33
C HIS C 87 16.52 -18.17 12.52
N PRO C 88 17.56 -17.40 12.92
CA PRO C 88 18.34 -17.69 14.12
C PRO C 88 17.54 -17.93 15.41
N ALA C 89 16.39 -17.27 15.54
CA ALA C 89 15.49 -17.37 16.72
C ALA C 89 15.05 -18.82 16.93
N LEU C 90 15.13 -19.72 15.93
CA LEU C 90 14.64 -21.10 16.09
C LEU C 90 15.66 -21.94 16.86
N GLY C 91 16.91 -21.52 16.97
CA GLY C 91 17.90 -22.19 17.85
C GLY C 91 18.48 -23.46 17.23
N VAL C 92 18.39 -23.65 15.92
CA VAL C 92 18.74 -24.97 15.29
C VAL C 92 19.90 -24.85 14.31
N ILE C 93 20.22 -23.64 13.87
CA ILE C 93 21.30 -23.43 12.87
C ILE C 93 21.56 -21.93 12.82
N TRP C 94 22.74 -21.52 12.38
CA TRP C 94 23.01 -20.08 12.14
C TRP C 94 24.04 -19.93 11.05
N ASP C 95 23.56 -19.72 9.83
CA ASP C 95 24.37 -19.40 8.63
C ASP C 95 24.10 -17.92 8.35
N ALA C 96 24.97 -17.06 8.89
CA ALA C 96 24.87 -15.59 8.84
C ALA C 96 25.10 -15.08 7.42
N TYR C 97 24.51 -13.95 7.08
CA TYR C 97 24.71 -13.31 5.75
C TYR C 97 26.07 -12.62 5.73
N ASP C 98 26.87 -12.85 4.69
CA ASP C 98 28.12 -12.08 4.50
C ASP C 98 27.73 -10.78 3.80
N PRO C 99 27.92 -9.59 4.43
CA PRO C 99 27.31 -8.35 3.93
C PRO C 99 27.95 -7.84 2.63
N PHE C 100 29.26 -8.07 2.45
CA PHE C 100 30.03 -7.34 1.41
C PHE C 100 30.56 -8.25 0.31
N TYR C 101 30.07 -9.48 0.17
CA TYR C 101 30.67 -10.46 -0.78
C TYR C 101 30.54 -9.96 -2.22
N TYR C 102 29.55 -9.11 -2.48
CA TYR C 102 29.32 -8.54 -3.84
C TYR C 102 30.45 -7.58 -4.24
N ARG C 103 31.19 -7.06 -3.27
CA ARG C 103 32.34 -6.15 -3.50
C ARG C 103 33.67 -6.89 -3.39
N LYS C 104 33.70 -7.99 -2.62
CA LYS C 104 34.92 -8.82 -2.46
C LYS C 104 35.16 -9.74 -3.66
N ALA C 105 34.13 -10.08 -4.45
CA ALA C 105 34.25 -10.88 -5.69
C ALA C 105 34.20 -9.93 -6.90
N LEU C 106 35.01 -10.23 -7.92
CA LEU C 106 35.05 -9.50 -9.21
C LEU C 106 34.61 -10.43 -10.30
N ILE C 107 33.98 -9.82 -11.31
CA ILE C 107 33.84 -10.50 -12.63
C ILE C 107 34.92 -9.91 -13.56
N LYS C 108 35.57 -10.81 -14.27
CA LYS C 108 36.74 -10.46 -15.10
C LYS C 108 36.55 -11.11 -16.46
N ILE C 109 36.57 -10.31 -17.54
CA ILE C 109 36.42 -10.88 -18.91
C ILE C 109 37.56 -10.39 -19.79
N THR C 110 38.21 -11.33 -20.47
CA THR C 110 39.34 -11.11 -21.40
C THR C 110 38.90 -11.58 -22.78
N TRP C 111 39.09 -10.73 -23.78
CA TRP C 111 38.76 -11.05 -25.19
C TRP C 111 40.05 -11.32 -25.97
N ASP C 112 39.98 -12.32 -26.85
CA ASP C 112 40.93 -12.57 -27.96
C ASP C 112 42.33 -12.72 -27.39
N ASP C 113 42.44 -13.27 -26.18
CA ASP C 113 43.72 -13.63 -25.53
C ASP C 113 44.55 -12.36 -25.34
N GLN C 114 43.92 -11.21 -25.13
CA GLN C 114 44.70 -10.00 -24.78
C GLN C 114 45.36 -10.21 -23.43
N ASP C 115 46.39 -9.43 -23.14
CA ASP C 115 47.16 -9.58 -21.88
C ASP C 115 46.56 -8.63 -20.83
N THR C 116 45.41 -8.03 -21.12
CA THR C 116 44.66 -7.17 -20.20
C THR C 116 43.17 -7.54 -20.28
N PRO C 117 42.43 -7.54 -19.16
CA PRO C 117 40.99 -7.79 -19.22
C PRO C 117 40.26 -6.59 -19.87
N SER C 118 39.08 -6.83 -20.42
CA SER C 118 38.21 -5.77 -20.99
C SER C 118 37.09 -5.47 -20.00
N VAL C 119 36.77 -6.42 -19.12
CA VAL C 119 35.83 -6.25 -17.98
C VAL C 119 36.58 -6.62 -16.71
N LEU C 120 36.61 -5.72 -15.72
CA LEU C 120 37.14 -5.96 -14.36
C LEU C 120 36.29 -5.12 -13.40
N VAL C 121 35.26 -5.72 -12.80
CA VAL C 121 34.27 -4.95 -12.01
C VAL C 121 33.91 -5.79 -10.80
N PRO C 122 33.60 -5.21 -9.63
CA PRO C 122 33.06 -6.03 -8.55
C PRO C 122 31.84 -6.78 -9.06
N PHE C 123 31.68 -8.03 -8.62
CA PHE C 123 30.59 -8.91 -9.07
C PHE C 123 29.24 -8.16 -8.92
N GLY C 124 28.94 -7.58 -7.76
CA GLY C 124 27.66 -6.86 -7.55
C GLY C 124 27.47 -5.71 -8.53
N ASP C 125 28.48 -4.82 -8.58
CA ASP C 125 28.44 -3.54 -9.33
C ASP C 125 28.20 -3.85 -10.79
N PHE C 126 28.80 -4.91 -11.31
CA PHE C 126 28.69 -5.25 -12.74
C PHE C 126 27.22 -5.48 -13.12
N PHE C 127 26.48 -6.17 -12.24
CA PHE C 127 25.04 -6.48 -12.39
C PHE C 127 24.17 -5.44 -11.68
N CYS C 128 24.68 -4.23 -11.43
CA CYS C 128 23.87 -3.07 -10.98
C CYS C 128 23.38 -3.31 -9.54
N ILE C 129 24.19 -4.00 -8.75
CA ILE C 129 24.13 -4.02 -7.27
C ILE C 129 25.26 -3.10 -6.80
N GLY C 130 24.92 -1.92 -6.34
CA GLY C 130 25.87 -0.94 -5.82
C GLY C 130 26.01 -1.15 -4.32
N ASN C 131 27.19 -0.86 -3.76
CA ASN C 131 27.35 -0.84 -2.28
C ASN C 131 27.07 -2.23 -1.69
N SER C 132 27.17 -3.32 -2.46
CA SER C 132 26.84 -4.70 -1.99
C SER C 132 25.47 -4.72 -1.30
N TYR C 133 24.53 -3.93 -1.83
CA TYR C 133 23.17 -3.71 -1.30
C TYR C 133 22.16 -3.68 -2.43
N PRO C 134 21.60 -4.85 -2.80
CA PRO C 134 20.68 -4.90 -3.94
C PRO C 134 19.42 -4.05 -3.82
N GLY C 135 18.97 -3.52 -4.96
CA GLY C 135 17.63 -2.98 -5.18
C GLY C 135 16.93 -3.71 -6.32
N ASN C 136 15.63 -3.92 -6.18
CA ASN C 136 14.78 -4.54 -7.21
C ASN C 136 14.59 -3.56 -8.36
N PHE C 137 14.92 -3.93 -9.59
CA PHE C 137 14.67 -3.01 -10.74
C PHE C 137 14.78 -3.74 -12.06
N SER C 138 14.13 -3.13 -13.06
CA SER C 138 14.25 -3.52 -14.48
C SER C 138 14.74 -2.34 -15.34
N SER C 139 15.62 -2.63 -16.29
CA SER C 139 16.00 -1.72 -17.39
C SER C 139 16.16 -2.56 -18.65
N LEU C 140 16.45 -1.94 -19.80
CA LEU C 140 16.49 -2.77 -21.05
C LEU C 140 17.66 -3.75 -20.99
N PRO C 141 18.89 -3.35 -20.59
CA PRO C 141 20.01 -4.31 -20.58
C PRO C 141 20.32 -5.08 -19.29
N PHE C 142 19.85 -4.59 -18.15
CA PHE C 142 20.17 -5.12 -16.80
C PHE C 142 18.92 -5.12 -15.95
N ASN C 143 18.75 -6.21 -15.20
CA ASN C 143 17.62 -6.41 -14.27
C ASN C 143 18.12 -7.06 -13.00
N VAL C 144 17.43 -6.76 -11.90
CA VAL C 144 17.58 -7.44 -10.58
C VAL C 144 16.18 -7.78 -10.08
N SER C 145 15.96 -9.06 -9.79
CA SER C 145 14.71 -9.57 -9.18
C SER C 145 15.04 -9.94 -7.75
N LEU C 146 14.63 -9.06 -6.84
CA LEU C 146 14.93 -9.14 -5.39
C LEU C 146 13.63 -9.30 -4.61
N LYS C 147 13.55 -10.33 -3.80
CA LYS C 147 12.39 -10.56 -2.91
C LYS C 147 12.32 -9.44 -1.88
N PRO C 148 11.12 -8.91 -1.61
CA PRO C 148 10.93 -7.92 -0.56
C PRO C 148 11.35 -8.45 0.82
N GLU C 149 11.19 -9.74 1.06
CA GLU C 149 11.63 -10.43 2.31
C GLU C 149 13.15 -10.22 2.50
N GLU C 150 13.92 -10.13 1.42
CA GLU C 150 15.41 -10.08 1.46
C GLU C 150 15.89 -8.64 1.32
N ALA C 151 15.05 -7.76 0.77
CA ALA C 151 15.42 -6.39 0.41
C ALA C 151 15.82 -5.59 1.66
N GLY C 152 16.65 -4.57 1.46
CA GLY C 152 17.07 -3.61 2.50
C GLY C 152 18.14 -4.18 3.41
N LYS C 153 18.91 -5.15 2.92
CA LYS C 153 20.02 -5.83 3.65
C LYS C 153 21.27 -5.73 2.78
N PHE C 154 22.44 -5.55 3.39
CA PHE C 154 23.74 -5.78 2.71
C PHE C 154 23.80 -7.25 2.35
N GLY C 155 24.24 -7.58 1.15
CA GLY C 155 24.51 -8.98 0.74
C GLY C 155 23.24 -9.79 0.51
N ALA C 156 22.10 -9.16 0.23
CA ALA C 156 20.83 -9.87 -0.05
C ALA C 156 20.93 -10.68 -1.33
N PRO C 157 20.45 -11.95 -1.32
CA PRO C 157 20.34 -12.75 -2.54
C PRO C 157 19.31 -12.15 -3.50
N CYS C 158 19.61 -12.25 -4.79
CA CYS C 158 18.75 -11.73 -5.88
C CYS C 158 19.19 -12.34 -7.21
N SER C 159 18.32 -12.24 -8.21
CA SER C 159 18.62 -12.71 -9.58
C SER C 159 19.14 -11.52 -10.40
N VAL C 160 20.24 -11.72 -11.10
CA VAL C 160 20.80 -10.70 -12.01
C VAL C 160 20.75 -11.22 -13.45
N SER C 161 20.59 -10.32 -14.40
CA SER C 161 20.55 -10.62 -15.86
C SER C 161 21.08 -9.41 -16.62
N CYS C 162 21.91 -9.74 -17.62
CA CYS C 162 22.57 -8.78 -18.52
C CYS C 162 22.28 -9.21 -19.94
N TYR C 163 21.79 -8.29 -20.77
CA TYR C 163 21.44 -8.50 -22.18
C TYR C 163 22.32 -7.67 -23.09
N PHE C 164 23.30 -6.94 -22.57
CA PHE C 164 24.30 -6.25 -23.42
C PHE C 164 25.00 -7.32 -24.25
N PRO C 165 25.05 -7.25 -25.60
CA PRO C 165 25.82 -8.21 -26.39
C PRO C 165 27.34 -8.06 -26.25
N MET C 166 28.08 -9.17 -26.32
CA MET C 166 29.54 -9.16 -26.12
C MET C 166 30.19 -9.98 -27.23
N PRO C 167 30.44 -9.37 -28.40
CA PRO C 167 31.05 -10.07 -29.53
C PRO C 167 32.54 -10.34 -29.28
N PHE C 168 33.03 -11.42 -29.86
CA PHE C 168 34.46 -11.80 -29.80
C PHE C 168 34.81 -12.67 -31.01
N ASN C 169 35.84 -12.25 -31.72
CA ASN C 169 36.28 -12.93 -32.96
C ASN C 169 37.12 -14.17 -32.65
N LYS C 170 37.88 -14.17 -31.57
CA LYS C 170 38.85 -15.26 -31.29
C LYS C 170 38.59 -15.93 -29.94
N LYS C 171 38.41 -15.18 -28.85
CA LYS C 171 38.38 -15.85 -27.53
C LYS C 171 37.52 -15.06 -26.53
N ALA C 172 36.77 -15.77 -25.71
CA ALA C 172 36.11 -15.22 -24.51
C ALA C 172 36.57 -16.03 -23.30
N LYS C 173 37.18 -15.37 -22.32
CA LYS C 173 37.53 -15.98 -21.01
C LYS C 173 36.81 -15.20 -19.91
N ILE C 174 35.88 -15.86 -19.23
CA ILE C 174 35.02 -15.26 -18.17
C ILE C 174 35.44 -15.88 -16.85
N GLU C 175 35.91 -15.04 -15.91
CA GLU C 175 36.37 -15.51 -14.57
C GLU C 175 35.67 -14.75 -13.44
N ILE C 176 35.61 -15.41 -12.29
CA ILE C 176 35.28 -14.81 -10.97
C ILE C 176 36.58 -14.78 -10.18
N VAL C 177 36.92 -13.60 -9.69
CA VAL C 177 38.08 -13.43 -8.77
C VAL C 177 37.50 -13.21 -7.38
N ASN C 178 37.64 -14.17 -6.49
CA ASN C 178 37.01 -14.09 -5.15
C ASN C 178 38.05 -13.64 -4.11
N ASP C 179 38.10 -12.35 -3.77
CA ASP C 179 39.01 -11.80 -2.74
C ASP C 179 38.44 -12.02 -1.32
N ASN C 180 37.26 -12.61 -1.19
CA ASN C 180 36.66 -12.91 0.13
C ASN C 180 37.49 -14.00 0.82
N GLU C 181 37.65 -13.90 2.14
CA GLU C 181 38.15 -15.03 2.96
C GLU C 181 37.08 -16.14 3.04
N LEU C 182 35.83 -15.86 2.62
CA LEU C 182 34.78 -16.91 2.53
C LEU C 182 34.59 -17.34 1.09
N PRO C 183 34.25 -18.64 0.87
CA PRO C 183 33.76 -19.12 -0.41
C PRO C 183 32.32 -18.61 -0.58
N PHE C 184 31.79 -18.62 -1.79
CA PHE C 184 30.37 -18.26 -2.01
C PHE C 184 29.81 -19.13 -3.12
N ILE C 185 28.49 -19.25 -3.06
CA ILE C 185 27.68 -20.02 -4.03
C ILE C 185 27.34 -19.14 -5.23
N LEU C 186 27.63 -19.63 -6.43
CA LEU C 186 27.30 -18.95 -7.71
C LEU C 186 26.55 -19.92 -8.59
N TYR C 187 25.32 -19.55 -8.94
CA TYR C 187 24.55 -20.06 -10.10
C TYR C 187 24.81 -19.13 -11.28
N PHE C 188 25.04 -19.69 -12.47
CA PHE C 188 25.10 -18.88 -13.70
C PHE C 188 24.59 -19.68 -14.89
N ASN C 189 24.07 -18.91 -15.83
CA ASN C 189 23.71 -19.31 -17.22
C ASN C 189 24.29 -18.21 -18.11
N ILE C 190 25.31 -18.52 -18.91
CA ILE C 190 25.93 -17.53 -19.83
C ILE C 190 25.73 -18.06 -21.25
N ASP C 191 24.82 -17.41 -21.98
CA ASP C 191 24.35 -17.84 -23.31
C ASP C 191 25.15 -17.09 -24.37
N TYR C 192 25.50 -17.80 -25.42
CA TYR C 192 26.22 -17.23 -26.59
C TYR C 192 25.79 -17.92 -27.85
N GLU C 193 26.19 -17.34 -28.98
CA GLU C 193 26.13 -18.04 -30.28
C GLU C 193 27.51 -18.04 -30.95
N MET C 194 27.79 -19.09 -31.74
CA MET C 194 29.07 -19.21 -32.48
C MET C 194 28.76 -18.98 -33.95
N TYR C 195 29.67 -18.30 -34.64
CA TYR C 195 29.51 -17.91 -36.07
C TYR C 195 30.41 -18.77 -36.97
N GLY C 196 30.02 -18.86 -38.24
CA GLY C 196 30.72 -19.66 -39.26
C GLY C 196 31.74 -18.84 -40.03
N GLU C 197 31.85 -17.53 -39.74
CA GLU C 197 32.73 -16.55 -40.44
C GLU C 197 33.17 -15.48 -39.42
N PRO C 198 34.36 -14.86 -39.59
CA PRO C 198 34.79 -13.79 -38.69
C PRO C 198 33.77 -12.63 -38.62
N LEU C 199 33.74 -11.92 -37.50
CA LEU C 199 33.00 -10.64 -37.39
C LEU C 199 33.81 -9.57 -38.13
N PRO C 200 33.21 -8.48 -38.68
CA PRO C 200 34.02 -7.42 -39.29
C PRO C 200 35.09 -6.99 -38.28
N GLU C 201 36.29 -6.67 -38.76
CA GLU C 201 37.50 -6.53 -37.89
C GLU C 201 37.29 -5.33 -36.95
N ASP C 202 36.54 -4.32 -37.37
CA ASP C 202 36.20 -3.10 -36.57
C ASP C 202 34.90 -3.31 -35.74
N THR C 203 34.54 -4.55 -35.46
CA THR C 203 33.50 -4.88 -34.46
C THR C 203 33.89 -4.29 -33.11
N ALA C 204 32.94 -3.67 -32.39
CA ALA C 204 33.22 -3.05 -31.07
C ALA C 204 32.89 -4.06 -29.98
N TYR C 205 33.84 -4.25 -29.08
CA TYR C 205 33.81 -5.28 -28.01
C TYR C 205 33.36 -4.60 -26.70
N PHE C 206 32.64 -5.36 -25.90
CA PHE C 206 32.06 -4.88 -24.63
C PHE C 206 33.15 -4.75 -23.58
N HIS C 207 33.21 -3.59 -22.93
CA HIS C 207 34.17 -3.29 -21.84
C HIS C 207 33.42 -2.75 -20.63
N ALA C 208 33.96 -2.96 -19.44
CA ALA C 208 33.43 -2.37 -18.18
C ALA C 208 34.55 -2.24 -17.16
N ALA C 209 34.58 -1.10 -16.49
CA ALA C 209 35.58 -0.80 -15.43
C ALA C 209 34.90 -0.11 -14.27
N TRP C 210 35.51 -0.18 -13.10
CA TRP C 210 34.96 0.30 -11.81
C TRP C 210 35.94 1.27 -11.17
N HIS C 211 35.41 2.31 -10.52
CA HIS C 211 36.21 3.39 -9.91
C HIS C 211 35.57 3.76 -8.58
N ARG C 212 36.36 4.28 -7.66
CA ARG C 212 35.81 4.88 -6.42
C ARG C 212 36.73 6.03 -5.99
N GLU C 213 36.13 7.12 -5.53
CA GLU C 213 36.84 8.22 -4.84
C GLU C 213 36.16 8.30 -3.48
N ASN C 214 36.88 7.92 -2.43
CA ASN C 214 36.29 7.85 -1.07
C ASN C 214 37.35 8.25 -0.06
N PRO C 215 37.38 9.49 0.45
CA PRO C 215 36.46 10.55 0.02
C PRO C 215 36.79 11.21 -1.32
N CYS C 216 35.78 11.77 -2.03
CA CYS C 216 36.03 12.83 -3.04
C CYS C 216 36.81 13.98 -2.36
N ASN C 217 37.71 14.62 -3.09
CA ASN C 217 38.60 15.69 -2.53
C ASN C 217 37.89 17.04 -2.65
N GLY C 218 36.81 17.22 -1.90
CA GLY C 218 36.00 18.44 -1.91
C GLY C 218 36.69 19.62 -1.24
N TRP C 219 36.41 20.81 -1.75
CA TRP C 219 36.99 22.08 -1.25
C TRP C 219 36.08 22.65 -0.14
N GLY C 220 34.85 22.14 0.02
CA GLY C 220 33.86 22.74 0.95
C GLY C 220 32.85 21.73 1.49
N PRO C 221 33.31 20.56 1.99
CA PRO C 221 32.39 19.53 2.48
C PRO C 221 31.55 19.99 3.69
N GLU C 222 32.06 20.98 4.43
CA GLU C 222 31.37 21.51 5.63
C GLU C 222 30.48 22.72 5.28
N LEU C 223 30.51 23.21 4.03
CA LEU C 223 29.62 24.32 3.62
C LEU C 223 28.27 23.73 3.25
N GLN C 224 27.17 24.39 3.62
CA GLN C 224 25.84 23.91 3.19
C GLN C 224 25.77 23.91 1.66
N VAL C 225 25.36 22.77 1.08
CA VAL C 225 25.05 22.64 -0.36
C VAL C 225 24.01 23.71 -0.72
N ASN C 226 24.20 24.36 -1.86
CA ASN C 226 23.30 25.35 -2.51
C ASN C 226 23.30 26.66 -1.73
N SER C 227 24.21 26.86 -0.77
CA SER C 227 24.47 28.21 -0.23
C SER C 227 24.91 29.11 -1.39
N PRO C 228 24.63 30.42 -1.34
CA PRO C 228 25.15 31.33 -2.36
C PRO C 228 26.66 31.24 -2.57
N GLU C 229 27.42 31.00 -1.50
CA GLU C 229 28.91 30.99 -1.56
C GLU C 229 29.34 29.81 -2.43
N VAL C 230 28.74 28.63 -2.20
CA VAL C 230 29.04 27.40 -2.97
C VAL C 230 28.65 27.65 -4.43
N ASN C 231 27.43 28.12 -4.66
CA ASN C 231 26.84 28.18 -6.02
C ASN C 231 27.55 29.24 -6.88
N ASN C 232 28.31 30.16 -6.29
CA ASN C 232 28.99 31.23 -7.09
C ASN C 232 30.45 30.85 -7.36
N VAL C 233 30.89 29.64 -6.98
CA VAL C 233 32.24 29.12 -7.36
C VAL C 233 32.17 28.60 -8.79
N THR C 234 33.21 28.83 -9.59
CA THR C 234 33.21 28.54 -11.03
C THR C 234 34.03 27.26 -11.28
N ASN C 235 33.64 26.49 -12.29
CA ASN C 235 34.43 25.30 -12.72
C ASN C 235 34.09 25.02 -14.18
N PHE C 236 35.01 25.37 -15.10
CA PHE C 236 34.84 25.15 -16.56
C PHE C 236 35.56 23.87 -17.00
N LYS C 237 36.83 23.73 -16.64
CA LYS C 237 37.72 22.69 -17.22
C LYS C 237 37.55 21.34 -16.51
N GLY C 238 37.01 21.32 -15.29
CA GLY C 238 36.61 20.07 -14.60
C GLY C 238 37.81 19.20 -14.26
N GLU C 239 39.00 19.79 -14.03
CA GLU C 239 40.25 19.04 -13.72
C GLU C 239 40.01 18.11 -12.51
N ASN C 240 39.25 18.56 -11.51
CA ASN C 240 39.05 17.81 -10.25
C ASN C 240 37.71 17.06 -10.23
N ASN C 241 37.04 16.98 -11.38
CA ASN C 241 35.75 16.24 -11.47
C ASN C 241 35.93 14.76 -11.11
N TYR C 242 34.89 14.13 -10.59
CA TYR C 242 34.90 12.65 -10.42
C TYR C 242 35.02 12.02 -11.80
N THR C 243 35.90 11.03 -11.95
CA THR C 243 36.17 10.42 -13.27
C THR C 243 35.46 9.08 -13.36
N VAL C 244 34.42 9.02 -14.18
CA VAL C 244 33.67 7.75 -14.43
C VAL C 244 34.51 6.88 -15.37
N LEU C 245 35.10 7.49 -16.40
CA LEU C 245 35.79 6.72 -17.46
C LEU C 245 36.83 7.61 -18.11
N ASP C 246 37.99 7.04 -18.41
CA ASP C 246 39.11 7.78 -19.03
C ASP C 246 39.81 6.78 -19.92
N VAL C 247 39.48 6.71 -21.21
CA VAL C 247 39.88 5.53 -22.03
C VAL C 247 40.40 6.02 -23.37
N GLU C 248 41.45 5.37 -23.86
CA GLU C 248 41.97 5.60 -25.24
C GLU C 248 41.37 4.57 -26.17
N GLY C 249 40.96 5.00 -27.36
CA GLY C 249 40.58 4.09 -28.46
C GLY C 249 39.44 4.67 -29.28
N THR C 250 38.82 3.81 -30.09
CA THR C 250 37.68 4.13 -30.98
C THR C 250 36.48 3.31 -30.48
N GLY C 251 35.37 3.97 -30.17
CA GLY C 251 34.17 3.24 -29.72
C GLY C 251 33.13 4.18 -29.16
N HIS C 252 32.37 3.73 -28.16
CA HIS C 252 31.27 4.55 -27.63
C HIS C 252 30.93 4.12 -26.22
N TYR C 253 30.72 5.12 -25.35
CA TYR C 253 30.23 4.90 -23.96
C TYR C 253 28.72 4.60 -23.99
N VAL C 254 28.26 3.58 -23.25
CA VAL C 254 26.83 3.14 -23.23
C VAL C 254 26.20 3.31 -21.83
N GLY C 255 26.97 3.79 -20.84
CA GLY C 255 26.40 4.31 -19.58
C GLY C 255 27.10 3.81 -18.35
N CYS C 256 26.43 3.95 -17.21
CA CYS C 256 27.11 3.75 -15.92
C CYS C 256 26.08 3.42 -14.85
N ASN C 257 26.59 2.87 -13.76
CA ASN C 257 25.88 2.92 -12.47
C ASN C 257 26.76 3.72 -11.53
N LEU C 258 26.14 4.34 -10.55
CA LEU C 258 26.84 5.26 -9.63
C LEU C 258 26.29 5.02 -8.24
N THR C 259 27.17 4.68 -7.30
CA THR C 259 26.82 4.52 -5.87
C THR C 259 27.36 5.72 -5.12
N VAL C 260 26.50 6.44 -4.45
CA VAL C 260 26.89 7.61 -3.63
C VAL C 260 26.43 7.41 -2.18
N LYS C 261 27.38 7.45 -1.27
CA LYS C 261 27.09 7.67 0.17
C LYS C 261 27.38 9.13 0.49
N HIS C 262 26.30 9.86 0.76
CA HIS C 262 26.24 11.32 1.03
C HIS C 262 26.35 11.53 2.54
N PHE C 263 27.27 12.42 2.99
CA PHE C 263 27.57 12.60 4.44
C PHE C 263 26.81 13.76 5.08
N GLN C 264 26.59 14.90 4.43
CA GLN C 264 26.10 16.09 5.20
C GLN C 264 24.57 16.05 5.33
N GLY C 265 23.86 15.27 4.52
CA GLY C 265 22.38 15.14 4.63
C GLY C 265 21.62 16.33 4.05
N SER C 266 22.08 16.84 2.92
CA SER C 266 21.40 17.88 2.11
C SER C 266 21.16 17.31 0.73
N TRP C 267 22.03 17.59 -0.23
CA TRP C 267 21.91 16.98 -1.58
C TRP C 267 23.29 16.79 -2.18
N TRP C 268 23.53 15.60 -2.76
CA TRP C 268 24.87 15.17 -3.25
C TRP C 268 25.00 15.49 -4.75
N GLY C 269 23.94 15.96 -5.40
CA GLY C 269 23.82 15.82 -6.87
C GLY C 269 23.80 17.11 -7.68
N GLU C 270 24.38 18.22 -7.22
CA GLU C 270 24.36 19.49 -8.01
C GLU C 270 25.39 19.47 -9.16
N GLY C 271 26.30 18.52 -9.11
CA GLY C 271 27.43 18.42 -10.04
C GLY C 271 26.99 18.05 -11.44
N ASN C 272 27.60 18.70 -12.43
CA ASN C 272 27.29 18.52 -13.87
C ASN C 272 28.15 17.36 -14.41
N ASP C 273 27.54 16.48 -15.19
CA ASP C 273 28.30 15.64 -16.16
C ASP C 273 29.04 16.59 -17.11
N MET C 274 30.26 16.22 -17.47
CA MET C 274 31.09 16.94 -18.46
C MET C 274 31.84 15.87 -19.23
N PHE C 275 31.64 15.81 -20.54
CA PHE C 275 32.30 14.82 -21.43
C PHE C 275 33.39 15.51 -22.25
N PHE C 276 34.58 14.92 -22.26
CA PHE C 276 35.79 15.37 -23.01
C PHE C 276 36.07 14.35 -24.10
N ILE C 277 35.75 14.71 -25.35
CA ILE C 277 35.88 13.83 -26.54
C ILE C 277 37.21 14.12 -27.26
N ASP C 278 37.98 13.06 -27.53
CA ASP C 278 39.16 13.08 -28.43
C ASP C 278 40.17 14.15 -27.98
N GLY C 279 40.38 14.29 -26.67
CA GLY C 279 41.49 15.06 -26.08
C GLY C 279 41.20 16.55 -26.00
N GLU C 280 39.98 17.01 -26.26
CA GLU C 280 39.61 18.44 -26.10
C GLU C 280 39.93 18.90 -24.67
N GLU C 281 40.29 20.17 -24.52
CA GLU C 281 40.70 20.73 -23.21
C GLU C 281 39.45 21.04 -22.38
N TYR C 282 38.48 21.73 -22.97
CA TYR C 282 37.18 22.06 -22.31
C TYR C 282 36.15 21.03 -22.77
N PRO C 283 35.25 20.55 -21.87
CA PRO C 283 34.29 19.53 -22.28
C PRO C 283 33.35 20.10 -23.36
N SER C 284 33.07 19.35 -24.43
CA SER C 284 32.12 19.74 -25.50
C SER C 284 30.68 19.40 -25.07
N LEU C 285 30.48 18.35 -24.26
CA LEU C 285 29.15 18.05 -23.69
C LEU C 285 29.15 18.46 -22.22
N ASN C 286 28.34 19.47 -21.94
CA ASN C 286 28.10 20.05 -20.61
C ASN C 286 26.69 19.66 -20.16
N GLY C 287 26.62 19.06 -18.98
CA GLY C 287 25.36 18.76 -18.30
C GLY C 287 24.99 19.85 -17.35
N THR C 288 24.01 19.57 -16.51
CA THR C 288 23.37 20.60 -15.67
C THR C 288 23.31 20.15 -14.21
N GLY C 289 23.30 18.83 -13.96
CA GLY C 289 23.31 18.29 -12.58
C GLY C 289 23.34 16.78 -12.62
N THR C 290 23.49 16.13 -11.48
CA THR C 290 23.72 14.65 -11.45
C THR C 290 22.37 13.92 -11.61
N GLU C 291 21.31 14.32 -10.92
CA GLU C 291 19.98 13.69 -11.17
C GLU C 291 19.57 14.02 -12.62
N ASP C 292 19.90 15.23 -13.09
CA ASP C 292 19.65 15.67 -14.48
C ASP C 292 20.30 14.66 -15.44
N TYR C 293 21.56 14.32 -15.22
CA TYR C 293 22.31 13.32 -16.01
C TYR C 293 21.52 12.01 -15.99
N PHE C 294 21.01 11.60 -14.84
CA PHE C 294 20.24 10.33 -14.71
C PHE C 294 18.78 10.52 -15.14
N ASN C 295 18.42 11.71 -15.66
CA ASN C 295 17.11 12.02 -16.32
C ASN C 295 15.99 12.05 -15.28
N HIS C 296 16.30 12.29 -14.01
CA HIS C 296 15.30 12.64 -12.99
C HIS C 296 15.37 14.14 -12.78
N ALA C 297 14.72 14.66 -11.75
CA ALA C 297 14.70 16.12 -11.50
C ALA C 297 14.26 16.38 -10.07
N TRP C 298 14.80 17.44 -9.46
CA TRP C 298 14.41 17.86 -8.08
C TRP C 298 14.74 16.70 -7.11
N GLY C 299 15.92 16.12 -7.29
CA GLY C 299 16.37 14.91 -6.61
C GLY C 299 16.16 13.67 -7.47
N MET C 300 16.50 12.50 -6.92
CA MET C 300 16.22 11.20 -7.59
C MET C 300 14.83 10.71 -7.14
N GLN C 301 14.10 10.08 -8.04
CA GLN C 301 12.77 9.48 -7.74
C GLN C 301 12.94 7.96 -7.62
N ARG C 302 11.93 7.28 -7.07
CA ARG C 302 11.83 5.80 -6.98
C ARG C 302 11.18 5.29 -8.26
N ASN C 303 11.90 5.46 -9.36
CA ASN C 303 11.55 5.08 -10.74
C ASN C 303 12.81 4.43 -11.33
N ALA C 304 12.60 3.37 -12.06
CA ALA C 304 13.63 2.64 -12.82
C ALA C 304 13.03 2.36 -14.19
N TYR C 305 13.54 3.06 -15.20
CA TYR C 305 12.95 3.13 -16.56
C TYR C 305 13.96 2.43 -17.49
N PRO C 306 13.59 2.17 -18.74
CA PRO C 306 14.44 1.36 -19.61
C PRO C 306 15.89 1.85 -19.74
N PHE C 307 16.12 3.17 -19.72
CA PHE C 307 17.43 3.76 -19.99
C PHE C 307 17.96 4.53 -18.77
N PHE C 308 17.23 4.63 -17.67
CA PHE C 308 17.76 5.37 -16.49
C PHE C 308 16.89 5.21 -15.25
N GLY C 309 17.50 5.48 -14.11
CA GLY C 309 16.77 5.75 -12.87
C GLY C 309 17.49 5.24 -11.66
N THR C 310 16.69 4.93 -10.64
CA THR C 310 17.11 4.61 -9.27
C THR C 310 17.08 3.10 -9.12
N ILE C 311 18.16 2.54 -8.57
CA ILE C 311 18.19 1.12 -8.13
C ILE C 311 17.91 1.02 -6.65
N VAL C 312 18.63 1.84 -5.86
CA VAL C 312 18.45 1.97 -4.39
C VAL C 312 18.25 3.48 -4.11
N HIS C 313 17.13 3.84 -3.48
CA HIS C 313 16.80 5.26 -3.20
C HIS C 313 17.38 5.64 -1.84
N GLU C 314 18.09 6.76 -1.78
CA GLU C 314 18.57 7.41 -0.53
C GLU C 314 17.51 7.41 0.58
N GLY C 315 16.25 7.67 0.25
CA GLY C 315 15.15 7.73 1.24
C GLY C 315 14.89 6.38 1.93
N ASP C 316 15.38 5.27 1.38
CA ASP C 316 15.15 3.92 1.95
C ASP C 316 16.39 3.45 2.72
N THR C 317 17.47 4.22 2.73
CA THR C 317 18.76 3.75 3.26
C THR C 317 19.33 4.75 4.26
N ASP C 318 20.48 4.39 4.78
CA ASP C 318 21.32 5.21 5.69
C ASP C 318 22.24 6.06 4.80
N GLY C 319 21.62 6.95 3.99
CA GLY C 319 22.30 8.01 3.22
C GLY C 319 22.99 7.58 1.94
N PHE C 320 22.64 6.43 1.33
CA PHE C 320 23.26 6.05 0.04
C PHE C 320 22.20 5.84 -1.05
N GLN C 321 22.64 6.14 -2.28
CA GLN C 321 21.83 6.11 -3.52
C GLN C 321 22.59 5.25 -4.54
N VAL C 322 21.88 4.40 -5.28
CA VAL C 322 22.45 3.72 -6.45
C VAL C 322 21.60 4.07 -7.69
N SER C 323 22.25 4.57 -8.73
CA SER C 323 21.61 5.14 -9.94
C SER C 323 22.24 4.55 -11.20
N TYR C 324 21.54 4.66 -12.34
CA TYR C 324 22.07 4.14 -13.62
C TYR C 324 21.52 5.00 -14.75
N ARG C 325 22.30 5.06 -15.82
CA ARG C 325 21.81 5.52 -17.13
C ARG C 325 22.44 4.66 -18.22
N TRP C 326 21.62 4.24 -19.16
CA TRP C 326 22.13 3.58 -20.39
C TRP C 326 22.02 4.56 -21.56
N HIS C 327 23.10 4.64 -22.34
CA HIS C 327 23.14 5.38 -23.62
C HIS C 327 23.13 4.34 -24.75
N ILE C 328 21.97 3.75 -25.01
CA ILE C 328 21.83 2.66 -26.00
C ILE C 328 21.50 3.24 -27.38
N THR C 329 20.53 4.14 -27.46
CA THR C 329 20.20 4.83 -28.74
C THR C 329 20.89 6.19 -28.85
N ASP C 330 21.53 6.65 -27.76
CA ASP C 330 22.20 7.97 -27.63
C ASP C 330 23.60 7.78 -27.08
N PRO C 331 24.40 6.82 -27.60
CA PRO C 331 25.73 6.60 -27.06
C PRO C 331 26.63 7.83 -27.23
N VAL C 332 27.68 7.90 -26.43
CA VAL C 332 28.72 8.96 -26.49
C VAL C 332 29.95 8.38 -27.19
N ARG C 333 30.12 8.80 -28.43
CA ARG C 333 31.12 8.23 -29.37
C ARG C 333 32.45 8.98 -29.22
N PHE C 334 33.53 8.33 -29.62
CA PHE C 334 34.90 8.89 -29.62
C PHE C 334 35.76 8.17 -30.67
N GLU C 335 36.68 8.89 -31.33
CA GLU C 335 37.64 8.32 -32.31
C GLU C 335 38.98 7.99 -31.63
N LYS C 336 39.39 8.74 -30.60
CA LYS C 336 40.75 8.61 -30.02
C LYS C 336 40.67 8.45 -28.51
N HIS C 337 39.77 9.18 -27.86
CA HIS C 337 39.77 9.28 -26.38
C HIS C 337 38.40 9.74 -25.88
N LEU C 338 38.00 9.29 -24.70
CA LEU C 338 36.80 9.80 -24.02
C LEU C 338 37.13 9.91 -22.55
N LYS C 339 36.80 11.05 -21.96
CA LYS C 339 36.79 11.23 -20.49
C LYS C 339 35.35 11.54 -20.06
N VAL C 340 34.73 10.61 -19.31
CA VAL C 340 33.38 10.84 -18.73
C VAL C 340 33.58 11.35 -17.31
N THR C 341 33.14 12.56 -17.01
CA THR C 341 33.34 13.15 -15.67
C THR C 341 32.00 13.61 -15.10
N ILE C 342 31.93 13.71 -13.77
CA ILE C 342 30.80 14.39 -13.10
C ILE C 342 31.42 15.22 -11.97
N GLU C 343 31.04 16.48 -11.84
CA GLU C 343 31.49 17.31 -10.70
C GLU C 343 30.95 16.63 -9.43
N HIS C 344 31.76 16.45 -8.39
CA HIS C 344 31.31 15.78 -7.15
C HIS C 344 30.72 16.84 -6.23
N GLY C 345 29.41 17.11 -6.39
CA GLY C 345 28.79 18.35 -5.93
C GLY C 345 29.17 19.50 -6.86
N HIS C 346 28.49 20.64 -6.75
CA HIS C 346 28.77 21.80 -7.63
C HIS C 346 30.25 22.17 -7.48
N ALA C 347 30.95 22.27 -8.60
CA ALA C 347 32.37 22.72 -8.66
C ALA C 347 33.23 21.88 -7.70
N ASN C 348 32.85 20.61 -7.51
CA ASN C 348 33.63 19.62 -6.73
C ASN C 348 33.68 20.04 -5.26
N GLN C 349 32.60 20.66 -4.77
CA GLN C 349 32.45 21.07 -3.37
C GLN C 349 32.62 19.90 -2.39
N LEU C 350 32.01 18.75 -2.70
CA LEU C 350 31.69 17.72 -1.68
C LEU C 350 32.79 16.65 -1.63
N SER C 351 32.78 15.89 -0.52
CA SER C 351 33.79 14.85 -0.19
C SER C 351 33.04 13.55 0.14
N ASP C 352 32.04 13.23 -0.66
CA ASP C 352 31.18 12.05 -0.44
C ASP C 352 31.94 10.80 -0.91
N ASP C 353 31.36 9.63 -0.69
CA ASP C 353 31.91 8.36 -1.19
C ASP C 353 31.22 8.02 -2.51
N TRP C 354 31.94 8.11 -3.62
CA TRP C 354 31.40 7.89 -5.00
C TRP C 354 32.08 6.66 -5.57
N SER C 355 31.28 5.74 -6.11
CA SER C 355 31.81 4.61 -6.89
C SER C 355 30.89 4.35 -8.07
N SER C 356 31.48 3.82 -9.13
CA SER C 356 30.80 3.75 -10.45
C SER C 356 31.33 2.58 -11.27
N THR C 357 30.45 2.05 -12.09
CA THR C 357 30.77 1.14 -13.20
C THR C 357 30.54 1.89 -14.50
N ALA C 358 31.56 1.96 -15.34
CA ALA C 358 31.48 2.51 -16.71
C ALA C 358 31.39 1.34 -17.72
N TYR C 359 30.49 1.45 -18.67
CA TYR C 359 30.34 0.43 -19.72
C TYR C 359 30.53 1.11 -21.07
N TRP C 360 31.37 0.50 -21.90
CA TRP C 360 31.53 1.07 -23.25
C TRP C 360 31.90 -0.06 -24.22
N TYR C 361 31.86 0.24 -25.49
CA TYR C 361 32.26 -0.72 -26.55
C TYR C 361 33.45 -0.08 -27.27
N GLN C 362 34.38 -0.90 -27.76
CA GLN C 362 35.53 -0.34 -28.51
C GLN C 362 36.14 -1.41 -29.40
N ILE C 363 36.76 -0.98 -30.49
CA ILE C 363 37.57 -1.87 -31.35
C ILE C 363 38.80 -2.23 -30.53
N LEU C 364 39.30 -3.43 -30.76
CA LEU C 364 40.59 -3.90 -30.18
C LEU C 364 41.70 -3.29 -31.02
N PRO C 365 42.94 -3.19 -30.50
CA PRO C 365 43.27 -3.66 -29.15
C PRO C 365 42.74 -2.72 -28.04
N THR C 366 42.56 -3.26 -26.83
CA THR C 366 42.26 -2.48 -25.61
C THR C 366 43.55 -1.78 -25.20
N ALA C 367 43.71 -0.50 -25.49
CA ALA C 367 44.98 0.24 -25.27
C ALA C 367 45.06 0.55 -23.78
N SER C 368 43.92 0.85 -23.16
CA SER C 368 43.87 1.24 -21.72
C SER C 368 43.92 -0.03 -20.86
N ARG C 369 44.94 -0.11 -20.00
CA ARG C 369 45.20 -1.22 -19.06
C ARG C 369 44.27 -1.01 -17.86
N ILE C 370 43.23 -1.82 -17.75
CA ILE C 370 42.16 -1.65 -16.73
C ILE C 370 42.66 -2.20 -15.40
N THR C 371 42.50 -1.43 -14.34
CA THR C 371 42.98 -1.76 -12.98
C THR C 371 41.76 -1.81 -12.05
N ILE C 372 41.90 -2.43 -10.88
CA ILE C 372 40.85 -2.39 -9.83
C ILE C 372 41.46 -2.01 -8.48
N ALA C 373 40.79 -1.15 -7.71
CA ALA C 373 41.17 -0.86 -6.32
C ALA C 373 41.28 -2.19 -5.58
N PRO C 374 42.15 -2.31 -4.56
CA PRO C 374 42.26 -3.55 -3.79
C PRO C 374 41.01 -3.72 -2.92
N VAL C 375 40.75 -4.95 -2.48
CA VAL C 375 39.51 -5.32 -1.76
C VAL C 375 39.26 -4.40 -0.56
N GLU C 376 40.31 -4.01 0.20
CA GLU C 376 40.16 -3.12 1.39
C GLU C 376 39.58 -1.75 0.97
N ASP C 377 39.65 -1.39 -0.30
CA ASP C 377 39.16 -0.06 -0.78
C ASP C 377 37.80 -0.16 -1.50
N ARG C 378 37.16 -1.33 -1.46
CA ARG C 378 35.90 -1.64 -2.20
C ARG C 378 34.73 -1.85 -1.23
N LEU C 379 34.97 -1.82 0.07
CA LEU C 379 33.94 -2.14 1.08
C LEU C 379 33.11 -0.91 1.36
N PRO C 380 31.77 -1.07 1.46
CA PRO C 380 30.88 0.01 1.88
C PRO C 380 31.32 0.65 3.20
N VAL C 381 31.07 1.94 3.30
CA VAL C 381 31.27 2.70 4.55
C VAL C 381 30.00 2.54 5.39
N VAL C 382 30.09 1.95 6.57
CA VAL C 382 28.90 1.75 7.42
C VAL C 382 29.28 2.21 8.81
N PRO C 383 28.31 2.70 9.61
CA PRO C 383 28.59 3.04 11.00
C PRO C 383 28.73 1.71 11.73
N GLN C 384 29.51 1.71 12.81
CA GLN C 384 29.70 0.49 13.62
C GLN C 384 29.43 0.84 15.09
N LEU C 385 28.83 -0.10 15.81
CA LEU C 385 28.53 0.05 17.24
C LEU C 385 29.82 0.26 18.04
N PRO C 386 29.78 1.04 19.14
CA PRO C 386 30.94 1.16 20.03
C PRO C 386 31.34 -0.20 20.60
N GLU C 387 32.52 -0.27 21.20
CA GLU C 387 33.01 -1.51 21.86
C GLU C 387 32.18 -1.72 23.12
N ARG C 388 31.75 -2.96 23.37
CA ARG C 388 30.86 -3.32 24.51
C ARG C 388 31.73 -3.72 25.69
N LYS C 389 32.68 -4.64 25.46
CA LYS C 389 33.57 -5.21 26.51
C LYS C 389 32.67 -5.78 27.62
N LEU C 390 31.90 -6.83 27.32
CA LEU C 390 30.96 -7.43 28.30
C LEU C 390 31.79 -8.15 29.37
N VAL C 391 31.39 -8.05 30.63
CA VAL C 391 31.98 -8.86 31.75
C VAL C 391 30.90 -9.85 32.21
N LEU C 392 31.13 -11.15 32.03
CA LEU C 392 30.23 -12.23 32.53
C LEU C 392 29.88 -11.97 34.00
N PRO C 393 28.62 -12.15 34.43
CA PRO C 393 28.34 -12.21 35.86
C PRO C 393 28.97 -13.51 36.41
N GLN C 394 28.90 -13.68 37.74
CA GLN C 394 29.19 -14.97 38.42
C GLN C 394 28.26 -16.01 37.79
N LEU C 395 28.81 -17.05 37.19
CA LEU C 395 28.04 -18.13 36.51
C LEU C 395 27.64 -19.22 37.51
N THR C 396 26.42 -19.73 37.38
CA THR C 396 26.02 -20.99 38.07
C THR C 396 26.73 -22.16 37.38
N GLU C 397 26.82 -23.27 38.09
CA GLU C 397 27.43 -24.50 37.54
C GLU C 397 26.62 -24.90 36.29
N GLU C 398 25.28 -24.77 36.32
CA GLU C 398 24.41 -25.07 35.13
C GLU C 398 24.76 -24.19 33.93
N GLN C 399 24.89 -22.89 34.18
CA GLN C 399 25.18 -21.89 33.12
C GLN C 399 26.55 -22.20 32.52
N GLN C 400 27.56 -22.50 33.35
CA GLN C 400 28.91 -22.86 32.84
C GLN C 400 28.81 -24.15 32.00
N ALA C 401 28.08 -25.16 32.48
CA ALA C 401 27.88 -26.42 31.73
C ALA C 401 27.20 -26.17 30.37
N ALA C 402 26.23 -25.25 30.31
CA ALA C 402 25.51 -24.89 29.06
C ALA C 402 26.50 -24.31 28.03
N ARG C 403 27.31 -23.36 28.48
CA ARG C 403 28.40 -22.72 27.69
C ARG C 403 29.36 -23.78 27.19
N ASP C 404 29.80 -24.68 28.09
CA ASP C 404 30.84 -25.70 27.75
C ASP C 404 30.25 -26.70 26.77
N THR C 405 29.00 -27.13 26.96
CA THR C 405 28.30 -28.10 26.07
C THR C 405 28.19 -27.49 24.68
N TYR C 406 27.71 -26.24 24.60
CA TYR C 406 27.51 -25.49 23.34
C TYR C 406 28.87 -25.39 22.62
N GLN C 407 29.90 -24.96 23.33
CA GLN C 407 31.27 -24.81 22.75
C GLN C 407 31.74 -26.16 22.16
N LYS C 408 31.51 -27.26 22.88
CA LYS C 408 31.88 -28.63 22.43
C LYS C 408 31.12 -28.95 21.13
N ARG C 409 29.82 -28.66 21.05
CA ARG C 409 29.03 -28.89 19.81
C ARG C 409 29.66 -28.10 18.68
N TRP C 410 30.09 -26.86 18.96
CA TRP C 410 30.73 -25.96 17.96
C TRP C 410 32.08 -26.53 17.51
N LYS C 411 32.89 -27.04 18.45
CA LYS C 411 34.22 -27.63 18.11
C LYS C 411 34.02 -28.82 17.15
N ASP C 412 33.02 -29.67 17.38
CA ASP C 412 32.73 -30.86 16.54
C ASP C 412 32.10 -30.43 15.20
N TYR C 413 31.19 -29.47 15.21
CA TYR C 413 30.30 -29.15 14.06
C TYR C 413 31.05 -28.40 12.96
N GLU C 414 31.80 -27.35 13.32
CA GLU C 414 32.36 -26.41 12.31
C GLU C 414 33.25 -27.17 11.33
N PRO C 415 34.13 -28.09 11.80
CA PRO C 415 35.00 -28.84 10.90
C PRO C 415 34.22 -29.68 9.88
N ARG C 416 33.08 -30.24 10.30
CA ARG C 416 32.18 -31.02 9.42
C ARG C 416 31.58 -30.10 8.34
N ARG C 417 31.22 -28.86 8.66
CA ARG C 417 30.77 -27.90 7.62
C ARG C 417 31.96 -27.57 6.68
N ASP C 418 33.16 -27.38 7.24
CA ASP C 418 34.38 -27.06 6.45
C ASP C 418 34.58 -28.18 5.40
N THR C 419 34.56 -29.45 5.81
CA THR C 419 34.70 -30.63 4.92
C THR C 419 33.69 -30.49 3.78
N GLN C 420 32.45 -30.16 4.09
CA GLN C 420 31.39 -30.09 3.05
C GLN C 420 31.67 -28.93 2.09
N PHE C 421 32.18 -27.80 2.57
CA PHE C 421 32.52 -26.68 1.64
C PHE C 421 33.66 -27.14 0.73
N ARG C 422 34.65 -27.86 1.26
CA ARG C 422 35.85 -28.30 0.46
C ARG C 422 35.37 -29.25 -0.65
N ILE C 423 34.38 -30.12 -0.39
CA ILE C 423 33.86 -31.04 -1.43
C ILE C 423 33.22 -30.22 -2.57
N LYS C 424 32.41 -29.20 -2.25
CA LYS C 424 31.72 -28.39 -3.28
C LYS C 424 32.74 -27.57 -4.08
N GLU C 425 33.78 -27.06 -3.42
CA GLU C 425 34.86 -26.28 -4.09
C GLU C 425 35.60 -27.17 -5.09
N ASP C 426 35.85 -28.42 -4.71
CA ASP C 426 36.46 -29.43 -5.63
C ASP C 426 35.53 -29.61 -6.84
N LYS C 427 34.21 -29.69 -6.65
CA LYS C 427 33.26 -29.77 -7.78
C LYS C 427 33.42 -28.52 -8.67
N ALA C 428 33.45 -27.32 -8.10
CA ALA C 428 33.55 -26.07 -8.88
C ALA C 428 34.78 -26.14 -9.80
N ARG C 429 35.96 -26.45 -9.26
CA ARG C 429 37.23 -26.50 -10.06
C ARG C 429 37.17 -27.57 -11.16
N ARG C 430 36.53 -28.69 -10.85
CA ARG C 430 36.33 -29.81 -11.79
C ARG C 430 35.43 -29.34 -12.94
N GLU C 431 34.29 -28.73 -12.61
CA GLU C 431 33.29 -28.31 -13.62
C GLU C 431 33.83 -27.10 -14.40
N SER C 432 34.70 -26.29 -13.81
CA SER C 432 35.40 -25.22 -14.57
C SER C 432 36.04 -25.84 -15.82
N LYS C 433 36.92 -26.82 -15.65
CA LYS C 433 37.68 -27.33 -16.81
C LYS C 433 36.70 -28.11 -17.70
N LEU C 434 35.68 -28.79 -17.16
CA LEU C 434 34.66 -29.50 -18.00
C LEU C 434 33.94 -28.48 -18.89
N ASN C 435 33.63 -27.29 -18.35
CA ASN C 435 32.84 -26.30 -19.12
C ASN C 435 33.63 -25.91 -20.38
N THR C 436 34.91 -25.57 -20.22
CA THR C 436 35.84 -25.17 -21.31
C THR C 436 36.00 -26.36 -22.29
N GLU C 437 36.12 -27.60 -21.81
CA GLU C 437 36.28 -28.78 -22.71
C GLU C 437 35.04 -28.95 -23.59
N PHE C 438 33.86 -28.87 -23.00
CA PHE C 438 32.57 -29.01 -23.75
C PHE C 438 32.43 -27.88 -24.77
N ALA C 439 32.79 -26.65 -24.37
CA ALA C 439 32.69 -25.48 -25.26
C ALA C 439 33.60 -25.72 -26.49
N LYS C 440 34.75 -26.36 -26.30
CA LYS C 440 35.73 -26.61 -27.40
C LYS C 440 35.11 -27.68 -28.32
N LYS C 441 34.52 -28.73 -27.75
CA LYS C 441 33.92 -29.86 -28.50
C LYS C 441 32.82 -29.31 -29.40
N LEU C 442 32.00 -28.41 -28.84
CA LEU C 442 30.84 -27.78 -29.51
C LEU C 442 31.34 -26.92 -30.66
N ARG C 443 32.38 -26.12 -30.38
CA ARG C 443 33.07 -25.27 -31.38
C ARG C 443 33.50 -26.14 -32.59
N ASP C 444 34.31 -27.17 -32.33
CA ASP C 444 34.90 -28.05 -33.37
C ASP C 444 33.80 -28.80 -34.12
N ALA C 445 32.75 -29.28 -33.44
CA ALA C 445 31.63 -30.02 -34.08
C ALA C 445 30.84 -29.05 -34.97
N PHE C 446 30.64 -27.82 -34.52
CA PHE C 446 29.93 -26.81 -35.35
C PHE C 446 30.78 -26.49 -36.60
N ASP C 447 32.10 -26.31 -36.44
CA ASP C 447 33.01 -25.91 -37.55
C ASP C 447 33.13 -27.04 -38.59
N ALA C 448 33.07 -28.30 -38.16
CA ALA C 448 33.13 -29.51 -39.01
C ALA C 448 31.85 -29.57 -39.87
N GLU C 449 30.69 -29.29 -39.25
CA GLU C 449 29.43 -28.90 -39.93
C GLU C 449 29.17 -29.86 -41.09
N ILE D 4 -28.45 4.42 35.36
CA ILE D 4 -27.69 4.34 34.06
C ILE D 4 -26.40 3.56 34.31
N THR D 5 -26.05 2.57 33.48
CA THR D 5 -24.81 1.79 33.67
C THR D 5 -23.86 1.92 32.47
N GLY D 6 -22.66 1.36 32.64
CA GLY D 6 -21.63 1.27 31.58
C GLY D 6 -20.63 2.40 31.68
N LEU D 7 -19.60 2.32 30.83
CA LEU D 7 -18.41 3.20 30.90
C LEU D 7 -18.78 4.66 30.59
N PHE D 8 -19.96 4.97 30.00
CA PHE D 8 -20.31 6.39 29.74
C PHE D 8 -21.21 6.98 30.82
N LYS D 9 -21.50 6.23 31.88
CA LYS D 9 -22.64 6.58 32.79
C LYS D 9 -22.36 7.91 33.52
N ASP D 10 -21.11 8.25 33.82
CA ASP D 10 -20.81 9.49 34.59
C ASP D 10 -21.12 10.75 33.75
N LEU D 11 -21.31 10.62 32.43
CA LEU D 11 -21.74 11.75 31.57
C LEU D 11 -23.19 12.16 31.92
N THR D 12 -23.96 11.28 32.55
CA THR D 12 -25.42 11.49 32.80
C THR D 12 -25.67 12.14 34.18
N LYS D 13 -24.62 12.53 34.91
CA LYS D 13 -24.74 13.13 36.26
C LYS D 13 -23.81 14.32 36.33
N VAL D 14 -24.30 15.47 36.78
CA VAL D 14 -23.46 16.68 36.93
C VAL D 14 -22.57 16.49 38.17
N LYS D 15 -21.40 17.12 38.14
CA LYS D 15 -20.43 17.19 39.24
C LYS D 15 -20.10 18.66 39.47
N HIS D 16 -20.03 19.06 40.74
CA HIS D 16 -19.75 20.47 41.16
C HIS D 16 -18.23 20.67 41.28
N ALA D 17 -17.56 20.62 40.14
CA ALA D 17 -16.08 20.72 40.04
C ALA D 17 -15.75 21.77 38.98
N ARG D 18 -14.68 22.54 39.22
CA ARG D 18 -14.23 23.68 38.38
C ARG D 18 -13.02 23.25 37.52
N ASN D 19 -13.15 23.32 36.20
CA ASN D 19 -12.02 23.02 35.27
C ASN D 19 -10.95 24.08 35.48
N GLY D 20 -9.70 23.67 35.35
CA GLY D 20 -8.53 24.53 35.17
C GLY D 20 -7.63 23.94 34.10
N ARG D 21 -6.67 24.72 33.62
CA ARG D 21 -5.70 24.25 32.59
C ARG D 21 -4.39 24.99 32.75
N LEU D 22 -3.30 24.25 32.88
CA LEU D 22 -1.94 24.75 32.63
C LEU D 22 -1.64 24.61 31.15
N ALA D 23 -1.26 25.70 30.52
CA ALA D 23 -0.91 25.73 29.09
C ALA D 23 0.25 26.69 28.83
N SER D 24 0.92 26.42 27.71
CA SER D 24 2.05 27.21 27.16
C SER D 24 1.49 28.39 26.36
N TRP D 25 0.24 28.78 26.58
CA TRP D 25 -0.44 29.86 25.85
C TRP D 25 0.35 31.17 25.93
N ASP D 26 0.37 31.91 24.81
CA ASP D 26 1.15 33.17 24.70
C ASP D 26 0.44 34.21 25.57
N GLN D 27 1.03 34.54 26.72
CA GLN D 27 0.38 35.47 27.67
C GLN D 27 0.67 36.91 27.21
N ARG D 28 1.27 37.13 26.04
CA ARG D 28 1.27 38.45 25.36
C ARG D 28 0.04 38.55 24.46
N GLY D 29 -0.77 37.48 24.38
CA GLY D 29 -1.94 37.41 23.48
C GLY D 29 -1.55 37.14 22.04
N LYS D 30 -0.28 36.87 21.77
CA LYS D 30 0.26 36.71 20.39
C LYS D 30 0.26 35.21 20.02
N ASN D 31 1.04 34.80 19.01
CA ASN D 31 0.95 33.40 18.47
C ASN D 31 2.21 32.60 18.83
N GLN D 32 2.85 32.90 19.94
CA GLN D 32 3.96 32.05 20.45
C GLN D 32 3.40 31.26 21.62
N ASP D 33 2.54 30.29 21.34
CA ASP D 33 1.77 29.53 22.35
C ASP D 33 2.58 28.29 22.76
N TYR D 34 3.90 28.50 22.90
CA TYR D 34 4.89 27.50 23.31
C TYR D 34 5.90 28.16 24.25
N TRP D 35 6.63 27.34 24.99
CA TRP D 35 7.75 27.78 25.86
C TRP D 35 9.06 27.28 25.27
N GLU D 36 10.04 28.18 25.19
CA GLU D 36 11.45 27.83 24.95
C GLU D 36 12.06 27.48 26.30
N ILE D 37 12.05 26.18 26.60
CA ILE D 37 12.62 25.56 27.84
C ILE D 37 14.13 25.74 27.76
N PRO D 38 14.77 26.48 28.69
CA PRO D 38 16.21 26.73 28.64
C PRO D 38 17.05 25.46 28.82
N ALA D 39 18.24 25.43 28.22
CA ALA D 39 19.29 24.40 28.41
C ALA D 39 19.66 24.32 29.88
N GLY D 40 19.77 23.11 30.44
CA GLY D 40 20.40 22.90 31.75
C GLY D 40 19.61 23.49 32.89
N GLU D 41 18.31 23.67 32.73
CA GLU D 41 17.41 24.24 33.77
C GLU D 41 16.18 23.34 33.97
N SER D 42 15.57 23.44 35.13
CA SER D 42 14.19 22.99 35.44
C SER D 42 13.24 24.16 35.25
N ILE D 43 12.06 23.88 34.75
CA ILE D 43 10.99 24.90 34.68
C ILE D 43 9.69 24.28 35.18
N THR D 44 8.91 25.05 35.95
CA THR D 44 7.58 24.64 36.45
C THR D 44 6.49 24.98 35.42
N LEU D 45 5.85 23.96 34.85
CA LEU D 45 4.69 24.11 33.95
C LEU D 45 3.56 24.68 34.80
N GLY D 46 3.49 24.26 36.06
CA GLY D 46 2.61 24.94 37.01
C GLY D 46 2.49 24.22 38.31
N GLU D 47 2.10 24.95 39.36
CA GLU D 47 1.65 24.36 40.65
C GLU D 47 0.15 24.58 40.80
N ILE D 48 -0.54 23.53 41.20
CA ILE D 48 -2.00 23.55 41.45
C ILE D 48 -2.23 23.17 42.90
N GLU D 49 -3.04 23.98 43.58
CA GLU D 49 -3.54 23.64 44.94
C GLU D 49 -4.72 22.69 44.81
N GLY D 50 -4.67 21.56 45.52
CA GLY D 50 -5.75 20.57 45.57
C GLY D 50 -6.83 21.00 46.56
N PRO D 51 -7.92 20.23 46.74
CA PRO D 51 -8.10 18.95 46.04
C PRO D 51 -8.54 19.07 44.56
N GLY D 52 -8.06 18.14 43.74
CA GLY D 52 -8.35 18.12 42.30
C GLY D 52 -7.79 16.88 41.67
N CYS D 53 -7.79 16.88 40.34
CA CYS D 53 -7.36 15.69 39.54
C CYS D 53 -6.92 16.14 38.15
N ILE D 54 -5.70 15.78 37.74
CA ILE D 54 -5.26 15.90 36.32
C ILE D 54 -6.13 14.92 35.53
N THR D 55 -6.75 15.40 34.45
CA THR D 55 -7.65 14.58 33.63
C THR D 55 -7.10 14.34 32.21
N HIS D 56 -6.16 15.16 31.73
CA HIS D 56 -5.71 15.10 30.31
C HIS D 56 -4.45 15.92 30.14
N MET D 57 -3.47 15.36 29.46
CA MET D 57 -2.26 16.12 29.06
C MET D 57 -2.08 15.97 27.55
N TRP D 58 -1.81 17.08 26.87
CA TRP D 58 -1.37 17.08 25.45
C TRP D 58 -0.10 17.91 25.41
N MET D 59 0.90 17.44 24.71
CA MET D 59 2.15 18.20 24.43
C MET D 59 2.62 17.91 23.00
N THR D 60 3.42 18.83 22.49
CA THR D 60 4.32 18.59 21.35
C THR D 60 5.57 19.43 21.62
N SER D 61 6.60 19.13 20.85
CA SER D 61 7.95 19.66 21.12
C SER D 61 8.74 19.73 19.82
N SER D 62 9.81 20.51 19.86
CA SER D 62 10.86 20.59 18.83
C SER D 62 12.18 20.94 19.48
N CYS D 63 13.26 20.38 18.97
CA CYS D 63 14.61 20.74 19.40
C CYS D 63 15.49 20.74 18.16
N ARG D 64 15.76 21.92 17.61
CA ARG D 64 16.67 22.10 16.48
C ARG D 64 17.99 22.69 16.98
N LYS D 65 19.07 22.32 16.33
CA LYS D 65 20.41 22.92 16.51
C LYS D 65 20.70 23.74 15.27
N VAL D 66 21.03 25.02 15.47
CA VAL D 66 21.42 25.89 14.33
C VAL D 66 22.83 25.47 13.88
N VAL D 67 22.98 25.00 12.64
CA VAL D 67 24.28 24.40 12.19
C VAL D 67 24.86 25.11 10.98
N ALA D 68 24.14 26.08 10.42
CA ALA D 68 24.60 26.84 9.24
C ALA D 68 23.98 28.24 9.29
N PRO D 69 24.61 29.23 8.61
CA PRO D 69 24.02 30.57 8.51
C PRO D 69 22.79 30.52 7.61
N SER D 70 21.92 31.52 7.74
CA SER D 70 20.65 31.60 6.98
C SER D 70 20.53 32.97 6.35
N ILE D 71 19.91 33.04 5.17
CA ILE D 71 19.52 34.29 4.48
C ILE D 71 18.11 34.70 4.93
N LEU D 72 17.48 33.95 5.85
CA LEU D 72 16.26 34.43 6.59
C LEU D 72 16.73 35.39 7.68
N ASP D 73 16.23 36.63 7.65
CA ASP D 73 16.42 37.65 8.71
C ASP D 73 16.08 37.02 10.05
N PRO D 74 17.06 36.85 10.96
CA PRO D 74 16.81 36.08 12.19
C PRO D 74 15.89 36.76 13.23
N GLU D 75 15.83 38.09 13.24
CA GLU D 75 14.96 38.87 14.15
C GLU D 75 13.50 38.67 13.69
N LEU D 76 13.23 38.89 12.41
CA LEU D 76 11.86 38.65 11.88
C LEU D 76 11.52 37.17 11.99
N ASN D 77 12.46 36.29 11.68
CA ASN D 77 12.21 34.81 11.66
C ASN D 77 11.63 34.35 13.02
N ALA D 78 12.02 35.02 14.12
CA ALA D 78 11.62 34.62 15.50
C ALA D 78 10.10 34.67 15.64
N SER D 79 9.46 35.61 14.94
CA SER D 79 7.99 35.86 15.03
C SER D 79 7.21 35.07 13.96
N ALA D 80 7.89 34.41 13.03
CA ALA D 80 7.22 33.59 12.00
C ALA D 80 6.84 32.26 12.67
N ALA D 81 6.73 31.17 11.91
CA ALA D 81 6.42 29.86 12.50
C ALA D 81 7.60 29.50 13.40
N PRO D 82 7.36 28.72 14.47
CA PRO D 82 8.37 28.41 15.47
C PRO D 82 9.48 27.48 14.98
N VAL D 83 9.22 26.65 13.97
CA VAL D 83 10.24 25.67 13.53
C VAL D 83 10.42 25.80 12.03
N MET D 84 11.66 25.98 11.57
CA MET D 84 11.92 26.15 10.13
C MET D 84 12.10 24.78 9.49
N GLU D 85 10.97 24.19 9.13
CA GLU D 85 10.84 22.90 8.43
C GLU D 85 11.22 23.12 6.98
N ILE D 86 12.49 23.39 6.74
CA ILE D 86 12.98 23.76 5.38
C ILE D 86 14.13 22.81 5.07
N HIS D 87 14.07 22.11 3.95
CA HIS D 87 15.08 21.11 3.57
C HIS D 87 16.45 21.80 3.39
N PRO D 88 17.52 21.22 3.96
CA PRO D 88 18.88 21.77 3.84
C PRO D 88 19.35 21.93 2.39
N ALA D 89 18.80 21.14 1.46
CA ALA D 89 19.20 21.18 0.04
C ALA D 89 18.86 22.55 -0.58
N LEU D 90 18.02 23.39 0.04
CA LEU D 90 17.63 24.67 -0.58
C LEU D 90 18.71 25.72 -0.36
N GLY D 91 19.61 25.50 0.60
CA GLY D 91 20.79 26.35 0.87
C GLY D 91 20.46 27.65 1.55
N VAL D 92 19.34 27.75 2.27
CA VAL D 92 18.88 29.06 2.81
C VAL D 92 18.85 29.08 4.34
N ILE D 93 18.91 27.92 4.98
CA ILE D 93 18.83 27.77 6.46
C ILE D 93 19.22 26.34 6.79
N TRP D 94 19.65 26.10 8.01
CA TRP D 94 19.84 24.71 8.46
C TRP D 94 19.69 24.63 9.97
N ASP D 95 18.46 24.34 10.37
CA ASP D 95 18.07 23.99 11.76
C ASP D 95 18.03 22.46 11.82
N ALA D 96 19.11 21.82 12.27
CA ALA D 96 19.25 20.33 12.35
C ALA D 96 18.37 19.78 13.48
N TYR D 97 17.94 18.52 13.36
CA TYR D 97 17.18 17.82 14.42
C TYR D 97 18.15 17.42 15.54
N ASP D 98 17.80 17.76 16.80
CA ASP D 98 18.53 17.19 17.97
C ASP D 98 17.99 15.79 18.21
N PRO D 99 18.80 14.71 18.09
CA PRO D 99 18.22 13.36 18.03
C PRO D 99 17.67 12.88 19.39
N PHE D 100 18.32 13.25 20.50
CA PHE D 100 18.14 12.55 21.80
C PHE D 100 17.41 13.45 22.80
N TYR D 101 16.75 14.55 22.38
CA TYR D 101 16.22 15.55 23.33
C TYR D 101 15.09 14.96 24.20
N TYR D 102 14.45 13.91 23.70
CA TYR D 102 13.35 13.14 24.36
C TYR D 102 13.91 12.40 25.58
N ARG D 103 15.21 12.11 25.61
CA ARG D 103 15.89 11.40 26.74
C ARG D 103 16.64 12.39 27.62
N LYS D 104 17.06 13.53 27.07
CA LYS D 104 17.82 14.56 27.81
C LYS D 104 16.87 15.41 28.66
N ALA D 105 15.59 15.47 28.33
CA ALA D 105 14.56 16.21 29.12
C ALA D 105 13.76 15.21 29.96
N LEU D 106 13.38 15.61 31.19
CA LEU D 106 12.56 14.78 32.10
C LEU D 106 11.26 15.50 32.38
N ILE D 107 10.19 14.72 32.58
CA ILE D 107 8.97 15.23 33.22
C ILE D 107 9.02 14.78 34.69
N LYS D 108 8.64 15.68 35.58
CA LYS D 108 8.80 15.50 37.04
C LYS D 108 7.56 16.02 37.75
N ILE D 109 6.90 15.18 38.53
CA ILE D 109 5.66 15.58 39.23
C ILE D 109 5.81 15.21 40.71
N THR D 110 5.58 16.19 41.57
CA THR D 110 5.57 16.04 43.05
C THR D 110 4.13 16.29 43.53
N TRP D 111 3.60 15.39 44.34
CA TRP D 111 2.26 15.53 44.94
C TRP D 111 2.38 15.97 46.40
N ASP D 112 1.47 16.86 46.82
CA ASP D 112 1.17 17.17 48.23
C ASP D 112 2.45 17.57 48.97
N ASP D 113 3.32 18.32 48.31
CA ASP D 113 4.55 18.90 48.94
C ASP D 113 5.42 17.82 49.58
N GLN D 114 5.43 16.61 49.02
CA GLN D 114 6.36 15.54 49.43
C GLN D 114 7.77 15.99 49.08
N ASP D 115 8.77 15.38 49.70
CA ASP D 115 10.21 15.74 49.61
C ASP D 115 10.90 14.87 48.56
N THR D 116 10.13 14.03 47.84
CA THR D 116 10.61 13.30 46.64
C THR D 116 9.50 13.32 45.59
N PRO D 117 9.87 13.17 44.31
CA PRO D 117 8.86 13.13 43.24
C PRO D 117 8.12 11.78 43.15
N SER D 118 6.91 11.80 42.56
CA SER D 118 6.09 10.59 42.31
C SER D 118 6.19 10.18 40.84
N VAL D 119 6.53 11.14 39.98
CA VAL D 119 6.89 10.91 38.54
C VAL D 119 8.24 11.56 38.27
N LEU D 120 9.17 10.77 37.77
CA LEU D 120 10.50 11.23 37.29
C LEU D 120 10.90 10.33 36.14
N VAL D 121 10.59 10.76 34.93
CA VAL D 121 10.73 9.90 33.71
C VAL D 121 11.26 10.78 32.58
N PRO D 122 12.07 10.26 31.63
CA PRO D 122 12.40 11.06 30.46
C PRO D 122 11.13 11.51 29.76
N PHE D 123 11.14 12.73 29.22
CA PHE D 123 9.93 13.34 28.59
C PHE D 123 9.32 12.39 27.56
N GLY D 124 10.13 11.91 26.62
CA GLY D 124 9.66 10.95 25.60
C GLY D 124 9.05 9.70 26.24
N ASP D 125 9.82 8.99 27.05
CA ASP D 125 9.41 7.66 27.59
C ASP D 125 8.09 7.80 28.35
N PHE D 126 7.93 8.89 29.10
CA PHE D 126 6.67 9.11 29.87
C PHE D 126 5.49 9.07 28.88
N PHE D 127 5.65 9.69 27.72
CA PHE D 127 4.61 9.76 26.67
C PHE D 127 4.77 8.62 25.65
N CYS D 128 5.44 7.53 26.02
CA CYS D 128 5.53 6.29 25.23
C CYS D 128 6.27 6.57 23.91
N ILE D 129 7.28 7.42 23.97
CA ILE D 129 8.36 7.54 22.95
C ILE D 129 9.58 6.89 23.60
N GLY D 130 9.96 5.70 23.14
CA GLY D 130 11.13 5.00 23.66
C GLY D 130 12.32 5.33 22.79
N ASN D 131 13.53 5.26 23.34
CA ASN D 131 14.75 5.36 22.50
C ASN D 131 14.80 6.73 21.80
N SER D 132 14.09 7.75 22.34
CA SER D 132 13.98 9.08 21.71
C SER D 132 13.59 8.93 20.22
N TYR D 133 12.79 7.91 19.89
CA TYR D 133 12.45 7.57 18.51
C TYR D 133 10.96 7.33 18.39
N PRO D 134 10.17 8.37 18.09
CA PRO D 134 8.72 8.16 18.07
C PRO D 134 8.21 7.08 17.09
N GLY D 135 7.09 6.48 17.50
CA GLY D 135 6.20 5.64 16.70
C GLY D 135 4.76 6.10 16.84
N ASN D 136 4.05 6.14 15.72
CA ASN D 136 2.62 6.47 15.68
C ASN D 136 1.79 5.35 16.32
N PHE D 137 0.98 5.65 17.32
CA PHE D 137 0.08 4.63 17.90
C PHE D 137 -1.00 5.25 18.75
N SER D 138 -2.04 4.47 18.97
CA SER D 138 -3.09 4.78 19.97
C SER D 138 -3.31 3.59 20.93
N SER D 139 -3.57 3.92 22.18
CA SER D 139 -4.00 3.00 23.25
C SER D 139 -5.02 3.75 24.09
N LEU D 140 -5.66 3.09 25.06
CA LEU D 140 -6.70 3.79 25.84
C LEU D 140 -6.11 4.94 26.64
N PRO D 141 -4.97 4.82 27.37
CA PRO D 141 -4.47 5.97 28.13
C PRO D 141 -3.45 6.92 27.47
N PHE D 142 -2.72 6.41 26.49
CA PHE D 142 -1.60 7.13 25.81
C PHE D 142 -1.74 7.03 24.30
N ASN D 143 -1.45 8.15 23.65
CA ASN D 143 -1.42 8.24 22.17
C ASN D 143 -0.25 9.08 21.72
N VAL D 144 0.20 8.75 20.52
CA VAL D 144 1.23 9.48 19.75
C VAL D 144 0.68 9.63 18.33
N SER D 145 0.55 10.87 17.88
CA SER D 145 0.20 11.23 16.49
C SER D 145 1.44 11.73 15.75
N LEU D 146 2.01 10.89 14.88
CA LEU D 146 3.31 11.16 14.20
C LEU D 146 3.10 11.13 12.69
N LYS D 147 3.51 12.19 12.01
CA LYS D 147 3.41 12.32 10.54
C LYS D 147 4.30 11.28 9.91
N PRO D 148 3.84 10.57 8.85
CA PRO D 148 4.68 9.59 8.18
C PRO D 148 5.97 10.23 7.62
N GLU D 149 5.92 11.51 7.23
CA GLU D 149 7.09 12.26 6.70
C GLU D 149 8.16 12.42 7.79
N GLU D 150 7.78 12.37 9.07
CA GLU D 150 8.69 12.61 10.22
C GLU D 150 9.14 11.27 10.81
N ALA D 151 8.36 10.22 10.59
CA ALA D 151 8.57 8.91 11.23
C ALA D 151 9.91 8.33 10.77
N GLY D 152 10.48 7.46 11.57
CA GLY D 152 11.69 6.76 11.16
C GLY D 152 12.93 7.53 11.55
N LYS D 153 12.83 8.50 12.45
CA LYS D 153 14.09 9.17 12.86
C LYS D 153 14.06 9.56 14.33
N PHE D 154 15.26 9.71 14.86
CA PHE D 154 15.49 10.13 16.26
C PHE D 154 15.00 11.56 16.38
N GLY D 155 14.22 11.83 17.42
CA GLY D 155 13.87 13.21 17.77
C GLY D 155 12.75 13.75 16.91
N ALA D 156 12.01 12.88 16.20
CA ALA D 156 10.92 13.33 15.30
C ALA D 156 9.86 14.08 16.12
N PRO D 157 9.31 15.21 15.60
CA PRO D 157 8.18 15.87 16.24
C PRO D 157 6.91 15.01 16.15
N CYS D 158 6.10 15.05 17.20
CA CYS D 158 4.83 14.30 17.25
C CYS D 158 3.98 14.87 18.36
N SER D 159 2.69 14.56 18.35
CA SER D 159 1.77 14.97 19.42
C SER D 159 1.66 13.81 20.42
N VAL D 160 1.67 14.13 21.71
CA VAL D 160 1.59 13.12 22.80
C VAL D 160 0.35 13.47 23.64
N SER D 161 -0.39 12.48 24.10
CA SER D 161 -1.54 12.70 25.02
C SER D 161 -1.59 11.59 26.06
N CYS D 162 -2.00 11.99 27.26
CA CYS D 162 -2.12 11.11 28.43
C CYS D 162 -3.47 11.34 29.09
N TYR D 163 -4.25 10.28 29.27
CA TYR D 163 -5.59 10.32 29.90
C TYR D 163 -5.61 9.57 31.24
N PHE D 164 -4.47 9.08 31.72
CA PHE D 164 -4.42 8.52 33.10
C PHE D 164 -4.81 9.63 34.07
N PRO D 165 -5.83 9.45 34.92
CA PRO D 165 -6.16 10.46 35.94
C PRO D 165 -5.07 10.56 37.02
N MET D 166 -4.83 11.78 37.54
CA MET D 166 -3.79 11.97 38.58
C MET D 166 -4.38 12.79 39.71
N PRO D 167 -5.06 12.15 40.70
CA PRO D 167 -5.69 12.89 41.81
C PRO D 167 -4.63 13.45 42.78
N PHE D 168 -4.97 14.56 43.43
CA PHE D 168 -4.11 15.17 44.47
C PHE D 168 -4.99 15.92 45.47
N ASN D 169 -4.83 15.64 46.75
CA ASN D 169 -5.65 16.29 47.81
C ASN D 169 -5.12 17.69 48.16
N LYS D 170 -3.80 17.92 48.09
CA LYS D 170 -3.16 19.18 48.58
C LYS D 170 -2.42 19.92 47.46
N LYS D 171 -1.67 19.24 46.58
CA LYS D 171 -0.76 19.96 45.65
C LYS D 171 -0.36 19.08 44.48
N ALA D 172 -0.19 19.71 43.32
CA ALA D 172 0.44 19.18 42.08
C ALA D 172 1.53 20.16 41.63
N LYS D 173 2.77 19.69 41.54
CA LYS D 173 3.86 20.51 40.97
C LYS D 173 4.39 19.73 39.78
N ILE D 174 4.21 20.29 38.58
CA ILE D 174 4.60 19.65 37.30
C ILE D 174 5.76 20.46 36.73
N GLU D 175 6.89 19.80 36.52
CA GLU D 175 8.15 20.42 36.02
C GLU D 175 8.70 19.63 34.83
N ILE D 176 9.48 20.34 34.02
CA ILE D 176 10.37 19.75 33.00
C ILE D 176 11.79 20.02 33.45
N VAL D 177 12.64 18.99 33.42
CA VAL D 177 14.07 19.09 33.82
C VAL D 177 14.87 18.92 32.54
N ASN D 178 15.44 20.00 32.03
CA ASN D 178 16.08 19.93 30.70
C ASN D 178 17.58 19.72 30.92
N ASP D 179 18.08 18.48 30.82
CA ASP D 179 19.53 18.17 31.00
C ASP D 179 20.27 18.37 29.67
N ASN D 180 19.56 18.86 28.64
CA ASN D 180 20.14 19.14 27.30
C ASN D 180 21.04 20.38 27.40
N GLU D 181 22.15 20.38 26.66
CA GLU D 181 22.96 21.60 26.38
C GLU D 181 22.16 22.56 25.50
N LEU D 182 21.11 22.08 24.84
CA LEU D 182 20.27 22.96 23.97
C LEU D 182 18.93 23.22 24.65
N PRO D 183 18.31 24.39 24.39
CA PRO D 183 16.92 24.63 24.80
C PRO D 183 16.03 23.84 23.81
N PHE D 184 14.77 23.65 24.15
CA PHE D 184 13.77 23.02 23.27
C PHE D 184 12.41 23.66 23.51
N ILE D 185 11.62 23.63 22.45
CA ILE D 185 10.25 24.18 22.41
C ILE D 185 9.31 23.13 22.97
N LEU D 186 8.43 23.57 23.84
CA LEU D 186 7.38 22.70 24.42
C LEU D 186 6.05 23.45 24.36
N TYR D 187 5.10 22.85 23.64
CA TYR D 187 3.67 23.18 23.73
C TYR D 187 3.07 22.22 24.75
N PHE D 188 2.12 22.68 25.57
CA PHE D 188 1.35 21.79 26.46
C PHE D 188 -0.02 22.36 26.80
N ASN D 189 -0.95 21.44 27.02
CA ASN D 189 -2.28 21.66 27.63
C ASN D 189 -2.42 20.60 28.72
N ILE D 190 -2.45 21.01 29.98
CA ILE D 190 -2.66 20.08 31.13
C ILE D 190 -3.95 20.50 31.80
N ASP D 191 -4.96 19.66 31.62
CA ASP D 191 -6.34 19.88 32.10
C ASP D 191 -6.52 19.18 33.43
N TYR D 192 -7.26 19.85 34.30
CA TYR D 192 -7.62 19.29 35.61
C TYR D 192 -9.01 19.76 35.98
N GLU D 193 -9.51 19.22 37.10
CA GLU D 193 -10.68 19.78 37.80
C GLU D 193 -10.33 19.95 39.28
N MET D 194 -10.95 20.96 39.89
CA MET D 194 -10.83 21.25 41.33
C MET D 194 -12.12 20.82 42.04
N TYR D 195 -11.96 20.26 43.25
CA TYR D 195 -13.04 19.72 44.10
C TYR D 195 -13.30 20.67 45.31
N GLY D 196 -14.57 20.78 45.69
CA GLY D 196 -15.00 21.56 46.86
C GLY D 196 -14.78 20.82 48.17
N GLU D 197 -14.30 19.57 48.15
CA GLU D 197 -14.09 18.74 49.37
C GLU D 197 -12.90 17.82 49.15
N PRO D 198 -12.20 17.38 50.23
CA PRO D 198 -11.05 16.51 50.09
C PRO D 198 -11.41 15.19 49.40
N LEU D 199 -10.45 14.58 48.71
CA LEU D 199 -10.61 13.17 48.23
C LEU D 199 -10.50 12.26 49.45
N PRO D 200 -11.04 11.03 49.44
CA PRO D 200 -10.74 10.11 50.53
C PRO D 200 -9.21 9.94 50.70
N GLU D 201 -8.75 9.73 51.95
CA GLU D 201 -7.30 9.71 52.28
C GLU D 201 -6.65 8.40 51.77
N ASP D 202 -7.45 7.38 51.46
CA ASP D 202 -6.99 6.16 50.76
C ASP D 202 -7.03 6.34 49.22
N THR D 203 -7.17 7.57 48.70
CA THR D 203 -7.11 7.81 47.24
C THR D 203 -5.72 7.37 46.76
N ALA D 204 -5.64 6.64 45.66
CA ALA D 204 -4.34 6.22 45.08
C ALA D 204 -3.88 7.26 44.06
N TYR D 205 -2.64 7.73 44.24
CA TYR D 205 -2.01 8.80 43.40
C TYR D 205 -1.13 8.17 42.31
N PHE D 206 -1.00 8.88 41.18
CA PHE D 206 -0.30 8.42 39.97
C PHE D 206 1.21 8.54 40.17
N HIS D 207 1.94 7.48 39.87
CA HIS D 207 3.43 7.42 39.97
C HIS D 207 4.01 6.86 38.68
N ALA D 208 5.23 7.25 38.34
CA ALA D 208 5.94 6.62 37.22
C ALA D 208 7.43 6.83 37.38
N ALA D 209 8.18 5.82 36.95
CA ALA D 209 9.64 5.76 37.14
C ALA D 209 10.28 5.00 35.99
N TRP D 210 11.54 5.31 35.74
CA TRP D 210 12.27 4.86 34.56
C TRP D 210 13.53 4.15 35.01
N HIS D 211 13.87 3.07 34.30
CA HIS D 211 15.01 2.20 34.62
C HIS D 211 15.69 1.85 33.31
N ARG D 212 16.99 1.63 33.35
CA ARG D 212 17.71 1.01 32.21
C ARG D 212 18.80 0.07 32.72
N GLU D 213 18.99 -1.05 32.01
CA GLU D 213 20.13 -1.99 32.18
C GLU D 213 20.77 -2.08 30.79
N ASN D 214 21.93 -1.46 30.66
CA ASN D 214 22.64 -1.37 29.36
C ASN D 214 24.13 -1.52 29.63
N PRO D 215 24.73 -2.71 29.49
CA PRO D 215 24.03 -3.94 29.11
C PRO D 215 23.36 -4.64 30.30
N CYS D 216 22.30 -5.39 30.03
CA CYS D 216 21.87 -6.48 30.94
C CYS D 216 23.10 -7.38 31.18
N ASN D 217 23.22 -7.91 32.39
CA ASN D 217 24.38 -8.78 32.78
C ASN D 217 24.05 -10.23 32.40
N GLY D 218 24.00 -10.53 31.10
CA GLY D 218 23.67 -11.88 30.59
C GLY D 218 24.78 -12.87 30.87
N TRP D 219 24.44 -14.15 31.03
CA TRP D 219 25.43 -15.24 31.23
C TRP D 219 25.86 -15.84 29.90
N GLY D 220 25.10 -15.60 28.82
CA GLY D 220 25.37 -16.28 27.53
C GLY D 220 25.02 -15.44 26.32
N PRO D 221 25.45 -14.15 26.26
CA PRO D 221 25.07 -13.27 25.14
C PRO D 221 25.61 -13.76 23.79
N GLU D 222 26.66 -14.59 23.83
CA GLU D 222 27.33 -15.12 22.61
C GLU D 222 26.72 -16.47 22.25
N LEU D 223 25.85 -17.04 23.07
CA LEU D 223 25.18 -18.34 22.75
C LEU D 223 23.91 -18.05 21.96
N GLN D 224 23.64 -18.85 20.94
CA GLN D 224 22.45 -18.64 20.09
C GLN D 224 21.19 -18.78 20.95
N VAL D 225 20.31 -17.79 20.92
CA VAL D 225 18.97 -17.84 21.57
C VAL D 225 18.23 -19.09 21.04
N ASN D 226 17.65 -19.84 21.97
CA ASN D 226 16.74 -21.00 21.75
C ASN D 226 17.56 -22.23 21.36
N SER D 227 18.89 -22.18 21.48
CA SER D 227 19.71 -23.41 21.43
C SER D 227 19.29 -24.31 22.59
N PRO D 228 19.37 -25.65 22.42
CA PRO D 228 19.04 -26.56 23.51
C PRO D 228 19.77 -26.21 24.81
N GLU D 229 21.03 -25.80 24.72
CA GLU D 229 21.85 -25.53 25.92
C GLU D 229 21.23 -24.35 26.67
N VAL D 230 20.89 -23.28 25.95
CA VAL D 230 20.31 -22.09 26.59
C VAL D 230 18.96 -22.46 27.22
N ASN D 231 18.11 -23.20 26.50
CA ASN D 231 16.71 -23.46 26.90
C ASN D 231 16.64 -24.41 28.11
N ASN D 232 17.69 -25.16 28.42
CA ASN D 232 17.66 -26.14 29.56
C ASN D 232 18.35 -25.58 30.81
N VAL D 233 18.82 -24.32 30.80
CA VAL D 233 19.18 -23.59 32.05
C VAL D 233 17.89 -23.21 32.79
N THR D 234 17.93 -23.34 34.11
CA THR D 234 16.77 -23.09 35.00
C THR D 234 16.87 -21.72 35.67
N ASN D 235 15.71 -21.13 35.96
CA ASN D 235 15.58 -19.86 36.72
C ASN D 235 14.20 -19.82 37.37
N PHE D 236 14.11 -20.08 38.67
CA PHE D 236 12.86 -20.00 39.47
C PHE D 236 12.76 -18.65 40.19
N LYS D 237 13.82 -18.23 40.88
CA LYS D 237 13.72 -17.14 41.87
C LYS D 237 13.89 -15.78 41.19
N GLY D 238 14.55 -15.72 40.04
CA GLY D 238 14.64 -14.49 39.21
C GLY D 238 15.43 -13.36 39.87
N GLU D 239 16.44 -13.71 40.68
CA GLU D 239 17.29 -12.72 41.39
C GLU D 239 17.94 -11.79 40.37
N ASN D 240 18.29 -12.31 39.20
CA ASN D 240 19.01 -11.50 38.19
C ASN D 240 18.08 -10.99 37.08
N ASN D 241 16.75 -11.06 37.30
CA ASN D 241 15.77 -10.61 36.28
C ASN D 241 15.90 -9.10 36.07
N TYR D 242 15.55 -8.59 34.88
CA TYR D 242 15.43 -7.13 34.68
C TYR D 242 14.33 -6.62 35.63
N THR D 243 14.55 -5.49 36.29
CA THR D 243 13.58 -4.93 37.26
C THR D 243 12.85 -3.76 36.62
N VAL D 244 11.56 -3.94 36.32
CA VAL D 244 10.68 -2.86 35.80
C VAL D 244 10.30 -1.94 36.96
N LEU D 245 10.01 -2.53 38.11
CA LEU D 245 9.47 -1.78 39.25
C LEU D 245 9.82 -2.52 40.53
N ASP D 246 10.34 -1.80 41.52
CA ASP D 246 10.55 -2.32 42.89
C ASP D 246 10.06 -1.23 43.84
N VAL D 247 8.87 -1.37 44.43
CA VAL D 247 8.22 -0.28 45.16
C VAL D 247 7.58 -0.78 46.46
N GLU D 248 7.71 0.04 47.51
CA GLU D 248 7.13 -0.19 48.83
C GLU D 248 5.87 0.66 48.94
N GLY D 249 4.75 0.06 49.35
CA GLY D 249 3.51 0.82 49.58
C GLY D 249 2.29 -0.03 49.36
N THR D 250 1.13 0.62 49.29
CA THR D 250 -0.19 0.01 49.01
C THR D 250 -0.71 0.60 47.70
N GLY D 251 -0.99 -0.24 46.72
CA GLY D 251 -1.50 0.28 45.44
C GLY D 251 -1.56 -0.78 44.38
N HIS D 252 -1.38 -0.38 43.14
CA HIS D 252 -1.47 -1.32 41.99
C HIS D 252 -0.64 -0.79 40.83
N TYR D 253 0.04 -1.71 40.18
CA TYR D 253 0.79 -1.48 38.93
C TYR D 253 -0.17 -1.48 37.74
N VAL D 254 -0.09 -0.48 36.86
CA VAL D 254 -1.03 -0.34 35.71
C VAL D 254 -0.30 -0.48 34.36
N GLY D 255 0.97 -0.83 34.37
CA GLY D 255 1.70 -1.33 33.20
C GLY D 255 2.96 -0.57 32.91
N CYS D 256 3.47 -0.72 31.69
CA CYS D 256 4.84 -0.28 31.35
C CYS D 256 4.99 -0.03 29.86
N ASN D 257 6.02 0.75 29.53
CA ASN D 257 6.62 0.67 28.18
C ASN D 257 8.02 0.10 28.31
N LEU D 258 8.50 -0.58 27.27
CA LEU D 258 9.82 -1.25 27.30
C LEU D 258 10.50 -1.00 25.95
N THR D 259 11.67 -0.40 26.02
CA THR D 259 12.60 -0.19 24.88
C THR D 259 13.75 -1.19 24.94
N VAL D 260 13.85 -2.02 23.92
CA VAL D 260 14.94 -3.03 23.80
C VAL D 260 15.71 -2.76 22.50
N LYS D 261 17.01 -2.51 22.63
CA LYS D 261 17.97 -2.73 21.53
C LYS D 261 18.61 -4.10 21.65
N HIS D 262 18.46 -4.92 20.62
CA HIS D 262 18.83 -6.35 20.55
C HIS D 262 20.10 -6.50 19.72
N PHE D 263 21.13 -7.15 20.25
CA PHE D 263 22.49 -7.19 19.60
C PHE D 263 22.74 -8.45 18.76
N GLN D 264 22.20 -9.60 19.10
CA GLN D 264 22.72 -10.80 18.38
C GLN D 264 21.91 -11.05 17.09
N GLY D 265 20.73 -10.47 16.94
CA GLY D 265 20.02 -10.63 15.66
C GLY D 265 19.25 -11.94 15.56
N SER D 266 18.70 -12.39 16.68
CA SER D 266 17.82 -13.58 16.75
C SER D 266 16.51 -13.15 17.41
N TRP D 267 16.34 -13.36 18.72
CA TRP D 267 15.13 -12.92 19.44
C TRP D 267 15.51 -12.57 20.89
N TRP D 268 14.98 -11.44 21.35
CA TRP D 268 15.31 -10.81 22.64
C TRP D 268 14.27 -11.21 23.69
N GLY D 269 13.19 -11.92 23.31
CA GLY D 269 11.93 -11.95 24.09
C GLY D 269 11.52 -13.29 24.70
N GLU D 270 12.44 -14.22 24.99
CA GLU D 270 12.04 -15.51 25.61
C GLU D 270 11.81 -15.37 27.13
N GLY D 271 12.24 -14.27 27.73
CA GLY D 271 12.23 -14.14 29.19
C GLY D 271 10.83 -13.95 29.70
N ASN D 272 10.56 -14.52 30.89
CA ASN D 272 9.23 -14.53 31.52
C ASN D 272 9.09 -13.30 32.40
N ASP D 273 7.94 -12.65 32.35
CA ASP D 273 7.49 -11.74 33.43
C ASP D 273 7.38 -12.58 34.71
N MET D 274 7.83 -12.04 35.83
CA MET D 274 7.73 -12.73 37.15
C MET D 274 7.40 -11.63 38.15
N PHE D 275 6.22 -11.70 38.72
CA PHE D 275 5.79 -10.67 39.69
C PHE D 275 5.94 -11.24 41.09
N PHE D 276 6.51 -10.43 41.98
CA PHE D 276 6.74 -10.77 43.41
C PHE D 276 5.90 -9.84 44.25
N ILE D 277 4.87 -10.36 44.87
CA ILE D 277 3.88 -9.53 45.62
C ILE D 277 4.15 -9.67 47.13
N ASP D 278 4.23 -8.53 47.80
CA ASP D 278 4.25 -8.36 49.27
C ASP D 278 5.40 -9.16 49.89
N GLY D 279 6.57 -9.15 49.24
CA GLY D 279 7.81 -9.68 49.81
C GLY D 279 7.98 -11.18 49.62
N GLU D 280 7.09 -11.86 48.90
CA GLU D 280 7.23 -13.34 48.73
C GLU D 280 8.59 -13.59 48.06
N GLU D 281 9.27 -14.69 48.41
CA GLU D 281 10.63 -15.08 47.92
C GLU D 281 10.59 -15.57 46.45
N TYR D 282 9.63 -16.43 46.10
CA TYR D 282 9.38 -16.93 44.71
C TYR D 282 8.19 -16.18 44.13
N PRO D 283 8.20 -15.88 42.82
CA PRO D 283 7.15 -15.05 42.23
C PRO D 283 5.81 -15.80 42.23
N SER D 284 4.71 -15.18 42.66
CA SER D 284 3.37 -15.83 42.63
C SER D 284 2.77 -15.75 41.22
N LEU D 285 3.16 -14.75 40.42
CA LEU D 285 2.67 -14.56 39.03
C LEU D 285 3.84 -14.88 38.10
N ASN D 286 3.74 -16.02 37.42
CA ASN D 286 4.70 -16.49 36.41
C ASN D 286 4.10 -16.32 35.01
N GLY D 287 4.81 -15.63 34.15
CA GLY D 287 4.52 -15.57 32.71
C GLY D 287 5.33 -16.57 31.92
N THR D 288 5.34 -16.41 30.61
CA THR D 288 5.79 -17.43 29.67
C THR D 288 6.79 -16.85 28.68
N GLY D 289 6.80 -15.54 28.50
CA GLY D 289 7.64 -14.92 27.49
C GLY D 289 7.41 -13.44 27.43
N THR D 290 8.30 -12.68 26.77
CA THR D 290 8.20 -11.20 26.82
C THR D 290 7.10 -10.75 25.84
N GLU D 291 7.05 -11.26 24.60
CA GLU D 291 5.96 -10.89 23.68
C GLU D 291 4.66 -11.39 24.34
N ASP D 292 4.72 -12.52 25.04
CA ASP D 292 3.53 -13.12 25.71
C ASP D 292 3.01 -12.11 26.75
N TYR D 293 3.92 -11.52 27.53
CA TYR D 293 3.58 -10.47 28.50
C TYR D 293 2.90 -9.30 27.77
N PHE D 294 3.43 -8.86 26.64
CA PHE D 294 2.82 -7.78 25.79
C PHE D 294 1.62 -8.27 24.97
N ASN D 295 1.18 -9.53 25.15
CA ASN D 295 -0.07 -10.11 24.56
C ASN D 295 0.02 -10.26 23.03
N HIS D 296 1.24 -10.40 22.51
CA HIS D 296 1.53 -10.83 21.14
C HIS D 296 2.01 -12.28 21.22
N ALA D 297 2.45 -12.84 20.13
CA ALA D 297 2.90 -14.25 20.08
C ALA D 297 3.77 -14.43 18.85
N TRP D 298 4.81 -15.26 18.96
CA TRP D 298 5.73 -15.59 17.84
C TRP D 298 6.44 -14.31 17.36
N GLY D 299 6.99 -13.59 18.34
CA GLY D 299 7.54 -12.25 18.17
C GLY D 299 6.50 -11.18 18.44
N MET D 300 6.90 -9.93 18.25
CA MET D 300 5.98 -8.77 18.30
C MET D 300 5.37 -8.54 16.90
N GLN D 301 4.12 -8.08 16.87
CA GLN D 301 3.41 -7.68 15.65
C GLN D 301 3.37 -6.15 15.56
N ARG D 302 3.17 -5.65 14.34
CA ARG D 302 2.91 -4.21 14.10
C ARG D 302 1.44 -3.94 14.41
N ASN D 303 1.06 -4.15 15.66
CA ASN D 303 -0.30 -3.85 16.16
C ASN D 303 -0.16 -3.01 17.41
N ALA D 304 -1.08 -2.09 17.58
CA ALA D 304 -1.17 -1.31 18.82
C ALA D 304 -2.64 -1.25 19.23
N TYR D 305 -2.97 -1.87 20.36
CA TYR D 305 -4.36 -2.15 20.77
C TYR D 305 -4.60 -1.38 22.06
N PRO D 306 -5.87 -1.28 22.52
CA PRO D 306 -6.18 -0.45 23.68
C PRO D 306 -5.30 -0.67 24.91
N PHE D 307 -4.95 -1.94 25.24
CA PHE D 307 -4.21 -2.32 26.46
C PHE D 307 -2.80 -2.84 26.17
N PHE D 308 -2.37 -2.92 24.91
CA PHE D 308 -1.01 -3.46 24.64
C PHE D 308 -0.59 -3.34 23.18
N GLY D 309 0.70 -3.38 22.95
CA GLY D 309 1.27 -3.78 21.66
C GLY D 309 2.57 -3.09 21.37
N THR D 310 2.77 -2.81 20.08
CA THR D 310 4.04 -2.28 19.53
C THR D 310 3.88 -0.79 19.24
N ILE D 311 4.84 0.00 19.70
CA ILE D 311 4.97 1.44 19.35
C ILE D 311 5.97 1.59 18.21
N VAL D 312 7.15 0.96 18.33
CA VAL D 312 8.21 0.92 17.28
C VAL D 312 8.58 -0.54 17.07
N HIS D 313 8.51 -1.01 15.83
CA HIS D 313 8.74 -2.44 15.52
C HIS D 313 10.19 -2.61 15.10
N GLU D 314 10.87 -3.59 15.69
CA GLU D 314 12.28 -3.97 15.37
C GLU D 314 12.48 -4.17 13.85
N GLY D 315 11.50 -4.62 13.10
CA GLY D 315 11.64 -4.79 11.64
C GLY D 315 11.73 -3.46 10.89
N ASP D 316 11.41 -2.34 11.54
CA ASP D 316 11.41 -0.98 10.91
C ASP D 316 12.67 -0.22 11.34
N THR D 317 13.51 -0.82 12.20
CA THR D 317 14.63 -0.10 12.82
C THR D 317 15.91 -0.91 12.72
N ASP D 318 16.96 -0.27 13.20
CA ASP D 318 18.31 -0.84 13.45
C ASP D 318 18.29 -1.57 14.80
N GLY D 319 17.47 -2.63 14.91
CA GLY D 319 17.52 -3.64 15.98
C GLY D 319 16.84 -3.26 17.29
N PHE D 320 15.92 -2.31 17.29
CA PHE D 320 15.26 -1.88 18.54
C PHE D 320 13.74 -1.87 18.41
N GLN D 321 13.13 -2.18 19.55
CA GLN D 321 11.67 -2.39 19.70
C GLN D 321 11.22 -1.55 20.89
N VAL D 322 10.07 -0.89 20.74
CA VAL D 322 9.34 -0.20 21.84
C VAL D 322 7.95 -0.81 21.92
N SER D 323 7.56 -1.26 23.12
CA SER D 323 6.36 -2.10 23.43
C SER D 323 5.66 -1.52 24.67
N TYR D 324 4.40 -1.84 24.86
CA TYR D 324 3.66 -1.34 26.04
C TYR D 324 2.60 -2.36 26.44
N ARG D 325 2.22 -2.30 27.70
CA ARG D 325 1.03 -2.99 28.21
C ARG D 325 0.44 -2.14 29.33
N TRP D 326 -0.88 -1.99 29.30
CA TRP D 326 -1.70 -1.31 30.33
C TRP D 326 -2.52 -2.38 31.05
N HIS D 327 -2.42 -2.40 32.36
CA HIS D 327 -3.23 -3.22 33.27
C HIS D 327 -4.27 -2.32 33.92
N ILE D 328 -5.23 -1.91 33.10
CA ILE D 328 -6.28 -0.97 33.55
C ILE D 328 -7.45 -1.75 34.17
N THR D 329 -7.96 -2.78 33.52
CA THR D 329 -9.04 -3.59 34.16
C THR D 329 -8.42 -4.75 34.93
N ASP D 330 -7.12 -4.99 34.72
CA ASP D 330 -6.40 -6.18 35.25
C ASP D 330 -5.15 -5.74 36.00
N PRO D 331 -5.23 -4.71 36.88
CA PRO D 331 -4.08 -4.20 37.60
C PRO D 331 -3.44 -5.26 38.49
N VAL D 332 -2.15 -5.12 38.75
CA VAL D 332 -1.42 -6.00 39.71
C VAL D 332 -1.33 -5.25 41.04
N ARG D 333 -2.12 -5.70 42.01
CA ARG D 333 -2.30 -5.03 43.31
C ARG D 333 -1.22 -5.55 44.28
N PHE D 334 -0.97 -4.77 45.31
CA PHE D 334 0.01 -5.07 46.38
C PHE D 334 -0.42 -4.27 47.62
N GLU D 335 -0.24 -4.85 48.81
CA GLU D 335 -0.59 -4.23 50.12
C GLU D 335 0.66 -3.60 50.71
N LYS D 336 1.83 -4.10 50.33
CA LYS D 336 3.08 -3.77 51.07
C LYS D 336 4.23 -3.52 50.11
N HIS D 337 4.33 -4.29 49.03
CA HIS D 337 5.52 -4.27 48.16
C HIS D 337 5.17 -4.92 46.83
N LEU D 338 5.75 -4.41 45.75
CA LEU D 338 5.66 -5.08 44.43
C LEU D 338 7.03 -5.02 43.77
N LYS D 339 7.49 -6.16 43.27
CA LYS D 339 8.63 -6.21 42.32
C LYS D 339 8.14 -6.76 40.98
N VAL D 340 8.20 -5.94 39.94
CA VAL D 340 7.85 -6.37 38.57
C VAL D 340 9.15 -6.67 37.83
N THR D 341 9.37 -7.91 37.41
CA THR D 341 10.62 -8.30 36.75
C THR D 341 10.30 -8.98 35.44
N ILE D 342 11.28 -9.02 34.51
CA ILE D 342 11.22 -9.88 33.32
C ILE D 342 12.61 -10.48 33.17
N GLU D 343 12.72 -11.78 32.92
CA GLU D 343 14.00 -12.39 32.51
C GLU D 343 14.49 -11.66 31.25
N HIS D 344 15.71 -11.17 31.24
CA HIS D 344 16.35 -10.55 30.05
C HIS D 344 16.91 -11.66 29.15
N GLY D 345 16.01 -12.19 28.31
CA GLY D 345 16.22 -13.46 27.61
C GLY D 345 15.90 -14.60 28.56
N HIS D 346 15.77 -15.80 28.05
CA HIS D 346 15.46 -16.95 28.94
C HIS D 346 16.49 -17.01 30.07
N ALA D 347 16.08 -17.14 31.34
CA ALA D 347 17.05 -17.29 32.46
C ALA D 347 18.14 -16.21 32.39
N ASN D 348 17.84 -15.00 31.91
CA ASN D 348 18.78 -13.85 31.94
C ASN D 348 20.03 -14.14 31.11
N GLN D 349 19.86 -14.87 30.01
CA GLN D 349 20.91 -15.22 29.03
C GLN D 349 21.54 -13.97 28.40
N LEU D 350 20.72 -12.97 28.07
CA LEU D 350 21.11 -11.91 27.13
C LEU D 350 21.66 -10.67 27.84
N SER D 351 22.44 -9.89 27.09
CA SER D 351 23.15 -8.68 27.53
C SER D 351 22.68 -7.50 26.68
N ASP D 352 21.38 -7.44 26.37
CA ASP D 352 20.82 -6.38 25.48
C ASP D 352 20.69 -5.06 26.25
N ASP D 353 20.30 -3.99 25.54
CA ASP D 353 20.02 -2.65 26.12
C ASP D 353 18.52 -2.55 26.41
N TRP D 354 18.12 -2.63 27.68
CA TRP D 354 16.71 -2.57 28.13
C TRP D 354 16.48 -1.29 28.93
N SER D 355 15.42 -0.57 28.61
CA SER D 355 14.91 0.58 29.41
C SER D 355 13.38 0.51 29.43
N SER D 356 12.79 1.00 30.51
CA SER D 356 11.37 0.83 30.82
C SER D 356 10.84 2.01 31.61
N THR D 357 9.60 2.40 31.33
CA THR D 357 8.79 3.21 32.25
C THR D 357 7.77 2.30 32.94
N ALA D 358 7.73 2.34 34.27
CA ALA D 358 6.70 1.66 35.08
C ALA D 358 5.72 2.73 35.54
N TYR D 359 4.44 2.41 35.47
CA TYR D 359 3.34 3.29 35.93
C TYR D 359 2.53 2.54 36.99
N TRP D 360 2.25 3.22 38.08
CA TRP D 360 1.45 2.60 39.17
C TRP D 360 0.72 3.68 39.95
N TYR D 361 -0.27 3.26 40.72
CA TYR D 361 -1.00 4.13 41.66
C TYR D 361 -0.68 3.59 43.05
N GLN D 362 -0.61 4.49 44.02
CA GLN D 362 -0.38 4.09 45.43
C GLN D 362 -0.90 5.20 46.32
N ILE D 363 -1.38 4.82 47.50
CA ILE D 363 -1.69 5.75 48.62
C ILE D 363 -0.39 6.40 49.06
N LEU D 364 -0.48 7.64 49.52
CA LEU D 364 0.66 8.38 50.10
C LEU D 364 0.89 7.89 51.53
N PRO D 365 2.07 8.10 52.13
CA PRO D 365 3.22 8.73 51.46
C PRO D 365 3.89 7.84 50.41
N THR D 366 4.57 8.45 49.45
CA THR D 366 5.55 7.76 48.57
C THR D 366 6.72 7.33 49.46
N ALA D 367 6.79 6.07 49.90
CA ALA D 367 7.89 5.57 50.77
C ALA D 367 9.18 5.40 49.96
N SER D 368 9.09 5.02 48.69
CA SER D 368 10.27 4.68 47.86
C SER D 368 10.74 5.98 47.20
N ARG D 369 12.01 6.30 47.38
CA ARG D 369 12.62 7.47 46.70
C ARG D 369 12.80 7.12 45.22
N ILE D 370 12.13 7.84 44.35
CA ILE D 370 12.24 7.62 42.88
C ILE D 370 13.45 8.39 42.35
N THR D 371 14.38 7.68 41.75
CA THR D 371 15.64 8.23 41.22
C THR D 371 15.66 8.02 39.71
N ILE D 372 16.53 8.76 39.04
CA ILE D 372 16.75 8.55 37.59
C ILE D 372 18.26 8.56 37.33
N ALA D 373 18.70 7.67 36.44
CA ALA D 373 20.04 7.64 35.86
C ALA D 373 20.34 9.03 35.31
N PRO D 374 21.60 9.48 35.46
CA PRO D 374 22.02 10.77 34.93
C PRO D 374 22.00 10.74 33.40
N VAL D 375 22.01 11.92 32.77
CA VAL D 375 21.68 12.11 31.33
C VAL D 375 22.61 11.23 30.49
N GLU D 376 23.88 11.10 30.85
CA GLU D 376 24.87 10.35 30.01
C GLU D 376 24.50 8.85 29.95
N ASP D 377 23.66 8.35 30.88
CA ASP D 377 23.22 6.93 30.92
C ASP D 377 21.84 6.71 30.28
N ARG D 378 21.24 7.74 29.70
CA ARG D 378 19.88 7.72 29.10
C ARG D 378 19.89 7.81 27.57
N LEU D 379 21.06 7.90 26.92
CA LEU D 379 21.13 8.14 25.47
C LEU D 379 21.03 6.83 24.74
N PRO D 380 20.31 6.81 23.61
CA PRO D 380 20.28 5.61 22.77
C PRO D 380 21.68 5.16 22.38
N VAL D 381 21.83 3.85 22.24
CA VAL D 381 23.05 3.21 21.67
C VAL D 381 22.90 3.21 20.16
N VAL D 382 23.76 3.92 19.46
CA VAL D 382 23.68 4.03 17.98
C VAL D 382 25.05 3.74 17.43
N PRO D 383 25.15 3.13 16.24
CA PRO D 383 26.43 2.96 15.57
C PRO D 383 26.92 4.32 15.07
N GLN D 384 28.24 4.48 14.96
CA GLN D 384 28.87 5.75 14.53
C GLN D 384 29.82 5.49 13.36
N LEU D 385 29.78 6.41 12.40
CA LEU D 385 30.69 6.45 11.25
C LEU D 385 32.12 6.56 11.75
N PRO D 386 33.10 5.88 11.12
CA PRO D 386 34.51 6.08 11.47
C PRO D 386 34.86 7.53 11.13
N GLU D 387 35.70 8.18 11.95
CA GLU D 387 36.06 9.61 11.76
C GLU D 387 36.78 9.74 10.40
N ARG D 388 36.50 10.81 9.67
CA ARG D 388 36.79 10.83 8.20
C ARG D 388 38.17 11.47 8.00
N LYS D 389 38.51 12.51 8.76
CA LYS D 389 39.85 13.17 8.73
C LYS D 389 40.19 13.56 7.28
N LEU D 390 39.38 14.47 6.72
CA LEU D 390 39.49 14.97 5.33
C LEU D 390 40.71 15.91 5.23
N VAL D 391 41.44 15.89 4.12
CA VAL D 391 42.48 16.94 3.84
C VAL D 391 41.98 17.80 2.67
N LEU D 392 41.84 19.13 2.84
CA LEU D 392 41.38 20.04 1.74
C LEU D 392 42.33 19.90 0.56
N PRO D 393 41.82 19.96 -0.69
CA PRO D 393 42.71 20.04 -1.84
C PRO D 393 43.36 21.44 -1.83
N GLN D 394 44.24 21.72 -2.78
CA GLN D 394 44.75 23.10 -2.97
C GLN D 394 43.57 23.96 -3.41
N LEU D 395 43.33 25.08 -2.74
CA LEU D 395 42.16 25.95 -2.99
C LEU D 395 42.53 27.03 -4.01
N THR D 396 41.60 27.36 -4.90
CA THR D 396 41.67 28.56 -5.78
C THR D 396 41.38 29.77 -4.89
N GLU D 397 41.77 30.98 -5.29
CA GLU D 397 41.35 32.23 -4.61
C GLU D 397 39.83 32.20 -4.38
N GLU D 398 39.07 31.84 -5.41
CA GLU D 398 37.58 31.81 -5.42
C GLU D 398 37.02 30.94 -4.29
N GLN D 399 37.55 29.72 -4.20
CA GLN D 399 37.14 28.72 -3.18
C GLN D 399 37.49 29.25 -1.80
N GLN D 400 38.69 29.82 -1.61
CA GLN D 400 39.10 30.40 -0.30
C GLN D 400 38.11 31.49 0.07
N ALA D 401 37.77 32.36 -0.88
CA ALA D 401 36.86 33.49 -0.66
C ALA D 401 35.46 32.95 -0.29
N ALA D 402 34.94 31.95 -1.01
CA ALA D 402 33.62 31.32 -0.71
C ALA D 402 33.63 30.84 0.73
N ARG D 403 34.69 30.13 1.10
CA ARG D 403 34.81 29.56 2.46
C ARG D 403 34.84 30.71 3.47
N ASP D 404 35.60 31.76 3.18
CA ASP D 404 35.71 32.90 4.14
C ASP D 404 34.40 33.68 4.20
N THR D 405 33.70 33.88 3.08
CA THR D 405 32.43 34.63 3.07
C THR D 405 31.41 33.88 3.93
N TYR D 406 31.30 32.58 3.71
CA TYR D 406 30.38 31.66 4.45
C TYR D 406 30.69 31.74 5.95
N GLN D 407 31.97 31.61 6.31
CA GLN D 407 32.41 31.61 7.74
C GLN D 407 32.05 32.95 8.39
N LYS D 408 32.22 34.07 7.67
CA LYS D 408 31.82 35.41 8.15
C LYS D 408 30.31 35.47 8.35
N ARG D 409 29.52 34.96 7.42
CA ARG D 409 28.05 34.95 7.63
C ARG D 409 27.76 34.17 8.90
N TRP D 410 28.45 33.05 9.11
CA TRP D 410 28.15 32.16 10.26
C TRP D 410 28.49 32.88 11.56
N LYS D 411 29.64 33.57 11.59
CA LYS D 411 30.09 34.29 12.80
C LYS D 411 29.05 35.35 13.17
N ASP D 412 28.47 36.03 12.17
CA ASP D 412 27.46 37.09 12.36
C ASP D 412 26.10 36.50 12.77
N TYR D 413 25.72 35.38 12.14
CA TYR D 413 24.32 34.85 12.20
C TYR D 413 24.08 34.14 13.53
N GLU D 414 25.00 33.26 13.96
CA GLU D 414 24.76 32.35 15.11
C GLU D 414 24.44 33.19 16.34
N PRO D 415 25.22 34.26 16.68
CA PRO D 415 24.90 35.09 17.84
C PRO D 415 23.49 35.70 17.75
N ARG D 416 23.02 36.08 16.56
CA ARG D 416 21.68 36.69 16.36
C ARG D 416 20.59 35.65 16.68
N ARG D 417 20.78 34.38 16.32
CA ARG D 417 19.83 33.31 16.72
C ARG D 417 19.88 33.13 18.25
N ASP D 418 21.09 33.13 18.82
CA ASP D 418 21.29 32.99 20.29
C ASP D 418 20.44 34.04 21.02
N THR D 419 20.53 35.29 20.58
CA THR D 419 19.75 36.42 21.15
C THR D 419 18.26 36.06 21.13
N GLN D 420 17.77 35.50 20.00
CA GLN D 420 16.31 35.21 19.87
C GLN D 420 15.92 34.05 20.78
N PHE D 421 16.75 33.01 20.92
CA PHE D 421 16.50 31.92 21.91
C PHE D 421 16.42 32.51 23.33
N ARG D 422 17.31 33.45 23.70
CA ARG D 422 17.36 33.97 25.11
C ARG D 422 16.04 34.70 25.40
N ILE D 423 15.54 35.45 24.42
CA ILE D 423 14.26 36.21 24.53
C ILE D 423 13.11 35.24 24.82
N LYS D 424 13.00 34.14 24.08
CA LYS D 424 11.85 33.20 24.26
C LYS D 424 11.98 32.49 25.61
N GLU D 425 13.21 32.17 26.02
CA GLU D 425 13.53 31.55 27.33
C GLU D 425 13.07 32.49 28.47
N ASP D 426 13.30 33.79 28.32
CA ASP D 426 12.79 34.78 29.31
C ASP D 426 11.27 34.69 29.37
N LYS D 427 10.62 34.54 28.22
CA LYS D 427 9.15 34.44 28.15
C LYS D 427 8.71 33.18 28.91
N ALA D 428 9.34 32.03 28.67
CA ALA D 428 9.02 30.75 29.36
C ALA D 428 9.11 30.94 30.89
N ARG D 429 10.20 31.51 31.39
CA ARG D 429 10.38 31.75 32.85
C ARG D 429 9.29 32.69 33.39
N ARG D 430 8.94 33.75 32.64
CA ARG D 430 7.85 34.70 33.01
C ARG D 430 6.52 33.95 33.10
N GLU D 431 6.19 33.15 32.09
CA GLU D 431 4.88 32.47 31.98
C GLU D 431 4.76 31.33 32.98
N SER D 432 5.87 30.70 33.37
CA SER D 432 5.88 29.70 34.45
C SER D 432 5.29 30.35 35.71
N LYS D 433 5.74 31.56 36.08
CA LYS D 433 5.19 32.20 37.32
C LYS D 433 3.73 32.55 37.09
N LEU D 434 3.36 33.11 35.93
CA LEU D 434 1.95 33.52 35.65
C LEU D 434 1.02 32.30 35.75
N ASN D 435 1.46 31.14 35.29
CA ASN D 435 0.64 29.89 35.27
C ASN D 435 0.25 29.53 36.70
N THR D 436 1.23 29.53 37.62
CA THR D 436 1.00 29.21 39.05
C THR D 436 0.11 30.30 39.67
N GLU D 437 0.34 31.57 39.34
CA GLU D 437 -0.46 32.70 39.88
C GLU D 437 -1.92 32.55 39.44
N PHE D 438 -2.17 32.28 38.16
CA PHE D 438 -3.56 32.15 37.65
C PHE D 438 -4.23 30.93 38.30
N ALA D 439 -3.50 29.83 38.48
CA ALA D 439 -4.04 28.58 39.08
C ALA D 439 -4.46 28.90 40.52
N LYS D 440 -3.65 29.66 41.27
CA LYS D 440 -3.98 30.05 42.67
C LYS D 440 -5.26 30.92 42.66
N LYS D 441 -5.38 31.83 41.69
CA LYS D 441 -6.51 32.78 41.64
C LYS D 441 -7.77 32.00 41.32
N LEU D 442 -7.68 31.01 40.43
CA LEU D 442 -8.83 30.15 40.04
C LEU D 442 -9.31 29.34 41.25
N ARG D 443 -8.36 28.72 41.95
CA ARG D 443 -8.53 27.97 43.23
C ARG D 443 -9.34 28.81 44.23
N ASP D 444 -8.89 30.05 44.50
CA ASP D 444 -9.46 30.89 45.59
C ASP D 444 -10.83 31.41 45.17
N ALA D 445 -11.03 31.74 43.89
CA ALA D 445 -12.34 32.16 43.35
C ALA D 445 -13.34 31.00 43.43
N PHE D 446 -12.96 29.80 43.01
CA PHE D 446 -13.85 28.61 43.12
C PHE D 446 -14.21 28.38 44.59
N ASP D 447 -13.22 28.42 45.49
CA ASP D 447 -13.39 28.16 46.93
C ASP D 447 -14.22 29.29 47.57
N ALA D 448 -14.06 30.55 47.14
CA ALA D 448 -14.92 31.66 47.64
C ALA D 448 -16.39 31.39 47.28
N GLU D 449 -16.67 31.04 46.00
CA GLU D 449 -18.02 30.92 45.39
C GLU D 449 -18.91 29.96 46.21
N ILE E 4 -16.04 -6.10 42.18
CA ILE E 4 -15.53 -6.01 40.75
C ILE E 4 -15.31 -4.51 40.44
N THR E 5 -14.15 -4.15 39.88
CA THR E 5 -13.83 -2.75 39.48
C THR E 5 -13.47 -2.69 37.99
N GLY E 6 -13.28 -1.47 37.47
CA GLY E 6 -12.90 -1.22 36.06
C GLY E 6 -14.10 -1.01 35.14
N LEU E 7 -13.84 -0.68 33.88
CA LEU E 7 -14.87 -0.20 32.92
C LEU E 7 -15.83 -1.32 32.50
N PHE E 8 -15.54 -2.59 32.72
CA PHE E 8 -16.47 -3.70 32.37
C PHE E 8 -17.36 -4.08 33.58
N LYS E 9 -17.22 -3.42 34.73
CA LYS E 9 -17.80 -3.96 36.00
C LYS E 9 -19.34 -4.07 35.96
N ASP E 10 -20.06 -3.19 35.27
CA ASP E 10 -21.54 -3.22 35.27
C ASP E 10 -22.06 -4.46 34.54
N LEU E 11 -21.23 -5.16 33.76
CA LEU E 11 -21.66 -6.44 33.13
C LEU E 11 -21.88 -7.50 34.21
N THR E 12 -21.33 -7.31 35.42
CA THR E 12 -21.30 -8.37 36.46
C THR E 12 -22.46 -8.16 37.44
N LYS E 13 -23.41 -7.27 37.11
CA LYS E 13 -24.64 -7.07 37.91
C LYS E 13 -25.87 -6.88 37.00
N VAL E 14 -26.98 -7.49 37.38
CA VAL E 14 -28.21 -7.44 36.57
C VAL E 14 -28.94 -6.15 36.93
N LYS E 15 -29.69 -5.63 35.97
CA LYS E 15 -30.51 -4.42 36.10
C LYS E 15 -31.94 -4.77 35.68
N HIS E 16 -32.92 -4.38 36.49
CA HIS E 16 -34.35 -4.61 36.19
C HIS E 16 -34.82 -3.49 35.25
N ALA E 17 -34.33 -3.54 34.01
CA ALA E 17 -34.65 -2.58 32.92
C ALA E 17 -35.00 -3.37 31.66
N ARG E 18 -35.99 -2.88 30.91
CA ARG E 18 -36.58 -3.60 29.73
C ARG E 18 -36.03 -2.93 28.48
N ASN E 19 -35.41 -3.70 27.59
CA ASN E 19 -34.99 -3.18 26.26
C ASN E 19 -36.20 -2.83 25.42
N GLY E 20 -36.05 -1.76 24.64
CA GLY E 20 -36.84 -1.51 23.43
C GLY E 20 -35.96 -1.02 22.31
N ARG E 21 -36.53 -0.97 21.12
CA ARG E 21 -35.82 -0.49 19.90
C ARG E 21 -36.83 0.18 18.95
N LEU E 22 -36.53 1.41 18.52
CA LEU E 22 -37.16 2.03 17.31
C LEU E 22 -36.30 1.65 16.11
N ALA E 23 -36.91 1.07 15.08
CA ALA E 23 -36.22 0.66 13.85
C ALA E 23 -37.12 0.87 12.64
N SER E 24 -36.49 0.96 11.47
CA SER E 24 -37.12 1.06 10.13
C SER E 24 -37.54 -0.34 9.67
N TRP E 25 -37.68 -1.32 10.57
CA TRP E 25 -38.05 -2.69 10.16
C TRP E 25 -39.33 -2.66 9.33
N ASP E 26 -39.40 -3.58 8.38
CA ASP E 26 -40.53 -3.68 7.41
C ASP E 26 -41.70 -4.31 8.17
N GLN E 27 -42.70 -3.49 8.47
CA GLN E 27 -43.86 -3.93 9.29
C GLN E 27 -44.88 -4.68 8.43
N ARG E 28 -44.60 -4.86 7.12
CA ARG E 28 -45.25 -5.87 6.24
C ARG E 28 -44.58 -7.24 6.44
N GLY E 29 -43.43 -7.32 7.14
CA GLY E 29 -42.72 -8.59 7.37
C GLY E 29 -41.81 -8.92 6.22
N LYS E 30 -41.68 -8.02 5.23
CA LYS E 30 -40.93 -8.25 3.97
C LYS E 30 -39.55 -7.59 4.12
N ASN E 31 -38.82 -7.44 3.02
CA ASN E 31 -37.39 -7.04 3.08
C ASN E 31 -37.17 -5.57 2.71
N GLN E 32 -38.15 -4.67 2.95
CA GLN E 32 -37.94 -3.20 2.85
C GLN E 32 -37.76 -2.62 4.27
N ASP E 33 -36.65 -2.94 4.93
CA ASP E 33 -36.36 -2.58 6.35
C ASP E 33 -35.72 -1.19 6.41
N TYR E 34 -36.31 -0.28 5.65
CA TYR E 34 -35.95 1.15 5.57
C TYR E 34 -37.21 1.98 5.27
N TRP E 35 -37.09 3.28 5.53
CA TRP E 35 -38.11 4.33 5.31
C TRP E 35 -37.65 5.24 4.17
N GLU E 36 -38.54 5.45 3.21
CA GLU E 36 -38.39 6.54 2.21
C GLU E 36 -38.89 7.81 2.89
N ILE E 37 -37.96 8.64 3.38
CA ILE E 37 -38.27 9.91 4.08
C ILE E 37 -38.74 10.87 2.99
N PRO E 38 -39.99 11.37 3.03
CA PRO E 38 -40.49 12.27 1.97
C PRO E 38 -39.73 13.60 1.91
N ALA E 39 -39.68 14.17 0.71
CA ALA E 39 -39.13 15.52 0.43
C ALA E 39 -39.96 16.57 1.18
N GLY E 40 -39.29 17.53 1.83
CA GLY E 40 -39.89 18.72 2.48
C GLY E 40 -40.81 18.34 3.62
N GLU E 41 -40.57 17.20 4.29
CA GLU E 41 -41.41 16.72 5.43
C GLU E 41 -40.53 16.35 6.62
N SER E 42 -41.08 16.53 7.82
CA SER E 42 -40.60 15.92 9.09
C SER E 42 -41.23 14.53 9.25
N ILE E 43 -40.47 13.57 9.77
CA ILE E 43 -41.06 12.27 10.17
C ILE E 43 -40.45 11.85 11.52
N THR E 44 -41.30 11.35 12.41
CA THR E 44 -40.93 10.88 13.76
C THR E 44 -40.43 9.43 13.63
N LEU E 45 -39.17 9.19 13.97
CA LEU E 45 -38.64 7.80 13.99
C LEU E 45 -39.29 7.06 15.15
N GLY E 46 -39.60 7.80 16.22
CA GLY E 46 -40.42 7.27 17.31
C GLY E 46 -40.48 8.19 18.48
N GLU E 47 -41.46 7.95 19.33
CA GLU E 47 -41.65 8.69 20.60
C GLU E 47 -41.71 7.62 21.68
N ILE E 48 -40.90 7.77 22.73
CA ILE E 48 -40.75 6.79 23.84
C ILE E 48 -41.15 7.49 25.13
N GLU E 49 -42.03 6.88 25.92
CA GLU E 49 -42.29 7.34 27.31
C GLU E 49 -41.17 6.93 28.24
N GLY E 50 -40.69 7.87 29.03
CA GLY E 50 -39.71 7.67 30.11
C GLY E 50 -40.38 7.08 31.34
N PRO E 51 -39.60 6.66 32.37
CA PRO E 51 -38.15 6.84 32.33
C PRO E 51 -37.36 5.76 31.57
N GLY E 52 -36.28 6.20 30.94
CA GLY E 52 -35.40 5.35 30.12
C GLY E 52 -34.14 6.06 29.66
N CYS E 53 -33.44 5.44 28.70
CA CYS E 53 -32.13 5.93 28.21
C CYS E 53 -31.86 5.35 26.82
N ILE E 54 -31.56 6.22 25.86
CA ILE E 54 -31.02 5.76 24.55
C ILE E 54 -29.62 5.18 24.85
N THR E 55 -29.35 3.96 24.40
CA THR E 55 -28.03 3.29 24.57
C THR E 55 -27.22 3.20 23.27
N HIS E 56 -27.86 3.31 22.13
CA HIS E 56 -27.21 2.99 20.84
C HIS E 56 -28.08 3.46 19.67
N MET E 57 -27.48 4.16 18.73
CA MET E 57 -28.10 4.43 17.42
C MET E 57 -27.18 3.90 16.32
N TRP E 58 -27.76 3.20 15.37
CA TRP E 58 -27.13 2.85 14.08
C TRP E 58 -28.04 3.31 12.95
N MET E 59 -27.49 3.96 11.93
CA MET E 59 -28.27 4.31 10.73
C MET E 59 -27.40 4.14 9.48
N THR E 60 -28.05 4.05 8.33
CA THR E 60 -27.40 4.28 7.03
C THR E 60 -28.44 4.93 6.14
N SER E 61 -28.02 5.44 4.98
CA SER E 61 -28.92 6.27 4.14
C SER E 61 -28.43 6.25 2.69
N SER E 62 -29.36 6.60 1.80
CA SER E 62 -29.13 6.75 0.34
C SER E 62 -30.05 7.85 -0.15
N CYS E 63 -29.55 8.67 -1.05
CA CYS E 63 -30.35 9.69 -1.74
C CYS E 63 -29.91 9.74 -3.21
N ARG E 64 -30.74 9.17 -4.06
CA ARG E 64 -30.50 9.11 -5.52
C ARG E 64 -31.58 9.94 -6.21
N LYS E 65 -31.17 10.66 -7.25
CA LYS E 65 -32.06 11.40 -8.17
C LYS E 65 -32.12 10.60 -9.48
N VAL E 66 -33.33 10.31 -9.96
CA VAL E 66 -33.54 9.63 -11.27
C VAL E 66 -33.23 10.65 -12.35
N VAL E 67 -32.22 10.41 -13.19
CA VAL E 67 -31.77 11.43 -14.19
C VAL E 67 -31.89 10.87 -15.62
N ALA E 68 -32.23 9.61 -15.80
CA ALA E 68 -32.35 9.01 -17.15
C ALA E 68 -33.35 7.87 -17.09
N PRO E 69 -33.96 7.53 -18.24
CA PRO E 69 -34.87 6.40 -18.32
C PRO E 69 -34.08 5.11 -18.12
N SER E 70 -34.78 4.10 -17.60
CA SER E 70 -34.19 2.76 -17.33
C SER E 70 -34.93 1.68 -18.11
N ILE E 71 -34.21 0.63 -18.53
CA ILE E 71 -34.81 -0.59 -19.13
C ILE E 71 -35.14 -1.61 -18.03
N LEU E 72 -34.92 -1.24 -16.75
CA LEU E 72 -35.40 -2.02 -15.58
C LEU E 72 -36.87 -1.66 -15.35
N ASP E 73 -37.75 -2.66 -15.44
CA ASP E 73 -39.19 -2.53 -15.07
C ASP E 73 -39.28 -1.83 -13.73
N PRO E 74 -39.80 -0.58 -13.68
CA PRO E 74 -39.77 0.22 -12.44
C PRO E 74 -40.64 -0.34 -11.30
N GLU E 75 -41.73 -1.02 -11.63
CA GLU E 75 -42.61 -1.64 -10.61
C GLU E 75 -41.84 -2.77 -9.92
N LEU E 76 -41.35 -3.75 -10.67
CA LEU E 76 -40.58 -4.88 -10.08
C LEU E 76 -39.30 -4.34 -9.42
N ASN E 77 -38.66 -3.33 -10.03
CA ASN E 77 -37.40 -2.74 -9.52
C ASN E 77 -37.59 -2.28 -8.07
N ALA E 78 -38.78 -1.77 -7.74
CA ALA E 78 -39.07 -1.21 -6.40
C ALA E 78 -38.95 -2.30 -5.32
N SER E 79 -39.15 -3.56 -5.67
CA SER E 79 -39.10 -4.72 -4.73
C SER E 79 -37.73 -5.41 -4.77
N ALA E 80 -36.84 -5.05 -5.67
CA ALA E 80 -35.48 -5.63 -5.70
C ALA E 80 -34.66 -4.95 -4.58
N ALA E 81 -33.32 -4.95 -4.65
CA ALA E 81 -32.48 -4.16 -3.71
C ALA E 81 -32.92 -2.70 -3.77
N PRO E 82 -32.84 -1.94 -2.65
CA PRO E 82 -33.36 -0.56 -2.61
C PRO E 82 -32.56 0.49 -3.40
N VAL E 83 -31.29 0.21 -3.66
CA VAL E 83 -30.37 1.19 -4.31
C VAL E 83 -29.72 0.54 -5.53
N MET E 84 -29.92 1.13 -6.71
CA MET E 84 -29.38 0.58 -7.96
C MET E 84 -27.95 1.07 -8.16
N GLU E 85 -27.03 0.31 -7.58
CA GLU E 85 -25.55 0.49 -7.64
C GLU E 85 -25.04 -0.04 -8.98
N ILE E 86 -25.40 0.69 -10.03
CA ILE E 86 -25.17 0.29 -11.44
C ILE E 86 -24.50 1.48 -12.12
N HIS E 87 -23.32 1.25 -12.68
CA HIS E 87 -22.54 2.31 -13.36
C HIS E 87 -23.34 2.89 -14.53
N PRO E 88 -23.47 4.23 -14.67
CA PRO E 88 -24.11 4.86 -15.83
C PRO E 88 -23.56 4.43 -17.20
N ALA E 89 -22.28 4.11 -17.27
CA ALA E 89 -21.65 3.62 -18.52
C ALA E 89 -22.36 2.39 -19.07
N LEU E 90 -23.15 1.64 -18.29
CA LEU E 90 -23.83 0.42 -18.81
C LEU E 90 -25.05 0.80 -19.66
N GLY E 91 -25.59 2.02 -19.53
CA GLY E 91 -26.67 2.52 -20.42
C GLY E 91 -28.05 2.02 -20.03
N VAL E 92 -28.24 1.47 -18.83
CA VAL E 92 -29.49 0.69 -18.52
C VAL E 92 -30.31 1.38 -17.44
N ILE E 93 -29.70 2.32 -16.72
CA ILE E 93 -30.34 3.02 -15.57
C ILE E 93 -29.41 4.18 -15.20
N TRP E 94 -29.96 5.22 -14.58
CA TRP E 94 -29.13 6.33 -14.02
C TRP E 94 -29.84 6.96 -12.83
N ASP E 95 -29.50 6.46 -11.64
CA ASP E 95 -29.85 7.04 -10.33
C ASP E 95 -28.58 7.71 -9.81
N ALA E 96 -28.54 9.04 -9.95
CA ALA E 96 -27.35 9.86 -9.66
C ALA E 96 -27.32 10.09 -8.14
N TYR E 97 -26.14 10.33 -7.56
CA TYR E 97 -25.97 10.60 -6.11
C TYR E 97 -26.35 12.05 -5.86
N ASP E 98 -27.18 12.30 -4.86
CA ASP E 98 -27.49 13.66 -4.35
C ASP E 98 -26.36 14.05 -3.40
N PRO E 99 -25.56 15.09 -3.71
CA PRO E 99 -24.32 15.34 -2.97
C PRO E 99 -24.50 15.85 -1.52
N PHE E 100 -25.56 16.59 -1.22
CA PHE E 100 -25.65 17.45 -0.01
C PHE E 100 -26.80 17.01 0.91
N TYR E 101 -27.36 15.82 0.70
CA TYR E 101 -28.56 15.39 1.47
C TYR E 101 -28.25 15.30 2.99
N TYR E 102 -26.99 15.01 3.34
CA TYR E 102 -26.50 14.99 4.76
C TYR E 102 -26.65 16.35 5.45
N ARG E 103 -26.57 17.44 4.68
CA ARG E 103 -26.77 18.83 5.19
C ARG E 103 -28.24 19.22 5.01
N LYS E 104 -28.95 18.67 4.03
CA LYS E 104 -30.36 19.08 3.77
C LYS E 104 -31.33 18.45 4.78
N ALA E 105 -31.01 17.28 5.35
CA ALA E 105 -31.84 16.65 6.40
C ALA E 105 -31.29 17.03 7.78
N LEU E 106 -32.15 17.19 8.79
CA LEU E 106 -31.71 17.36 10.20
C LEU E 106 -32.13 16.14 11.01
N ILE E 107 -31.39 15.87 12.09
CA ILE E 107 -31.92 15.04 13.20
C ILE E 107 -32.27 15.98 14.35
N LYS E 108 -33.41 15.69 14.96
CA LYS E 108 -34.05 16.58 15.94
C LYS E 108 -34.55 15.69 17.07
N ILE E 109 -34.07 15.95 18.28
CA ILE E 109 -34.55 15.21 19.48
C ILE E 109 -35.08 16.20 20.53
N THR E 110 -36.27 15.91 21.05
CA THR E 110 -36.96 16.71 22.08
C THR E 110 -37.13 15.83 23.31
N TRP E 111 -36.76 16.32 24.48
CA TRP E 111 -36.88 15.54 25.72
C TRP E 111 -38.05 16.10 26.57
N ASP E 112 -38.74 15.21 27.28
CA ASP E 112 -39.70 15.53 28.37
C ASP E 112 -40.75 16.55 27.89
N ASP E 113 -41.15 16.46 26.62
CA ASP E 113 -42.15 17.36 25.96
C ASP E 113 -41.81 18.85 26.16
N GLN E 114 -40.52 19.21 26.15
CA GLN E 114 -40.12 20.65 26.18
C GLN E 114 -40.61 21.36 24.92
N ASP E 115 -40.68 22.68 24.98
CA ASP E 115 -41.12 23.57 23.87
C ASP E 115 -39.97 23.74 22.86
N THR E 116 -38.75 23.29 23.19
CA THR E 116 -37.54 23.39 22.31
C THR E 116 -36.89 22.02 22.13
N PRO E 117 -36.27 21.77 20.96
CA PRO E 117 -35.40 20.59 20.83
C PRO E 117 -34.14 20.75 21.69
N SER E 118 -33.57 19.62 22.09
CA SER E 118 -32.25 19.55 22.79
C SER E 118 -31.18 19.06 21.80
N VAL E 119 -31.57 18.38 20.73
CA VAL E 119 -30.67 18.06 19.58
C VAL E 119 -31.32 18.65 18.34
N LEU E 120 -30.61 19.54 17.64
CA LEU E 120 -31.05 19.99 16.30
C LEU E 120 -29.79 20.20 15.44
N VAL E 121 -29.49 19.22 14.58
CA VAL E 121 -28.19 19.13 13.89
C VAL E 121 -28.42 18.51 12.52
N PRO E 122 -27.68 18.95 11.48
CA PRO E 122 -27.74 18.26 10.20
C PRO E 122 -27.47 16.78 10.44
N PHE E 123 -28.19 15.93 9.71
CA PHE E 123 -28.18 14.46 9.85
C PHE E 123 -26.72 13.98 9.76
N GLY E 124 -25.99 14.42 8.75
CA GLY E 124 -24.58 14.01 8.57
C GLY E 124 -23.69 14.47 9.71
N ASP E 125 -23.75 15.74 10.07
CA ASP E 125 -22.84 16.33 11.09
C ASP E 125 -23.05 15.65 12.45
N PHE E 126 -24.28 15.33 12.81
CA PHE E 126 -24.60 14.69 14.09
C PHE E 126 -23.78 13.41 14.25
N PHE E 127 -23.70 12.66 13.15
CA PHE E 127 -22.98 11.36 13.01
C PHE E 127 -21.57 11.59 12.46
N CYS E 128 -20.98 12.79 12.66
CA CYS E 128 -19.54 13.06 12.36
C CYS E 128 -19.28 12.82 10.88
N ILE E 129 -20.25 13.20 10.04
CA ILE E 129 -20.09 13.37 8.57
C ILE E 129 -20.11 14.89 8.38
N GLY E 130 -18.93 15.49 8.23
CA GLY E 130 -18.76 16.92 7.96
C GLY E 130 -18.93 17.22 6.48
N ASN E 131 -19.54 18.35 6.12
CA ASN E 131 -19.49 18.92 4.75
C ASN E 131 -20.24 17.99 3.78
N SER E 132 -21.16 17.18 4.29
CA SER E 132 -21.86 16.11 3.51
C SER E 132 -20.85 15.22 2.78
N TYR E 133 -19.73 14.93 3.43
CA TYR E 133 -18.57 14.22 2.82
C TYR E 133 -17.96 13.26 3.84
N PRO E 134 -18.46 11.99 3.87
CA PRO E 134 -18.04 11.03 4.87
C PRO E 134 -16.55 10.69 4.79
N GLY E 135 -16.02 10.43 5.96
CA GLY E 135 -14.71 9.80 6.18
C GLY E 135 -14.87 8.57 7.04
N ASN E 136 -14.13 7.52 6.69
CA ASN E 136 -14.10 6.28 7.50
C ASN E 136 -13.34 6.56 8.80
N PHE E 137 -13.94 6.27 9.96
CA PHE E 137 -13.20 6.38 11.24
C PHE E 137 -13.93 5.69 12.38
N SER E 138 -13.20 5.49 13.47
CA SER E 138 -13.73 4.98 14.74
C SER E 138 -13.24 5.90 15.86
N SER E 139 -14.11 6.13 16.84
CA SER E 139 -13.82 6.79 18.13
C SER E 139 -14.66 6.07 19.20
N LEU E 140 -14.53 6.41 20.48
CA LEU E 140 -15.27 5.66 21.52
C LEU E 140 -16.78 5.90 21.39
N PRO E 141 -17.30 7.16 21.19
CA PRO E 141 -18.74 7.37 21.08
C PRO E 141 -19.32 7.33 19.65
N PHE E 142 -18.52 7.61 18.62
CA PHE E 142 -19.06 7.68 17.23
C PHE E 142 -18.19 6.91 16.25
N ASN E 143 -18.84 6.25 15.28
CA ASN E 143 -18.12 5.51 14.22
C ASN E 143 -18.79 5.75 12.89
N VAL E 144 -17.97 5.74 11.85
CA VAL E 144 -18.47 5.70 10.46
C VAL E 144 -17.75 4.57 9.73
N SER E 145 -18.51 3.66 9.13
CA SER E 145 -17.96 2.55 8.31
C SER E 145 -18.29 2.86 6.86
N LEU E 146 -17.27 3.31 6.12
CA LEU E 146 -17.39 3.77 4.71
C LEU E 146 -16.51 2.87 3.83
N LYS E 147 -17.12 2.22 2.83
CA LYS E 147 -16.39 1.41 1.81
C LYS E 147 -15.43 2.30 1.04
N PRO E 148 -14.21 1.82 0.68
CA PRO E 148 -13.28 2.60 -0.16
C PRO E 148 -13.85 2.90 -1.56
N GLU E 149 -14.70 2.01 -2.08
CA GLU E 149 -15.34 2.18 -3.41
C GLU E 149 -16.24 3.43 -3.40
N GLU E 150 -16.77 3.82 -2.24
CA GLU E 150 -17.70 4.98 -2.07
C GLU E 150 -16.97 6.24 -1.57
N ALA E 151 -15.80 6.10 -0.95
CA ALA E 151 -15.17 7.21 -0.21
C ALA E 151 -14.71 8.28 -1.22
N GLY E 152 -14.55 9.51 -0.77
CA GLY E 152 -14.00 10.60 -1.60
C GLY E 152 -15.06 11.24 -2.46
N LYS E 153 -16.32 11.12 -2.06
CA LYS E 153 -17.48 11.70 -2.79
C LYS E 153 -18.42 12.31 -1.77
N PHE E 154 -18.99 13.48 -2.14
CA PHE E 154 -20.12 14.09 -1.43
C PHE E 154 -21.28 13.10 -1.45
N GLY E 155 -21.95 12.95 -0.32
CA GLY E 155 -23.18 12.13 -0.22
C GLY E 155 -22.93 10.63 -0.30
N ALA E 156 -21.70 10.19 -0.04
CA ALA E 156 -21.32 8.77 -0.05
C ALA E 156 -22.19 8.06 0.98
N PRO E 157 -22.73 6.86 0.66
CA PRO E 157 -23.37 6.03 1.68
C PRO E 157 -22.33 5.46 2.66
N CYS E 158 -22.70 5.37 3.94
CA CYS E 158 -21.82 4.77 4.97
C CYS E 158 -22.69 4.40 6.17
N SER E 159 -22.17 3.62 7.11
CA SER E 159 -22.91 3.27 8.34
C SER E 159 -22.46 4.18 9.46
N VAL E 160 -23.39 4.69 10.24
CA VAL E 160 -23.08 5.62 11.35
C VAL E 160 -23.57 4.98 12.64
N SER E 161 -22.82 5.15 13.72
CA SER E 161 -23.26 4.70 15.04
C SER E 161 -22.84 5.68 16.15
N CYS E 162 -23.71 5.78 17.15
CA CYS E 162 -23.54 6.67 18.31
C CYS E 162 -23.79 5.89 19.60
N TYR E 163 -22.87 5.97 20.55
CA TYR E 163 -22.90 5.25 21.84
C TYR E 163 -23.01 6.24 23.01
N PHE E 164 -23.12 7.54 22.75
CA PHE E 164 -23.43 8.50 23.82
C PHE E 164 -24.78 8.12 24.40
N PRO E 165 -24.87 7.94 25.73
CA PRO E 165 -26.15 7.67 26.36
C PRO E 165 -27.02 8.92 26.46
N MET E 166 -28.33 8.76 26.31
CA MET E 166 -29.30 9.89 26.29
C MET E 166 -30.44 9.54 27.23
N PRO E 167 -30.31 9.89 28.51
CA PRO E 167 -31.36 9.64 29.48
C PRO E 167 -32.55 10.60 29.32
N PHE E 168 -33.74 10.13 29.69
CA PHE E 168 -34.97 10.96 29.75
C PHE E 168 -35.97 10.37 30.76
N ASN E 169 -36.43 11.20 31.69
CA ASN E 169 -37.40 10.80 32.76
C ASN E 169 -38.80 10.68 32.20
N LYS E 170 -39.19 11.46 31.19
CA LYS E 170 -40.62 11.55 30.77
C LYS E 170 -40.79 11.22 29.29
N LYS E 171 -39.94 11.73 28.39
CA LYS E 171 -40.19 11.53 26.95
C LYS E 171 -38.92 11.69 26.12
N ALA E 172 -38.90 10.95 25.01
CA ALA E 172 -37.94 11.08 23.90
C ALA E 172 -38.76 11.14 22.62
N LYS E 173 -38.59 12.19 21.84
CA LYS E 173 -39.20 12.26 20.49
C LYS E 173 -38.04 12.48 19.51
N ILE E 174 -37.83 11.54 18.60
CA ILE E 174 -36.72 11.58 17.61
C ILE E 174 -37.32 11.74 16.23
N GLU E 175 -36.89 12.80 15.52
CA GLU E 175 -37.42 13.22 14.20
C GLU E 175 -36.27 13.42 13.20
N ILE E 176 -36.57 13.15 11.94
CA ILE E 176 -35.79 13.62 10.78
C ILE E 176 -36.59 14.79 10.18
N VAL E 177 -35.96 15.95 10.03
CA VAL E 177 -36.54 17.09 9.25
C VAL E 177 -35.87 17.08 7.88
N ASN E 178 -36.57 16.66 6.83
CA ASN E 178 -35.97 16.54 5.48
C ASN E 178 -36.26 17.80 4.66
N ASP E 179 -35.35 18.79 4.68
CA ASP E 179 -35.46 20.05 3.89
C ASP E 179 -34.99 19.87 2.45
N ASN E 180 -34.74 18.65 2.00
CA ASN E 180 -34.37 18.33 0.61
C ASN E 180 -35.63 18.40 -0.28
N GLU E 181 -35.48 18.79 -1.55
CA GLU E 181 -36.51 18.64 -2.62
C GLU E 181 -36.69 17.15 -2.98
N LEU E 182 -35.73 16.29 -2.61
CA LEU E 182 -35.78 14.83 -2.87
C LEU E 182 -36.09 14.05 -1.60
N PRO E 183 -36.82 12.93 -1.69
CA PRO E 183 -36.89 11.99 -0.57
C PRO E 183 -35.52 11.31 -0.39
N PHE E 184 -35.28 10.68 0.76
CA PHE E 184 -34.08 9.82 0.92
C PHE E 184 -34.42 8.58 1.77
N ILE E 185 -33.64 7.52 1.56
CA ILE E 185 -33.80 6.22 2.26
C ILE E 185 -33.03 6.31 3.57
N LEU E 186 -33.70 6.01 4.68
CA LEU E 186 -33.10 5.91 6.03
C LEU E 186 -33.40 4.53 6.60
N TYR E 187 -32.32 3.83 6.95
CA TYR E 187 -32.34 2.64 7.82
C TYR E 187 -31.98 3.12 9.21
N PHE E 188 -32.64 2.65 10.26
CA PHE E 188 -32.18 2.95 11.63
C PHE E 188 -32.50 1.80 12.60
N ASN E 189 -31.62 1.68 13.58
CA ASN E 189 -31.87 0.89 14.82
C ASN E 189 -31.54 1.83 15.97
N ILE E 190 -32.51 2.19 16.82
CA ILE E 190 -32.31 3.11 17.98
C ILE E 190 -32.65 2.31 19.25
N ASP E 191 -31.64 1.87 19.96
CA ASP E 191 -31.77 0.96 21.12
C ASP E 191 -31.89 1.79 22.39
N TYR E 192 -32.74 1.34 23.32
CA TYR E 192 -32.99 2.04 24.59
C TYR E 192 -33.39 1.03 25.67
N GLU E 193 -33.44 1.50 26.91
CA GLU E 193 -33.92 0.64 28.02
C GLU E 193 -34.87 1.54 28.84
N MET E 194 -35.90 0.92 29.40
CA MET E 194 -36.95 1.58 30.21
C MET E 194 -36.71 1.21 31.67
N TYR E 195 -36.94 2.13 32.60
CA TYR E 195 -36.69 1.94 34.05
C TYR E 195 -38.02 1.93 34.83
N GLY E 196 -38.01 1.24 35.96
CA GLY E 196 -39.19 1.01 36.82
C GLY E 196 -39.30 2.08 37.89
N GLU E 197 -38.40 3.06 37.88
CA GLU E 197 -38.39 4.25 38.78
C GLU E 197 -37.84 5.45 38.02
N PRO E 198 -38.14 6.68 38.47
CA PRO E 198 -37.61 7.87 37.79
C PRO E 198 -36.08 7.95 37.98
N LEU E 199 -35.38 8.56 37.01
CA LEU E 199 -33.96 8.91 37.13
C LEU E 199 -33.86 9.98 38.22
N PRO E 200 -32.71 10.16 38.90
CA PRO E 200 -32.54 11.31 39.79
C PRO E 200 -32.76 12.66 39.08
N GLU E 201 -32.97 13.71 39.88
CA GLU E 201 -33.47 15.04 39.41
C GLU E 201 -32.34 15.79 38.69
N ASP E 202 -31.10 15.62 39.13
CA ASP E 202 -29.90 16.21 38.49
C ASP E 202 -29.30 15.22 37.46
N THR E 203 -30.13 14.38 36.84
CA THR E 203 -29.73 13.61 35.64
C THR E 203 -29.45 14.62 34.55
N ALA E 204 -28.32 14.47 33.86
CA ALA E 204 -27.92 15.36 32.75
C ALA E 204 -28.35 14.73 31.43
N TYR E 205 -29.07 15.52 30.60
CA TYR E 205 -29.69 15.12 29.31
C TYR E 205 -28.76 15.50 28.15
N PHE E 206 -28.72 14.66 27.11
CA PHE E 206 -27.85 14.81 25.93
C PHE E 206 -28.40 15.92 25.01
N HIS E 207 -27.53 16.87 24.70
CA HIS E 207 -27.77 18.05 23.83
C HIS E 207 -26.72 18.09 22.69
N ALA E 208 -27.14 18.51 21.49
CA ALA E 208 -26.25 18.80 20.34
C ALA E 208 -26.82 19.96 19.50
N ALA E 209 -25.95 20.88 19.09
CA ALA E 209 -26.30 22.10 18.31
C ALA E 209 -25.26 22.31 17.21
N TRP E 210 -25.68 22.90 16.10
CA TRP E 210 -24.82 23.11 14.93
C TRP E 210 -24.68 24.60 14.65
N HIS E 211 -23.52 24.99 14.13
CA HIS E 211 -23.20 26.42 13.86
C HIS E 211 -22.33 26.50 12.62
N ARG E 212 -22.43 27.60 11.87
CA ARG E 212 -21.50 27.87 10.76
C ARG E 212 -21.17 29.36 10.76
N GLU E 213 -19.91 29.70 10.52
CA GLU E 213 -19.46 31.07 10.14
C GLU E 213 -18.79 30.93 8.76
N ASN E 214 -19.46 31.44 7.71
CA ASN E 214 -19.00 31.32 6.30
C ASN E 214 -19.30 32.60 5.53
N PRO E 215 -18.35 33.55 5.36
CA PRO E 215 -17.02 33.47 5.91
C PRO E 215 -16.92 33.91 7.39
N CYS E 216 -15.92 33.41 8.10
CA CYS E 216 -15.46 34.02 9.36
C CYS E 216 -15.04 35.45 9.03
N ASN E 217 -15.17 36.38 9.96
CA ASN E 217 -14.88 37.82 9.70
C ASN E 217 -13.42 38.10 10.07
N GLY E 218 -12.50 37.59 9.26
CA GLY E 218 -11.05 37.74 9.44
C GLY E 218 -10.59 39.17 9.17
N TRP E 219 -9.64 39.65 9.94
CA TRP E 219 -9.04 40.99 9.74
C TRP E 219 -7.94 40.90 8.67
N GLY E 220 -7.44 39.70 8.34
CA GLY E 220 -6.22 39.56 7.52
C GLY E 220 -6.23 38.37 6.57
N PRO E 221 -7.35 38.11 5.87
CA PRO E 221 -7.47 36.92 5.02
C PRO E 221 -6.44 36.85 3.86
N GLU E 222 -5.94 38.00 3.41
CA GLU E 222 -5.00 38.08 2.25
C GLU E 222 -3.57 38.17 2.78
N LEU E 223 -3.38 38.25 4.10
CA LEU E 223 -2.03 38.22 4.70
C LEU E 223 -1.59 36.76 4.86
N GLN E 224 -0.31 36.50 4.68
CA GLN E 224 0.21 35.12 4.84
C GLN E 224 0.09 34.71 6.30
N VAL E 225 -0.55 33.56 6.52
CA VAL E 225 -0.54 32.85 7.83
C VAL E 225 0.93 32.72 8.30
N ASN E 226 1.16 32.99 9.58
CA ASN E 226 2.44 32.86 10.34
C ASN E 226 3.48 33.86 9.85
N SER E 227 3.08 34.88 9.10
CA SER E 227 3.93 36.08 8.84
C SER E 227 4.15 36.76 10.17
N PRO E 228 5.30 37.45 10.37
CA PRO E 228 5.53 38.16 11.63
C PRO E 228 4.43 39.18 11.97
N GLU E 229 3.89 39.86 10.97
CA GLU E 229 2.81 40.87 11.15
C GLU E 229 1.59 40.18 11.74
N VAL E 230 1.19 39.02 11.21
CA VAL E 230 -0.01 38.30 11.73
C VAL E 230 0.26 37.91 13.17
N ASN E 231 1.41 37.31 13.44
CA ASN E 231 1.68 36.56 14.68
C ASN E 231 1.84 37.54 15.85
N ASN E 232 2.16 38.80 15.58
CA ASN E 232 2.37 39.81 16.64
C ASN E 232 1.07 40.56 16.96
N VAL E 233 -0.07 40.22 16.35
CA VAL E 233 -1.38 40.82 16.75
C VAL E 233 -1.85 40.13 18.02
N THR E 234 -2.42 40.87 18.97
CA THR E 234 -2.80 40.34 20.30
C THR E 234 -4.29 40.05 20.30
N ASN E 235 -4.70 39.00 20.98
CA ASN E 235 -6.13 38.67 21.23
C ASN E 235 -6.22 37.95 22.57
N PHE E 236 -6.70 38.66 23.58
CA PHE E 236 -6.89 38.12 24.94
C PHE E 236 -8.35 37.73 25.16
N LYS E 237 -9.27 38.62 24.82
CA LYS E 237 -10.68 38.53 25.26
C LYS E 237 -11.49 37.61 24.34
N GLY E 238 -11.11 37.45 23.07
CA GLY E 238 -11.71 36.46 22.15
C GLY E 238 -13.12 36.84 21.72
N GLU E 239 -13.44 38.14 21.67
CA GLU E 239 -14.83 38.58 21.38
C GLU E 239 -15.21 38.16 19.95
N ASN E 240 -14.26 38.11 19.00
CA ASN E 240 -14.55 37.76 17.59
C ASN E 240 -14.19 36.29 17.30
N ASN E 241 -13.82 35.51 18.32
CA ASN E 241 -13.52 34.05 18.17
C ASN E 241 -14.71 33.32 17.54
N TYR E 242 -14.44 32.25 16.82
CA TYR E 242 -15.50 31.32 16.34
C TYR E 242 -16.19 30.74 17.56
N THR E 243 -17.53 30.65 17.57
CA THR E 243 -18.34 30.16 18.72
C THR E 243 -18.86 28.75 18.43
N VAL E 244 -18.26 27.76 19.08
CA VAL E 244 -18.68 26.33 19.01
C VAL E 244 -19.98 26.17 19.79
N LEU E 245 -20.07 26.81 20.98
CA LEU E 245 -21.19 26.57 21.92
C LEU E 245 -21.33 27.80 22.83
N ASP E 246 -22.57 28.19 23.10
CA ASP E 246 -22.85 29.35 23.97
C ASP E 246 -24.17 29.02 24.66
N VAL E 247 -24.11 28.49 25.87
CA VAL E 247 -25.25 27.76 26.46
C VAL E 247 -25.37 28.15 27.93
N GLU E 248 -26.60 28.43 28.35
CA GLU E 248 -26.90 28.70 29.78
C GLU E 248 -27.38 27.39 30.40
N GLY E 249 -26.86 27.05 31.58
CA GLY E 249 -27.37 25.92 32.38
C GLY E 249 -26.30 25.34 33.30
N THR E 250 -26.53 24.11 33.74
CA THR E 250 -25.63 23.31 34.59
C THR E 250 -25.37 22.01 33.85
N GLY E 251 -24.11 21.73 33.55
CA GLY E 251 -23.76 20.51 32.83
C GLY E 251 -22.32 20.49 32.47
N HIS E 252 -21.99 19.84 31.35
CA HIS E 252 -20.59 19.70 30.90
C HIS E 252 -20.56 19.44 29.40
N TYR E 253 -19.65 20.12 28.73
CA TYR E 253 -19.39 19.95 27.28
C TYR E 253 -18.61 18.66 27.05
N VAL E 254 -18.97 17.84 26.05
CA VAL E 254 -18.29 16.53 25.83
C VAL E 254 -17.58 16.49 24.45
N GLY E 255 -17.50 17.63 23.77
CA GLY E 255 -16.66 17.77 22.57
C GLY E 255 -17.42 18.27 21.36
N CYS E 256 -16.78 18.10 20.20
CA CYS E 256 -17.27 18.70 18.94
C CYS E 256 -16.71 17.97 17.72
N ASN E 257 -17.36 18.17 16.58
CA ASN E 257 -16.65 18.04 15.29
C ASN E 257 -16.60 19.43 14.66
N LEU E 258 -15.63 19.60 13.76
CA LEU E 258 -15.33 20.89 13.12
C LEU E 258 -14.95 20.63 11.67
N THR E 259 -15.72 21.21 10.78
CA THR E 259 -15.51 21.18 9.32
C THR E 259 -14.92 22.52 8.92
N VAL E 260 -13.71 22.49 8.38
CA VAL E 260 -13.04 23.74 7.90
C VAL E 260 -12.75 23.63 6.40
N LYS E 261 -13.29 24.54 5.61
CA LYS E 261 -12.83 24.73 4.22
C LYS E 261 -11.88 25.93 4.25
N HIS E 262 -10.60 25.69 3.99
CA HIS E 262 -9.49 26.68 4.06
C HIS E 262 -9.22 27.25 2.67
N PHE E 263 -9.11 28.58 2.53
CA PHE E 263 -9.07 29.23 1.19
C PHE E 263 -7.67 29.63 0.73
N GLN E 264 -6.74 30.08 1.59
CA GLN E 264 -5.48 30.66 1.04
C GLN E 264 -4.41 29.58 0.77
N GLY E 265 -4.59 28.34 1.22
CA GLY E 265 -3.65 27.22 0.96
C GLY E 265 -2.37 27.31 1.78
N SER E 266 -2.48 27.69 3.05
CA SER E 266 -1.34 27.71 3.99
C SER E 266 -1.72 26.80 5.18
N TRP E 267 -2.17 27.37 6.30
CA TRP E 267 -2.64 26.57 7.45
C TRP E 267 -3.77 27.34 8.12
N TRP E 268 -4.89 26.66 8.37
CA TRP E 268 -6.13 27.24 8.94
C TRP E 268 -6.16 27.22 10.49
N GLY E 269 -5.17 26.61 11.16
CA GLY E 269 -5.37 26.08 12.53
C GLY E 269 -4.52 26.71 13.61
N GLU E 270 -4.02 27.93 13.43
CA GLU E 270 -3.15 28.56 14.46
C GLU E 270 -4.00 29.07 15.64
N GLY E 271 -5.32 29.11 15.48
CA GLY E 271 -6.20 29.73 16.49
C GLY E 271 -6.34 28.90 17.73
N ASN E 272 -6.41 29.56 18.90
CA ASN E 272 -6.45 28.92 20.23
C ASN E 272 -7.90 28.66 20.64
N ASP E 273 -8.20 27.47 21.14
CA ASP E 273 -9.43 27.21 21.91
C ASP E 273 -9.36 28.12 23.15
N MET E 274 -10.47 28.78 23.44
CA MET E 274 -10.60 29.61 24.67
C MET E 274 -11.99 29.32 25.24
N PHE E 275 -12.03 28.79 26.45
CA PHE E 275 -13.29 28.46 27.18
C PHE E 275 -13.56 29.56 28.21
N PHE E 276 -14.80 30.02 28.21
CA PHE E 276 -15.33 30.98 29.21
C PHE E 276 -16.40 30.26 30.03
N ILE E 277 -16.09 30.09 31.31
CA ILE E 277 -16.92 29.31 32.25
C ILE E 277 -17.68 30.30 33.18
N ASP E 278 -19.00 30.14 33.30
CA ASP E 278 -19.84 30.80 34.33
C ASP E 278 -19.70 32.33 34.23
N GLY E 279 -19.70 32.83 33.00
CA GLY E 279 -19.79 34.26 32.68
C GLY E 279 -18.48 35.00 32.89
N GLU E 280 -17.35 34.32 33.06
CA GLU E 280 -16.07 35.07 33.26
C GLU E 280 -15.79 35.89 31.99
N GLU E 281 -15.15 37.04 32.20
CA GLU E 281 -14.92 38.03 31.13
C GLU E 281 -13.77 37.55 30.23
N TYR E 282 -12.69 37.10 30.86
CA TYR E 282 -11.50 36.56 30.16
C TYR E 282 -11.55 35.03 30.27
N PRO E 283 -11.10 34.26 29.25
CA PRO E 283 -11.20 32.80 29.28
C PRO E 283 -10.26 32.22 30.34
N SER E 284 -10.75 31.29 31.17
CA SER E 284 -9.94 30.62 32.23
C SER E 284 -9.15 29.48 31.61
N LEU E 285 -9.65 28.88 30.53
CA LEU E 285 -9.00 27.77 29.79
C LEU E 285 -8.46 28.34 28.48
N ASN E 286 -7.15 28.45 28.38
CA ASN E 286 -6.42 28.93 27.19
C ASN E 286 -5.68 27.77 26.52
N GLY E 287 -6.03 27.53 25.26
CA GLY E 287 -5.31 26.61 24.38
C GLY E 287 -4.15 27.29 23.68
N THR E 288 -3.57 26.59 22.71
CA THR E 288 -2.30 26.95 22.05
C THR E 288 -2.47 26.95 20.54
N GLY E 289 -3.52 26.31 20.03
CA GLY E 289 -3.74 26.17 18.59
C GLY E 289 -4.85 25.18 18.28
N THR E 290 -5.26 25.09 17.01
CA THR E 290 -6.49 24.34 16.66
C THR E 290 -6.18 22.84 16.53
N GLU E 291 -5.10 22.43 15.84
CA GLU E 291 -4.71 20.98 15.81
C GLU E 291 -4.35 20.58 17.25
N ASP E 292 -3.81 21.52 18.03
CA ASP E 292 -3.44 21.31 19.45
C ASP E 292 -4.69 20.87 20.24
N TYR E 293 -5.74 21.65 20.13
CA TYR E 293 -7.05 21.31 20.73
C TYR E 293 -7.47 19.90 20.25
N PHE E 294 -7.31 19.57 18.98
CA PHE E 294 -7.65 18.21 18.45
C PHE E 294 -6.56 17.18 18.80
N ASN E 295 -5.56 17.55 19.58
CA ASN E 295 -4.52 16.66 20.15
C ASN E 295 -3.62 16.09 19.06
N HIS E 296 -3.54 16.78 17.93
CA HIS E 296 -2.52 16.52 16.88
C HIS E 296 -1.47 17.60 17.04
N ALA E 297 -0.53 17.74 16.11
CA ALA E 297 0.57 18.71 16.18
C ALA E 297 1.22 18.85 14.80
N TRP E 298 1.66 20.06 14.48
CA TRP E 298 2.34 20.43 13.21
C TRP E 298 1.38 20.11 12.07
N GLY E 299 0.13 20.52 12.23
CA GLY E 299 -0.98 20.17 11.35
C GLY E 299 -1.79 19.03 11.90
N MET E 300 -2.82 18.63 11.15
CA MET E 300 -3.61 17.40 11.47
C MET E 300 -2.98 16.20 10.77
N GLN E 301 -3.05 15.04 11.42
CA GLN E 301 -2.54 13.75 10.88
C GLN E 301 -3.74 12.91 10.44
N ARG E 302 -3.49 11.87 9.64
CA ARG E 302 -4.54 10.90 9.21
C ARG E 302 -4.66 9.87 10.32
N ASN E 303 -5.06 10.32 11.50
CA ASN E 303 -5.24 9.48 12.70
C ASN E 303 -6.63 9.79 13.25
N ALA E 304 -7.30 8.75 13.72
CA ALA E 304 -8.61 8.82 14.39
C ALA E 304 -8.56 7.88 15.58
N TYR E 305 -8.47 8.44 16.77
CA TYR E 305 -8.16 7.80 18.08
C TYR E 305 -9.42 7.90 18.95
N PRO E 306 -9.51 7.19 20.07
CA PRO E 306 -10.77 7.12 20.81
C PRO E 306 -11.38 8.47 21.19
N PHE E 307 -10.54 9.46 21.53
CA PHE E 307 -11.04 10.76 22.03
C PHE E 307 -10.76 11.93 21.06
N PHE E 308 -10.13 11.70 19.91
CA PHE E 308 -9.84 12.81 18.97
C PHE E 308 -9.24 12.33 17.65
N GLY E 309 -9.31 13.22 16.64
CA GLY E 309 -8.52 13.11 15.41
C GLY E 309 -9.22 13.67 14.19
N THR E 310 -8.88 13.05 13.06
CA THR E 310 -9.27 13.42 11.69
C THR E 310 -10.30 12.44 11.19
N ILE E 311 -11.40 12.98 10.65
CA ILE E 311 -12.44 12.21 9.90
C ILE E 311 -12.14 12.32 8.41
N VAL E 312 -11.91 13.53 7.93
CA VAL E 312 -11.54 13.83 6.52
C VAL E 312 -10.31 14.71 6.60
N HIS E 313 -9.21 14.28 5.95
CA HIS E 313 -7.94 15.05 5.95
C HIS E 313 -7.94 16.03 4.75
N GLU E 314 -7.56 17.26 5.00
CA GLU E 314 -7.34 18.29 3.95
C GLU E 314 -6.51 17.73 2.79
N GLY E 315 -5.50 16.92 3.09
CA GLY E 315 -4.57 16.40 2.07
C GLY E 315 -5.24 15.49 1.05
N ASP E 316 -6.43 14.98 1.36
CA ASP E 316 -7.20 14.09 0.49
C ASP E 316 -8.35 14.83 -0.19
N THR E 317 -8.55 16.13 0.09
CA THR E 317 -9.72 16.85 -0.46
C THR E 317 -9.30 18.11 -1.21
N ASP E 318 -10.30 18.82 -1.71
CA ASP E 318 -10.25 20.20 -2.25
C ASP E 318 -10.26 21.19 -1.07
N GLY E 319 -9.28 21.11 -0.16
CA GLY E 319 -9.01 22.12 0.88
C GLY E 319 -9.95 22.12 2.08
N PHE E 320 -10.60 21.00 2.42
CA PHE E 320 -11.41 20.92 3.65
C PHE E 320 -11.02 19.72 4.53
N GLN E 321 -11.18 19.96 5.82
CA GLN E 321 -10.77 19.09 6.94
C GLN E 321 -12.01 18.89 7.80
N VAL E 322 -12.26 17.67 8.25
CA VAL E 322 -13.28 17.38 9.31
C VAL E 322 -12.52 16.73 10.48
N SER E 323 -12.63 17.32 11.66
CA SER E 323 -11.92 16.89 12.88
C SER E 323 -12.91 16.66 14.03
N TYR E 324 -12.48 15.98 15.10
CA TYR E 324 -13.32 15.77 16.29
C TYR E 324 -12.45 15.70 17.54
N ARG E 325 -13.06 16.04 18.65
CA ARG E 325 -12.53 15.77 19.99
C ARG E 325 -13.69 15.45 20.93
N TRP E 326 -13.54 14.36 21.67
CA TRP E 326 -14.45 13.94 22.77
C TRP E 326 -13.78 14.25 24.13
N HIS E 327 -14.52 14.91 25.01
CA HIS E 327 -14.09 15.16 26.42
C HIS E 327 -14.96 14.26 27.29
N ILE E 328 -14.69 12.96 27.28
CA ILE E 328 -15.51 11.93 27.98
C ILE E 328 -15.03 11.76 29.42
N THR E 329 -13.73 11.55 29.61
CA THR E 329 -13.10 11.49 30.96
C THR E 329 -12.64 12.88 31.41
N ASP E 330 -12.57 13.87 30.50
CA ASP E 330 -12.03 15.23 30.78
C ASP E 330 -13.04 16.30 30.37
N PRO E 331 -14.33 16.18 30.76
CA PRO E 331 -15.36 17.11 30.33
C PRO E 331 -15.13 18.54 30.84
N VAL E 332 -15.72 19.50 30.15
CA VAL E 332 -15.61 20.93 30.54
C VAL E 332 -16.92 21.31 31.21
N ARG E 333 -16.88 21.34 32.53
CA ARG E 333 -18.06 21.54 33.40
C ARG E 333 -18.39 23.03 33.53
N PHE E 334 -19.67 23.31 33.79
CA PHE E 334 -20.15 24.68 34.08
C PHE E 334 -21.37 24.58 35.01
N GLU E 335 -21.48 25.55 35.92
CA GLU E 335 -22.60 25.67 36.89
C GLU E 335 -23.73 26.54 36.31
N LYS E 336 -23.37 27.59 35.56
CA LYS E 336 -24.33 28.64 35.10
C LYS E 336 -24.25 28.86 33.58
N HIS E 337 -23.05 28.79 32.98
CA HIS E 337 -22.87 29.17 31.55
C HIS E 337 -21.56 28.63 30.98
N LEU E 338 -21.53 28.32 29.69
CA LEU E 338 -20.26 27.94 29.02
C LEU E 338 -20.25 28.56 27.63
N LYS E 339 -19.16 29.23 27.29
CA LYS E 339 -18.84 29.59 25.89
C LYS E 339 -17.56 28.86 25.49
N VAL E 340 -17.69 27.97 24.50
CA VAL E 340 -16.55 27.25 23.86
C VAL E 340 -16.20 28.02 22.60
N THR E 341 -14.99 28.57 22.53
CA THR E 341 -14.59 29.37 21.35
C THR E 341 -13.25 28.87 20.82
N ILE E 342 -12.99 29.16 19.55
CA ILE E 342 -11.68 28.92 18.90
C ILE E 342 -11.41 30.17 18.04
N GLU E 343 -10.25 30.76 18.20
CA GLU E 343 -9.81 31.84 17.28
C GLU E 343 -9.80 31.24 15.86
N HIS E 344 -10.35 31.95 14.87
CA HIS E 344 -10.43 31.47 13.46
C HIS E 344 -9.17 31.99 12.77
N GLY E 345 -8.09 31.21 12.88
CA GLY E 345 -6.73 31.71 12.62
C GLY E 345 -6.23 32.43 13.85
N HIS E 346 -4.93 32.69 13.94
CA HIS E 346 -4.37 33.45 15.09
C HIS E 346 -5.10 34.79 15.15
N ALA E 347 -5.61 35.17 16.32
CA ALA E 347 -6.31 36.46 16.59
C ALA E 347 -7.40 36.67 15.55
N ASN E 348 -8.08 35.58 15.15
CA ASN E 348 -9.22 35.68 14.20
C ASN E 348 -8.77 36.33 12.88
N GLN E 349 -7.57 36.02 12.40
CA GLN E 349 -7.01 36.54 11.13
C GLN E 349 -7.88 36.09 9.94
N LEU E 350 -8.31 34.83 9.91
CA LEU E 350 -8.81 34.22 8.64
C LEU E 350 -10.34 34.36 8.45
N SER E 351 -10.77 34.18 7.21
CA SER E 351 -12.16 34.28 6.72
C SER E 351 -12.58 32.96 6.06
N ASP E 352 -12.20 31.85 6.65
CA ASP E 352 -12.48 30.49 6.14
C ASP E 352 -13.94 30.13 6.43
N ASP E 353 -14.37 28.99 5.91
CA ASP E 353 -15.72 28.41 6.11
C ASP E 353 -15.60 27.38 7.25
N TRP E 354 -16.04 27.76 8.45
CA TRP E 354 -16.05 26.90 9.66
C TRP E 354 -17.50 26.50 9.98
N SER E 355 -17.72 25.21 10.21
CA SER E 355 -19.00 24.71 10.80
C SER E 355 -18.68 23.64 11.85
N SER E 356 -19.56 23.49 12.82
CA SER E 356 -19.26 22.69 14.02
C SER E 356 -20.54 22.07 14.56
N THR E 357 -20.42 20.87 15.14
CA THR E 357 -21.42 20.26 16.03
C THR E 357 -20.86 20.31 17.46
N ALA E 358 -21.57 20.94 18.39
CA ALA E 358 -21.24 20.94 19.84
C ALA E 358 -22.11 19.89 20.53
N TYR E 359 -21.51 19.11 21.42
CA TYR E 359 -22.21 18.07 22.20
C TYR E 359 -22.01 18.37 23.67
N TRP E 360 -23.09 18.31 24.44
CA TRP E 360 -23.02 18.53 25.90
C TRP E 360 -24.18 17.81 26.59
N TYR E 361 -24.06 17.66 27.90
CA TYR E 361 -25.15 17.19 28.79
C TYR E 361 -25.45 18.34 29.73
N GLN E 362 -26.72 18.48 30.07
CA GLN E 362 -27.13 19.48 31.10
C GLN E 362 -28.40 18.98 31.78
N ILE E 363 -28.65 19.47 32.97
CA ILE E 363 -29.95 19.25 33.64
C ILE E 363 -30.99 20.11 32.92
N LEU E 364 -32.25 19.65 32.89
CA LEU E 364 -33.37 20.46 32.34
C LEU E 364 -33.72 21.56 33.35
N PRO E 365 -34.39 22.65 32.93
CA PRO E 365 -34.85 22.82 31.55
C PRO E 365 -33.74 23.27 30.59
N THR E 366 -33.90 23.02 29.31
CA THR E 366 -33.08 23.62 28.24
C THR E 366 -33.42 25.13 28.21
N ALA E 367 -32.62 25.96 28.86
CA ALA E 367 -32.82 27.43 28.91
C ALA E 367 -32.59 28.02 27.53
N SER E 368 -31.54 27.54 26.84
CA SER E 368 -31.05 28.07 25.55
C SER E 368 -31.89 27.49 24.40
N ARG E 369 -32.69 28.32 23.73
CA ARG E 369 -33.51 27.89 22.57
C ARG E 369 -32.56 27.57 21.41
N ILE E 370 -32.54 26.30 21.00
CA ILE E 370 -31.55 25.78 20.01
C ILE E 370 -32.12 26.07 18.61
N THR E 371 -31.39 26.81 17.80
CA THR E 371 -31.81 27.21 16.43
C THR E 371 -30.90 26.54 15.42
N ILE E 372 -31.30 26.53 14.17
CA ILE E 372 -30.40 26.10 13.07
C ILE E 372 -30.54 27.06 11.91
N ALA E 373 -29.40 27.33 11.27
CA ALA E 373 -29.32 28.06 9.99
C ALA E 373 -30.26 27.39 9.00
N PRO E 374 -30.95 28.17 8.13
CA PRO E 374 -31.81 27.57 7.10
C PRO E 374 -30.98 26.77 6.09
N VAL E 375 -31.63 25.92 5.29
CA VAL E 375 -30.97 24.93 4.39
C VAL E 375 -30.02 25.69 3.44
N GLU E 376 -30.36 26.91 3.00
CA GLU E 376 -29.50 27.61 2.00
C GLU E 376 -28.14 27.95 2.64
N ASP E 377 -28.05 28.01 3.97
CA ASP E 377 -26.83 28.41 4.71
C ASP E 377 -26.05 27.17 5.15
N ARG E 378 -26.45 25.96 4.74
CA ARG E 378 -25.89 24.69 5.27
C ARG E 378 -25.14 23.91 4.18
N LEU E 379 -25.10 24.38 2.93
CA LEU E 379 -24.53 23.60 1.80
C LEU E 379 -23.03 23.81 1.72
N PRO E 380 -22.23 22.75 1.47
CA PRO E 380 -20.79 22.93 1.23
C PRO E 380 -20.52 24.00 0.17
N VAL E 381 -19.39 24.69 0.31
CA VAL E 381 -18.85 25.60 -0.74
C VAL E 381 -18.01 24.72 -1.66
N VAL E 382 -18.41 24.63 -2.92
CA VAL E 382 -17.72 23.79 -3.94
C VAL E 382 -17.51 24.64 -5.19
N PRO E 383 -16.42 24.41 -5.93
CA PRO E 383 -16.19 25.12 -7.19
C PRO E 383 -17.19 24.60 -8.22
N GLN E 384 -17.66 25.45 -9.12
CA GLN E 384 -18.61 25.07 -10.19
C GLN E 384 -17.95 25.28 -11.56
N LEU E 385 -18.21 24.35 -12.47
CA LEU E 385 -17.82 24.47 -13.90
C LEU E 385 -18.51 25.69 -14.52
N PRO E 386 -17.80 26.47 -15.37
CA PRO E 386 -18.43 27.62 -16.02
C PRO E 386 -19.54 27.08 -16.93
N GLU E 387 -20.56 27.90 -17.24
CA GLU E 387 -21.66 27.40 -18.12
C GLU E 387 -21.06 27.07 -19.50
N ARG E 388 -21.55 26.00 -20.11
CA ARG E 388 -21.06 25.51 -21.44
C ARG E 388 -21.96 26.07 -22.54
N LYS E 389 -23.29 26.01 -22.37
CA LYS E 389 -24.25 26.54 -23.37
C LYS E 389 -23.91 25.91 -24.72
N LEU E 390 -24.21 24.62 -24.88
CA LEU E 390 -23.85 23.82 -26.09
C LEU E 390 -24.86 24.14 -27.20
N VAL E 391 -24.38 24.28 -28.43
CA VAL E 391 -25.24 24.41 -29.64
C VAL E 391 -25.18 23.08 -30.41
N LEU E 392 -26.32 22.39 -30.51
CA LEU E 392 -26.45 21.13 -31.27
C LEU E 392 -25.86 21.34 -32.67
N PRO E 393 -25.12 20.37 -33.25
CA PRO E 393 -24.75 20.45 -34.65
C PRO E 393 -26.01 20.21 -35.50
N GLN E 394 -25.87 20.37 -36.81
CA GLN E 394 -26.83 19.85 -37.82
C GLN E 394 -27.04 18.36 -37.54
N LEU E 395 -28.28 17.95 -37.27
CA LEU E 395 -28.64 16.55 -36.91
C LEU E 395 -29.10 15.80 -38.16
N THR E 396 -28.66 14.56 -38.31
CA THR E 396 -29.22 13.57 -39.26
C THR E 396 -30.64 13.18 -38.80
N GLU E 397 -31.48 12.68 -39.72
CA GLU E 397 -32.79 12.06 -39.37
C GLU E 397 -32.60 11.06 -38.21
N GLU E 398 -31.60 10.18 -38.31
CA GLU E 398 -31.48 9.05 -37.36
C GLU E 398 -31.03 9.57 -35.99
N GLN E 399 -30.24 10.65 -35.93
CA GLN E 399 -29.87 11.33 -34.66
C GLN E 399 -31.09 12.06 -34.06
N GLN E 400 -31.88 12.76 -34.88
CA GLN E 400 -33.16 13.38 -34.39
C GLN E 400 -34.07 12.29 -33.82
N ALA E 401 -34.23 11.15 -34.50
CA ALA E 401 -35.13 10.05 -34.08
C ALA E 401 -34.63 9.46 -32.75
N ALA E 402 -33.31 9.31 -32.62
CA ALA E 402 -32.67 8.76 -31.40
C ALA E 402 -33.03 9.67 -30.22
N ARG E 403 -32.85 10.98 -30.40
CA ARG E 403 -33.16 12.00 -29.36
C ARG E 403 -34.66 11.90 -29.01
N ASP E 404 -35.55 11.84 -30.00
CA ASP E 404 -37.01 11.76 -29.77
C ASP E 404 -37.36 10.45 -29.06
N THR E 405 -36.81 9.30 -29.46
CA THR E 405 -37.08 7.98 -28.83
C THR E 405 -36.72 8.04 -27.33
N TYR E 406 -35.55 8.62 -27.02
CA TYR E 406 -35.02 8.73 -25.64
C TYR E 406 -35.93 9.65 -24.80
N GLN E 407 -36.35 10.80 -25.32
CA GLN E 407 -37.19 11.76 -24.55
C GLN E 407 -38.57 11.12 -24.29
N LYS E 408 -39.13 10.42 -25.29
CA LYS E 408 -40.40 9.66 -25.13
C LYS E 408 -40.19 8.59 -24.05
N ARG E 409 -39.11 7.83 -24.10
CA ARG E 409 -38.82 6.80 -23.07
C ARG E 409 -38.75 7.49 -21.71
N TRP E 410 -38.13 8.67 -21.64
CA TRP E 410 -37.96 9.43 -20.36
C TRP E 410 -39.29 9.96 -19.85
N LYS E 411 -40.14 10.44 -20.75
CA LYS E 411 -41.48 10.96 -20.37
C LYS E 411 -42.35 9.83 -19.80
N ASP E 412 -42.28 8.60 -20.34
CA ASP E 412 -43.02 7.44 -19.77
C ASP E 412 -42.39 6.99 -18.43
N TYR E 413 -41.06 6.89 -18.34
CA TYR E 413 -40.37 6.24 -17.19
C TYR E 413 -40.44 7.09 -15.91
N GLU E 414 -40.18 8.39 -16.00
CA GLU E 414 -39.97 9.19 -14.77
C GLU E 414 -41.22 9.10 -13.89
N PRO E 415 -42.44 9.28 -14.44
CA PRO E 415 -43.63 9.24 -13.59
C PRO E 415 -43.85 7.88 -12.91
N ARG E 416 -43.39 6.80 -13.54
CA ARG E 416 -43.51 5.42 -13.02
C ARG E 416 -42.58 5.23 -11.82
N ARG E 417 -41.38 5.83 -11.86
CA ARG E 417 -40.47 5.91 -10.66
C ARG E 417 -41.11 6.79 -9.59
N ASP E 418 -41.72 7.93 -9.95
CA ASP E 418 -42.35 8.85 -8.97
C ASP E 418 -43.41 8.09 -8.14
N THR E 419 -44.32 7.35 -8.78
CA THR E 419 -45.31 6.48 -8.11
C THR E 419 -44.62 5.56 -7.09
N GLN E 420 -43.51 4.89 -7.46
CA GLN E 420 -42.85 3.90 -6.57
C GLN E 420 -42.28 4.65 -5.36
N PHE E 421 -41.82 5.90 -5.51
CA PHE E 421 -41.37 6.74 -4.38
C PHE E 421 -42.54 7.08 -3.46
N ARG E 422 -43.67 7.48 -4.02
CA ARG E 422 -44.87 7.87 -3.23
C ARG E 422 -45.32 6.69 -2.36
N ILE E 423 -45.35 5.46 -2.92
CA ILE E 423 -45.71 4.19 -2.21
C ILE E 423 -44.79 3.98 -1.00
N LYS E 424 -43.48 4.08 -1.19
CA LYS E 424 -42.50 3.87 -0.08
C LYS E 424 -42.64 5.01 0.93
N GLU E 425 -42.90 6.24 0.49
CA GLU E 425 -43.15 7.35 1.46
C GLU E 425 -44.37 7.05 2.35
N ASP E 426 -45.45 6.51 1.76
CA ASP E 426 -46.68 6.10 2.48
C ASP E 426 -46.34 5.04 3.54
N LYS E 427 -45.51 4.04 3.18
CA LYS E 427 -45.04 3.05 4.18
C LYS E 427 -44.31 3.75 5.33
N ALA E 428 -43.43 4.70 5.05
CA ALA E 428 -42.66 5.36 6.12
C ALA E 428 -43.61 6.10 7.08
N ARG E 429 -44.61 6.83 6.56
CA ARG E 429 -45.58 7.58 7.41
C ARG E 429 -46.35 6.56 8.26
N ARG E 430 -46.74 5.44 7.64
CA ARG E 430 -47.49 4.35 8.33
C ARG E 430 -46.63 3.83 9.50
N GLU E 431 -45.39 3.44 9.22
CA GLU E 431 -44.52 2.77 10.22
C GLU E 431 -44.10 3.78 11.29
N SER E 432 -44.05 5.08 10.97
CA SER E 432 -43.77 6.11 11.99
C SER E 432 -44.79 6.02 13.14
N LYS E 433 -46.07 6.05 12.80
CA LYS E 433 -47.20 5.89 13.76
C LYS E 433 -47.10 4.52 14.47
N LEU E 434 -46.87 3.44 13.73
CA LEU E 434 -46.79 2.06 14.32
C LEU E 434 -45.67 2.01 15.35
N ASN E 435 -44.54 2.66 15.06
CA ASN E 435 -43.35 2.58 15.96
C ASN E 435 -43.70 3.17 17.33
N THR E 436 -44.35 4.32 17.37
CA THR E 436 -44.69 5.02 18.64
C THR E 436 -45.72 4.21 19.43
N GLU E 437 -46.73 3.68 18.72
CA GLU E 437 -47.82 2.83 19.29
C GLU E 437 -47.19 1.57 19.90
N PHE E 438 -46.22 0.93 19.25
CA PHE E 438 -45.55 -0.29 19.80
C PHE E 438 -44.72 0.10 21.03
N ALA E 439 -43.98 1.20 20.98
CA ALA E 439 -43.17 1.68 22.13
C ALA E 439 -44.09 1.92 23.34
N LYS E 440 -45.30 2.42 23.12
CA LYS E 440 -46.30 2.68 24.20
C LYS E 440 -46.76 1.35 24.80
N LYS E 441 -47.16 0.41 23.95
CA LYS E 441 -47.61 -0.94 24.37
C LYS E 441 -46.51 -1.58 25.24
N LEU E 442 -45.26 -1.52 24.79
CA LEU E 442 -44.09 -2.12 25.48
C LEU E 442 -43.93 -1.47 26.86
N ARG E 443 -43.96 -0.14 26.89
CA ARG E 443 -43.90 0.67 28.13
C ARG E 443 -45.01 0.19 29.08
N ASP E 444 -46.25 0.11 28.60
CA ASP E 444 -47.44 -0.19 29.47
C ASP E 444 -47.30 -1.61 29.99
N ALA E 445 -46.94 -2.57 29.13
CA ALA E 445 -46.71 -4.00 29.48
C ALA E 445 -45.62 -4.12 30.55
N PHE E 446 -44.52 -3.39 30.40
CA PHE E 446 -43.39 -3.39 31.38
C PHE E 446 -43.90 -2.86 32.71
N ASP E 447 -44.55 -1.68 32.69
CA ASP E 447 -45.03 -0.99 33.93
C ASP E 447 -46.11 -1.85 34.62
N ALA E 448 -46.86 -2.69 33.89
CA ALA E 448 -47.84 -3.63 34.47
C ALA E 448 -47.08 -4.80 35.11
N GLU E 449 -45.98 -5.24 34.47
CA GLU E 449 -45.01 -6.26 34.96
C GLU E 449 -45.52 -7.66 34.60
N GLU F 3 22.93 5.25 -41.66
CA GLU F 3 23.65 6.24 -40.79
C GLU F 3 22.95 6.46 -39.44
N ILE F 4 21.62 6.53 -39.39
CA ILE F 4 20.87 6.50 -38.09
C ILE F 4 21.00 5.09 -37.54
N THR F 5 21.30 4.93 -36.26
CA THR F 5 21.46 3.59 -35.64
C THR F 5 20.52 3.46 -34.44
N GLY F 6 20.37 2.24 -33.94
CA GLY F 6 19.58 1.91 -32.73
C GLY F 6 18.17 1.47 -33.04
N LEU F 7 17.43 1.12 -31.98
CA LEU F 7 16.16 0.37 -32.12
C LEU F 7 15.06 1.26 -32.69
N PHE F 8 15.21 2.60 -32.71
CA PHE F 8 14.18 3.49 -33.33
C PHE F 8 14.52 3.80 -34.79
N LYS F 9 15.62 3.27 -35.32
CA LYS F 9 16.20 3.78 -36.60
C LYS F 9 15.23 3.63 -37.76
N ASP F 10 14.42 2.56 -37.85
CA ASP F 10 13.52 2.39 -39.03
C ASP F 10 12.40 3.42 -39.03
N LEU F 11 12.19 4.17 -37.94
CA LEU F 11 11.22 5.30 -37.97
C LEU F 11 11.70 6.41 -38.92
N THR F 12 12.99 6.45 -39.28
CA THR F 12 13.61 7.58 -40.03
C THR F 12 13.67 7.25 -41.54
N LYS F 13 13.03 6.18 -41.99
CA LYS F 13 12.97 5.81 -43.43
C LYS F 13 11.57 5.34 -43.80
N VAL F 14 11.09 5.78 -44.96
CA VAL F 14 9.71 5.48 -45.37
C VAL F 14 9.74 4.12 -46.04
N LYS F 15 8.60 3.44 -46.01
CA LYS F 15 8.43 2.08 -46.56
C LYS F 15 7.16 2.14 -47.42
N HIS F 16 7.27 1.67 -48.66
CA HIS F 16 6.16 1.60 -49.64
C HIS F 16 5.35 0.33 -49.32
N ALA F 17 4.67 0.36 -48.16
CA ALA F 17 3.79 -0.72 -47.66
C ALA F 17 2.47 -0.11 -47.22
N ARG F 18 1.37 -0.85 -47.40
CA ARG F 18 -0.03 -0.37 -47.21
C ARG F 18 -0.59 -1.03 -45.95
N ASN F 19 -1.07 -0.22 -44.99
CA ASN F 19 -1.70 -0.71 -43.74
C ASN F 19 -3.04 -1.36 -44.08
N GLY F 20 -3.37 -2.44 -43.36
CA GLY F 20 -4.72 -2.99 -43.26
C GLY F 20 -4.99 -3.43 -41.84
N ARG F 21 -6.25 -3.69 -41.55
CA ARG F 21 -6.65 -4.14 -40.19
C ARG F 21 -7.87 -5.06 -40.26
N LEU F 22 -7.77 -6.25 -39.68
CA LEU F 22 -8.97 -7.09 -39.35
C LEU F 22 -9.47 -6.68 -37.96
N ALA F 23 -10.72 -6.25 -37.86
CA ALA F 23 -11.31 -5.77 -36.61
C ALA F 23 -12.74 -6.31 -36.53
N SER F 24 -13.24 -6.35 -35.29
CA SER F 24 -14.63 -6.68 -34.91
C SER F 24 -15.50 -5.43 -35.04
N TRP F 25 -15.09 -4.41 -35.82
CA TRP F 25 -15.91 -3.20 -35.99
C TRP F 25 -17.32 -3.56 -36.45
N ASP F 26 -18.29 -2.75 -36.02
CA ASP F 26 -19.72 -2.97 -36.29
C ASP F 26 -19.95 -2.50 -37.72
N GLN F 27 -20.15 -3.44 -38.65
CA GLN F 27 -20.29 -3.11 -40.09
C GLN F 27 -21.70 -2.62 -40.38
N ARG F 28 -22.56 -2.53 -39.35
CA ARG F 28 -23.82 -1.71 -39.41
C ARG F 28 -23.50 -0.23 -39.15
N GLY F 29 -22.29 0.09 -38.65
CA GLY F 29 -21.93 1.50 -38.35
C GLY F 29 -22.38 1.92 -36.96
N LYS F 30 -22.86 0.98 -36.15
CA LYS F 30 -23.46 1.20 -34.82
C LYS F 30 -22.40 0.85 -33.77
N ASN F 31 -22.78 0.62 -32.50
CA ASN F 31 -21.79 0.52 -31.40
C ASN F 31 -21.65 -0.91 -30.87
N GLN F 32 -21.87 -1.92 -31.71
CA GLN F 32 -21.54 -3.33 -31.36
C GLN F 32 -20.25 -3.69 -32.09
N ASP F 33 -19.12 -3.17 -31.62
CA ASP F 33 -17.78 -3.31 -32.29
C ASP F 33 -17.08 -4.57 -31.77
N TYR F 34 -17.87 -5.63 -31.61
CA TYR F 34 -17.47 -6.97 -31.15
C TYR F 34 -18.30 -8.03 -31.89
N TRP F 35 -17.82 -9.26 -31.81
CA TRP F 35 -18.43 -10.47 -32.38
C TRP F 35 -18.87 -11.40 -31.26
N GLU F 36 -20.15 -11.85 -31.31
CA GLU F 36 -20.63 -13.01 -30.52
C GLU F 36 -20.17 -14.29 -31.23
N ILE F 37 -19.05 -14.88 -30.77
CA ILE F 37 -18.51 -16.15 -31.35
C ILE F 37 -19.48 -17.25 -30.94
N PRO F 38 -20.10 -17.99 -31.88
CA PRO F 38 -21.01 -19.08 -31.48
C PRO F 38 -20.35 -20.23 -30.71
N ALA F 39 -21.11 -20.84 -29.81
CA ALA F 39 -20.81 -22.13 -29.13
C ALA F 39 -20.48 -23.20 -30.17
N GLY F 40 -19.40 -23.95 -29.94
CA GLY F 40 -19.02 -25.15 -30.71
C GLY F 40 -18.84 -24.85 -32.18
N GLU F 41 -18.39 -23.64 -32.55
CA GLU F 41 -18.09 -23.31 -33.97
C GLU F 41 -16.70 -22.71 -34.05
N SER F 42 -16.09 -22.78 -35.23
CA SER F 42 -14.91 -21.98 -35.64
C SER F 42 -15.39 -20.77 -36.42
N ILE F 43 -14.72 -19.63 -36.22
CA ILE F 43 -15.01 -18.39 -36.98
C ILE F 43 -13.69 -17.82 -37.48
N THR F 44 -13.68 -17.41 -38.74
CA THR F 44 -12.51 -16.76 -39.35
C THR F 44 -12.55 -15.27 -38.99
N LEU F 45 -11.54 -14.82 -38.26
CA LEU F 45 -11.36 -13.37 -37.97
C LEU F 45 -11.00 -12.67 -39.29
N GLY F 46 -10.22 -13.32 -40.15
CA GLY F 46 -9.99 -12.84 -41.51
C GLY F 46 -8.95 -13.66 -42.21
N GLU F 47 -8.95 -13.63 -43.56
CA GLU F 47 -7.86 -14.14 -44.42
C GLU F 47 -7.24 -12.97 -45.17
N ILE F 48 -5.91 -12.89 -45.22
CA ILE F 48 -5.18 -11.79 -45.91
C ILE F 48 -4.28 -12.46 -46.96
N GLU F 49 -4.29 -11.92 -48.18
CA GLU F 49 -3.33 -12.36 -49.22
C GLU F 49 -1.98 -11.68 -48.97
N GLY F 50 -0.92 -12.49 -48.91
CA GLY F 50 0.47 -11.99 -48.91
C GLY F 50 0.84 -11.36 -50.26
N PRO F 51 2.04 -10.76 -50.36
CA PRO F 51 2.95 -10.70 -49.21
C PRO F 51 2.63 -9.59 -48.18
N GLY F 52 2.84 -9.91 -46.90
CA GLY F 52 2.50 -8.98 -45.81
C GLY F 52 3.11 -9.43 -44.49
N CYS F 53 2.76 -8.73 -43.42
CA CYS F 53 3.25 -9.07 -42.07
C CYS F 53 2.28 -8.53 -41.02
N ILE F 54 1.81 -9.40 -40.14
CA ILE F 54 1.01 -8.98 -38.95
C ILE F 54 1.96 -8.17 -38.08
N THR F 55 1.57 -6.96 -37.67
CA THR F 55 2.42 -6.07 -36.83
C THR F 55 1.92 -5.97 -35.38
N HIS F 56 0.64 -6.15 -35.13
CA HIS F 56 0.01 -5.90 -33.81
C HIS F 56 -1.33 -6.61 -33.74
N MET F 57 -1.62 -7.25 -32.60
CA MET F 57 -2.96 -7.75 -32.27
C MET F 57 -3.35 -7.19 -30.90
N TRP F 58 -4.57 -6.67 -30.81
CA TRP F 58 -5.25 -6.34 -29.53
C TRP F 58 -6.56 -7.12 -29.51
N MET F 59 -6.92 -7.68 -28.36
CA MET F 59 -8.24 -8.31 -28.17
C MET F 59 -8.68 -8.13 -26.73
N THR F 60 -9.97 -8.28 -26.52
CA THR F 60 -10.61 -8.42 -25.20
C THR F 60 -11.84 -9.27 -25.43
N SER F 61 -12.41 -9.79 -24.36
CA SER F 61 -13.42 -10.87 -24.43
C SER F 61 -14.25 -10.92 -23.16
N SER F 62 -15.41 -11.53 -23.29
CA SER F 62 -16.36 -11.76 -22.19
C SER F 62 -17.14 -13.02 -22.48
N CYS F 63 -17.40 -13.80 -21.44
CA CYS F 63 -18.24 -15.01 -21.54
C CYS F 63 -19.09 -15.10 -20.28
N ARG F 64 -20.36 -14.67 -20.39
CA ARG F 64 -21.35 -14.77 -19.30
C ARG F 64 -22.36 -15.90 -19.58
N LYS F 65 -22.77 -16.59 -18.51
CA LYS F 65 -23.88 -17.59 -18.53
C LYS F 65 -25.11 -16.94 -17.87
N VAL F 66 -26.24 -16.88 -18.55
CA VAL F 66 -27.48 -16.33 -17.95
C VAL F 66 -27.98 -17.36 -16.93
N VAL F 67 -28.04 -17.02 -15.63
CA VAL F 67 -28.36 -18.05 -14.60
C VAL F 67 -29.62 -17.68 -13.81
N ALA F 68 -30.23 -16.52 -14.09
CA ALA F 68 -31.43 -16.05 -13.36
C ALA F 68 -32.20 -15.06 -14.23
N PRO F 69 -33.52 -14.92 -13.99
CA PRO F 69 -34.32 -13.97 -14.73
C PRO F 69 -33.91 -12.53 -14.39
N SER F 70 -34.06 -11.62 -15.34
CA SER F 70 -33.71 -10.19 -15.18
C SER F 70 -34.94 -9.35 -15.39
N ILE F 71 -35.03 -8.25 -14.64
CA ILE F 71 -36.08 -7.23 -14.85
C ILE F 71 -35.61 -6.20 -15.89
N LEU F 72 -34.42 -6.37 -16.48
CA LEU F 72 -33.98 -5.56 -17.64
C LEU F 72 -34.67 -6.15 -18.88
N ASP F 73 -35.45 -5.34 -19.60
CA ASP F 73 -36.06 -5.73 -20.90
C ASP F 73 -34.97 -6.33 -21.79
N PRO F 74 -35.02 -7.63 -22.14
CA PRO F 74 -33.89 -8.26 -22.82
C PRO F 74 -33.64 -7.82 -24.27
N GLU F 75 -34.68 -7.35 -24.96
CA GLU F 75 -34.51 -6.86 -26.36
C GLU F 75 -33.75 -5.53 -26.32
N LEU F 76 -34.17 -4.59 -25.48
CA LEU F 76 -33.47 -3.28 -25.34
C LEU F 76 -32.09 -3.52 -24.73
N ASN F 77 -31.95 -4.48 -23.80
CA ASN F 77 -30.68 -4.76 -23.09
C ASN F 77 -29.61 -5.15 -24.13
N ALA F 78 -30.01 -5.80 -25.23
CA ALA F 78 -29.09 -6.25 -26.29
C ALA F 78 -28.30 -5.08 -26.89
N SER F 79 -28.91 -3.90 -26.97
CA SER F 79 -28.36 -2.66 -27.60
C SER F 79 -27.69 -1.74 -26.58
N ALA F 80 -27.75 -2.04 -25.29
CA ALA F 80 -27.01 -1.29 -24.25
C ALA F 80 -25.54 -1.74 -24.30
N ALA F 81 -24.79 -1.51 -23.23
CA ALA F 81 -23.40 -1.99 -23.10
C ALA F 81 -23.44 -3.51 -23.26
N PRO F 82 -22.38 -4.12 -23.84
CA PRO F 82 -22.41 -5.53 -24.19
C PRO F 82 -22.45 -6.49 -23.00
N VAL F 83 -21.95 -6.06 -21.84
CA VAL F 83 -21.73 -6.92 -20.64
C VAL F 83 -22.34 -6.26 -19.41
N MET F 84 -23.25 -6.96 -18.73
CA MET F 84 -23.98 -6.40 -17.57
C MET F 84 -23.16 -6.65 -16.29
N GLU F 85 -22.23 -5.73 -16.05
CA GLU F 85 -21.37 -5.58 -14.84
C GLU F 85 -22.23 -5.11 -13.67
N ILE F 86 -23.16 -5.97 -13.26
CA ILE F 86 -24.15 -5.67 -12.20
C ILE F 86 -24.04 -6.79 -11.17
N HIS F 87 -23.83 -6.44 -9.92
CA HIS F 87 -23.63 -7.40 -8.81
C HIS F 87 -24.92 -8.19 -8.58
N PRO F 88 -24.84 -9.53 -8.46
CA PRO F 88 -26.04 -10.32 -8.27
C PRO F 88 -26.84 -9.94 -7.03
N ALA F 89 -26.22 -9.37 -6.00
CA ALA F 89 -26.92 -9.00 -4.76
C ALA F 89 -27.98 -7.90 -5.00
N LEU F 90 -28.00 -7.23 -6.17
CA LEU F 90 -29.04 -6.18 -6.45
C LEU F 90 -30.38 -6.83 -6.82
N GLY F 91 -30.38 -8.11 -7.19
CA GLY F 91 -31.61 -8.87 -7.47
C GLY F 91 -32.23 -8.59 -8.83
N VAL F 92 -31.51 -8.03 -9.80
CA VAL F 92 -32.15 -7.48 -11.03
C VAL F 92 -31.69 -8.21 -12.30
N ILE F 93 -30.64 -9.01 -12.21
CA ILE F 93 -30.00 -9.72 -13.35
C ILE F 93 -28.96 -10.65 -12.74
N TRP F 94 -28.60 -11.71 -13.46
CA TRP F 94 -27.44 -12.55 -13.09
C TRP F 94 -26.85 -13.20 -14.33
N ASP F 95 -25.89 -12.52 -14.92
CA ASP F 95 -24.99 -13.03 -15.97
C ASP F 95 -23.72 -13.48 -15.26
N ALA F 96 -23.57 -14.79 -14.99
CA ALA F 96 -22.43 -15.33 -14.22
C ALA F 96 -21.21 -15.36 -15.13
N TYR F 97 -20.02 -15.30 -14.55
CA TYR F 97 -18.74 -15.44 -15.29
C TYR F 97 -18.56 -16.91 -15.68
N ASP F 98 -18.24 -17.21 -16.95
CA ASP F 98 -17.81 -18.56 -17.36
C ASP F 98 -16.34 -18.69 -17.03
N PRO F 99 -15.91 -19.63 -16.15
CA PRO F 99 -14.56 -19.61 -15.60
C PRO F 99 -13.43 -19.99 -16.57
N PHE F 100 -13.73 -20.90 -17.52
CA PHE F 100 -12.68 -21.64 -18.28
C PHE F 100 -12.71 -21.32 -19.78
N TYR F 101 -13.42 -20.27 -20.21
CA TYR F 101 -13.67 -19.96 -21.65
C TYR F 101 -12.32 -19.71 -22.39
N TYR F 102 -11.30 -19.20 -21.71
CA TYR F 102 -9.93 -18.93 -22.22
C TYR F 102 -9.22 -20.25 -22.62
N ARG F 103 -9.61 -21.35 -21.99
CA ARG F 103 -9.10 -22.70 -22.34
C ARG F 103 -10.03 -23.39 -23.35
N LYS F 104 -11.31 -23.06 -23.36
CA LYS F 104 -12.27 -23.75 -24.24
C LYS F 104 -12.16 -23.22 -25.66
N ALA F 105 -11.64 -22.02 -25.86
CA ALA F 105 -11.50 -21.42 -27.20
C ALA F 105 -10.03 -21.49 -27.57
N LEU F 106 -9.76 -21.73 -28.85
CA LEU F 106 -8.40 -21.75 -29.43
C LEU F 106 -8.27 -20.56 -30.37
N ILE F 107 -7.07 -20.06 -30.53
CA ILE F 107 -6.71 -19.22 -31.70
C ILE F 107 -5.88 -20.09 -32.61
N LYS F 108 -6.18 -20.01 -33.90
CA LYS F 108 -5.58 -20.90 -34.92
C LYS F 108 -5.17 -20.05 -36.11
N ILE F 109 -3.91 -20.15 -36.52
CA ILE F 109 -3.37 -19.35 -37.64
C ILE F 109 -2.69 -20.31 -38.61
N THR F 110 -3.08 -20.19 -39.87
CA THR F 110 -2.55 -20.97 -41.00
C THR F 110 -1.86 -20.01 -41.96
N TRP F 111 -0.64 -20.32 -42.35
CA TRP F 111 0.12 -19.56 -43.35
C TRP F 111 0.14 -20.27 -44.72
N ASP F 112 0.13 -19.45 -45.78
CA ASP F 112 0.43 -19.83 -47.19
C ASP F 112 -0.37 -21.07 -47.58
N ASP F 113 -1.62 -21.14 -47.11
CA ASP F 113 -2.59 -22.22 -47.43
C ASP F 113 -1.96 -23.58 -47.14
N GLN F 114 -1.19 -23.71 -46.07
CA GLN F 114 -0.64 -25.03 -45.64
C GLN F 114 -1.77 -25.95 -45.18
N ASP F 115 -1.49 -27.25 -45.22
CA ASP F 115 -2.34 -28.38 -44.73
C ASP F 115 -2.52 -28.34 -43.20
N THR F 116 -1.58 -27.73 -42.48
CA THR F 116 -1.53 -27.70 -40.99
C THR F 116 -1.51 -26.25 -40.50
N PRO F 117 -2.09 -25.94 -39.31
CA PRO F 117 -1.91 -24.62 -38.71
C PRO F 117 -0.45 -24.46 -38.24
N SER F 118 0.03 -23.23 -38.21
CA SER F 118 1.34 -22.88 -37.61
C SER F 118 1.15 -22.39 -36.16
N VAL F 119 -0.02 -21.85 -35.86
CA VAL F 119 -0.44 -21.49 -34.46
C VAL F 119 -1.71 -22.25 -34.10
N LEU F 120 -1.69 -23.01 -33.02
CA LEU F 120 -2.89 -23.70 -32.48
C LEU F 120 -2.72 -23.74 -30.96
N VAL F 121 -3.29 -22.77 -30.28
CA VAL F 121 -3.08 -22.53 -28.83
C VAL F 121 -4.41 -22.09 -28.26
N PRO F 122 -4.73 -22.46 -27.01
CA PRO F 122 -5.89 -21.88 -26.33
C PRO F 122 -5.77 -20.35 -26.34
N PHE F 123 -6.90 -19.70 -26.56
CA PHE F 123 -7.05 -18.24 -26.68
C PHE F 123 -6.33 -17.54 -25.51
N GLY F 124 -6.58 -17.96 -24.28
CA GLY F 124 -5.90 -17.33 -23.12
C GLY F 124 -4.40 -17.53 -23.17
N ASP F 125 -3.96 -18.80 -23.27
CA ASP F 125 -2.52 -19.14 -23.20
C ASP F 125 -1.77 -18.37 -24.30
N PHE F 126 -2.34 -18.30 -25.50
CA PHE F 126 -1.66 -17.57 -26.61
C PHE F 126 -1.29 -16.15 -26.13
N PHE F 127 -2.23 -15.49 -25.46
CA PHE F 127 -2.09 -14.10 -24.93
C PHE F 127 -1.55 -14.06 -23.49
N CYS F 128 -0.87 -15.12 -23.04
CA CYS F 128 -0.15 -15.14 -21.74
C CYS F 128 -1.17 -15.02 -20.61
N ILE F 129 -2.34 -15.61 -20.82
CA ILE F 129 -3.30 -15.89 -19.72
C ILE F 129 -3.16 -17.39 -19.48
N GLY F 130 -2.55 -17.78 -18.37
CA GLY F 130 -2.39 -19.20 -18.01
C GLY F 130 -3.57 -19.65 -17.16
N ASN F 131 -3.97 -20.92 -17.28
CA ASN F 131 -4.94 -21.55 -16.34
C ASN F 131 -6.31 -20.85 -16.42
N SER F 132 -6.61 -20.18 -17.55
CA SER F 132 -7.84 -19.34 -17.70
C SER F 132 -7.98 -18.41 -16.50
N TYR F 133 -6.86 -17.81 -16.05
CA TYR F 133 -6.77 -16.97 -14.83
C TYR F 133 -5.85 -15.79 -15.08
N PRO F 134 -6.37 -14.66 -15.63
CA PRO F 134 -5.53 -13.54 -15.96
C PRO F 134 -4.71 -12.96 -14.81
N GLY F 135 -3.52 -12.49 -15.17
CA GLY F 135 -2.62 -11.69 -14.32
C GLY F 135 -2.20 -10.43 -15.08
N ASN F 136 -2.11 -9.31 -14.38
CA ASN F 136 -1.74 -8.02 -15.01
C ASN F 136 -0.23 -8.00 -15.22
N PHE F 137 0.24 -7.68 -16.43
CA PHE F 137 1.70 -7.55 -16.67
C PHE F 137 2.02 -6.96 -18.03
N SER F 138 3.28 -6.54 -18.14
CA SER F 138 3.87 -6.03 -19.40
C SER F 138 5.18 -6.76 -19.68
N SER F 139 5.38 -7.05 -20.96
CA SER F 139 6.66 -7.54 -21.50
C SER F 139 6.85 -6.88 -22.86
N LEU F 140 7.99 -7.11 -23.48
CA LEU F 140 8.23 -6.42 -24.77
C LEU F 140 7.24 -6.89 -25.83
N PRO F 141 6.99 -8.21 -26.05
CA PRO F 141 6.07 -8.68 -27.11
C PRO F 141 4.61 -8.95 -26.72
N PHE F 142 4.33 -9.10 -25.42
CA PHE F 142 2.98 -9.43 -24.90
C PHE F 142 2.64 -8.60 -23.65
N ASN F 143 1.39 -8.17 -23.57
CA ASN F 143 0.86 -7.39 -22.42
C ASN F 143 -0.55 -7.87 -22.06
N VAL F 144 -0.89 -7.79 -20.78
CA VAL F 144 -2.27 -7.97 -20.27
C VAL F 144 -2.53 -6.80 -19.33
N SER F 145 -3.65 -6.12 -19.59
CA SER F 145 -4.15 -4.99 -18.78
C SER F 145 -5.44 -5.44 -18.07
N LEU F 146 -5.32 -5.74 -16.78
CA LEU F 146 -6.39 -6.36 -15.98
C LEU F 146 -6.75 -5.42 -14.82
N LYS F 147 -8.00 -4.96 -14.74
CA LYS F 147 -8.45 -4.10 -13.64
C LYS F 147 -8.32 -4.84 -12.32
N PRO F 148 -7.89 -4.19 -11.20
CA PRO F 148 -7.82 -4.86 -9.90
C PRO F 148 -9.17 -5.41 -9.39
N GLU F 149 -10.27 -4.77 -9.78
CA GLU F 149 -11.65 -5.19 -9.42
C GLU F 149 -12.00 -6.55 -10.08
N GLU F 150 -11.33 -6.94 -11.18
CA GLU F 150 -11.63 -8.21 -11.93
C GLU F 150 -10.58 -9.28 -11.61
N ALA F 151 -9.43 -8.89 -11.09
CA ALA F 151 -8.25 -9.78 -10.91
C ALA F 151 -8.51 -10.82 -9.82
N GLY F 152 -7.79 -11.92 -9.87
CA GLY F 152 -7.91 -12.97 -8.85
C GLY F 152 -9.11 -13.87 -9.09
N LYS F 153 -9.61 -13.96 -10.32
CA LYS F 153 -10.66 -14.95 -10.60
C LYS F 153 -10.48 -15.56 -12.00
N PHE F 154 -10.97 -16.78 -12.13
CA PHE F 154 -10.97 -17.50 -13.42
C PHE F 154 -11.89 -16.74 -14.35
N GLY F 155 -11.42 -16.56 -15.59
CA GLY F 155 -12.23 -16.00 -16.69
C GLY F 155 -12.44 -14.49 -16.57
N ALA F 156 -11.60 -13.80 -15.79
CA ALA F 156 -11.65 -12.34 -15.63
C ALA F 156 -11.47 -11.68 -17.01
N PRO F 157 -12.21 -10.61 -17.31
CA PRO F 157 -11.96 -9.85 -18.53
C PRO F 157 -10.67 -9.04 -18.40
N CYS F 158 -10.00 -8.83 -19.52
CA CYS F 158 -8.73 -8.08 -19.55
C CYS F 158 -8.35 -7.81 -21.01
N SER F 159 -7.48 -6.83 -21.24
CA SER F 159 -7.04 -6.51 -22.61
C SER F 159 -5.73 -7.25 -22.87
N VAL F 160 -5.63 -7.92 -24.01
CA VAL F 160 -4.39 -8.66 -24.40
C VAL F 160 -3.82 -7.96 -25.62
N SER F 161 -2.50 -7.89 -25.76
CA SER F 161 -1.82 -7.33 -26.94
C SER F 161 -0.59 -8.17 -27.27
N CYS F 162 -0.32 -8.37 -28.58
CA CYS F 162 0.83 -9.13 -29.10
C CYS F 162 1.54 -8.30 -30.17
N TYR F 163 2.85 -8.12 -30.04
CA TYR F 163 3.70 -7.33 -30.98
C TYR F 163 4.73 -8.23 -31.68
N PHE F 164 4.66 -9.56 -31.52
CA PHE F 164 5.52 -10.47 -32.31
C PHE F 164 5.11 -10.26 -33.78
N PRO F 165 6.06 -9.97 -34.69
CA PRO F 165 5.72 -9.82 -36.10
C PRO F 165 5.40 -11.18 -36.71
N MET F 166 4.45 -11.23 -37.66
CA MET F 166 4.06 -12.52 -38.30
C MET F 166 4.05 -12.34 -39.81
N PRO F 167 5.19 -12.59 -40.46
CA PRO F 167 5.31 -12.46 -41.91
C PRO F 167 4.62 -13.59 -42.67
N PHE F 168 4.20 -13.31 -43.90
CA PHE F 168 3.54 -14.32 -44.77
C PHE F 168 3.66 -13.86 -46.21
N ASN F 169 4.26 -14.71 -47.04
CA ASN F 169 4.45 -14.43 -48.48
C ASN F 169 3.14 -14.61 -49.24
N LYS F 170 2.22 -15.51 -48.85
CA LYS F 170 1.03 -15.86 -49.69
C LYS F 170 -0.31 -15.69 -48.99
N LYS F 171 -0.42 -16.09 -47.72
CA LYS F 171 -1.74 -16.09 -47.04
C LYS F 171 -1.56 -16.12 -45.54
N ALA F 172 -2.46 -15.43 -44.85
CA ALA F 172 -2.70 -15.50 -43.39
C ALA F 172 -4.17 -15.83 -43.19
N LYS F 173 -4.49 -16.90 -42.46
CA LYS F 173 -5.89 -17.19 -42.10
C LYS F 173 -5.96 -17.29 -40.58
N ILE F 174 -6.69 -16.37 -39.96
CA ILE F 174 -6.78 -16.28 -38.48
C ILE F 174 -8.18 -16.70 -38.05
N GLU F 175 -8.24 -17.74 -37.22
CA GLU F 175 -9.52 -18.31 -36.73
C GLU F 175 -9.54 -18.43 -35.22
N ILE F 176 -10.76 -18.38 -34.68
CA ILE F 176 -11.12 -18.77 -33.30
C ILE F 176 -11.89 -20.09 -33.41
N VAL F 177 -11.46 -21.10 -32.67
CA VAL F 177 -12.14 -22.43 -32.56
C VAL F 177 -12.78 -22.44 -31.18
N ASN F 178 -14.10 -22.25 -31.11
CA ASN F 178 -14.83 -22.15 -29.82
C ASN F 178 -15.45 -23.50 -29.42
N ASP F 179 -14.71 -24.28 -28.63
CA ASP F 179 -15.17 -25.61 -28.15
C ASP F 179 -16.07 -25.46 -26.91
N ASN F 180 -16.38 -24.24 -26.48
CA ASN F 180 -17.31 -23.99 -25.35
C ASN F 180 -18.76 -24.32 -25.76
N GLU F 181 -19.56 -24.80 -24.80
CA GLU F 181 -21.06 -24.90 -24.90
C GLU F 181 -21.69 -23.50 -24.99
N LEU F 182 -21.00 -22.47 -24.53
CA LEU F 182 -21.51 -21.07 -24.54
C LEU F 182 -20.86 -20.26 -25.66
N PRO F 183 -21.57 -19.28 -26.26
CA PRO F 183 -20.93 -18.30 -27.14
C PRO F 183 -20.01 -17.42 -26.28
N PHE F 184 -19.10 -16.66 -26.88
CA PHE F 184 -18.44 -15.57 -26.10
C PHE F 184 -18.21 -14.35 -26.98
N ILE F 185 -18.14 -13.19 -26.34
CA ILE F 185 -17.90 -11.85 -26.96
C ILE F 185 -16.40 -11.70 -27.19
N LEU F 186 -16.00 -11.42 -28.44
CA LEU F 186 -14.60 -11.11 -28.81
C LEU F 186 -14.54 -9.75 -29.50
N TYR F 187 -13.71 -8.86 -28.96
CA TYR F 187 -13.31 -7.59 -29.61
C TYR F 187 -11.92 -7.86 -30.18
N PHE F 188 -11.61 -7.42 -31.39
CA PHE F 188 -10.21 -7.57 -31.87
C PHE F 188 -9.87 -6.43 -32.82
N ASN F 189 -8.58 -6.11 -32.86
CA ASN F 189 -7.94 -5.31 -33.93
C ASN F 189 -6.63 -6.04 -34.29
N ILE F 190 -6.50 -6.53 -35.52
CA ILE F 190 -5.27 -7.20 -36.02
C ILE F 190 -4.70 -6.35 -37.16
N ASP F 191 -3.57 -5.71 -36.89
CA ASP F 191 -2.93 -4.73 -37.77
C ASP F 191 -1.86 -5.45 -38.57
N TYR F 192 -1.71 -5.03 -39.81
CA TYR F 192 -0.79 -5.71 -40.75
C TYR F 192 -0.41 -4.67 -41.78
N GLU F 193 0.67 -4.96 -42.49
CA GLU F 193 1.03 -4.18 -43.69
C GLU F 193 1.23 -5.17 -44.84
N MET F 194 0.99 -4.69 -46.05
CA MET F 194 1.06 -5.43 -47.32
C MET F 194 2.28 -4.91 -48.11
N TYR F 195 3.01 -5.81 -48.77
CA TYR F 195 4.24 -5.46 -49.52
C TYR F 195 3.98 -5.62 -51.03
N GLY F 196 4.74 -4.85 -51.81
CA GLY F 196 4.67 -4.80 -53.29
C GLY F 196 5.64 -5.77 -53.94
N GLU F 197 6.45 -6.49 -53.16
CA GLU F 197 7.43 -7.52 -53.61
C GLU F 197 7.36 -8.69 -52.65
N PRO F 198 7.69 -9.93 -53.09
CA PRO F 198 7.72 -11.09 -52.21
C PRO F 198 8.74 -10.86 -51.09
N LEU F 199 8.52 -11.47 -49.94
CA LEU F 199 9.53 -11.54 -48.86
C LEU F 199 10.61 -12.50 -49.33
N PRO F 200 11.86 -12.36 -48.84
CA PRO F 200 12.91 -13.34 -49.11
C PRO F 200 12.50 -14.78 -48.78
N GLU F 201 13.18 -15.70 -49.46
CA GLU F 201 12.74 -17.10 -49.70
C GLU F 201 12.72 -17.85 -48.36
N ASP F 202 13.69 -17.57 -47.48
CA ASP F 202 13.79 -18.24 -46.16
C ASP F 202 13.57 -17.18 -45.06
N THR F 203 12.51 -16.38 -45.25
CA THR F 203 11.78 -15.61 -44.20
C THR F 203 11.31 -16.60 -43.15
N ALA F 204 11.46 -16.29 -41.86
CA ALA F 204 10.99 -17.16 -40.76
C ALA F 204 9.57 -16.77 -40.36
N TYR F 205 8.68 -17.76 -40.29
CA TYR F 205 7.22 -17.58 -40.03
C TYR F 205 6.93 -17.89 -38.55
N PHE F 206 6.06 -17.09 -37.95
CA PHE F 206 5.63 -17.19 -36.54
C PHE F 206 4.78 -18.45 -36.34
N HIS F 207 5.17 -19.23 -35.30
CA HIS F 207 4.56 -20.51 -34.86
C HIS F 207 4.37 -20.49 -33.33
N ALA F 208 3.33 -21.18 -32.88
CA ALA F 208 3.02 -21.37 -31.44
C ALA F 208 2.20 -22.65 -31.26
N ALA F 209 2.50 -23.39 -30.21
CA ALA F 209 1.92 -24.72 -29.93
C ALA F 209 1.77 -24.87 -28.41
N TRP F 210 0.76 -25.61 -27.99
CA TRP F 210 0.39 -25.74 -26.56
C TRP F 210 0.48 -27.20 -26.16
N HIS F 211 0.95 -27.43 -24.94
CA HIS F 211 1.19 -28.79 -24.43
C HIS F 211 0.78 -28.83 -22.95
N ARG F 212 0.37 -30.00 -22.46
CA ARG F 212 0.09 -30.19 -21.02
C ARG F 212 0.46 -31.62 -20.62
N GLU F 213 1.08 -31.77 -19.45
CA GLU F 213 1.31 -33.07 -18.77
C GLU F 213 0.66 -32.94 -17.41
N ASN F 214 -0.49 -33.62 -17.23
CA ASN F 214 -1.28 -33.52 -15.99
C ASN F 214 -1.89 -34.88 -15.65
N PRO F 215 -1.30 -35.65 -14.70
CA PRO F 215 -0.06 -35.26 -14.03
C PRO F 215 1.21 -35.52 -14.85
N CYS F 216 2.28 -34.79 -14.54
CA CYS F 216 3.66 -35.19 -14.90
C CYS F 216 3.90 -36.54 -14.27
N ASN F 217 4.72 -37.37 -14.90
CA ASN F 217 4.92 -38.76 -14.40
C ASN F 217 6.14 -38.77 -13.49
N GLY F 218 5.98 -38.21 -12.30
CA GLY F 218 7.05 -38.15 -11.30
C GLY F 218 7.37 -39.50 -10.66
N TRP F 219 8.64 -39.72 -10.33
CA TRP F 219 9.12 -40.93 -9.60
C TRP F 219 8.99 -40.74 -8.09
N GLY F 220 8.82 -39.50 -7.60
CA GLY F 220 8.82 -39.24 -6.15
C GLY F 220 7.90 -38.11 -5.72
N PRO F 221 6.62 -38.13 -6.15
CA PRO F 221 5.69 -37.03 -5.81
C PRO F 221 5.36 -36.92 -4.32
N GLU F 222 5.49 -38.01 -3.56
CA GLU F 222 5.27 -38.04 -2.09
C GLU F 222 6.59 -37.78 -1.34
N LEU F 223 7.75 -37.73 -2.02
CA LEU F 223 9.03 -37.40 -1.32
C LEU F 223 9.11 -35.86 -1.19
N GLN F 224 9.69 -35.37 -0.11
CA GLN F 224 9.88 -33.91 0.08
C GLN F 224 10.89 -33.39 -0.93
N VAL F 225 10.49 -32.34 -1.67
CA VAL F 225 11.39 -31.60 -2.57
C VAL F 225 12.65 -31.17 -1.79
N ASN F 226 13.82 -31.35 -2.40
CA ASN F 226 15.15 -30.94 -1.87
C ASN F 226 15.57 -31.81 -0.68
N SER F 227 14.90 -32.95 -0.44
CA SER F 227 15.47 -33.93 0.52
C SER F 227 16.78 -34.42 -0.11
N PRO F 228 17.74 -34.91 0.71
CA PRO F 228 18.97 -35.51 0.18
C PRO F 228 18.69 -36.65 -0.81
N GLU F 229 17.69 -37.50 -0.52
CA GLU F 229 17.34 -38.66 -1.39
C GLU F 229 16.92 -38.16 -2.79
N VAL F 230 16.10 -37.11 -2.87
CA VAL F 230 15.67 -36.56 -4.18
C VAL F 230 16.91 -35.99 -4.91
N ASN F 231 17.70 -35.20 -4.18
CA ASN F 231 18.70 -34.29 -4.78
C ASN F 231 19.86 -35.14 -5.37
N ASN F 232 20.06 -36.36 -4.89
CA ASN F 232 21.18 -37.24 -5.29
C ASN F 232 20.76 -38.20 -6.42
N VAL F 233 19.54 -38.12 -6.91
CA VAL F 233 19.15 -38.88 -8.13
C VAL F 233 19.74 -38.16 -9.36
N THR F 234 20.21 -38.91 -10.35
CA THR F 234 20.90 -38.37 -11.55
C THR F 234 19.93 -38.33 -12.72
N ASN F 235 20.04 -37.28 -13.53
CA ASN F 235 19.31 -37.18 -14.81
C ASN F 235 20.17 -36.38 -15.78
N PHE F 236 20.85 -37.07 -16.71
CA PHE F 236 21.70 -36.44 -17.76
C PHE F 236 20.93 -36.31 -19.06
N LYS F 237 20.20 -37.36 -19.43
CA LYS F 237 19.69 -37.53 -20.81
C LYS F 237 18.33 -36.83 -20.95
N GLY F 238 17.60 -36.66 -19.85
CA GLY F 238 16.31 -35.94 -19.84
C GLY F 238 15.22 -36.60 -20.69
N GLU F 239 15.16 -37.94 -20.76
CA GLU F 239 14.18 -38.62 -21.65
C GLU F 239 12.78 -38.42 -21.08
N ASN F 240 12.63 -38.30 -19.75
CA ASN F 240 11.32 -38.11 -19.09
C ASN F 240 11.07 -36.64 -18.75
N ASN F 241 11.89 -35.71 -19.23
CA ASN F 241 11.66 -34.25 -19.01
C ASN F 241 10.29 -33.82 -19.55
N TYR F 242 9.67 -32.82 -18.92
CA TYR F 242 8.53 -32.09 -19.53
C TYR F 242 8.99 -31.49 -20.86
N THR F 243 8.16 -31.62 -21.91
CA THR F 243 8.49 -31.20 -23.30
C THR F 243 7.72 -29.92 -23.65
N VAL F 244 8.42 -28.79 -23.75
CA VAL F 244 7.84 -27.48 -24.14
C VAL F 244 7.57 -27.48 -25.65
N LEU F 245 8.55 -27.99 -26.42
CA LEU F 245 8.58 -27.91 -27.89
C LEU F 245 9.42 -29.09 -28.41
N ASP F 246 8.95 -29.73 -29.47
CA ASP F 246 9.69 -30.81 -30.19
C ASP F 246 9.37 -30.62 -31.67
N VAL F 247 10.27 -30.00 -32.42
CA VAL F 247 9.91 -29.46 -33.76
C VAL F 247 11.08 -29.73 -34.72
N GLU F 248 10.74 -30.18 -35.92
CA GLU F 248 11.70 -30.35 -37.05
C GLU F 248 11.60 -29.10 -37.95
N GLY F 249 12.73 -28.56 -38.38
CA GLY F 249 12.75 -27.37 -39.25
C GLY F 249 14.05 -26.58 -39.12
N THR F 250 14.09 -25.43 -39.78
CA THR F 250 15.16 -24.42 -39.64
C THR F 250 14.54 -23.18 -39.04
N GLY F 251 15.01 -22.75 -37.88
CA GLY F 251 14.37 -21.60 -37.21
C GLY F 251 14.95 -21.33 -35.86
N HIS F 252 14.17 -20.71 -34.98
CA HIS F 252 14.64 -20.33 -33.64
C HIS F 252 13.47 -20.18 -32.68
N TYR F 253 13.64 -20.76 -31.49
CA TYR F 253 12.70 -20.68 -30.34
C TYR F 253 12.83 -19.29 -29.70
N VAL F 254 11.71 -18.61 -29.46
CA VAL F 254 11.72 -17.22 -28.91
C VAL F 254 11.06 -17.20 -27.52
N GLY F 255 10.78 -18.35 -26.92
CA GLY F 255 10.34 -18.44 -25.51
C GLY F 255 9.00 -19.14 -25.32
N CYS F 256 8.42 -18.94 -24.14
CA CYS F 256 7.25 -19.70 -23.66
C CYS F 256 6.54 -18.98 -22.51
N ASN F 257 5.31 -19.40 -22.26
CA ASN F 257 4.68 -19.27 -20.92
C ASN F 257 4.50 -20.68 -20.37
N LEU F 258 4.47 -20.80 -19.04
CA LEU F 258 4.39 -22.07 -18.31
C LEU F 258 3.44 -21.86 -17.12
N THR F 259 2.37 -22.64 -17.09
CA THR F 259 1.35 -22.69 -16.03
C THR F 259 1.62 -23.94 -15.20
N VAL F 260 1.94 -23.77 -13.92
CA VAL F 260 2.18 -24.93 -13.02
C VAL F 260 1.24 -24.84 -11.84
N LYS F 261 0.43 -25.89 -11.64
CA LYS F 261 -0.31 -26.13 -10.37
C LYS F 261 0.54 -27.13 -9.58
N HIS F 262 1.05 -26.68 -8.43
CA HIS F 262 1.95 -27.43 -7.52
C HIS F 262 1.13 -28.02 -6.39
N PHE F 263 1.29 -29.32 -6.15
CA PHE F 263 0.41 -30.11 -5.26
C PHE F 263 1.01 -30.23 -3.85
N GLN F 264 2.32 -30.39 -3.66
CA GLN F 264 2.79 -30.80 -2.30
C GLN F 264 3.05 -29.59 -1.39
N GLY F 265 3.06 -28.35 -1.87
CA GLY F 265 3.26 -27.17 -0.98
C GLY F 265 4.70 -27.00 -0.55
N SER F 266 5.64 -27.33 -1.42
CA SER F 266 7.09 -27.08 -1.17
C SER F 266 7.61 -26.15 -2.26
N TRP F 267 8.22 -26.70 -3.31
CA TRP F 267 8.64 -25.89 -4.47
C TRP F 267 8.62 -26.76 -5.74
N TRP F 268 8.06 -26.24 -6.82
CA TRP F 268 7.82 -27.01 -8.07
C TRP F 268 9.02 -26.92 -9.04
N GLY F 269 10.06 -26.15 -8.69
CA GLY F 269 10.87 -25.42 -9.68
C GLY F 269 12.35 -25.81 -9.70
N GLU F 270 12.73 -26.94 -9.16
CA GLU F 270 14.18 -27.33 -9.10
C GLU F 270 14.68 -27.87 -10.45
N GLY F 271 13.76 -28.19 -11.36
CA GLY F 271 14.14 -28.90 -12.59
C GLY F 271 14.87 -27.97 -13.54
N ASN F 272 15.89 -28.50 -14.23
CA ASN F 272 16.72 -27.74 -15.19
C ASN F 272 16.03 -27.68 -16.55
N ASP F 273 16.08 -26.54 -17.22
CA ASP F 273 15.86 -26.47 -18.70
C ASP F 273 17.02 -27.23 -19.37
N MET F 274 16.69 -28.06 -20.35
CA MET F 274 17.70 -28.80 -21.14
C MET F 274 17.31 -28.69 -22.62
N PHE F 275 18.17 -28.12 -23.46
CA PHE F 275 17.87 -27.98 -24.90
C PHE F 275 18.70 -29.00 -25.69
N PHE F 276 18.02 -29.66 -26.63
CA PHE F 276 18.58 -30.62 -27.60
C PHE F 276 18.47 -30.05 -29.01
N ILE F 277 19.61 -29.70 -29.58
CA ILE F 277 19.71 -29.01 -30.89
C ILE F 277 20.18 -30.02 -31.95
N ASP F 278 19.44 -30.12 -33.04
CA ASP F 278 19.84 -30.80 -34.30
C ASP F 278 20.06 -32.29 -34.01
N GLY F 279 19.18 -32.88 -33.19
CA GLY F 279 19.09 -34.33 -32.92
C GLY F 279 20.15 -34.85 -31.95
N GLU F 280 20.85 -33.98 -31.23
CA GLU F 280 21.92 -34.45 -30.28
C GLU F 280 21.28 -35.29 -29.17
N GLU F 281 21.98 -36.34 -28.73
CA GLU F 281 21.44 -37.33 -27.78
C GLU F 281 21.43 -36.74 -26.36
N TYR F 282 22.48 -35.99 -26.02
CA TYR F 282 22.60 -35.27 -24.73
C TYR F 282 22.38 -33.78 -25.00
N PRO F 283 21.74 -33.04 -24.07
CA PRO F 283 21.46 -31.63 -24.30
C PRO F 283 22.75 -30.78 -24.24
N SER F 284 22.94 -29.93 -25.26
CA SER F 284 24.11 -29.03 -25.39
C SER F 284 23.91 -27.80 -24.50
N LEU F 285 22.66 -27.38 -24.28
CA LEU F 285 22.36 -26.26 -23.34
C LEU F 285 21.75 -26.86 -22.07
N ASN F 286 22.49 -26.75 -20.96
CA ASN F 286 22.08 -27.21 -19.62
C ASN F 286 21.80 -26.00 -18.72
N GLY F 287 20.58 -25.93 -18.20
CA GLY F 287 20.18 -24.99 -17.16
C GLY F 287 20.45 -25.53 -15.77
N THR F 288 19.93 -24.79 -14.78
CA THR F 288 20.24 -24.98 -13.33
C THR F 288 18.96 -25.13 -12.51
N GLY F 289 17.83 -24.67 -13.04
CA GLY F 289 16.57 -24.67 -12.28
C GLY F 289 15.47 -23.96 -13.06
N THR F 290 14.22 -24.05 -12.61
CA THR F 290 13.06 -23.55 -13.42
C THR F 290 12.97 -22.03 -13.21
N GLU F 291 12.98 -21.53 -11.98
CA GLU F 291 12.99 -20.05 -11.77
C GLU F 291 14.26 -19.49 -12.45
N ASP F 292 15.36 -20.24 -12.38
CA ASP F 292 16.65 -19.88 -13.04
C ASP F 292 16.39 -19.65 -14.54
N TYR F 293 15.70 -20.57 -15.19
CA TYR F 293 15.34 -20.43 -16.62
C TYR F 293 14.54 -19.13 -16.80
N PHE F 294 13.58 -18.84 -15.91
CA PHE F 294 12.74 -17.62 -15.92
C PHE F 294 13.48 -16.39 -15.38
N ASN F 295 14.80 -16.52 -15.16
CA ASN F 295 15.70 -15.41 -14.73
C ASN F 295 15.25 -14.80 -13.39
N HIS F 296 14.55 -15.56 -12.57
CA HIS F 296 14.34 -15.24 -11.14
C HIS F 296 15.32 -16.10 -10.34
N ALA F 297 15.21 -16.11 -9.02
CA ALA F 297 16.11 -16.85 -8.12
C ALA F 297 15.44 -17.01 -6.76
N TRP F 298 15.64 -18.17 -6.15
CA TRP F 298 15.17 -18.49 -4.77
C TRP F 298 13.65 -18.45 -4.77
N GLY F 299 13.09 -19.04 -5.82
CA GLY F 299 11.65 -18.98 -6.09
C GLY F 299 11.35 -17.96 -7.15
N MET F 300 10.08 -17.85 -7.53
CA MET F 300 9.65 -16.77 -8.45
C MET F 300 9.31 -15.51 -7.62
N GLN F 301 9.54 -14.34 -8.22
CA GLN F 301 9.21 -13.02 -7.63
C GLN F 301 7.96 -12.44 -8.32
N ARG F 302 7.32 -11.46 -7.68
CA ARG F 302 6.21 -10.68 -8.30
C ARG F 302 6.77 -9.57 -9.18
N ASN F 303 7.49 -9.97 -10.21
CA ASN F 303 8.20 -9.09 -11.16
C ASN F 303 7.85 -9.60 -12.55
N ALA F 304 7.59 -8.66 -13.45
CA ALA F 304 7.30 -8.89 -14.88
C ALA F 304 8.13 -7.90 -15.69
N TYR F 305 9.24 -8.37 -16.25
CA TYR F 305 10.27 -7.56 -16.93
C TYR F 305 10.19 -7.79 -18.46
N PRO F 306 10.89 -6.98 -19.29
CA PRO F 306 10.71 -7.08 -20.74
C PRO F 306 10.89 -8.50 -21.29
N PHE F 307 11.85 -9.27 -20.78
CA PHE F 307 12.14 -10.60 -21.38
C PHE F 307 11.78 -11.77 -20.46
N PHE F 308 11.31 -11.55 -19.24
CA PHE F 308 10.89 -12.66 -18.37
C PHE F 308 10.12 -12.20 -17.14
N GLY F 309 9.48 -13.18 -16.47
CA GLY F 309 8.93 -12.97 -15.14
C GLY F 309 7.68 -13.78 -14.84
N THR F 310 6.93 -13.26 -13.86
CA THR F 310 5.68 -13.81 -13.31
C THR F 310 4.49 -13.04 -13.87
N ILE F 311 3.52 -13.79 -14.36
CA ILE F 311 2.18 -13.26 -14.73
C ILE F 311 1.24 -13.46 -13.56
N VAL F 312 1.21 -14.67 -13.00
CA VAL F 312 0.37 -15.00 -11.82
C VAL F 312 1.33 -15.66 -10.84
N HIS F 313 1.45 -15.09 -9.65
CA HIS F 313 2.32 -15.62 -8.57
C HIS F 313 1.56 -16.65 -7.73
N GLU F 314 2.19 -17.80 -7.47
CA GLU F 314 1.74 -18.87 -6.56
C GLU F 314 1.22 -18.32 -5.21
N GLY F 315 1.88 -17.29 -4.67
CA GLY F 315 1.54 -16.72 -3.35
C GLY F 315 0.21 -16.00 -3.39
N ASP F 316 -0.33 -15.74 -4.59
CA ASP F 316 -1.62 -15.02 -4.73
C ASP F 316 -2.73 -16.00 -5.08
N THR F 317 -2.39 -17.28 -5.26
CA THR F 317 -3.37 -18.27 -5.79
C THR F 317 -3.48 -19.49 -4.89
N ASP F 318 -4.33 -20.41 -5.33
CA ASP F 318 -4.53 -21.75 -4.74
C ASP F 318 -3.50 -22.70 -5.37
N GLY F 319 -2.20 -22.38 -5.22
CA GLY F 319 -1.06 -23.24 -5.60
C GLY F 319 -0.66 -23.23 -7.08
N PHE F 320 -1.02 -22.22 -7.86
CA PHE F 320 -0.58 -22.18 -9.28
C PHE F 320 0.11 -20.86 -9.64
N GLN F 321 1.10 -21.03 -10.51
CA GLN F 321 2.06 -20.02 -11.01
C GLN F 321 1.98 -20.01 -12.53
N VAL F 322 1.92 -18.83 -13.13
CA VAL F 322 2.09 -18.60 -14.59
C VAL F 322 3.33 -17.72 -14.79
N SER F 323 4.29 -18.19 -15.59
CA SER F 323 5.60 -17.55 -15.85
C SER F 323 5.81 -17.43 -17.35
N TYR F 324 6.78 -16.60 -17.76
CA TYR F 324 7.17 -16.44 -19.18
C TYR F 324 8.66 -16.07 -19.28
N ARG F 325 9.24 -16.43 -20.42
CA ARG F 325 10.55 -15.93 -20.88
C ARG F 325 10.50 -15.74 -22.40
N TRP F 326 10.91 -14.56 -22.86
CA TRP F 326 11.15 -14.23 -24.28
C TRP F 326 12.67 -14.29 -24.56
N HIS F 327 13.02 -15.02 -25.61
CA HIS F 327 14.39 -15.12 -26.19
C HIS F 327 14.42 -14.30 -27.48
N ILE F 328 14.33 -12.98 -27.34
CA ILE F 328 14.21 -12.02 -28.48
C ILE F 328 15.60 -11.69 -29.01
N THR F 329 16.53 -11.32 -28.13
CA THR F 329 17.92 -10.98 -28.52
C THR F 329 18.81 -12.19 -28.32
N ASP F 330 18.30 -13.22 -27.65
CA ASP F 330 19.07 -14.45 -27.32
C ASP F 330 18.28 -15.67 -27.76
N PRO F 331 17.77 -15.72 -29.01
CA PRO F 331 16.96 -16.86 -29.46
C PRO F 331 17.77 -18.16 -29.47
N VAL F 332 17.06 -19.28 -29.40
CA VAL F 332 17.69 -20.62 -29.47
C VAL F 332 17.48 -21.17 -30.89
N ARG F 333 18.53 -21.07 -31.69
CA ARG F 333 18.51 -21.42 -33.14
C ARG F 333 18.66 -22.92 -33.32
N PHE F 334 18.13 -23.40 -34.43
CA PHE F 334 18.29 -24.82 -34.87
C PHE F 334 18.25 -24.87 -36.39
N GLU F 335 19.10 -25.72 -36.98
CA GLU F 335 19.19 -25.97 -38.44
C GLU F 335 18.22 -27.08 -38.83
N LYS F 336 18.00 -28.09 -37.98
CA LYS F 336 17.28 -29.34 -38.35
C LYS F 336 16.21 -29.70 -37.32
N HIS F 337 16.50 -29.52 -36.04
CA HIS F 337 15.56 -29.97 -34.98
C HIS F 337 15.83 -29.24 -33.68
N LEU F 338 14.78 -29.01 -32.88
CA LEU F 338 14.94 -28.48 -31.52
C LEU F 338 13.98 -29.21 -30.58
N LYS F 339 14.51 -29.66 -29.44
CA LYS F 339 13.68 -30.11 -28.29
C LYS F 339 14.02 -29.22 -27.10
N VAL F 340 13.02 -28.45 -26.67
CA VAL F 340 13.07 -27.59 -25.47
C VAL F 340 12.41 -28.38 -24.34
N THR F 341 13.19 -28.75 -23.33
CA THR F 341 12.67 -29.56 -22.18
C THR F 341 12.97 -28.84 -20.88
N ILE F 342 12.19 -29.18 -19.86
CA ILE F 342 12.48 -28.79 -18.46
C ILE F 342 12.21 -30.03 -17.60
N GLU F 343 13.14 -30.39 -16.72
CA GLU F 343 12.86 -31.47 -15.75
C GLU F 343 11.65 -31.02 -14.91
N HIS F 344 10.66 -31.89 -14.71
CA HIS F 344 9.44 -31.56 -13.90
C HIS F 344 9.79 -31.87 -12.45
N GLY F 345 10.43 -30.89 -11.79
CA GLY F 345 11.10 -31.07 -10.51
C GLY F 345 12.47 -31.67 -10.76
N HIS F 346 13.35 -31.72 -9.76
CA HIS F 346 14.72 -32.26 -9.97
C HIS F 346 14.61 -33.70 -10.49
N ALA F 347 15.28 -34.02 -11.62
CA ALA F 347 15.31 -35.36 -12.26
C ALA F 347 13.89 -35.90 -12.41
N ASN F 348 12.93 -35.04 -12.70
CA ASN F 348 11.53 -35.45 -12.99
C ASN F 348 10.87 -36.12 -11.78
N GLN F 349 11.23 -35.67 -10.57
CA GLN F 349 10.64 -36.13 -9.29
C GLN F 349 9.12 -35.89 -9.25
N LEU F 350 8.64 -34.72 -9.68
CA LEU F 350 7.28 -34.28 -9.31
C LEU F 350 6.25 -34.74 -10.36
N SER F 351 4.99 -34.71 -9.93
CA SER F 351 3.78 -35.12 -10.69
C SER F 351 2.77 -33.97 -10.72
N ASP F 352 3.24 -32.75 -10.91
CA ASP F 352 2.38 -31.54 -10.91
C ASP F 352 1.65 -31.40 -12.24
N ASP F 353 0.75 -30.41 -12.32
CA ASP F 353 0.01 -30.05 -13.55
C ASP F 353 0.80 -28.94 -14.27
N TRP F 354 1.52 -29.29 -15.35
CA TRP F 354 2.33 -28.38 -16.19
C TRP F 354 1.63 -28.21 -17.52
N SER F 355 1.41 -26.96 -17.95
CA SER F 355 0.98 -26.62 -19.31
C SER F 355 1.87 -25.47 -19.80
N SER F 356 2.06 -25.36 -21.11
CA SER F 356 3.00 -24.39 -21.72
C SER F 356 2.53 -23.96 -23.11
N THR F 357 2.82 -22.72 -23.47
CA THR F 357 2.79 -22.24 -24.86
C THR F 357 4.23 -22.08 -25.31
N ALA F 358 4.60 -22.68 -26.44
CA ALA F 358 5.94 -22.54 -27.05
C ALA F 358 5.84 -21.61 -28.24
N TYR F 359 6.78 -20.69 -28.37
CA TYR F 359 6.74 -19.73 -29.51
C TYR F 359 8.07 -19.85 -30.28
N TRP F 360 7.97 -19.90 -31.61
CA TRP F 360 9.17 -20.03 -32.47
C TRP F 360 8.91 -19.49 -33.87
N TYR F 361 10.00 -19.20 -34.58
CA TYR F 361 9.96 -18.83 -36.00
C TYR F 361 10.63 -19.98 -36.76
N GLN F 362 10.13 -20.32 -37.94
CA GLN F 362 10.86 -21.26 -38.83
C GLN F 362 10.53 -20.96 -40.30
N ILE F 363 11.43 -21.34 -41.20
CA ILE F 363 11.14 -21.30 -42.66
C ILE F 363 10.03 -22.32 -42.94
N LEU F 364 9.19 -22.05 -43.93
CA LEU F 364 8.23 -23.06 -44.41
C LEU F 364 8.99 -24.13 -45.21
N PRO F 365 8.45 -25.36 -45.33
CA PRO F 365 7.13 -25.70 -44.78
C PRO F 365 7.13 -26.06 -43.28
N THR F 366 5.96 -25.93 -42.63
CA THR F 366 5.71 -26.51 -41.29
C THR F 366 5.74 -28.04 -41.43
N ALA F 367 6.88 -28.67 -41.14
CA ALA F 367 7.08 -30.13 -41.29
C ALA F 367 6.30 -30.87 -40.21
N SER F 368 6.23 -30.30 -39.01
CA SER F 368 5.57 -30.88 -37.82
C SER F 368 4.06 -30.53 -37.84
N ARG F 369 3.20 -31.56 -37.89
CA ARG F 369 1.74 -31.42 -37.71
C ARG F 369 1.49 -30.95 -36.26
N ILE F 370 1.03 -29.71 -36.06
CA ILE F 370 0.77 -29.16 -34.70
C ILE F 370 -0.61 -29.65 -34.25
N THR F 371 -0.68 -30.35 -33.13
CA THR F 371 -1.93 -30.89 -32.58
C THR F 371 -2.26 -30.16 -31.27
N ILE F 372 -3.52 -30.24 -30.85
CA ILE F 372 -3.90 -29.76 -29.49
C ILE F 372 -4.65 -30.87 -28.76
N ALA F 373 -4.45 -30.96 -27.45
CA ALA F 373 -5.25 -31.81 -26.54
C ALA F 373 -6.71 -31.40 -26.73
N PRO F 374 -7.67 -32.35 -26.66
CA PRO F 374 -9.09 -32.01 -26.71
C PRO F 374 -9.52 -31.17 -25.49
N VAL F 375 -10.70 -30.55 -25.53
CA VAL F 375 -11.17 -29.54 -24.53
C VAL F 375 -11.16 -30.15 -23.11
N GLU F 376 -11.54 -31.41 -22.95
CA GLU F 376 -11.66 -32.03 -21.61
C GLU F 376 -10.27 -32.13 -20.94
N ASP F 377 -9.18 -32.08 -21.72
CA ASP F 377 -7.78 -32.12 -21.21
C ASP F 377 -7.19 -30.71 -21.01
N ARG F 378 -7.94 -29.65 -21.25
CA ARG F 378 -7.41 -28.25 -21.20
C ARG F 378 -7.95 -27.49 -20.00
N LEU F 379 -8.82 -28.09 -19.19
CA LEU F 379 -9.47 -27.33 -18.08
C LEU F 379 -8.57 -27.32 -16.85
N PRO F 380 -8.50 -26.18 -16.14
CA PRO F 380 -7.79 -26.10 -14.87
C PRO F 380 -8.29 -27.12 -13.84
N VAL F 381 -7.36 -27.63 -13.06
CA VAL F 381 -7.69 -28.51 -11.92
C VAL F 381 -8.08 -27.58 -10.77
N VAL F 382 -9.32 -27.65 -10.33
CA VAL F 382 -9.85 -26.79 -9.23
C VAL F 382 -10.49 -27.71 -8.18
N PRO F 383 -10.46 -27.31 -6.89
CA PRO F 383 -11.15 -28.08 -5.84
C PRO F 383 -12.65 -27.82 -5.98
N GLN F 384 -13.47 -28.79 -5.58
CA GLN F 384 -14.95 -28.67 -5.69
C GLN F 384 -15.59 -28.92 -4.32
N LEU F 385 -16.63 -28.15 -4.02
CA LEU F 385 -17.40 -28.30 -2.76
C LEU F 385 -18.10 -29.65 -2.77
N PRO F 386 -18.21 -30.34 -1.61
CA PRO F 386 -18.96 -31.59 -1.54
C PRO F 386 -20.40 -31.33 -1.99
N GLU F 387 -21.01 -32.32 -2.63
CA GLU F 387 -22.44 -32.30 -3.03
C GLU F 387 -23.26 -31.86 -1.81
N ARG F 388 -24.31 -31.07 -2.04
CA ARG F 388 -25.13 -30.44 -0.98
C ARG F 388 -26.40 -31.28 -0.74
N LYS F 389 -27.14 -31.63 -1.79
CA LYS F 389 -28.46 -32.33 -1.67
C LYS F 389 -29.24 -31.72 -0.49
N LEU F 390 -29.75 -30.50 -0.69
CA LEU F 390 -30.56 -29.77 0.34
C LEU F 390 -31.97 -30.35 0.31
N VAL F 391 -32.58 -30.59 1.46
CA VAL F 391 -34.01 -30.97 1.53
C VAL F 391 -34.80 -29.70 1.87
N LEU F 392 -35.75 -29.32 1.02
CA LEU F 392 -36.63 -28.15 1.28
C LEU F 392 -37.26 -28.32 2.65
N PRO F 393 -37.50 -27.24 3.42
CA PRO F 393 -38.38 -27.33 4.58
C PRO F 393 -39.84 -27.39 4.10
N GLN F 394 -40.76 -27.64 5.03
CA GLN F 394 -42.21 -27.37 4.80
C GLN F 394 -42.35 -25.91 4.34
N LEU F 395 -42.93 -25.71 3.16
CA LEU F 395 -43.16 -24.36 2.57
C LEU F 395 -44.51 -23.82 3.01
N THR F 396 -44.58 -22.51 3.33
CA THR F 396 -45.85 -21.75 3.37
C THR F 396 -46.39 -21.59 1.94
N GLU F 397 -47.67 -21.27 1.81
CA GLU F 397 -48.32 -20.91 0.52
C GLU F 397 -47.52 -19.79 -0.15
N GLU F 398 -47.13 -18.80 0.63
CA GLU F 398 -46.39 -17.60 0.21
C GLU F 398 -45.00 -17.98 -0.35
N GLN F 399 -44.30 -18.89 0.31
CA GLN F 399 -42.97 -19.33 -0.20
C GLN F 399 -43.16 -20.16 -1.48
N GLN F 400 -44.19 -21.01 -1.55
CA GLN F 400 -44.44 -21.84 -2.77
C GLN F 400 -44.81 -20.89 -3.93
N ALA F 401 -45.60 -19.85 -3.70
CA ALA F 401 -46.00 -18.85 -4.73
C ALA F 401 -44.79 -18.02 -5.21
N ALA F 402 -43.90 -17.59 -4.30
CA ALA F 402 -42.61 -16.94 -4.65
C ALA F 402 -41.79 -17.87 -5.57
N ARG F 403 -41.67 -19.14 -5.25
CA ARG F 403 -40.88 -20.12 -6.03
C ARG F 403 -41.52 -20.28 -7.42
N ASP F 404 -42.84 -20.43 -7.46
CA ASP F 404 -43.62 -20.57 -8.73
C ASP F 404 -43.48 -19.31 -9.59
N THR F 405 -43.76 -18.12 -9.06
CA THR F 405 -43.63 -16.83 -9.77
C THR F 405 -42.22 -16.69 -10.40
N TYR F 406 -41.17 -16.97 -9.62
CA TYR F 406 -39.76 -16.86 -10.06
C TYR F 406 -39.51 -17.86 -11.19
N GLN F 407 -39.88 -19.13 -11.01
CA GLN F 407 -39.67 -20.17 -12.05
C GLN F 407 -40.38 -19.75 -13.34
N LYS F 408 -41.57 -19.15 -13.21
CA LYS F 408 -42.36 -18.68 -14.38
C LYS F 408 -41.61 -17.54 -15.09
N ARG F 409 -41.07 -16.57 -14.34
CA ARG F 409 -40.29 -15.44 -14.90
C ARG F 409 -39.03 -15.96 -15.61
N TRP F 410 -38.36 -16.98 -15.04
CA TRP F 410 -37.17 -17.65 -15.63
C TRP F 410 -37.52 -18.37 -16.96
N LYS F 411 -38.64 -19.11 -16.98
CA LYS F 411 -39.11 -19.83 -18.18
C LYS F 411 -39.38 -18.83 -19.33
N ASP F 412 -39.94 -17.66 -19.02
CA ASP F 412 -40.22 -16.59 -20.03
C ASP F 412 -38.92 -15.90 -20.46
N TYR F 413 -37.97 -15.70 -19.54
CA TYR F 413 -36.83 -14.77 -19.76
C TYR F 413 -35.70 -15.48 -20.51
N GLU F 414 -35.32 -16.70 -20.16
CA GLU F 414 -34.11 -17.35 -20.77
C GLU F 414 -34.26 -17.42 -22.30
N PRO F 415 -35.42 -17.84 -22.84
CA PRO F 415 -35.57 -17.89 -24.31
C PRO F 415 -35.43 -16.53 -25.05
N ARG F 416 -35.80 -15.42 -24.40
CA ARG F 416 -35.67 -14.05 -24.93
C ARG F 416 -34.19 -13.68 -24.96
N ARG F 417 -33.39 -14.14 -24.00
CA ARG F 417 -31.94 -13.84 -23.99
C ARG F 417 -31.29 -14.66 -25.10
N ASP F 418 -31.68 -15.93 -25.21
CA ASP F 418 -31.12 -16.88 -26.20
C ASP F 418 -31.25 -16.23 -27.58
N THR F 419 -32.45 -15.73 -27.91
CA THR F 419 -32.74 -15.12 -29.23
C THR F 419 -31.73 -14.00 -29.50
N GLN F 420 -31.40 -13.17 -28.49
CA GLN F 420 -30.48 -12.03 -28.65
C GLN F 420 -29.05 -12.53 -28.90
N PHE F 421 -28.60 -13.60 -28.23
CA PHE F 421 -27.32 -14.27 -28.57
C PHE F 421 -27.33 -14.69 -30.05
N ARG F 422 -28.39 -15.36 -30.51
CA ARG F 422 -28.44 -15.95 -31.88
C ARG F 422 -28.33 -14.79 -32.90
N ILE F 423 -29.01 -13.67 -32.68
CA ILE F 423 -28.95 -12.45 -33.56
C ILE F 423 -27.49 -11.96 -33.64
N LYS F 424 -26.81 -11.84 -32.51
CA LYS F 424 -25.42 -11.32 -32.49
C LYS F 424 -24.52 -12.31 -33.20
N GLU F 425 -24.80 -13.62 -33.08
CA GLU F 425 -24.00 -14.69 -33.76
C GLU F 425 -24.15 -14.54 -35.27
N ASP F 426 -25.36 -14.24 -35.77
CA ASP F 426 -25.59 -13.98 -37.22
C ASP F 426 -24.66 -12.83 -37.67
N LYS F 427 -24.57 -11.76 -36.89
CA LYS F 427 -23.70 -10.60 -37.20
C LYS F 427 -22.24 -11.07 -37.31
N ALA F 428 -21.77 -11.91 -36.38
CA ALA F 428 -20.37 -12.37 -36.38
C ALA F 428 -20.13 -13.15 -37.69
N ARG F 429 -21.06 -14.03 -38.06
CA ARG F 429 -20.82 -14.91 -39.24
C ARG F 429 -20.77 -13.99 -40.47
N ARG F 430 -21.60 -12.95 -40.50
CA ARG F 430 -21.70 -12.01 -41.64
C ARG F 430 -20.37 -11.22 -41.73
N GLU F 431 -19.91 -10.63 -40.62
CA GLU F 431 -18.72 -9.73 -40.60
C GLU F 431 -17.45 -10.54 -40.86
N SER F 432 -17.41 -11.83 -40.48
CA SER F 432 -16.31 -12.74 -40.86
C SER F 432 -16.09 -12.68 -42.38
N LYS F 433 -17.16 -12.87 -43.16
CA LYS F 433 -17.06 -12.85 -44.63
C LYS F 433 -16.67 -11.44 -45.10
N LEU F 434 -17.26 -10.41 -44.52
CA LEU F 434 -17.02 -9.01 -44.95
C LEU F 434 -15.56 -8.65 -44.72
N ASN F 435 -14.99 -9.08 -43.58
CA ASN F 435 -13.57 -8.77 -43.24
C ASN F 435 -12.64 -9.27 -44.35
N THR F 436 -12.80 -10.51 -44.78
CA THR F 436 -11.95 -11.15 -45.83
C THR F 436 -12.14 -10.42 -47.17
N GLU F 437 -13.40 -10.11 -47.51
CA GLU F 437 -13.78 -9.43 -48.79
C GLU F 437 -13.12 -8.03 -48.83
N PHE F 438 -13.12 -7.30 -47.72
CA PHE F 438 -12.50 -5.94 -47.68
C PHE F 438 -10.98 -6.10 -47.80
N ALA F 439 -10.40 -7.06 -47.09
CA ALA F 439 -8.94 -7.31 -47.10
C ALA F 439 -8.49 -7.59 -48.54
N LYS F 440 -9.31 -8.32 -49.28
CA LYS F 440 -9.07 -8.69 -50.71
C LYS F 440 -9.15 -7.42 -51.58
N LYS F 441 -10.20 -6.60 -51.43
CA LYS F 441 -10.34 -5.32 -52.18
C LYS F 441 -9.12 -4.44 -51.93
N LEU F 442 -8.69 -4.35 -50.67
CA LEU F 442 -7.56 -3.50 -50.25
C LEU F 442 -6.28 -4.00 -50.90
N ARG F 443 -6.05 -5.32 -50.81
CA ARG F 443 -4.92 -6.02 -51.50
C ARG F 443 -4.91 -5.67 -53.00
N ASP F 444 -6.06 -5.74 -53.69
CA ASP F 444 -6.10 -5.63 -55.17
C ASP F 444 -5.88 -4.18 -55.60
N ALA F 445 -6.45 -3.24 -54.85
CA ALA F 445 -6.30 -1.78 -55.06
C ALA F 445 -4.84 -1.40 -54.83
N PHE F 446 -4.19 -1.97 -53.79
CA PHE F 446 -2.76 -1.68 -53.50
C PHE F 446 -1.95 -2.17 -54.70
N ASP F 447 -2.24 -3.38 -55.17
CA ASP F 447 -1.42 -4.05 -56.23
C ASP F 447 -1.64 -3.28 -57.54
N ALA F 448 -2.88 -2.86 -57.83
CA ALA F 448 -3.22 -2.03 -59.01
C ALA F 448 -2.39 -0.74 -58.95
N GLU F 449 -2.40 -0.02 -57.83
CA GLU F 449 -1.61 1.23 -57.57
C GLU F 449 -0.15 0.88 -57.24
CA CA G . -17.35 1.69 -30.64
CA CA H . -33.92 -7.38 6.04
C1 MPD I . -15.96 16.25 43.98
C2 MPD I . -16.05 14.84 44.54
O2 MPD I . -17.44 14.54 44.39
CM MPD I . -15.64 14.83 46.01
C3 MPD I . -15.25 13.84 43.68
C4 MPD I . -15.19 12.35 44.07
O4 MPD I . -14.94 12.14 45.45
C5 MPD I . -16.32 11.45 43.64
O1 TAR J . 25.77 18.46 7.97
O11 TAR J . 24.28 18.87 9.57
C1 TAR J . 25.36 19.09 8.97
C2 TAR J . 26.30 20.11 9.65
O2 TAR J . 27.48 19.47 10.07
C3 TAR J . 26.69 21.34 8.80
O3 TAR J . 25.59 21.98 8.18
C4 TAR J . 27.77 20.97 7.79
O4 TAR J . 28.93 21.05 8.20
O41 TAR J . 27.39 20.67 6.64
CA CA K . 24.93 22.02 -11.57
CA CA L . 18.28 -28.06 -10.70
CA CA M . 10.13 -18.24 28.47
O1 TAR N . -0.65 35.98 0.23
O11 TAR N . -2.45 37.15 -0.41
C1 TAR N . -1.83 36.10 -0.18
C2 TAR N . -2.58 34.81 -0.43
O2 TAR N . -3.97 34.99 -0.25
C3 TAR N . -2.26 34.35 -1.86
O3 TAR N . -2.95 35.16 -2.78
C4 TAR N . -2.62 32.87 -2.03
O4 TAR N . -2.22 32.32 -3.08
O41 TAR N . -3.26 32.33 -1.10
CA CA O . -2.01 29.90 18.58
C1 MPD P . 4.11 -36.71 1.40
C2 MPD P . 4.21 -35.22 1.64
O2 MPD P . 4.60 -34.65 0.37
CM MPD P . 5.33 -34.90 2.61
C3 MPD P . 2.86 -34.65 2.09
C4 MPD P . 2.74 -33.13 2.19
O4 MPD P . 2.76 -32.48 0.89
C5 MPD P . 1.50 -32.68 2.93
#